data_6ZOD
#
_entry.id   6ZOD
#
_cell.length_a   145.985
_cell.length_b   166.129
_cell.length_c   243.683
_cell.angle_alpha   90.000
_cell.angle_beta   90.000
_cell.angle_gamma   90.000
#
_symmetry.space_group_name_H-M   'P 21 21 21'
#
loop_
_entity.id
_entity.type
_entity.pdbx_description
1 polymer 'Multidrug efflux pump subunit AcrB'
2 polymer DARPIN
3 non-polymer DODECYL-BETA-D-MALTOSIDE
4 non-polymer 1,2-ETHANEDIOL
5 non-polymer GLYCEROL
6 non-polymer DECANE
7 non-polymer 'FUSIDIC ACID'
8 non-polymer 'TRIETHYLENE GLYCOL'
9 non-polymer Octadecane
10 non-polymer 'SULFATE ION'
11 non-polymer PHOSPHATIDYLETHANOLAMINE
12 non-polymer DODECANE
13 non-polymer HEXANE
14 water water
#
loop_
_entity_poly.entity_id
_entity_poly.type
_entity_poly.pdbx_seq_one_letter_code
_entity_poly.pdbx_strand_id
1 'polypeptide(L)'
;MPNFFIDRPIFAWVIAIIIMLAGGLAILKLPVAQYPTIAPPAVTISASYPGADAKTVQDTVTQVIEQNMNGIDNLMYMSS
NSDSTGTVQITLTFESGTDADIAQVQVQNKLQLAMPLLPQEVQQQGVSVEKSSSSFLMVVGVINTDGTMTQEDISDYVAA
NMKDAISRTSGVGDVQLFGSQYAMRIWMNPNELNKFQLTPVDVITAIKAQNAQVAAGQLGGTPPVKGQQLNASIIAQTRL
TSTEEFGKILLKVNQDGSRVLLRDVAKIELGGENYDIIAEFNGQPASGLGIKLATGANALDTAAAIRAELAKMEPFFPSG
LKIVYPYDTTPFVKISIHEVVKTLVEAIILVFLVMYLFLQNFRATLIPTIAVPVVLLGTFAVLAAFGFSINTLTMFGMVL
AIGLLVDDAIVVVENVERVMAEEGLPPKEATRKSMGQIQGALVGIAMVLSAVFVPMAFFGGSTGAIYRQFSITIVSAMAL
SVLVALILTPALCATMLKPIAKGDHGEGKKGFFGWFNRMFEKSTHHYTDSVGGILRSTGRYLVLYLIIVVGMAYLFVRLP
SSFLPDEDQGVFMTMVQLPAGATQERTQKVLNEVTHYYLTKEKNNVESVFAVNGFGFAGRGQNTGIAFVSLKDWADRPGE
ENKVEAITMRATRAFSQIKDAMVFAFNLPAIVELGTATGFDFELIDQAGLGHEKLTQARNQLLAEAAKHPDMLTSVRPNG
LEDTPQFKIDIDQEKAQALGVSINDINTTLGAAWGGSYVNDFIDRGRVKKVYVMSEAKYRMLPDDIGDWYVRAADGQMVP
FSAFSSSRWEYGSPRLERYNGLPSMEILGQAAPGKSTGEAMELMEQLASKLPTGVGYDWTGMSYQERLSGNQAPSLYAIS
LIVVFLCLAALYESWSIPFSVMLVVPLGVIGALLAATFRGLTNDVYFQVGLLTTIGLSAKNAILIVEFAKDLMDKEGKGL
IEATLDAVRMRLRPILMTSLAFILGVMPLVISTGAGSGAQNAVGTGVMGGMVTATVLAIFFVPVFFVVVRRRFSRKNEDI
EHSHTVDHHLEHHHHHH
;
A,B,C
2 'polypeptide(L)'
;MRGSHHHHHHGSDLGKKLLEAARAGRDDEVRILMANGADVNAADVVGWTPLHLAAYWGHLEIVEVLLKNGADVNAYDTLG
STPLHLAAHFGHLEIVEVLLKNGADVNAKDDNGITPLHLAANRGHLEIVEVLLKYGADVNAQDKFGKTAFDISINNGNED
LAEILQKLN
;
D,E
#
loop_
_chem_comp.id
_chem_comp.type
_chem_comp.name
_chem_comp.formula
8K6 non-polymer Octadecane 'C18 H38'
D10 non-polymer DECANE 'C10 H22'
D12 non-polymer DODECANE 'C12 H26'
EDO non-polymer 1,2-ETHANEDIOL 'C2 H6 O2'
FUA non-polymer 'FUSIDIC ACID' 'C31 H48 O6'
GOL non-polymer GLYCEROL 'C3 H8 O3'
HEX non-polymer HEXANE 'C6 H14'
LMT D-saccharide DODECYL-BETA-D-MALTOSIDE 'C24 H46 O11'
PGE non-polymer 'TRIETHYLENE GLYCOL' 'C6 H14 O4'
PTY non-polymer PHOSPHATIDYLETHANOLAMINE 'C40 H80 N O8 P'
SO4 non-polymer 'SULFATE ION' 'O4 S -2'
#
# COMPACT_ATOMS: atom_id res chain seq x y z
N MET A 1 20.15 40.47 18.95
CA MET A 1 19.31 39.30 19.16
C MET A 1 18.95 39.13 20.65
N PRO A 2 19.96 39.02 21.54
CA PRO A 2 19.63 38.86 22.96
C PRO A 2 19.18 40.16 23.61
N ASN A 3 19.73 41.30 23.16
CA ASN A 3 19.35 42.59 23.71
C ASN A 3 17.86 42.86 23.53
N PHE A 4 17.28 42.31 22.46
CA PHE A 4 15.83 42.40 22.27
C PHE A 4 15.09 41.76 23.43
N PHE A 5 15.51 40.57 23.85
CA PHE A 5 14.79 39.82 24.87
C PHE A 5 15.16 40.23 26.28
N ILE A 6 16.36 40.79 26.51
CA ILE A 6 16.69 41.28 27.84
C ILE A 6 15.78 42.44 28.23
N ASP A 7 15.29 43.19 27.24
CA ASP A 7 14.29 44.22 27.46
C ASP A 7 12.87 43.67 27.48
N ARG A 8 12.68 42.39 27.15
CA ARG A 8 11.35 41.77 27.08
C ARG A 8 11.40 40.37 27.65
N PRO A 9 11.56 40.23 28.97
CA PRO A 9 11.63 38.89 29.56
C PRO A 9 10.38 38.06 29.33
N ILE A 10 9.19 38.66 29.41
CA ILE A 10 7.96 37.87 29.29
C ILE A 10 7.82 37.30 27.88
N PHE A 11 8.31 38.01 26.86
CA PHE A 11 8.33 37.46 25.52
C PHE A 11 9.17 36.18 25.47
N ALA A 12 10.37 36.22 26.07
CA ALA A 12 11.22 35.03 26.10
C ALA A 12 10.55 33.88 26.84
N TRP A 13 9.80 34.19 27.89
CA TRP A 13 9.07 33.16 28.63
C TRP A 13 8.00 32.51 27.74
N VAL A 14 7.25 33.33 26.99
CA VAL A 14 6.19 32.78 26.14
C VAL A 14 6.76 31.87 25.07
N ILE A 15 7.94 32.21 24.55
CA ILE A 15 8.61 31.33 23.62
C ILE A 15 8.98 30.02 24.29
N ALA A 16 9.51 30.11 25.53
CA ALA A 16 9.89 28.90 26.25
C ALA A 16 8.68 28.06 26.61
N ILE A 17 7.55 28.71 26.91
CA ILE A 17 6.37 27.96 27.34
C ILE A 17 5.74 27.21 26.17
N ILE A 18 5.69 27.83 24.98
CA ILE A 18 5.10 27.11 23.85
C ILE A 18 6.07 26.05 23.30
N ILE A 19 7.37 26.27 23.44
CA ILE A 19 8.33 25.20 23.10
C ILE A 19 8.06 23.99 23.97
N MET A 20 7.84 24.21 25.27
CA MET A 20 7.55 23.10 26.18
C MET A 20 6.19 22.49 25.92
N LEU A 21 5.22 23.28 25.44
CA LEU A 21 3.94 22.71 25.04
C LEU A 21 4.11 21.79 23.84
N ALA A 22 4.84 22.24 22.82
CA ALA A 22 5.11 21.39 21.67
C ALA A 22 5.88 20.14 22.08
N GLY A 23 6.77 20.28 23.07
CA GLY A 23 7.42 19.10 23.63
C GLY A 23 6.44 18.18 24.32
N GLY A 24 5.61 18.75 25.20
CA GLY A 24 4.64 17.94 25.93
C GLY A 24 3.67 17.22 25.01
N LEU A 25 3.08 17.97 24.07
CA LEU A 25 2.14 17.33 23.15
C LEU A 25 2.82 16.31 22.25
N ALA A 26 4.13 16.46 22.00
CA ALA A 26 4.84 15.48 21.20
C ALA A 26 5.12 14.21 21.99
N ILE A 27 5.48 14.34 23.27
CA ILE A 27 5.77 13.16 24.09
C ILE A 27 4.52 12.31 24.25
N LEU A 28 3.34 12.92 24.27
CA LEU A 28 2.09 12.17 24.40
C LEU A 28 1.59 11.60 23.09
N LYS A 29 2.08 12.10 21.95
CA LYS A 29 1.67 11.59 20.65
C LYS A 29 2.75 10.80 19.93
N LEU A 30 4.02 10.97 20.30
CA LEU A 30 5.09 10.24 19.67
C LEU A 30 5.00 8.75 19.98
N PRO A 31 5.40 7.89 19.04
CA PRO A 31 5.44 6.45 19.31
C PRO A 31 6.61 6.08 20.21
N VAL A 32 6.47 4.94 20.88
CA VAL A 32 7.49 4.45 21.80
C VAL A 32 7.86 3.02 21.41
N ALA A 33 9.15 2.77 21.26
CA ALA A 33 9.67 1.45 20.96
C ALA A 33 11.02 1.30 21.63
N GLN A 34 11.54 0.06 21.63
CA GLN A 34 12.87 -0.17 22.20
C GLN A 34 13.95 0.36 21.27
N TYR A 35 13.93 -0.04 20.01
CA TYR A 35 14.86 0.40 18.98
C TYR A 35 14.08 0.83 17.75
N PRO A 36 14.74 1.51 16.82
CA PRO A 36 14.07 1.82 15.54
C PRO A 36 13.99 0.58 14.66
N THR A 37 13.09 0.66 13.67
CA THR A 37 12.82 -0.48 12.80
C THR A 37 14.00 -0.68 11.86
N ILE A 38 14.57 -1.88 11.85
CA ILE A 38 15.74 -2.15 11.01
C ILE A 38 15.64 -3.49 10.30
N ALA A 39 14.93 -4.45 10.90
CA ALA A 39 14.76 -5.75 10.27
C ALA A 39 14.00 -5.61 8.96
N PRO A 40 14.48 -6.22 7.87
CA PRO A 40 13.83 -6.03 6.59
C PRO A 40 12.48 -6.74 6.55
N PRO A 41 11.54 -6.24 5.74
CA PRO A 41 10.21 -6.87 5.68
C PRO A 41 10.28 -8.27 5.10
N ALA A 42 9.29 -9.08 5.45
CA ALA A 42 9.23 -10.47 4.98
C ALA A 42 7.79 -10.89 4.80
N VAL A 43 7.36 -11.03 3.56
CA VAL A 43 6.07 -11.64 3.27
C VAL A 43 6.21 -13.14 3.35
N THR A 44 5.20 -13.80 3.91
CA THR A 44 5.23 -15.25 4.05
C THR A 44 3.95 -15.86 3.50
N ILE A 45 4.12 -16.85 2.61
CA ILE A 45 3.03 -17.62 2.05
C ILE A 45 2.94 -18.94 2.82
N SER A 46 1.73 -19.32 3.21
CA SER A 46 1.53 -20.57 3.92
C SER A 46 0.41 -21.35 3.26
N ALA A 47 0.55 -22.66 3.26
CA ALA A 47 -0.43 -23.55 2.67
C ALA A 47 -0.32 -24.91 3.33
N SER A 48 -1.37 -25.71 3.20
CA SER A 48 -1.44 -26.96 3.93
C SER A 48 -2.11 -28.03 3.06
N TYR A 49 -1.58 -29.24 3.13
CA TYR A 49 -2.06 -30.37 2.35
C TYR A 49 -2.25 -31.54 3.30
N PRO A 50 -3.48 -31.86 3.71
CA PRO A 50 -3.72 -32.85 4.77
C PRO A 50 -3.34 -34.27 4.34
N GLY A 51 -2.43 -34.89 5.08
CA GLY A 51 -2.02 -36.26 4.82
C GLY A 51 -0.84 -36.42 3.88
N ALA A 52 -0.06 -35.37 3.66
CA ALA A 52 0.94 -35.33 2.61
C ALA A 52 2.35 -35.37 3.20
N ASP A 53 3.21 -36.19 2.60
CA ASP A 53 4.63 -36.18 2.92
C ASP A 53 5.29 -34.89 2.42
N ALA A 54 6.54 -34.71 2.80
CA ALA A 54 7.26 -33.51 2.39
C ALA A 54 7.46 -33.46 0.88
N LYS A 55 7.67 -34.60 0.23
CA LYS A 55 7.93 -34.55 -1.21
C LYS A 55 6.66 -34.26 -2.01
N THR A 56 5.52 -34.85 -1.63
CA THR A 56 4.25 -34.51 -2.26
C THR A 56 3.94 -33.02 -2.10
N VAL A 57 4.33 -32.45 -0.96
CA VAL A 57 4.06 -31.04 -0.72
C VAL A 57 4.99 -30.17 -1.58
N GLN A 58 6.26 -30.59 -1.71
CA GLN A 58 7.19 -29.81 -2.52
C GLN A 58 6.84 -29.89 -4.00
N ASP A 59 6.52 -31.08 -4.50
CA ASP A 59 6.34 -31.30 -5.93
C ASP A 59 4.95 -30.91 -6.44
N THR A 60 3.98 -30.62 -5.55
CA THR A 60 2.66 -30.18 -5.97
C THR A 60 2.28 -28.77 -5.52
N VAL A 61 3.04 -28.17 -4.60
CA VAL A 61 2.68 -26.85 -4.08
C VAL A 61 3.86 -25.90 -4.18
N THR A 62 4.95 -26.24 -3.48
CA THR A 62 6.07 -25.32 -3.29
C THR A 62 6.70 -24.93 -4.62
N GLN A 63 7.06 -25.91 -5.45
CA GLN A 63 7.71 -25.61 -6.72
C GLN A 63 6.80 -24.79 -7.62
N VAL A 64 5.54 -25.20 -7.71
CA VAL A 64 4.53 -24.49 -8.49
C VAL A 64 4.43 -23.02 -8.07
N ILE A 65 4.59 -22.75 -6.77
CA ILE A 65 4.46 -21.37 -6.28
C ILE A 65 5.76 -20.61 -6.47
N GLU A 66 6.91 -21.23 -6.16
CA GLU A 66 8.20 -20.56 -6.32
C GLU A 66 8.43 -20.15 -7.77
N GLN A 67 8.07 -21.01 -8.73
CA GLN A 67 8.28 -20.71 -10.15
C GLN A 67 7.54 -19.45 -10.59
N ASN A 68 6.41 -19.13 -9.95
CA ASN A 68 5.68 -17.90 -10.26
C ASN A 68 6.18 -16.69 -9.49
N MET A 69 7.10 -16.86 -8.54
CA MET A 69 7.63 -15.72 -7.78
C MET A 69 8.75 -15.08 -8.60
N ASN A 70 8.38 -14.09 -9.42
CA ASN A 70 9.34 -13.42 -10.29
C ASN A 70 8.85 -12.00 -10.58
N GLY A 71 9.81 -11.11 -10.82
CA GLY A 71 9.44 -9.74 -11.08
C GLY A 71 8.77 -9.06 -9.90
N ILE A 72 9.30 -9.27 -8.70
CA ILE A 72 8.83 -8.61 -7.49
C ILE A 72 9.91 -7.65 -7.04
N ASP A 73 9.54 -6.38 -6.86
CA ASP A 73 10.53 -5.35 -6.56
C ASP A 73 11.20 -5.59 -5.21
N ASN A 74 12.49 -5.23 -5.15
CA ASN A 74 13.26 -5.18 -3.90
C ASN A 74 13.37 -6.53 -3.21
N LEU A 75 13.25 -7.62 -3.96
CA LEU A 75 13.39 -8.95 -3.38
C LEU A 75 14.86 -9.30 -3.25
N MET A 76 15.27 -9.70 -2.04
CA MET A 76 16.65 -10.09 -1.79
C MET A 76 16.87 -11.58 -1.96
N TYR A 77 16.08 -12.41 -1.27
CA TYR A 77 16.13 -13.86 -1.43
C TYR A 77 14.78 -14.45 -1.06
N MET A 78 14.67 -15.76 -1.22
CA MET A 78 13.44 -16.51 -1.03
C MET A 78 13.81 -17.87 -0.45
N SER A 79 13.26 -18.20 0.72
CA SER A 79 13.49 -19.52 1.32
C SER A 79 12.16 -20.24 1.49
N SER A 80 12.24 -21.57 1.55
CA SER A 80 11.03 -22.36 1.60
C SER A 80 11.26 -23.65 2.37
N ASN A 81 10.21 -24.11 3.07
CA ASN A 81 10.19 -25.37 3.82
C ASN A 81 8.96 -26.18 3.44
N SER A 82 9.14 -27.49 3.26
CA SER A 82 8.04 -28.43 3.00
C SER A 82 8.22 -29.64 3.90
N ASP A 83 7.27 -29.85 4.82
CA ASP A 83 7.43 -30.87 5.86
C ASP A 83 6.35 -31.96 5.77
N SER A 84 6.56 -33.03 6.53
CA SER A 84 5.68 -34.19 6.48
C SER A 84 4.42 -34.01 7.32
N THR A 85 4.27 -32.89 8.03
CA THR A 85 2.96 -32.53 8.57
C THR A 85 2.02 -32.00 7.48
N GLY A 86 2.54 -31.75 6.28
CA GLY A 86 1.76 -31.29 5.14
C GLY A 86 1.72 -29.79 4.96
N THR A 87 2.81 -29.09 5.31
CA THR A 87 2.79 -27.64 5.42
C THR A 87 3.91 -27.01 4.60
N VAL A 88 3.56 -25.96 3.84
CA VAL A 88 4.53 -25.15 3.12
C VAL A 88 4.63 -23.78 3.79
N GLN A 89 5.86 -23.30 3.92
CA GLN A 89 6.14 -21.94 4.33
C GLN A 89 7.14 -21.37 3.33
N ILE A 90 6.74 -20.35 2.60
CA ILE A 90 7.61 -19.67 1.63
C ILE A 90 7.79 -18.24 2.11
N THR A 91 9.02 -17.87 2.46
CA THR A 91 9.32 -16.54 2.99
C THR A 91 10.13 -15.74 1.98
N LEU A 92 9.53 -14.66 1.48
CA LEU A 92 10.20 -13.71 0.61
C LEU A 92 10.67 -12.52 1.47
N THR A 93 11.98 -12.25 1.42
CA THR A 93 12.60 -11.20 2.20
C THR A 93 13.02 -10.06 1.28
N PHE A 94 12.73 -8.83 1.69
CA PHE A 94 12.88 -7.66 0.83
C PHE A 94 13.93 -6.72 1.41
N GLU A 95 14.33 -5.74 0.60
CA GLU A 95 15.27 -4.72 1.05
C GLU A 95 14.64 -3.88 2.15
N SER A 96 15.48 -3.34 3.02
CA SER A 96 15.01 -2.39 4.02
C SER A 96 14.46 -1.14 3.34
N GLY A 97 13.35 -0.64 3.85
CA GLY A 97 12.68 0.49 3.24
C GLY A 97 11.56 0.12 2.29
N THR A 98 11.43 -1.16 1.93
CA THR A 98 10.31 -1.60 1.12
C THR A 98 8.98 -1.39 1.85
N ASP A 99 8.00 -0.83 1.14
CA ASP A 99 6.64 -0.72 1.63
C ASP A 99 6.03 -2.12 1.66
N ALA A 100 5.87 -2.66 2.88
CA ALA A 100 5.43 -4.04 3.03
C ALA A 100 4.02 -4.24 2.48
N ASP A 101 3.21 -3.19 2.45
CA ASP A 101 1.88 -3.29 1.86
C ASP A 101 1.97 -3.57 0.37
N ILE A 102 2.74 -2.76 -0.35
CA ILE A 102 2.91 -2.97 -1.78
C ILE A 102 3.61 -4.30 -2.04
N ALA A 103 4.56 -4.67 -1.16
CA ALA A 103 5.24 -5.95 -1.31
C ALA A 103 4.24 -7.11 -1.25
N GLN A 104 3.36 -7.07 -0.25
CA GLN A 104 2.34 -8.12 -0.14
C GLN A 104 1.42 -8.13 -1.34
N VAL A 105 1.09 -6.96 -1.89
CA VAL A 105 0.26 -6.91 -3.09
C VAL A 105 0.93 -7.66 -4.24
N GLN A 106 2.21 -7.36 -4.49
CA GLN A 106 2.93 -7.98 -5.60
C GLN A 106 3.04 -9.49 -5.42
N VAL A 107 3.41 -9.93 -4.22
CA VAL A 107 3.60 -11.36 -3.95
C VAL A 107 2.31 -12.11 -4.19
N GLN A 108 1.19 -11.60 -3.67
CA GLN A 108 -0.08 -12.25 -3.88
C GLN A 108 -0.50 -12.24 -5.35
N ASN A 109 -0.14 -11.20 -6.10
CA ASN A 109 -0.52 -11.18 -7.51
C ASN A 109 0.15 -12.32 -8.28
N LYS A 110 1.36 -12.69 -7.88
CA LYS A 110 1.99 -13.87 -8.47
C LYS A 110 1.32 -15.14 -8.00
N LEU A 111 1.01 -15.21 -6.70
CA LEU A 111 0.39 -16.40 -6.11
C LEU A 111 -0.93 -16.72 -6.78
N GLN A 112 -1.70 -15.67 -7.12
CA GLN A 112 -2.95 -15.82 -7.89
C GLN A 112 -2.77 -16.70 -9.11
N LEU A 113 -1.66 -16.52 -9.85
CA LEU A 113 -1.42 -17.30 -11.04
C LEU A 113 -1.07 -18.74 -10.72
N ALA A 114 -0.61 -19.01 -9.49
CA ALA A 114 -0.25 -20.37 -9.10
C ALA A 114 -1.41 -21.13 -8.46
N MET A 115 -2.36 -20.42 -7.85
CA MET A 115 -3.49 -21.04 -7.17
C MET A 115 -4.24 -22.10 -7.99
N PRO A 116 -4.57 -21.90 -9.26
CA PRO A 116 -5.31 -22.95 -9.99
C PRO A 116 -4.50 -24.22 -10.20
N LEU A 117 -3.17 -24.16 -10.14
CA LEU A 117 -2.35 -25.34 -10.34
C LEU A 117 -2.15 -26.15 -9.06
N LEU A 118 -2.48 -25.60 -7.90
CA LEU A 118 -2.35 -26.36 -6.67
C LEU A 118 -3.47 -27.36 -6.55
N PRO A 119 -3.26 -28.44 -5.78
CA PRO A 119 -4.33 -29.42 -5.55
C PRO A 119 -5.54 -28.76 -4.88
N GLN A 120 -6.72 -29.32 -5.16
CA GLN A 120 -7.95 -28.77 -4.60
C GLN A 120 -7.95 -28.84 -3.08
N GLU A 121 -7.37 -29.91 -2.53
CA GLU A 121 -7.26 -30.06 -1.08
C GLU A 121 -6.47 -28.93 -0.44
N VAL A 122 -5.51 -28.37 -1.18
CA VAL A 122 -4.72 -27.26 -0.66
C VAL A 122 -5.48 -25.94 -0.77
N GLN A 123 -6.24 -25.75 -1.86
CA GLN A 123 -6.99 -24.52 -2.02
C GLN A 123 -8.06 -24.38 -0.94
N GLN A 124 -8.67 -25.50 -0.54
CA GLN A 124 -9.75 -25.45 0.43
C GLN A 124 -9.27 -25.42 1.87
N GLN A 125 -7.99 -25.66 2.12
CA GLN A 125 -7.40 -25.27 3.40
C GLN A 125 -7.07 -23.79 3.44
N GLY A 126 -7.26 -23.07 2.33
CA GLY A 126 -6.95 -21.66 2.28
C GLY A 126 -5.46 -21.40 2.31
N VAL A 127 -4.98 -20.59 1.36
CA VAL A 127 -3.59 -20.16 1.33
C VAL A 127 -3.51 -18.79 2.01
N SER A 128 -2.45 -18.58 2.77
CA SER A 128 -2.25 -17.36 3.53
C SER A 128 -1.08 -16.58 2.95
N VAL A 129 -1.23 -15.26 2.91
CA VAL A 129 -0.15 -14.35 2.57
C VAL A 129 -0.11 -13.33 3.70
N GLU A 130 0.96 -13.35 4.50
CA GLU A 130 1.08 -12.50 5.68
C GLU A 130 2.36 -11.70 5.61
N LYS A 131 2.34 -10.50 6.20
CA LYS A 131 3.51 -9.62 6.32
C LYS A 131 3.76 -9.37 7.80
N SER A 132 4.47 -10.30 8.44
CA SER A 132 4.75 -10.19 9.87
C SER A 132 6.24 -10.35 10.12
N SER A 133 6.61 -10.19 11.38
CA SER A 133 7.95 -10.55 11.84
C SER A 133 7.99 -12.03 12.16
N SER A 134 9.20 -12.55 12.36
CA SER A 134 9.34 -13.97 12.66
C SER A 134 9.04 -14.26 14.13
N SER A 135 9.39 -13.32 15.00
CA SER A 135 9.32 -13.51 16.44
C SER A 135 7.87 -13.39 16.95
N PHE A 136 7.66 -13.89 18.16
CA PHE A 136 6.39 -13.70 18.85
C PHE A 136 6.43 -12.41 19.65
N LEU A 137 5.37 -11.60 19.53
CA LEU A 137 5.28 -10.38 20.33
C LEU A 137 4.90 -10.69 21.77
N MET A 138 4.00 -11.66 21.96
CA MET A 138 3.47 -12.07 23.24
C MET A 138 2.70 -13.35 23.03
N VAL A 139 2.57 -14.13 24.10
CA VAL A 139 1.68 -15.29 24.13
C VAL A 139 0.57 -14.98 25.12
N VAL A 140 -0.67 -15.20 24.69
CA VAL A 140 -1.84 -14.98 25.52
C VAL A 140 -2.34 -16.36 25.94
N GLY A 141 -2.01 -16.77 27.16
CA GLY A 141 -2.46 -18.06 27.65
C GLY A 141 -3.91 -18.03 28.13
N VAL A 142 -4.56 -19.18 28.05
CA VAL A 142 -5.94 -19.32 28.51
C VAL A 142 -6.07 -20.64 29.26
N ILE A 143 -6.45 -20.55 30.54
CA ILE A 143 -6.62 -21.73 31.37
C ILE A 143 -8.04 -21.74 31.90
N ASN A 144 -8.39 -22.79 32.64
CA ASN A 144 -9.64 -22.82 33.40
C ASN A 144 -9.31 -23.12 34.87
N THR A 145 -9.55 -22.14 35.74
CA THR A 145 -9.20 -22.32 37.16
C THR A 145 -10.15 -23.29 37.86
N ASP A 146 -11.42 -23.31 37.46
CA ASP A 146 -12.36 -24.30 37.98
C ASP A 146 -12.17 -25.69 37.38
N GLY A 147 -11.35 -25.81 36.33
CA GLY A 147 -11.11 -27.09 35.70
C GLY A 147 -12.34 -27.74 35.12
N THR A 148 -13.36 -26.95 34.75
CA THR A 148 -14.57 -27.48 34.15
C THR A 148 -14.41 -27.81 32.67
N MET A 149 -13.29 -27.43 32.06
CA MET A 149 -13.08 -27.55 30.63
C MET A 149 -11.72 -28.18 30.33
N THR A 150 -11.66 -28.99 29.28
CA THR A 150 -10.48 -29.71 28.86
C THR A 150 -9.55 -28.81 28.04
N GLN A 151 -8.36 -29.34 27.73
CA GLN A 151 -7.46 -28.65 26.80
C GLN A 151 -8.12 -28.46 25.45
N GLU A 152 -8.83 -29.49 24.96
CA GLU A 152 -9.54 -29.37 23.69
C GLU A 152 -10.68 -28.34 23.80
N ASP A 153 -11.35 -28.29 24.94
CA ASP A 153 -12.44 -27.34 25.12
C ASP A 153 -11.91 -25.91 25.15
N ILE A 154 -10.81 -25.68 25.88
CA ILE A 154 -10.24 -24.34 25.99
C ILE A 154 -9.82 -23.84 24.62
N SER A 155 -9.08 -24.66 23.87
CA SER A 155 -8.62 -24.26 22.55
C SER A 155 -9.78 -24.01 21.60
N ASP A 156 -10.83 -24.82 21.69
CA ASP A 156 -11.98 -24.58 20.83
C ASP A 156 -12.66 -23.25 21.18
N TYR A 157 -12.81 -22.94 22.47
CA TYR A 157 -13.38 -21.65 22.85
C TYR A 157 -12.51 -20.51 22.35
N VAL A 158 -11.19 -20.65 22.47
CA VAL A 158 -10.28 -19.60 21.99
C VAL A 158 -10.39 -19.43 20.49
N ALA A 159 -10.59 -20.53 19.77
CA ALA A 159 -10.66 -20.43 18.32
C ALA A 159 -12.00 -19.86 17.86
N ALA A 160 -13.10 -20.27 18.49
CA ALA A 160 -14.42 -19.88 18.04
C ALA A 160 -14.93 -18.58 18.66
N ASN A 161 -14.19 -18.00 19.62
CA ASN A 161 -14.70 -16.82 20.31
C ASN A 161 -13.65 -15.75 20.62
N MET A 162 -12.36 -16.01 20.40
CA MET A 162 -11.39 -14.98 20.74
C MET A 162 -10.44 -14.67 19.59
N LYS A 163 -10.11 -15.68 18.77
CA LYS A 163 -8.96 -15.55 17.88
C LYS A 163 -9.25 -14.62 16.71
N ASP A 164 -10.48 -14.62 16.18
CA ASP A 164 -10.78 -13.85 14.98
C ASP A 164 -10.69 -12.35 15.24
N ALA A 165 -11.12 -11.89 16.42
CA ALA A 165 -11.03 -10.48 16.73
C ALA A 165 -9.58 -10.04 16.90
N ILE A 166 -8.74 -10.88 17.51
CA ILE A 166 -7.32 -10.61 17.58
C ILE A 166 -6.69 -10.66 16.20
N SER A 167 -7.19 -11.55 15.33
CA SER A 167 -6.69 -11.65 13.97
C SER A 167 -6.96 -10.40 13.14
N ARG A 168 -8.06 -9.69 13.43
CA ARG A 168 -8.45 -8.50 12.71
C ARG A 168 -7.86 -7.23 13.30
N THR A 169 -7.21 -7.31 14.45
CA THR A 169 -6.69 -6.13 15.11
C THR A 169 -5.47 -5.60 14.36
N SER A 170 -5.41 -4.28 14.19
CA SER A 170 -4.36 -3.71 13.38
C SER A 170 -3.03 -3.85 14.11
N GLY A 171 -1.99 -4.22 13.36
CA GLY A 171 -0.70 -4.52 13.93
C GLY A 171 -0.44 -6.00 14.12
N VAL A 172 -1.47 -6.83 14.02
CA VAL A 172 -1.33 -8.28 14.15
C VAL A 172 -1.09 -8.86 12.77
N GLY A 173 0.14 -9.32 12.52
CA GLY A 173 0.48 -9.95 11.26
C GLY A 173 0.14 -11.44 11.20
N ASP A 174 0.21 -12.12 12.34
CA ASP A 174 -0.03 -13.56 12.40
C ASP A 174 -0.45 -13.94 13.81
N VAL A 175 -1.41 -14.85 13.92
CA VAL A 175 -1.82 -15.41 15.19
C VAL A 175 -1.77 -16.93 15.08
N GLN A 176 -0.99 -17.57 15.94
CA GLN A 176 -0.88 -19.03 16.03
C GLN A 176 -1.72 -19.56 17.18
N LEU A 177 -2.59 -20.52 16.88
CA LEU A 177 -3.44 -21.13 17.90
C LEU A 177 -2.72 -22.32 18.54
N PHE A 178 -2.41 -22.22 19.83
CA PHE A 178 -1.73 -23.30 20.54
C PHE A 178 -2.76 -24.36 20.95
N GLY A 179 -3.15 -25.16 19.97
CA GLY A 179 -4.33 -26.01 20.05
C GLY A 179 -5.08 -25.96 18.74
N SER A 180 -6.35 -26.35 18.76
CA SER A 180 -7.08 -26.43 17.51
C SER A 180 -8.59 -26.31 17.73
N GLN A 181 -9.25 -25.61 16.81
CA GLN A 181 -10.70 -25.52 16.83
C GLN A 181 -11.34 -26.87 16.59
N TYR A 182 -12.54 -27.04 17.10
CA TYR A 182 -13.23 -28.33 16.97
C TYR A 182 -13.73 -28.54 15.55
N ALA A 183 -13.92 -29.80 15.20
CA ALA A 183 -14.52 -30.18 13.93
C ALA A 183 -15.40 -31.39 14.19
N MET A 184 -16.35 -31.64 13.28
CA MET A 184 -17.08 -32.89 13.33
C MET A 184 -16.14 -34.02 12.90
N ARG A 185 -15.77 -34.88 13.85
CA ARG A 185 -14.82 -35.96 13.59
C ARG A 185 -15.58 -37.26 13.36
N ILE A 186 -15.45 -37.80 12.15
CA ILE A 186 -16.02 -39.10 11.79
C ILE A 186 -14.87 -40.10 11.78
N TRP A 187 -14.77 -40.90 12.83
CA TRP A 187 -13.72 -41.92 12.93
C TRP A 187 -14.25 -43.23 12.36
N MET A 188 -13.72 -43.64 11.22
CA MET A 188 -14.24 -44.80 10.51
C MET A 188 -13.70 -46.10 11.10
N ASN A 189 -14.50 -47.15 10.97
CA ASN A 189 -14.15 -48.50 11.43
C ASN A 189 -14.16 -49.42 10.22
N PRO A 190 -13.01 -49.96 9.81
CA PRO A 190 -12.97 -50.79 8.60
C PRO A 190 -13.65 -52.14 8.77
N ASN A 191 -13.70 -52.68 9.99
CA ASN A 191 -14.36 -53.97 10.18
C ASN A 191 -15.84 -53.85 9.91
N GLU A 192 -16.45 -52.73 10.30
CA GLU A 192 -17.88 -52.53 10.11
C GLU A 192 -18.21 -52.03 8.71
N LEU A 193 -17.32 -51.27 8.09
CA LEU A 193 -17.52 -50.87 6.70
C LEU A 193 -17.55 -52.07 5.79
N ASN A 194 -16.59 -52.99 5.97
CA ASN A 194 -16.56 -54.22 5.18
C ASN A 194 -17.75 -55.12 5.49
N LYS A 195 -18.23 -55.09 6.73
CA LYS A 195 -19.40 -55.88 7.10
C LYS A 195 -20.61 -55.53 6.23
N PHE A 196 -20.77 -54.25 5.93
CA PHE A 196 -21.90 -53.77 5.14
C PHE A 196 -21.52 -53.45 3.71
N GLN A 197 -20.28 -53.76 3.30
CA GLN A 197 -19.82 -53.57 1.93
C GLN A 197 -19.83 -52.08 1.55
N LEU A 198 -19.17 -51.28 2.39
CA LEU A 198 -19.06 -49.85 2.19
C LEU A 198 -17.60 -49.44 2.23
N THR A 199 -17.32 -48.24 1.74
CA THR A 199 -15.97 -47.69 1.71
C THR A 199 -15.97 -46.28 2.27
N PRO A 200 -14.79 -45.71 2.49
CA PRO A 200 -14.73 -44.29 2.86
C PRO A 200 -15.29 -43.36 1.79
N VAL A 201 -15.33 -43.77 0.52
CA VAL A 201 -15.90 -42.88 -0.49
C VAL A 201 -17.43 -42.88 -0.38
N ASP A 202 -18.02 -43.97 0.11
CA ASP A 202 -19.45 -43.96 0.41
C ASP A 202 -19.76 -43.02 1.56
N VAL A 203 -18.91 -43.02 2.60
CA VAL A 203 -19.10 -42.12 3.73
C VAL A 203 -19.03 -40.67 3.27
N ILE A 204 -18.07 -40.35 2.41
CA ILE A 204 -17.89 -38.96 1.99
C ILE A 204 -19.06 -38.50 1.13
N THR A 205 -19.49 -39.35 0.19
CA THR A 205 -20.60 -38.99 -0.68
C THR A 205 -21.88 -38.75 0.13
N ALA A 206 -22.13 -39.60 1.12
CA ALA A 206 -23.29 -39.43 2.00
C ALA A 206 -23.22 -38.11 2.75
N ILE A 207 -22.04 -37.76 3.29
CA ILE A 207 -21.94 -36.55 4.09
C ILE A 207 -22.12 -35.31 3.22
N LYS A 208 -21.64 -35.35 1.97
CA LYS A 208 -21.93 -34.26 1.06
C LYS A 208 -23.40 -34.24 0.69
N ALA A 209 -24.02 -35.42 0.60
CA ALA A 209 -25.42 -35.49 0.18
C ALA A 209 -26.37 -35.06 1.29
N GLN A 210 -26.01 -35.29 2.55
CA GLN A 210 -26.94 -35.13 3.65
C GLN A 210 -26.56 -34.04 4.65
N ASN A 211 -25.35 -33.48 4.57
CA ASN A 211 -24.99 -32.27 5.30
C ASN A 211 -24.77 -31.15 4.28
N ALA A 212 -25.89 -30.63 3.76
CA ALA A 212 -25.87 -29.63 2.71
C ALA A 212 -26.71 -28.43 3.11
N GLN A 213 -26.31 -27.25 2.65
CA GLN A 213 -27.09 -26.02 2.81
C GLN A 213 -27.70 -25.67 1.45
N VAL A 214 -28.85 -26.26 1.15
CA VAL A 214 -29.46 -26.17 -0.18
C VAL A 214 -30.23 -24.87 -0.33
N ALA A 215 -30.11 -24.24 -1.51
CA ALA A 215 -30.83 -23.00 -1.84
C ALA A 215 -32.04 -23.35 -2.71
N ALA A 216 -33.23 -23.16 -2.17
CA ALA A 216 -34.43 -23.77 -2.73
C ALA A 216 -35.47 -22.80 -3.26
N GLY A 217 -35.24 -21.49 -3.19
CA GLY A 217 -36.15 -20.52 -3.78
C GLY A 217 -37.23 -20.02 -2.85
N GLN A 218 -38.32 -19.55 -3.46
CA GLN A 218 -39.39 -18.86 -2.76
C GLN A 218 -40.76 -19.21 -3.33
N LEU A 219 -41.75 -19.35 -2.44
CA LEU A 219 -43.13 -19.42 -2.88
C LEU A 219 -43.59 -18.04 -3.33
N GLY A 220 -44.24 -17.98 -4.48
CA GLY A 220 -44.68 -16.71 -5.04
C GLY A 220 -43.57 -15.71 -5.27
N GLY A 221 -42.46 -16.16 -5.87
CA GLY A 221 -41.34 -15.27 -6.12
C GLY A 221 -41.48 -14.49 -7.41
N THR A 222 -40.46 -13.63 -7.68
CA THR A 222 -40.60 -12.91 -8.93
C THR A 222 -39.95 -13.66 -10.09
N PRO A 223 -40.52 -13.52 -11.28
CA PRO A 223 -41.75 -12.73 -11.44
C PRO A 223 -42.99 -13.52 -11.03
N PRO A 224 -43.90 -12.87 -10.31
CA PRO A 224 -45.10 -13.57 -9.81
C PRO A 224 -46.26 -13.47 -10.78
N VAL A 225 -47.24 -14.37 -10.56
CA VAL A 225 -48.51 -14.26 -11.27
C VAL A 225 -49.39 -13.18 -10.62
N LYS A 226 -50.37 -12.72 -11.39
CA LYS A 226 -51.24 -11.63 -10.93
C LYS A 226 -52.15 -12.10 -9.80
N GLY A 227 -52.25 -11.30 -8.73
CA GLY A 227 -52.99 -11.77 -7.58
C GLY A 227 -52.33 -12.90 -6.81
N GLN A 228 -51.06 -12.72 -6.47
CA GLN A 228 -50.34 -13.73 -5.70
C GLN A 228 -50.71 -13.57 -4.23
N GLN A 229 -51.03 -14.70 -3.59
CA GLN A 229 -51.48 -14.66 -2.21
C GLN A 229 -50.36 -14.27 -1.26
N LEU A 230 -49.29 -15.07 -1.21
CA LEU A 230 -48.24 -14.87 -0.22
C LEU A 230 -46.86 -15.04 -0.86
N ASN A 231 -45.87 -14.45 -0.21
CA ASN A 231 -44.46 -14.65 -0.54
C ASN A 231 -43.78 -15.24 0.68
N ALA A 232 -43.13 -16.40 0.51
CA ALA A 232 -42.41 -17.05 1.58
C ALA A 232 -41.15 -17.70 1.04
N SER A 233 -40.14 -17.81 1.90
CA SER A 233 -38.89 -18.48 1.53
C SER A 233 -39.04 -19.99 1.70
N ILE A 234 -38.42 -20.74 0.80
CA ILE A 234 -38.40 -22.20 0.89
C ILE A 234 -37.11 -22.62 1.56
N ILE A 235 -37.22 -23.53 2.54
CA ILE A 235 -36.10 -24.03 3.31
C ILE A 235 -36.01 -25.53 3.06
N ALA A 236 -34.96 -25.96 2.36
CA ALA A 236 -34.70 -27.38 2.20
C ALA A 236 -33.66 -27.80 3.22
N GLN A 237 -32.69 -28.63 2.81
CA GLN A 237 -31.69 -29.12 3.74
C GLN A 237 -30.82 -27.97 4.26
N THR A 238 -30.40 -28.10 5.53
CA THR A 238 -29.48 -27.16 6.15
C THR A 238 -28.33 -27.96 6.78
N ARG A 239 -27.21 -27.27 7.00
CA ARG A 239 -26.04 -27.89 7.60
C ARG A 239 -26.41 -28.52 8.94
N LEU A 240 -25.83 -29.68 9.21
CA LEU A 240 -26.07 -30.35 10.48
C LEU A 240 -25.34 -29.62 11.60
N THR A 241 -25.80 -29.86 12.83
CA THR A 241 -25.38 -29.07 13.96
C THR A 241 -24.93 -29.88 15.16
N SER A 242 -25.05 -31.21 15.12
CA SER A 242 -24.80 -32.03 16.29
C SER A 242 -24.24 -33.38 15.86
N THR A 243 -23.52 -34.01 16.78
CA THR A 243 -23.07 -35.38 16.57
C THR A 243 -24.23 -36.33 16.30
N GLU A 244 -25.38 -36.09 16.93
CA GLU A 244 -26.51 -37.00 16.76
C GLU A 244 -26.98 -37.02 15.31
N GLU A 245 -27.10 -35.84 14.69
CA GLU A 245 -27.63 -35.78 13.34
C GLU A 245 -26.67 -36.40 12.34
N PHE A 246 -25.36 -36.21 12.56
CA PHE A 246 -24.37 -36.90 11.76
C PHE A 246 -24.49 -38.42 11.93
N GLY A 247 -24.80 -38.86 13.14
CA GLY A 247 -25.00 -40.28 13.38
C GLY A 247 -26.18 -40.85 12.63
N LYS A 248 -27.22 -40.03 12.41
CA LYS A 248 -28.43 -40.47 11.73
C LYS A 248 -28.31 -40.44 10.22
N ILE A 249 -27.12 -40.15 9.68
CA ILE A 249 -26.93 -40.10 8.24
C ILE A 249 -27.14 -41.50 7.65
N LEU A 250 -28.04 -41.60 6.67
CA LEU A 250 -28.43 -42.89 6.11
C LEU A 250 -27.48 -43.27 4.98
N LEU A 251 -26.66 -44.30 5.22
CA LEU A 251 -25.71 -44.76 4.21
C LEU A 251 -26.36 -45.67 3.18
N LYS A 252 -27.02 -46.73 3.65
CA LYS A 252 -27.72 -47.65 2.76
C LYS A 252 -28.88 -48.27 3.52
N VAL A 253 -29.86 -48.75 2.76
CA VAL A 253 -30.95 -49.55 3.28
C VAL A 253 -30.77 -50.95 2.72
N ASN A 254 -30.48 -51.90 3.60
CA ASN A 254 -30.49 -53.30 3.19
C ASN A 254 -31.91 -53.70 2.79
N GLN A 255 -32.01 -54.68 1.88
CA GLN A 255 -33.32 -55.19 1.48
C GLN A 255 -33.97 -56.06 2.55
N ASP A 256 -33.22 -56.41 3.60
CA ASP A 256 -33.82 -56.86 4.85
C ASP A 256 -34.80 -55.84 5.40
N GLY A 257 -34.56 -54.56 5.13
CA GLY A 257 -35.26 -53.49 5.81
C GLY A 257 -34.48 -52.85 6.92
N SER A 258 -33.34 -53.43 7.30
CA SER A 258 -32.44 -52.79 8.24
C SER A 258 -31.93 -51.47 7.67
N ARG A 259 -31.38 -50.66 8.57
CA ARG A 259 -30.83 -49.35 8.24
C ARG A 259 -29.37 -49.27 8.68
N VAL A 260 -28.48 -48.91 7.75
CA VAL A 260 -27.07 -48.69 8.03
C VAL A 260 -26.85 -47.20 8.21
N LEU A 261 -26.66 -46.77 9.45
CA LEU A 261 -26.38 -45.36 9.76
C LEU A 261 -24.87 -45.13 9.85
N LEU A 262 -24.49 -43.85 9.82
CA LEU A 262 -23.08 -43.50 9.95
C LEU A 262 -22.53 -43.90 11.32
N ARG A 263 -23.35 -43.77 12.37
CA ARG A 263 -22.91 -44.16 13.70
C ARG A 263 -22.75 -45.67 13.83
N ASP A 264 -23.28 -46.45 12.89
CA ASP A 264 -23.11 -47.89 12.90
C ASP A 264 -21.76 -48.32 12.34
N VAL A 265 -21.05 -47.44 11.64
CA VAL A 265 -19.77 -47.78 11.04
C VAL A 265 -18.71 -46.76 11.43
N ALA A 266 -19.03 -45.86 12.34
CA ALA A 266 -18.04 -44.88 12.75
C ALA A 266 -18.38 -44.33 14.13
N LYS A 267 -17.35 -43.92 14.86
CA LYS A 267 -17.52 -43.16 16.09
C LYS A 267 -17.54 -41.68 15.75
N ILE A 268 -18.55 -40.97 16.25
CA ILE A 268 -18.83 -39.59 15.84
C ILE A 268 -18.69 -38.70 17.05
N GLU A 269 -17.62 -37.91 17.08
CA GLU A 269 -17.37 -37.02 18.20
C GLU A 269 -16.88 -35.68 17.69
N LEU A 270 -17.10 -34.65 18.50
CA LEU A 270 -16.62 -33.31 18.23
C LEU A 270 -15.16 -33.24 18.67
N GLY A 271 -14.24 -33.07 17.72
CA GLY A 271 -12.83 -33.07 18.03
C GLY A 271 -12.08 -32.03 17.23
N GLY A 272 -10.81 -31.87 17.58
CA GLY A 272 -10.00 -30.83 16.95
C GLY A 272 -9.75 -31.08 15.48
N GLU A 273 -9.55 -29.98 14.74
CA GLU A 273 -9.18 -30.09 13.33
C GLU A 273 -7.87 -30.84 13.17
N ASN A 274 -6.91 -30.57 14.05
CA ASN A 274 -5.71 -31.38 14.16
C ASN A 274 -5.44 -31.66 15.64
N TYR A 275 -4.61 -32.67 15.89
CA TYR A 275 -4.28 -33.10 17.25
C TYR A 275 -2.80 -32.97 17.54
N ASP A 276 -2.12 -32.05 16.85
CA ASP A 276 -0.67 -31.98 16.95
C ASP A 276 -0.18 -31.04 18.03
N ILE A 277 -0.96 -30.05 18.43
CA ILE A 277 -0.50 -29.01 19.33
C ILE A 277 -1.24 -29.14 20.66
N ILE A 278 -0.47 -29.14 21.75
CA ILE A 278 -1.00 -29.31 23.10
C ILE A 278 -0.18 -28.45 24.05
N ALA A 279 -0.83 -27.52 24.75
CA ALA A 279 -0.11 -26.58 25.59
C ALA A 279 -0.44 -26.80 27.07
N GLU A 280 0.51 -26.41 27.91
CA GLU A 280 0.35 -26.45 29.35
C GLU A 280 0.97 -25.20 29.95
N PHE A 281 0.23 -24.53 30.83
CA PHE A 281 0.72 -23.35 31.53
C PHE A 281 0.96 -23.75 32.98
N ASN A 282 2.23 -23.74 33.39
CA ASN A 282 2.60 -24.09 34.76
C ASN A 282 2.19 -25.53 35.10
N GLY A 283 2.15 -26.41 34.10
CA GLY A 283 1.77 -27.77 34.33
C GLY A 283 0.30 -28.08 34.14
N GLN A 284 -0.59 -27.08 34.12
CA GLN A 284 -2.01 -27.35 33.94
C GLN A 284 -2.42 -27.17 32.49
N PRO A 285 -3.54 -27.78 32.09
CA PRO A 285 -3.99 -27.68 30.70
C PRO A 285 -4.27 -26.25 30.31
N ALA A 286 -3.86 -25.88 29.10
CA ALA A 286 -4.00 -24.52 28.64
C ALA A 286 -4.23 -24.51 27.14
N SER A 287 -4.49 -23.31 26.63
CA SER A 287 -4.34 -23.01 25.22
C SER A 287 -3.78 -21.61 25.15
N GLY A 288 -3.78 -21.03 23.96
CA GLY A 288 -3.34 -19.65 23.85
C GLY A 288 -3.20 -19.21 22.42
N LEU A 289 -2.86 -17.94 22.28
CA LEU A 289 -2.60 -17.32 21.00
C LEU A 289 -1.17 -16.84 20.99
N GLY A 290 -0.38 -17.33 20.02
CA GLY A 290 0.94 -16.79 19.75
C GLY A 290 0.82 -15.67 18.74
N ILE A 291 1.15 -14.44 19.15
CA ILE A 291 0.85 -13.24 18.37
C ILE A 291 2.15 -12.70 17.78
N LYS A 292 2.15 -12.52 16.46
CA LYS A 292 3.29 -11.99 15.73
C LYS A 292 2.95 -10.59 15.24
N LEU A 293 3.89 -9.66 15.44
CA LEU A 293 3.66 -8.27 15.06
C LEU A 293 3.81 -8.09 13.55
N ALA A 294 2.83 -7.41 12.94
CA ALA A 294 2.92 -7.09 11.52
C ALA A 294 4.11 -6.17 11.26
N THR A 295 4.70 -6.29 10.06
CA THR A 295 5.91 -5.54 9.73
C THR A 295 5.68 -4.04 9.83
N GLY A 296 6.60 -3.36 10.52
CA GLY A 296 6.52 -1.93 10.69
C GLY A 296 5.64 -1.45 11.81
N ALA A 297 4.75 -2.29 12.34
CA ALA A 297 3.84 -1.84 13.38
C ALA A 297 4.57 -1.62 14.70
N ASN A 298 3.95 -0.81 15.57
CA ASN A 298 4.49 -0.53 16.90
C ASN A 298 4.00 -1.58 17.89
N ALA A 299 4.94 -2.16 18.64
CA ALA A 299 4.60 -3.23 19.57
C ALA A 299 3.68 -2.74 20.68
N LEU A 300 4.01 -1.59 21.29
CA LEU A 300 3.26 -1.14 22.45
C LEU A 300 1.83 -0.75 22.08
N ASP A 301 1.63 -0.06 20.96
CA ASP A 301 0.29 0.28 20.52
C ASP A 301 -0.52 -0.99 20.23
N THR A 302 0.11 -1.97 19.58
CA THR A 302 -0.59 -3.20 19.22
C THR A 302 -0.93 -4.02 20.46
N ALA A 303 0.00 -4.09 21.42
CA ALA A 303 -0.28 -4.77 22.67
C ALA A 303 -1.45 -4.11 23.42
N ALA A 304 -1.49 -2.78 23.41
CA ALA A 304 -2.63 -2.05 23.96
C ALA A 304 -3.93 -2.47 23.29
N ALA A 305 -3.92 -2.62 21.96
CA ALA A 305 -5.14 -2.98 21.26
C ALA A 305 -5.55 -4.41 21.56
N ILE A 306 -4.58 -5.32 21.66
CA ILE A 306 -4.87 -6.72 22.00
C ILE A 306 -5.52 -6.81 23.37
N ARG A 307 -4.91 -6.17 24.37
CA ARG A 307 -5.47 -6.17 25.72
C ARG A 307 -6.85 -5.53 25.73
N ALA A 308 -7.02 -4.43 24.99
CA ALA A 308 -8.33 -3.78 24.91
C ALA A 308 -9.39 -4.73 24.35
N GLU A 309 -9.02 -5.55 23.36
CA GLU A 309 -10.00 -6.45 22.76
C GLU A 309 -10.31 -7.62 23.67
N LEU A 310 -9.30 -8.16 24.36
CA LEU A 310 -9.53 -9.22 25.33
C LEU A 310 -10.38 -8.73 26.51
N ALA A 311 -10.30 -7.44 26.83
CA ALA A 311 -11.13 -6.88 27.90
C ALA A 311 -12.61 -7.01 27.58
N LYS A 312 -12.99 -6.73 26.33
CA LYS A 312 -14.40 -6.86 25.93
C LYS A 312 -14.86 -8.31 25.87
N MET A 313 -13.94 -9.27 25.83
CA MET A 313 -14.35 -10.67 25.82
C MET A 313 -14.57 -11.19 27.24
N GLU A 314 -13.72 -10.80 28.18
CA GLU A 314 -13.72 -11.33 29.55
C GLU A 314 -15.10 -11.39 30.23
N PRO A 315 -15.97 -10.38 30.10
CA PRO A 315 -17.30 -10.48 30.72
C PRO A 315 -18.20 -11.58 30.18
N PHE A 316 -17.80 -12.28 29.11
CA PHE A 316 -18.63 -13.33 28.53
C PHE A 316 -17.94 -14.68 28.54
N PHE A 317 -16.83 -14.82 29.25
CA PHE A 317 -16.18 -16.11 29.37
C PHE A 317 -17.11 -17.08 30.11
N PRO A 318 -17.04 -18.36 29.79
CA PRO A 318 -17.76 -19.35 30.60
C PRO A 318 -17.13 -19.50 31.97
N SER A 319 -17.74 -20.37 32.80
CA SER A 319 -17.32 -20.67 34.17
C SER A 319 -15.82 -20.88 34.33
N GLY A 320 -15.17 -19.98 35.05
CA GLY A 320 -13.80 -20.20 35.48
C GLY A 320 -12.73 -20.01 34.43
N LEU A 321 -13.08 -19.60 33.23
CA LEU A 321 -12.05 -19.33 32.22
C LEU A 321 -11.30 -18.05 32.57
N LYS A 322 -9.98 -18.09 32.42
CA LYS A 322 -9.16 -16.93 32.76
C LYS A 322 -7.96 -16.80 31.82
N ILE A 323 -7.63 -15.56 31.49
CA ILE A 323 -6.48 -15.23 30.67
C ILE A 323 -5.23 -15.19 31.55
N VAL A 324 -4.08 -15.57 30.98
CA VAL A 324 -2.78 -15.43 31.62
C VAL A 324 -1.79 -14.94 30.58
N TYR A 325 -0.69 -14.33 31.06
CA TYR A 325 0.31 -13.70 30.20
C TYR A 325 1.67 -14.34 30.42
N PRO A 326 1.88 -15.55 29.91
CA PRO A 326 3.15 -16.24 30.17
C PRO A 326 4.35 -15.72 29.37
N TYR A 327 4.14 -14.85 28.39
CA TYR A 327 5.24 -14.36 27.56
C TYR A 327 4.86 -13.04 26.91
N ASP A 328 5.62 -11.98 27.18
CA ASP A 328 5.30 -10.64 26.69
C ASP A 328 6.57 -9.79 26.71
N THR A 329 7.00 -9.30 25.54
CA THR A 329 8.23 -8.54 25.44
C THR A 329 8.03 -7.05 25.61
N THR A 330 6.79 -6.58 25.73
CA THR A 330 6.48 -5.16 25.88
C THR A 330 6.67 -4.58 27.29
N PRO A 331 6.50 -5.33 28.39
CA PRO A 331 6.79 -4.72 29.70
C PRO A 331 8.24 -4.30 29.86
N PHE A 332 9.20 -5.03 29.27
CA PHE A 332 10.58 -4.60 29.40
C PHE A 332 10.82 -3.28 28.68
N VAL A 333 10.11 -3.04 27.59
CA VAL A 333 10.26 -1.79 26.86
C VAL A 333 9.80 -0.61 27.71
N LYS A 334 8.60 -0.73 28.27
CA LYS A 334 8.09 0.36 29.10
C LYS A 334 8.95 0.58 30.34
N ILE A 335 9.46 -0.51 30.93
CA ILE A 335 10.18 -0.37 32.20
C ILE A 335 11.57 0.21 31.96
N SER A 336 12.25 -0.22 30.91
CA SER A 336 13.59 0.31 30.63
C SER A 336 13.53 1.78 30.20
N ILE A 337 12.49 2.17 29.47
CA ILE A 337 12.33 3.58 29.10
C ILE A 337 12.05 4.41 30.35
N HIS A 338 11.18 3.90 31.24
CA HIS A 338 10.92 4.55 32.52
C HIS A 338 12.22 4.80 33.28
N GLU A 339 13.08 3.79 33.33
CA GLU A 339 14.31 3.91 34.11
C GLU A 339 15.29 4.91 33.51
N VAL A 340 15.10 5.28 32.24
CA VAL A 340 15.89 6.37 31.66
C VAL A 340 15.22 7.72 31.89
N VAL A 341 13.89 7.77 31.89
CA VAL A 341 13.19 8.99 32.30
C VAL A 341 13.56 9.38 33.72
N LYS A 342 13.70 8.39 34.61
CA LYS A 342 14.13 8.67 35.97
C LYS A 342 15.53 9.25 35.99
N THR A 343 16.42 8.72 35.15
CA THR A 343 17.80 9.22 35.10
C THR A 343 17.83 10.67 34.63
N LEU A 344 16.95 11.02 33.69
CA LEU A 344 16.82 12.41 33.26
C LEU A 344 16.49 13.31 34.45
N VAL A 345 15.46 12.95 35.21
CA VAL A 345 15.01 13.78 36.33
C VAL A 345 16.08 13.86 37.40
N GLU A 346 16.71 12.74 37.73
CA GLU A 346 17.76 12.74 38.74
C GLU A 346 18.97 13.56 38.31
N ALA A 347 19.29 13.56 37.01
CA ALA A 347 20.39 14.39 36.53
C ALA A 347 20.09 15.86 36.73
N ILE A 348 18.84 16.27 36.47
CA ILE A 348 18.44 17.66 36.68
C ILE A 348 18.52 18.02 38.15
N ILE A 349 18.12 17.10 39.03
CA ILE A 349 18.23 17.33 40.47
C ILE A 349 19.70 17.46 40.87
N LEU A 350 20.57 16.66 40.22
CA LEU A 350 21.99 16.71 40.57
C LEU A 350 22.64 17.98 40.03
N VAL A 351 22.25 18.44 38.85
CA VAL A 351 22.80 19.70 38.36
C VAL A 351 22.30 20.87 39.19
N PHE A 352 21.08 20.78 39.72
CA PHE A 352 20.58 21.84 40.59
C PHE A 352 21.41 21.94 41.87
N LEU A 353 21.73 20.79 42.48
CA LEU A 353 22.54 20.78 43.69
C LEU A 353 23.95 21.27 43.42
N VAL A 354 24.59 20.71 42.39
CA VAL A 354 26.01 21.00 42.14
C VAL A 354 26.21 22.45 41.73
N MET A 355 25.22 23.05 41.08
CA MET A 355 25.34 24.46 40.73
C MET A 355 25.00 25.37 41.90
N TYR A 356 24.06 24.95 42.75
CA TYR A 356 23.74 25.73 43.95
C TYR A 356 24.94 25.83 44.87
N LEU A 357 25.83 24.83 44.83
CA LEU A 357 27.07 24.92 45.58
C LEU A 357 27.95 26.07 45.08
N PHE A 358 27.88 26.38 43.79
CA PHE A 358 28.73 27.39 43.18
C PHE A 358 28.09 28.77 43.12
N LEU A 359 26.81 28.86 42.74
CA LEU A 359 26.15 30.16 42.67
C LEU A 359 25.67 30.62 44.03
N GLN A 360 25.28 29.68 44.90
CA GLN A 360 24.98 29.95 46.31
C GLN A 360 23.83 30.93 46.48
N ASN A 361 22.94 31.00 45.50
CA ASN A 361 21.67 31.68 45.70
C ASN A 361 20.62 31.04 44.80
N PHE A 362 19.38 30.98 45.31
CA PHE A 362 18.36 30.09 44.75
C PHE A 362 18.05 30.43 43.30
N ARG A 363 17.60 31.66 43.04
CA ARG A 363 17.20 32.04 41.69
C ARG A 363 18.38 32.03 40.72
N ALA A 364 19.60 32.21 41.23
CA ALA A 364 20.76 32.19 40.34
C ALA A 364 20.98 30.81 39.75
N THR A 365 20.72 29.76 40.52
CA THR A 365 20.97 28.42 40.03
C THR A 365 19.81 27.84 39.25
N LEU A 366 18.59 28.36 39.42
CA LEU A 366 17.46 27.83 38.70
C LEU A 366 17.51 28.14 37.22
N ILE A 367 18.36 29.06 36.78
CA ILE A 367 18.44 29.44 35.38
C ILE A 367 18.91 28.26 34.55
N PRO A 368 20.05 27.62 34.86
CA PRO A 368 20.47 26.48 34.04
C PRO A 368 19.56 25.28 34.15
N THR A 369 18.91 25.05 35.30
CA THR A 369 18.02 23.89 35.42
C THR A 369 16.62 24.14 34.88
N ILE A 370 16.20 25.41 34.77
CA ILE A 370 15.02 25.70 33.97
C ILE A 370 15.32 25.47 32.49
N ALA A 371 16.55 25.78 32.08
CA ALA A 371 16.90 25.77 30.66
C ALA A 371 16.90 24.37 30.05
N VAL A 372 17.06 23.33 30.86
CA VAL A 372 17.25 22.00 30.31
C VAL A 372 15.91 21.36 29.96
N PRO A 373 14.89 21.42 30.81
CA PRO A 373 13.56 20.95 30.37
C PRO A 373 13.02 21.67 29.16
N VAL A 374 13.43 22.93 28.94
CA VAL A 374 13.07 23.65 27.72
C VAL A 374 13.69 22.98 26.51
N VAL A 375 15.00 22.75 26.56
CA VAL A 375 15.70 22.18 25.41
C VAL A 375 15.26 20.74 25.19
N LEU A 376 15.19 19.93 26.26
CA LEU A 376 14.82 18.53 26.11
C LEU A 376 13.43 18.38 25.55
N LEU A 377 12.44 19.04 26.17
CA LEU A 377 11.07 18.97 25.67
C LEU A 377 10.99 19.47 24.23
N GLY A 378 11.68 20.56 23.92
CA GLY A 378 11.69 21.04 22.56
C GLY A 378 12.25 20.04 21.56
N THR A 379 13.27 19.27 21.99
CA THR A 379 13.86 18.26 21.12
C THR A 379 12.84 17.18 20.75
N PHE A 380 11.90 16.88 21.65
CA PHE A 380 10.84 15.94 21.31
C PHE A 380 9.96 16.49 20.19
N ALA A 381 9.81 17.82 20.13
CA ALA A 381 9.05 18.43 19.05
C ALA A 381 9.76 18.26 17.72
N VAL A 382 11.06 18.53 17.69
CA VAL A 382 11.76 18.39 16.42
C VAL A 382 11.87 16.93 16.02
N LEU A 383 11.97 16.01 16.99
CA LEU A 383 11.88 14.59 16.64
C LEU A 383 10.53 14.28 16.00
N ALA A 384 9.46 14.89 16.51
CA ALA A 384 8.14 14.65 15.94
C ALA A 384 8.02 15.17 14.51
N ALA A 385 8.75 16.24 14.19
CA ALA A 385 8.72 16.77 12.83
C ALA A 385 9.56 15.93 11.89
N PHE A 386 10.77 15.52 12.32
CA PHE A 386 11.58 14.60 11.54
C PHE A 386 11.07 13.16 11.59
N GLY A 387 10.00 12.89 12.33
CA GLY A 387 9.35 11.59 12.26
C GLY A 387 10.02 10.48 13.01
N PHE A 388 10.73 10.77 14.08
CA PHE A 388 11.40 9.73 14.84
C PHE A 388 10.46 9.24 15.94
N SER A 389 10.95 8.34 16.79
CA SER A 389 10.16 7.81 17.88
C SER A 389 10.95 7.93 19.17
N ILE A 390 10.24 7.81 20.29
CA ILE A 390 10.87 7.71 21.58
C ILE A 390 11.34 6.26 21.73
N ASN A 391 12.65 6.05 21.72
CA ASN A 391 13.22 4.72 21.92
C ASN A 391 14.40 4.80 22.87
N THR A 392 15.07 3.65 23.04
CA THR A 392 16.20 3.58 23.95
C THR A 392 17.30 4.54 23.53
N LEU A 393 17.54 4.66 22.23
CA LEU A 393 18.67 5.44 21.76
C LEU A 393 18.37 6.94 21.77
N THR A 394 17.13 7.34 21.48
CA THR A 394 16.78 8.75 21.61
C THR A 394 16.80 9.18 23.06
N MET A 395 16.40 8.30 23.98
CA MET A 395 16.41 8.64 25.40
C MET A 395 17.82 8.74 25.94
N PHE A 396 18.70 7.82 25.52
CA PHE A 396 20.10 7.94 25.92
C PHE A 396 20.74 9.16 25.29
N GLY A 397 20.29 9.55 24.10
CA GLY A 397 20.76 10.79 23.50
C GLY A 397 20.32 12.02 24.30
N MET A 398 19.12 11.96 24.88
CA MET A 398 18.68 13.02 25.76
C MET A 398 19.58 13.11 27.00
N VAL A 399 19.95 11.96 27.56
CA VAL A 399 20.80 11.96 28.76
C VAL A 399 22.18 12.52 28.43
N LEU A 400 22.80 11.98 27.37
CA LEU A 400 24.12 12.47 26.96
C LEU A 400 24.07 13.95 26.59
N ALA A 401 22.98 14.38 25.97
CA ALA A 401 22.82 15.78 25.60
C ALA A 401 22.76 16.70 26.82
N ILE A 402 22.39 16.17 27.99
CA ILE A 402 22.21 16.99 29.19
C ILE A 402 23.51 17.74 29.52
N GLY A 403 24.66 17.11 29.27
CA GLY A 403 25.92 17.79 29.51
C GLY A 403 26.12 18.99 28.61
N LEU A 404 25.87 18.81 27.30
CA LEU A 404 26.04 19.91 26.37
C LEU A 404 25.02 21.02 26.60
N LEU A 405 23.78 20.66 26.97
CA LEU A 405 22.76 21.68 27.20
C LEU A 405 23.12 22.57 28.40
N VAL A 406 23.53 21.94 29.52
CA VAL A 406 23.86 22.71 30.71
C VAL A 406 25.17 23.45 30.55
N ASP A 407 26.06 22.95 29.69
CA ASP A 407 27.29 23.69 29.40
C ASP A 407 26.97 25.03 28.74
N ASP A 408 25.96 25.06 27.87
CA ASP A 408 25.56 26.32 27.24
C ASP A 408 24.99 27.29 28.28
N ALA A 409 24.19 26.78 29.22
CA ALA A 409 23.61 27.67 30.23
C ALA A 409 24.65 28.08 31.28
N ILE A 410 25.53 27.16 31.66
CA ILE A 410 26.50 27.46 32.71
C ILE A 410 27.55 28.44 32.20
N VAL A 411 27.96 28.30 30.93
CA VAL A 411 28.91 29.24 30.34
C VAL A 411 28.32 30.64 30.33
N VAL A 412 27.02 30.75 30.04
CA VAL A 412 26.36 32.06 30.00
C VAL A 412 26.34 32.69 31.39
N VAL A 413 25.75 31.99 32.36
CA VAL A 413 25.49 32.63 33.64
C VAL A 413 26.76 32.77 34.47
N GLU A 414 27.76 31.90 34.27
CA GLU A 414 29.06 32.12 34.91
C GLU A 414 29.69 33.40 34.41
N ASN A 415 29.69 33.59 33.09
CA ASN A 415 30.35 34.75 32.49
C ASN A 415 29.74 36.06 33.00
N VAL A 416 28.41 36.15 33.06
CA VAL A 416 27.77 37.32 33.67
C VAL A 416 28.26 37.51 35.09
N GLU A 417 28.28 36.40 35.87
CA GLU A 417 28.75 36.48 37.25
C GLU A 417 30.21 36.92 37.33
N ARG A 418 31.05 36.40 36.43
CA ARG A 418 32.44 36.83 36.41
C ARG A 418 32.57 38.30 36.07
N VAL A 419 31.74 38.78 35.14
CA VAL A 419 31.87 40.19 34.74
C VAL A 419 31.27 41.15 35.77
N MET A 420 30.19 40.78 36.47
CA MET A 420 29.60 41.70 37.44
C MET A 420 30.43 41.77 38.73
N ALA A 421 31.27 40.78 38.95
CA ALA A 421 32.22 40.85 40.06
C ALA A 421 33.48 41.60 39.68
N GLU A 422 34.02 41.35 38.48
CA GLU A 422 35.29 41.96 38.12
C GLU A 422 35.15 43.45 37.87
N GLU A 423 34.01 43.91 37.36
CA GLU A 423 33.78 45.33 37.09
C GLU A 423 32.87 45.97 38.14
N GLY A 424 31.64 45.46 38.28
CA GLY A 424 30.72 45.99 39.26
C GLY A 424 29.54 46.75 38.68
N LEU A 425 28.81 46.12 37.77
CA LEU A 425 27.62 46.70 37.15
C LEU A 425 26.38 45.95 37.59
N PRO A 426 25.21 46.52 37.38
CA PRO A 426 23.98 45.81 37.70
C PRO A 426 23.79 44.63 36.76
N PRO A 427 22.83 43.75 37.06
CA PRO A 427 22.69 42.52 36.25
C PRO A 427 22.34 42.77 34.79
N LYS A 428 21.38 43.66 34.53
CA LYS A 428 20.92 43.88 33.16
C LYS A 428 22.03 44.46 32.29
N GLU A 429 22.74 45.48 32.80
CA GLU A 429 23.82 46.08 32.02
C GLU A 429 25.05 45.20 31.94
N ALA A 430 25.11 44.11 32.72
CA ALA A 430 26.24 43.19 32.66
C ALA A 430 25.96 41.99 31.75
N THR A 431 24.69 41.59 31.64
CA THR A 431 24.35 40.48 30.76
C THR A 431 24.65 40.80 29.30
N ARG A 432 24.49 42.06 28.91
CA ARG A 432 24.75 42.45 27.53
C ARG A 432 26.25 42.52 27.24
N LYS A 433 27.02 43.04 28.20
CA LYS A 433 28.47 42.89 28.14
C LYS A 433 28.85 41.42 28.09
N SER A 434 28.13 40.58 28.83
CA SER A 434 28.39 39.15 28.79
C SER A 434 28.13 38.56 27.41
N MET A 435 26.90 38.66 26.88
CA MET A 435 26.61 37.97 25.64
C MET A 435 27.32 38.55 24.42
N GLY A 436 27.83 39.79 24.52
CA GLY A 436 28.56 40.39 23.43
C GLY A 436 29.90 39.72 23.13
N GLN A 437 30.41 38.92 24.07
CA GLN A 437 31.70 38.27 23.87
C GLN A 437 31.63 36.74 23.87
N ILE A 438 30.44 36.14 23.90
CA ILE A 438 30.34 34.69 23.83
C ILE A 438 29.29 34.27 22.82
N GLN A 439 28.50 35.23 22.32
CA GLN A 439 27.45 34.90 21.36
C GLN A 439 28.01 34.27 20.09
N GLY A 440 29.06 34.88 19.53
CA GLY A 440 29.73 34.28 18.39
C GLY A 440 30.32 32.92 18.71
N ALA A 441 30.91 32.78 19.89
CA ALA A 441 31.58 31.52 20.24
C ALA A 441 30.57 30.38 20.35
N LEU A 442 29.37 30.68 20.84
CA LEU A 442 28.38 29.62 21.05
C LEU A 442 27.81 29.11 19.73
N VAL A 443 27.43 30.02 18.82
CA VAL A 443 26.96 29.58 17.52
C VAL A 443 28.09 28.99 16.68
N GLY A 444 29.34 29.28 17.03
CA GLY A 444 30.46 28.63 16.41
C GLY A 444 30.67 27.23 16.96
N ILE A 445 30.56 27.10 18.27
CA ILE A 445 30.75 25.78 18.87
C ILE A 445 29.61 24.84 18.47
N ALA A 446 28.41 25.38 18.22
CA ALA A 446 27.30 24.55 17.77
C ALA A 446 27.61 23.88 16.44
N MET A 447 28.25 24.62 15.53
CA MET A 447 28.53 24.04 14.22
C MET A 447 29.82 23.24 14.21
N VAL A 448 30.80 23.56 15.08
CA VAL A 448 31.97 22.69 15.15
C VAL A 448 31.61 21.38 15.83
N LEU A 449 30.70 21.42 16.80
CA LEU A 449 30.30 20.17 17.45
C LEU A 449 29.43 19.31 16.54
N SER A 450 28.64 19.93 15.66
CA SER A 450 27.79 19.16 14.77
C SER A 450 28.62 18.34 13.78
N ALA A 451 29.83 18.80 13.47
CA ALA A 451 30.76 17.99 12.68
C ALA A 451 31.16 16.71 13.42
N VAL A 452 31.08 16.72 14.76
CA VAL A 452 31.43 15.52 15.51
C VAL A 452 30.29 14.51 15.48
N PHE A 453 29.05 14.96 15.37
CA PHE A 453 27.90 14.08 15.55
C PHE A 453 27.14 13.75 14.28
N VAL A 454 27.05 14.67 13.32
CA VAL A 454 26.40 14.41 12.05
C VAL A 454 27.01 13.24 11.26
N PRO A 455 28.34 12.97 11.30
CA PRO A 455 28.87 11.80 10.58
C PRO A 455 28.21 10.46 10.89
N MET A 456 27.76 10.26 12.13
CA MET A 456 27.09 9.01 12.49
C MET A 456 25.81 8.77 11.69
N ALA A 457 25.23 9.80 11.09
CA ALA A 457 24.01 9.67 10.31
C ALA A 457 24.22 9.01 8.95
N PHE A 458 25.47 8.68 8.59
CA PHE A 458 25.79 8.17 7.27
C PHE A 458 26.43 6.79 7.31
N PHE A 459 26.14 6.00 8.33
CA PHE A 459 26.64 4.63 8.37
C PHE A 459 25.80 3.73 7.49
N GLY A 460 26.34 2.55 7.18
CA GLY A 460 25.71 1.65 6.23
C GLY A 460 24.46 0.93 6.71
N GLY A 461 23.31 1.32 6.16
CA GLY A 461 22.07 0.57 6.28
C GLY A 461 21.57 0.25 7.67
N SER A 462 21.87 -0.96 8.15
CA SER A 462 21.30 -1.45 9.41
C SER A 462 22.01 -0.93 10.64
N THR A 463 23.28 -0.54 10.52
CA THR A 463 23.97 0.13 11.62
C THR A 463 23.78 1.65 11.58
N GLY A 464 23.49 2.23 10.41
CA GLY A 464 23.25 3.66 10.35
C GLY A 464 21.99 4.08 11.07
N ALA A 465 20.99 3.19 11.13
CA ALA A 465 19.76 3.49 11.84
C ALA A 465 19.97 3.58 13.35
N ILE A 466 20.88 2.77 13.90
CA ILE A 466 21.14 2.83 15.32
C ILE A 466 21.88 4.12 15.69
N TYR A 467 22.69 4.65 14.78
CA TYR A 467 23.45 5.86 15.09
C TYR A 467 22.71 7.13 14.70
N ARG A 468 21.87 7.06 13.65
CA ARG A 468 21.06 8.22 13.28
C ARG A 468 20.17 8.70 14.42
N GLN A 469 19.69 7.77 15.26
CA GLN A 469 18.93 8.16 16.44
C GLN A 469 19.75 9.07 17.35
N PHE A 470 21.01 8.71 17.60
CA PHE A 470 21.84 9.51 18.52
C PHE A 470 22.14 10.88 17.94
N SER A 471 22.59 10.91 16.69
CA SER A 471 23.08 12.14 16.08
C SER A 471 21.98 13.16 15.92
N ILE A 472 20.83 12.73 15.40
CA ILE A 472 19.76 13.67 15.11
C ILE A 472 19.23 14.33 16.39
N THR A 473 19.11 13.57 17.49
CA THR A 473 18.56 14.14 18.73
C THR A 473 19.62 14.95 19.47
N ILE A 474 20.87 14.49 19.46
CA ILE A 474 21.93 15.27 20.11
C ILE A 474 22.12 16.60 19.38
N VAL A 475 22.17 16.57 18.06
CA VAL A 475 22.48 17.79 17.31
C VAL A 475 21.31 18.77 17.36
N SER A 476 20.08 18.28 17.27
CA SER A 476 18.95 19.21 17.37
C SER A 476 18.76 19.69 18.81
N ALA A 477 19.12 18.86 19.79
CA ALA A 477 19.18 19.36 21.16
C ALA A 477 20.23 20.45 21.29
N MET A 478 21.37 20.29 20.61
CA MET A 478 22.39 21.33 20.59
C MET A 478 21.86 22.60 19.93
N ALA A 479 21.14 22.45 18.82
CA ALA A 479 20.59 23.61 18.12
C ALA A 479 19.61 24.36 19.00
N LEU A 480 18.66 23.66 19.62
CA LEU A 480 17.72 24.33 20.52
C LEU A 480 18.42 24.93 21.72
N SER A 481 19.51 24.31 22.18
CA SER A 481 20.22 24.86 23.34
C SER A 481 20.85 26.21 23.00
N VAL A 482 21.38 26.34 21.78
CA VAL A 482 21.97 27.61 21.37
C VAL A 482 20.89 28.68 21.22
N LEU A 483 19.78 28.32 20.57
CA LEU A 483 18.68 29.27 20.41
C LEU A 483 18.07 29.66 21.76
N VAL A 484 18.13 28.76 22.75
CA VAL A 484 17.63 29.07 24.08
C VAL A 484 18.61 29.95 24.84
N ALA A 485 19.92 29.71 24.65
CA ALA A 485 20.94 30.54 25.28
C ALA A 485 20.99 31.95 24.71
N LEU A 486 20.34 32.20 23.58
CA LEU A 486 20.23 33.53 23.01
C LEU A 486 18.90 34.21 23.33
N ILE A 487 17.90 33.47 23.79
CA ILE A 487 16.57 34.03 24.02
C ILE A 487 16.24 34.03 25.51
N LEU A 488 16.05 32.83 26.08
CA LEU A 488 15.46 32.72 27.41
C LEU A 488 16.47 33.01 28.52
N THR A 489 17.71 32.57 28.37
CA THR A 489 18.62 32.70 29.51
C THR A 489 19.22 34.09 29.69
N PRO A 490 19.52 34.86 28.63
CA PRO A 490 19.92 36.26 28.87
C PRO A 490 18.82 37.06 29.57
N ALA A 491 17.56 36.80 29.22
CA ALA A 491 16.46 37.44 29.94
C ALA A 491 16.43 37.06 31.42
N LEU A 492 16.85 35.83 31.76
CA LEU A 492 16.75 35.36 33.13
C LEU A 492 17.99 35.72 33.96
N CYS A 493 19.17 35.82 33.33
CA CYS A 493 20.31 36.44 34.00
C CYS A 493 20.11 37.93 34.27
N ALA A 494 19.23 38.58 33.51
CA ALA A 494 18.96 40.00 33.68
C ALA A 494 17.93 40.29 34.75
N THR A 495 17.07 39.33 35.08
CA THR A 495 15.97 39.56 36.00
C THR A 495 15.98 38.66 37.22
N MET A 496 16.84 37.65 37.28
CA MET A 496 16.89 36.74 38.40
C MET A 496 18.24 36.70 39.09
N LEU A 497 19.23 37.45 38.60
CA LEU A 497 20.53 37.53 39.25
C LEU A 497 20.55 38.74 40.18
N LYS A 498 20.70 38.49 41.47
CA LYS A 498 20.90 39.60 42.40
C LYS A 498 22.25 40.26 42.12
N PRO A 499 22.32 41.59 42.12
CA PRO A 499 23.57 42.28 41.77
C PRO A 499 24.71 41.94 42.71
N ILE A 500 25.90 41.79 42.13
CA ILE A 500 27.11 41.51 42.89
C ILE A 500 27.99 42.76 42.87
N ALA A 501 28.55 43.09 44.03
CA ALA A 501 29.50 44.19 44.12
C ALA A 501 30.86 43.78 43.58
N LYS A 502 31.61 44.76 43.09
CA LYS A 502 32.95 44.49 42.54
C LYS A 502 33.87 43.93 43.61
N GLY A 503 34.29 42.67 43.44
CA GLY A 503 35.22 42.03 44.34
C GLY A 503 34.61 41.02 45.28
N ASP A 504 33.29 40.95 45.41
CA ASP A 504 32.66 39.99 46.32
C ASP A 504 32.59 38.63 45.64
N HIS A 505 33.42 37.70 46.12
CA HIS A 505 33.45 36.33 45.61
C HIS A 505 32.88 35.34 46.60
N GLY A 506 31.98 35.81 47.46
CA GLY A 506 31.44 34.94 48.50
C GLY A 506 32.43 34.59 49.58
N GLU A 507 33.40 35.47 49.85
CA GLU A 507 34.23 35.32 51.04
C GLU A 507 33.60 35.94 52.27
N GLY A 508 32.75 36.95 52.11
CA GLY A 508 32.01 37.48 53.24
C GLY A 508 31.00 36.50 53.80
N LYS A 509 30.57 35.53 52.98
CA LYS A 509 29.92 34.29 53.36
C LYS A 509 30.53 33.73 54.64
N LYS A 510 29.85 33.81 55.77
CA LYS A 510 30.31 33.06 56.93
C LYS A 510 29.36 31.89 57.16
N GLY A 511 29.90 30.70 57.12
CA GLY A 511 29.15 29.49 56.92
C GLY A 511 29.95 28.58 56.00
N PHE A 512 29.28 27.52 55.56
CA PHE A 512 29.91 26.56 54.67
C PHE A 512 30.30 27.22 53.36
N PHE A 513 29.42 28.09 52.82
CA PHE A 513 29.66 28.71 51.53
C PHE A 513 30.95 29.53 51.53
N GLY A 514 31.25 30.20 52.64
CA GLY A 514 32.43 31.04 52.68
C GLY A 514 33.72 30.25 52.71
N TRP A 515 33.75 29.16 53.47
CA TRP A 515 34.94 28.32 53.47
C TRP A 515 35.18 27.70 52.10
N PHE A 516 34.09 27.36 51.39
CA PHE A 516 34.24 26.82 50.06
C PHE A 516 34.70 27.89 49.07
N ASN A 517 34.23 29.13 49.22
CA ASN A 517 34.60 30.19 48.29
C ASN A 517 36.04 30.62 48.49
N ARG A 518 36.48 30.73 49.75
CA ARG A 518 37.88 31.06 50.01
C ARG A 518 38.79 29.89 49.65
N MET A 519 38.30 28.66 49.83
CA MET A 519 39.06 27.49 49.39
C MET A 519 39.21 27.47 47.87
N PHE A 520 38.16 27.88 47.15
CA PHE A 520 38.22 27.84 45.69
C PHE A 520 39.05 28.98 45.13
N GLU A 521 38.91 30.16 45.70
CA GLU A 521 39.77 31.27 45.25
C GLU A 521 41.24 31.03 45.54
N LYS A 522 41.58 30.40 46.66
CA LYS A 522 42.98 30.08 46.92
C LYS A 522 43.45 28.90 46.08
N SER A 523 42.57 27.91 45.88
CA SER A 523 42.88 26.80 44.98
C SER A 523 42.94 27.28 43.53
N THR A 524 42.24 28.37 43.20
CA THR A 524 42.38 28.97 41.88
C THR A 524 43.76 29.57 41.69
N HIS A 525 44.21 30.39 42.64
CA HIS A 525 45.51 31.04 42.56
C HIS A 525 46.65 30.04 42.59
N HIS A 526 46.44 28.86 43.19
CA HIS A 526 47.41 27.79 43.05
C HIS A 526 47.34 27.14 41.69
N TYR A 527 46.15 27.11 41.06
CA TYR A 527 46.04 26.54 39.74
C TYR A 527 46.80 27.38 38.70
N THR A 528 46.64 28.70 38.75
CA THR A 528 47.20 29.54 37.69
C THR A 528 48.71 29.63 37.80
N ASP A 529 49.27 29.54 39.02
CA ASP A 529 50.71 29.60 39.16
C ASP A 529 51.31 28.21 38.95
N SER A 530 50.53 27.17 39.17
CA SER A 530 51.01 25.84 38.80
C SER A 530 51.06 25.67 37.28
N VAL A 531 50.05 26.17 36.55
CA VAL A 531 50.18 26.12 35.10
C VAL A 531 51.32 27.03 34.64
N GLY A 532 51.50 28.17 35.31
CA GLY A 532 52.60 29.07 34.99
C GLY A 532 53.96 28.43 35.16
N GLY A 533 54.09 27.53 36.14
CA GLY A 533 55.27 26.70 36.23
C GLY A 533 55.37 25.65 35.14
N ILE A 534 54.25 25.27 34.53
CA ILE A 534 54.33 24.26 33.49
C ILE A 534 54.68 24.86 32.13
N LEU A 535 54.34 26.15 31.91
CA LEU A 535 54.53 26.62 30.54
C LEU A 535 55.98 26.99 30.28
N ARG A 536 56.80 27.03 31.33
CA ARG A 536 58.25 26.96 31.12
C ARG A 536 58.83 25.53 31.08
N SER A 537 57.99 24.50 31.15
CA SER A 537 58.48 23.10 31.01
C SER A 537 58.26 22.63 29.56
N THR A 538 57.00 22.50 29.16
CA THR A 538 56.54 21.96 27.88
C THR A 538 57.28 20.74 27.33
N GLY A 539 58.62 20.77 27.21
CA GLY A 539 59.36 19.59 26.76
C GLY A 539 59.12 18.37 27.62
N ARG A 540 59.00 18.56 28.94
CA ARG A 540 58.72 17.45 29.85
C ARG A 540 57.29 16.92 29.71
N TYR A 541 56.39 17.72 29.16
CA TYR A 541 54.97 17.37 29.21
C TYR A 541 54.42 16.89 27.88
N LEU A 542 55.07 17.24 26.76
CA LEU A 542 54.64 16.69 25.49
C LEU A 542 55.19 15.29 25.27
N VAL A 543 56.33 14.96 25.90
CA VAL A 543 56.76 13.56 25.93
C VAL A 543 55.75 12.71 26.66
N LEU A 544 55.15 13.25 27.73
CA LEU A 544 54.12 12.52 28.46
C LEU A 544 52.79 12.51 27.69
N TYR A 545 52.48 13.58 26.94
CA TYR A 545 51.25 13.60 26.16
C TYR A 545 51.24 12.51 25.10
N LEU A 546 52.39 12.27 24.47
CA LEU A 546 52.46 11.23 23.45
C LEU A 546 52.48 9.84 24.08
N ILE A 547 53.00 9.71 25.31
CA ILE A 547 52.87 8.45 26.04
C ILE A 547 51.39 8.13 26.29
N ILE A 548 50.61 9.16 26.61
CA ILE A 548 49.17 9.00 26.77
C ILE A 548 48.55 8.47 25.48
N VAL A 549 49.03 8.96 24.33
CA VAL A 549 48.45 8.55 23.06
C VAL A 549 48.76 7.08 22.77
N VAL A 550 49.97 6.62 23.08
CA VAL A 550 50.30 5.23 22.80
C VAL A 550 49.61 4.30 23.78
N GLY A 551 49.50 4.70 25.04
CA GLY A 551 48.68 3.96 25.98
C GLY A 551 47.24 3.87 25.52
N MET A 552 46.71 4.98 24.99
CA MET A 552 45.35 5.00 24.45
C MET A 552 45.19 4.02 23.28
N ALA A 553 46.17 4.01 22.37
CA ALA A 553 46.09 3.08 21.24
C ALA A 553 46.19 1.63 21.69
N TYR A 554 47.04 1.35 22.67
CA TYR A 554 47.17 -0.02 23.18
C TYR A 554 45.87 -0.47 23.85
N LEU A 555 45.31 0.38 24.71
CA LEU A 555 44.03 0.06 25.35
C LEU A 555 42.92 -0.12 24.33
N PHE A 556 42.95 0.66 23.25
CA PHE A 556 41.92 0.56 22.22
C PHE A 556 41.97 -0.78 21.52
N VAL A 557 43.17 -1.24 21.13
CA VAL A 557 43.26 -2.52 20.45
C VAL A 557 43.04 -3.67 21.41
N ARG A 558 43.44 -3.50 22.68
CA ARG A 558 43.24 -4.57 23.66
C ARG A 558 41.77 -4.80 23.95
N LEU A 559 40.94 -3.75 23.94
CA LEU A 559 39.57 -3.88 24.40
C LEU A 559 38.68 -4.35 23.25
N PRO A 560 37.96 -5.46 23.41
CA PRO A 560 37.14 -5.99 22.32
C PRO A 560 35.92 -5.11 22.08
N SER A 561 35.25 -5.35 20.97
CA SER A 561 34.08 -4.58 20.59
C SER A 561 32.87 -5.48 20.44
N SER A 562 31.69 -4.92 20.74
CA SER A 562 30.42 -5.58 20.56
C SER A 562 29.49 -4.58 19.89
N PHE A 563 28.20 -4.88 19.86
CA PHE A 563 27.24 -3.96 19.26
C PHE A 563 26.25 -3.44 20.29
N LEU A 564 25.25 -4.24 20.63
CA LEU A 564 24.27 -3.92 21.66
C LEU A 564 24.31 -4.98 22.74
N PRO A 565 24.55 -4.60 24.00
CA PRO A 565 24.59 -5.61 25.08
C PRO A 565 23.26 -6.33 25.22
N ASP A 566 23.33 -7.63 25.47
CA ASP A 566 22.13 -8.39 25.76
C ASP A 566 21.61 -8.01 27.14
N GLU A 567 20.32 -7.76 27.25
CA GLU A 567 19.69 -7.38 28.50
C GLU A 567 18.85 -8.53 29.03
N ASP A 568 18.73 -8.60 30.35
CA ASP A 568 17.74 -9.47 30.98
C ASP A 568 16.37 -8.82 30.81
N GLN A 569 15.56 -9.36 29.89
CA GLN A 569 14.24 -8.83 29.62
C GLN A 569 13.14 -9.57 30.36
N GLY A 570 13.50 -10.40 31.34
CA GLY A 570 12.53 -11.11 32.14
C GLY A 570 11.82 -12.25 31.47
N VAL A 571 12.15 -12.55 30.21
CA VAL A 571 11.56 -13.68 29.50
C VAL A 571 12.66 -14.41 28.72
N PHE A 572 12.40 -15.68 28.42
CA PHE A 572 13.29 -16.43 27.54
C PHE A 572 12.57 -17.67 27.04
N MET A 573 13.15 -18.30 26.02
CA MET A 573 12.55 -19.44 25.35
C MET A 573 13.46 -20.65 25.43
N THR A 574 12.84 -21.82 25.43
CA THR A 574 13.53 -23.10 25.38
C THR A 574 13.02 -23.86 24.17
N MET A 575 13.94 -24.36 23.36
CA MET A 575 13.57 -25.14 22.18
C MET A 575 13.81 -26.62 22.44
N VAL A 576 12.88 -27.45 21.97
CA VAL A 576 12.94 -28.89 22.18
C VAL A 576 12.74 -29.56 20.84
N GLN A 577 13.73 -30.35 20.43
CA GLN A 577 13.69 -31.06 19.15
C GLN A 577 14.13 -32.50 19.37
N LEU A 578 13.23 -33.43 19.09
CA LEU A 578 13.53 -34.85 19.09
C LEU A 578 13.79 -35.32 17.68
N PRO A 579 14.38 -36.51 17.53
CA PRO A 579 14.51 -37.11 16.19
C PRO A 579 13.14 -37.30 15.56
N ALA A 580 13.08 -37.18 14.23
CA ALA A 580 11.85 -37.47 13.53
C ALA A 580 11.53 -38.97 13.61
N GLY A 581 10.24 -39.29 13.50
CA GLY A 581 9.76 -40.61 13.82
C GLY A 581 9.47 -40.83 15.29
N ALA A 582 9.89 -39.91 16.16
CA ALA A 582 9.56 -39.95 17.57
C ALA A 582 8.13 -39.47 17.81
N THR A 583 7.54 -39.95 18.89
CA THR A 583 6.11 -39.78 19.08
C THR A 583 5.80 -38.54 19.91
N GLN A 584 4.56 -38.04 19.74
CA GLN A 584 4.04 -36.97 20.57
C GLN A 584 4.16 -37.32 22.06
N GLU A 585 3.95 -38.60 22.40
CA GLU A 585 4.09 -39.05 23.78
C GLU A 585 5.53 -38.86 24.27
N ARG A 586 6.51 -39.17 23.43
CA ARG A 586 7.90 -39.04 23.84
C ARG A 586 8.30 -37.56 23.98
N THR A 587 7.84 -36.72 23.05
CA THR A 587 8.09 -35.29 23.17
C THR A 587 7.55 -34.74 24.48
N GLN A 588 6.34 -35.18 24.87
CA GLN A 588 5.73 -34.72 26.12
C GLN A 588 6.58 -35.10 27.32
N LYS A 589 7.21 -36.26 27.27
CA LYS A 589 8.13 -36.66 28.32
C LYS A 589 9.27 -35.66 28.46
N VAL A 590 9.85 -35.21 27.35
CA VAL A 590 10.93 -34.25 27.41
C VAL A 590 10.43 -32.91 27.96
N LEU A 591 9.27 -32.46 27.47
CA LEU A 591 8.75 -31.15 27.81
C LEU A 591 8.51 -31.02 29.31
N ASN A 592 8.24 -32.15 29.96
CA ASN A 592 7.94 -32.12 31.37
C ASN A 592 9.16 -32.33 32.24
N GLU A 593 10.21 -32.94 31.70
CA GLU A 593 11.53 -32.76 32.28
C GLU A 593 11.93 -31.28 32.28
N VAL A 594 11.63 -30.58 31.19
CA VAL A 594 11.99 -29.17 31.09
C VAL A 594 11.14 -28.33 32.04
N THR A 595 9.82 -28.54 32.02
CA THR A 595 8.95 -27.83 32.94
C THR A 595 9.29 -28.14 34.39
N HIS A 596 9.65 -29.39 34.68
CA HIS A 596 9.97 -29.78 36.04
C HIS A 596 11.20 -29.03 36.54
N TYR A 597 12.22 -28.91 35.69
CA TYR A 597 13.42 -28.15 36.06
C TYR A 597 13.05 -26.71 36.42
N TYR A 598 12.25 -26.05 35.58
CA TYR A 598 11.94 -24.65 35.81
C TYR A 598 11.10 -24.48 37.06
N LEU A 599 10.14 -25.39 37.29
CA LEU A 599 9.22 -25.22 38.41
C LEU A 599 9.81 -25.66 39.75
N THR A 600 10.88 -26.44 39.77
CA THR A 600 11.47 -26.90 41.02
C THR A 600 12.82 -26.24 41.30
N LYS A 601 13.82 -26.44 40.44
CA LYS A 601 15.15 -25.94 40.75
C LYS A 601 15.34 -24.47 40.40
N GLU A 602 14.35 -23.81 39.80
CA GLU A 602 14.39 -22.37 39.56
C GLU A 602 13.11 -21.72 40.08
N LYS A 603 12.80 -21.98 41.35
CA LYS A 603 11.60 -21.40 41.94
C LYS A 603 11.73 -19.88 42.09
N ASN A 604 12.86 -19.43 42.63
CA ASN A 604 13.05 -18.03 42.99
C ASN A 604 13.21 -17.11 41.77
N ASN A 605 13.36 -17.68 40.57
CA ASN A 605 13.54 -16.89 39.36
C ASN A 605 12.40 -17.01 38.37
N VAL A 606 11.68 -18.13 38.37
CA VAL A 606 10.68 -18.43 37.36
C VAL A 606 9.29 -18.15 37.93
N GLU A 607 8.52 -17.28 37.26
CA GLU A 607 7.14 -17.08 37.68
C GLU A 607 6.17 -17.98 36.93
N SER A 608 6.50 -18.42 35.72
CA SER A 608 5.59 -19.27 34.97
C SER A 608 6.29 -19.90 33.78
N VAL A 609 5.73 -21.01 33.31
CA VAL A 609 6.20 -21.72 32.14
C VAL A 609 4.99 -22.07 31.27
N PHE A 610 5.09 -21.78 29.99
CA PHE A 610 4.04 -22.10 29.01
C PHE A 610 4.70 -22.97 27.95
N ALA A 611 4.61 -24.28 28.13
CA ALA A 611 5.20 -25.25 27.23
C ALA A 611 4.17 -25.75 26.22
N VAL A 612 4.58 -25.87 24.97
CA VAL A 612 3.70 -26.30 23.88
C VAL A 612 4.31 -27.53 23.20
N ASN A 613 3.53 -28.59 23.11
CA ASN A 613 3.94 -29.80 22.42
C ASN A 613 3.44 -29.75 20.99
N GLY A 614 4.30 -30.15 20.06
CA GLY A 614 3.92 -30.20 18.66
C GLY A 614 4.08 -28.90 17.92
N PHE A 615 4.80 -27.94 18.47
CA PHE A 615 5.03 -26.66 17.84
C PHE A 615 6.41 -26.16 18.26
N GLY A 616 7.30 -26.01 17.28
CA GLY A 616 8.59 -25.42 17.55
C GLY A 616 8.87 -24.33 16.55
N PHE A 617 10.10 -23.85 16.50
CA PHE A 617 10.47 -22.86 15.51
C PHE A 617 10.42 -23.43 14.10
N ALA A 618 10.49 -24.75 13.95
CA ALA A 618 10.16 -25.38 12.68
C ALA A 618 8.67 -25.24 12.36
N GLY A 619 7.81 -25.55 13.33
CA GLY A 619 6.37 -25.55 13.09
C GLY A 619 5.72 -26.77 13.69
N ARG A 620 4.56 -27.17 13.17
CA ARG A 620 3.87 -28.35 13.66
C ARG A 620 4.75 -29.59 13.48
N GLY A 621 4.39 -30.65 14.20
CA GLY A 621 5.12 -31.90 14.15
C GLY A 621 5.24 -32.51 15.54
N GLN A 622 5.31 -33.84 15.59
CA GLN A 622 5.28 -34.57 16.85
C GLN A 622 6.59 -34.53 17.62
N ASN A 623 7.70 -34.26 16.94
CA ASN A 623 9.02 -34.35 17.55
C ASN A 623 9.56 -32.98 17.96
N THR A 624 8.69 -31.99 18.05
CA THR A 624 9.12 -30.62 18.30
C THR A 624 8.32 -30.04 19.44
N GLY A 625 8.91 -29.05 20.10
CA GLY A 625 8.23 -28.35 21.17
C GLY A 625 8.98 -27.13 21.60
N ILE A 626 8.26 -26.23 22.28
CA ILE A 626 8.80 -24.96 22.71
C ILE A 626 8.24 -24.65 24.09
N ALA A 627 9.03 -23.93 24.89
CA ALA A 627 8.63 -23.53 26.23
C ALA A 627 8.90 -22.04 26.41
N PHE A 628 7.84 -21.27 26.59
CA PHE A 628 7.95 -19.86 26.93
C PHE A 628 8.03 -19.73 28.45
N VAL A 629 9.10 -19.11 28.94
CA VAL A 629 9.38 -19.01 30.37
C VAL A 629 9.36 -17.54 30.76
N SER A 630 8.45 -17.18 31.67
CA SER A 630 8.35 -15.83 32.22
C SER A 630 8.97 -15.80 33.60
N LEU A 631 9.84 -14.83 33.85
CA LEU A 631 10.55 -14.74 35.12
C LEU A 631 9.91 -13.72 36.05
N LYS A 632 10.39 -13.70 37.28
CA LYS A 632 9.96 -12.74 38.27
C LYS A 632 10.68 -11.41 38.05
N ASP A 633 10.28 -10.39 38.81
CA ASP A 633 10.83 -9.06 38.64
C ASP A 633 12.33 -9.05 38.93
N TRP A 634 13.03 -8.08 38.32
CA TRP A 634 14.47 -7.97 38.51
C TRP A 634 14.84 -7.76 39.97
N ALA A 635 14.09 -6.91 40.68
CA ALA A 635 14.42 -6.62 42.07
C ALA A 635 14.31 -7.86 42.97
N ASP A 636 13.52 -8.84 42.58
CA ASP A 636 13.45 -10.11 43.29
C ASP A 636 14.49 -11.12 42.82
N ARG A 637 15.27 -10.80 41.80
CA ARG A 637 16.33 -11.67 41.29
C ARG A 637 17.67 -10.96 41.40
N PRO A 638 18.21 -10.87 42.62
CA PRO A 638 19.48 -10.15 42.80
C PRO A 638 20.68 -10.97 42.37
N GLY A 639 21.73 -10.26 41.98
CA GLY A 639 22.99 -10.88 41.65
C GLY A 639 23.06 -11.35 40.20
N GLU A 640 24.29 -11.53 39.73
CA GLU A 640 24.50 -11.98 38.35
C GLU A 640 23.98 -13.39 38.13
N GLU A 641 23.92 -14.20 39.19
CA GLU A 641 23.55 -15.60 39.05
C GLU A 641 22.06 -15.80 38.79
N ASN A 642 21.23 -14.80 39.08
CA ASN A 642 19.79 -14.90 38.89
C ASN A 642 19.28 -14.13 37.69
N LYS A 643 20.19 -13.67 36.83
CA LYS A 643 19.79 -13.05 35.57
C LYS A 643 19.79 -14.09 34.45
N VAL A 644 19.12 -13.74 33.35
CA VAL A 644 18.71 -14.69 32.32
C VAL A 644 19.89 -15.44 31.72
N GLU A 645 21.04 -14.78 31.58
CA GLU A 645 22.20 -15.44 30.97
C GLU A 645 22.66 -16.62 31.82
N ALA A 646 22.73 -16.44 33.14
CA ALA A 646 23.12 -17.55 33.99
C ALA A 646 22.06 -18.63 34.02
N ILE A 647 20.77 -18.25 34.03
CA ILE A 647 19.70 -19.24 34.13
C ILE A 647 19.68 -20.13 32.90
N THR A 648 19.86 -19.54 31.72
CA THR A 648 19.81 -20.33 30.49
C THR A 648 21.00 -21.27 30.37
N MET A 649 22.18 -20.81 30.79
CA MET A 649 23.37 -21.67 30.74
C MET A 649 23.17 -22.89 31.61
N ARG A 650 22.70 -22.69 32.84
CA ARG A 650 22.47 -23.81 33.76
C ARG A 650 21.41 -24.76 33.23
N ALA A 651 20.32 -24.22 32.66
CA ALA A 651 19.25 -25.05 32.13
C ALA A 651 19.76 -25.92 30.99
N THR A 652 20.57 -25.33 30.10
CA THR A 652 21.11 -26.09 28.98
C THR A 652 22.11 -27.15 29.46
N ARG A 653 22.97 -26.79 30.41
CA ARG A 653 23.87 -27.77 31.03
C ARG A 653 23.07 -28.92 31.64
N ALA A 654 21.96 -28.62 32.32
CA ALA A 654 21.15 -29.66 32.94
C ALA A 654 20.48 -30.53 31.88
N PHE A 655 19.90 -29.91 30.86
CA PHE A 655 19.18 -30.65 29.84
C PHE A 655 20.10 -31.48 28.95
N SER A 656 21.40 -31.28 29.06
CA SER A 656 22.38 -32.05 28.25
C SER A 656 22.24 -33.52 28.58
N GLN A 657 21.88 -33.83 29.82
CA GLN A 657 21.75 -35.21 30.26
C GLN A 657 20.50 -35.91 29.72
N ILE A 658 19.74 -35.25 28.85
CA ILE A 658 18.49 -35.82 28.32
C ILE A 658 18.80 -36.62 27.07
N LYS A 659 18.53 -37.92 27.11
CA LYS A 659 18.80 -38.78 25.96
C LYS A 659 17.79 -38.52 24.84
N ASP A 660 18.21 -38.83 23.62
CA ASP A 660 17.32 -38.95 22.45
C ASP A 660 16.53 -37.67 22.20
N ALA A 661 17.16 -36.52 22.43
CA ALA A 661 16.51 -35.22 22.24
C ALA A 661 17.55 -34.14 22.48
N MET A 662 17.37 -33.01 21.82
CA MET A 662 18.25 -31.85 21.95
C MET A 662 17.44 -30.69 22.47
N VAL A 663 17.82 -30.19 23.65
CA VAL A 663 17.05 -29.19 24.38
C VAL A 663 17.97 -28.02 24.70
N PHE A 664 17.53 -26.82 24.36
CA PHE A 664 18.39 -25.63 24.37
C PHE A 664 17.59 -24.47 24.95
N ALA A 665 18.14 -23.84 25.99
CA ALA A 665 17.59 -22.60 26.52
C ALA A 665 18.49 -21.44 26.12
N PHE A 666 17.86 -20.32 25.73
CA PHE A 666 18.62 -19.20 25.18
C PHE A 666 17.86 -17.91 25.39
N ASN A 667 18.60 -16.84 25.65
CA ASN A 667 18.06 -15.49 25.59
C ASN A 667 18.22 -14.95 24.18
N LEU A 668 17.18 -14.29 23.68
CA LEU A 668 17.31 -13.69 22.34
C LEU A 668 18.05 -12.37 22.43
N PRO A 669 18.89 -12.05 21.43
CA PRO A 669 19.71 -10.83 21.51
C PRO A 669 18.88 -9.55 21.48
N ALA A 670 19.57 -8.40 21.58
CA ALA A 670 18.88 -7.11 21.70
C ALA A 670 17.99 -6.85 20.50
N ILE A 671 18.55 -6.96 19.29
CA ILE A 671 17.81 -6.94 18.04
C ILE A 671 17.88 -8.34 17.46
N VAL A 672 16.76 -9.07 17.53
CA VAL A 672 16.79 -10.51 17.24
C VAL A 672 17.10 -10.75 15.76
N GLU A 673 16.52 -9.94 14.87
CA GLU A 673 16.73 -10.17 13.45
C GLU A 673 18.12 -9.75 12.96
N LEU A 674 18.97 -9.21 13.82
CA LEU A 674 20.25 -8.70 13.36
C LEU A 674 21.32 -9.80 13.37
N GLY A 675 21.56 -10.41 14.53
CA GLY A 675 22.61 -11.40 14.59
C GLY A 675 22.68 -12.11 15.92
N THR A 676 23.43 -13.21 15.90
CA THR A 676 23.76 -13.96 17.11
C THR A 676 25.24 -13.74 17.43
N ALA A 677 25.64 -12.47 17.53
CA ALA A 677 26.99 -12.07 17.89
C ALA A 677 27.99 -12.41 16.79
N THR A 678 28.47 -13.65 16.77
CA THR A 678 29.52 -14.09 15.86
C THR A 678 29.07 -15.23 14.96
N GLY A 679 27.76 -15.46 14.85
CA GLY A 679 27.28 -16.57 14.06
C GLY A 679 27.31 -16.29 12.57
N PHE A 680 27.02 -17.33 11.79
CA PHE A 680 26.88 -17.20 10.36
C PHE A 680 25.78 -18.15 9.88
N ASP A 681 25.06 -17.71 8.86
CA ASP A 681 23.94 -18.47 8.27
C ASP A 681 24.34 -18.86 6.85
N PHE A 682 24.58 -20.15 6.64
CA PHE A 682 25.15 -20.67 5.40
C PHE A 682 24.15 -21.58 4.69
N GLU A 683 24.14 -21.52 3.36
CA GLU A 683 23.22 -22.31 2.56
C GLU A 683 23.97 -23.18 1.58
N LEU A 684 23.66 -24.47 1.56
CA LEU A 684 24.20 -25.41 0.59
C LEU A 684 23.15 -25.61 -0.50
N ILE A 685 23.54 -25.37 -1.75
CA ILE A 685 22.62 -25.37 -2.88
C ILE A 685 22.96 -26.51 -3.84
N ASP A 686 21.92 -27.21 -4.31
CA ASP A 686 22.03 -28.17 -5.41
C ASP A 686 21.73 -27.46 -6.72
N GLN A 687 22.75 -27.26 -7.55
CA GLN A 687 22.64 -26.44 -8.75
C GLN A 687 22.78 -27.25 -10.04
N ALA A 688 22.67 -28.58 -9.96
CA ALA A 688 22.82 -29.40 -11.15
C ALA A 688 21.83 -30.57 -11.17
N GLY A 689 20.77 -30.50 -10.37
CA GLY A 689 19.83 -31.61 -10.31
C GLY A 689 20.40 -32.86 -9.67
N LEU A 690 21.23 -32.70 -8.65
CA LEU A 690 21.82 -33.86 -7.97
C LEU A 690 20.76 -34.72 -7.28
N GLY A 691 19.97 -34.12 -6.40
CA GLY A 691 18.99 -34.83 -5.61
C GLY A 691 19.25 -34.72 -4.12
N HIS A 692 18.30 -35.26 -3.34
CA HIS A 692 18.37 -35.12 -1.89
C HIS A 692 19.55 -35.89 -1.30
N GLU A 693 19.69 -37.18 -1.64
CA GLU A 693 20.74 -38.01 -1.06
C GLU A 693 22.13 -37.46 -1.38
N LYS A 694 22.35 -37.05 -2.63
CA LYS A 694 23.64 -36.50 -3.01
C LYS A 694 23.92 -35.18 -2.29
N LEU A 695 22.91 -34.32 -2.14
CA LEU A 695 23.11 -33.09 -1.37
C LEU A 695 23.43 -33.41 0.08
N THR A 696 22.80 -34.45 0.63
CA THR A 696 23.09 -34.85 2.00
C THR A 696 24.54 -35.31 2.15
N GLN A 697 25.00 -36.15 1.22
CA GLN A 697 26.41 -36.57 1.18
C GLN A 697 27.33 -35.35 1.15
N ALA A 698 27.00 -34.36 0.33
CA ALA A 698 27.79 -33.15 0.26
C ALA A 698 27.84 -32.47 1.62
N ARG A 699 26.68 -32.33 2.26
CA ARG A 699 26.60 -31.66 3.56
C ARG A 699 27.41 -32.40 4.62
N ASN A 700 27.36 -33.74 4.59
CA ASN A 700 28.15 -34.52 5.52
C ASN A 700 29.65 -34.30 5.29
N GLN A 701 30.06 -34.24 4.03
CA GLN A 701 31.47 -33.99 3.74
C GLN A 701 31.90 -32.61 4.25
N LEU A 702 31.03 -31.61 4.08
CA LEU A 702 31.36 -30.27 4.57
C LEU A 702 31.40 -30.24 6.09
N LEU A 703 30.47 -30.92 6.74
CA LEU A 703 30.42 -30.94 8.20
C LEU A 703 31.66 -31.60 8.77
N ALA A 704 32.12 -32.68 8.14
CA ALA A 704 33.33 -33.36 8.58
C ALA A 704 34.55 -32.44 8.49
N GLU A 705 34.74 -31.80 7.34
CA GLU A 705 35.90 -30.94 7.16
C GLU A 705 35.85 -29.72 8.07
N ALA A 706 34.65 -29.25 8.40
CA ALA A 706 34.54 -28.13 9.33
C ALA A 706 34.87 -28.56 10.76
N ALA A 707 34.64 -29.84 11.07
CA ALA A 707 34.96 -30.34 12.40
C ALA A 707 36.47 -30.32 12.65
N LYS A 708 37.26 -30.45 11.59
CA LYS A 708 38.71 -30.54 11.71
C LYS A 708 39.38 -29.19 11.93
N HIS A 709 38.63 -28.13 12.19
CA HIS A 709 39.20 -26.80 12.44
C HIS A 709 38.54 -26.16 13.65
N PRO A 710 38.77 -26.71 14.86
CA PRO A 710 38.22 -26.06 16.06
C PRO A 710 38.92 -24.76 16.40
N ASP A 711 40.13 -24.53 15.87
CA ASP A 711 40.74 -23.20 15.98
C ASP A 711 39.90 -22.14 15.30
N MET A 712 39.22 -22.49 14.21
CA MET A 712 38.47 -21.53 13.40
C MET A 712 36.97 -21.72 13.58
N LEU A 713 36.41 -22.79 13.01
CA LEU A 713 34.97 -23.04 13.05
C LEU A 713 34.59 -23.77 14.33
N THR A 714 33.39 -23.46 14.84
CA THR A 714 32.91 -24.04 16.08
C THR A 714 31.40 -24.19 16.03
N SER A 715 30.92 -25.36 16.43
CA SER A 715 29.50 -25.66 16.53
C SER A 715 28.80 -25.51 15.18
N VAL A 716 29.44 -26.07 14.15
CA VAL A 716 28.89 -26.05 12.79
C VAL A 716 27.79 -27.10 12.68
N ARG A 717 26.56 -26.68 12.91
CA ARG A 717 25.38 -27.53 12.94
C ARG A 717 24.54 -27.34 11.68
N PRO A 718 23.86 -28.38 11.21
CA PRO A 718 22.77 -28.18 10.26
C PRO A 718 21.53 -27.67 11.00
N ASN A 719 20.55 -27.24 10.23
CA ASN A 719 19.30 -26.75 10.80
C ASN A 719 18.11 -27.65 10.56
N GLY A 720 18.08 -28.38 9.45
CA GLY A 720 16.97 -29.26 9.13
C GLY A 720 17.04 -30.61 9.83
N LEU A 721 16.27 -31.55 9.31
CA LEU A 721 16.07 -32.85 9.94
C LEU A 721 16.75 -33.94 9.12
N GLU A 722 16.99 -35.07 9.76
CA GLU A 722 17.56 -36.23 9.10
C GLU A 722 16.45 -37.11 8.51
N ASP A 723 16.86 -38.03 7.65
CA ASP A 723 15.91 -38.92 7.01
C ASP A 723 15.37 -39.93 8.02
N THR A 724 14.16 -40.39 7.77
CA THR A 724 13.39 -41.25 8.65
C THR A 724 12.80 -42.38 7.82
N PRO A 725 12.62 -43.57 8.43
CA PRO A 725 11.93 -44.66 7.72
C PRO A 725 10.57 -44.22 7.22
N GLN A 726 10.14 -44.85 6.12
CA GLN A 726 8.88 -44.53 5.46
C GLN A 726 8.27 -45.79 4.86
N PHE A 727 6.95 -45.87 4.90
CA PHE A 727 6.21 -47.04 4.45
C PHE A 727 5.81 -46.82 2.99
N LYS A 728 6.54 -47.44 2.07
CA LYS A 728 6.26 -47.28 0.65
C LYS A 728 5.32 -48.38 0.19
N ILE A 729 4.22 -47.99 -0.46
CA ILE A 729 3.18 -48.92 -0.87
C ILE A 729 2.95 -48.77 -2.37
N ASP A 730 3.13 -49.88 -3.09
CA ASP A 730 2.99 -49.93 -4.55
C ASP A 730 1.62 -50.46 -4.93
N ILE A 731 0.92 -49.74 -5.80
CA ILE A 731 -0.35 -50.20 -6.36
C ILE A 731 -0.05 -50.87 -7.70
N ASP A 732 -0.32 -52.17 -7.79
CA ASP A 732 -0.16 -52.89 -9.05
C ASP A 732 -1.34 -52.54 -9.96
N GLN A 733 -1.08 -51.71 -10.97
CA GLN A 733 -2.16 -51.24 -11.84
C GLN A 733 -2.83 -52.39 -12.58
N GLU A 734 -2.06 -53.42 -12.94
CA GLU A 734 -2.63 -54.52 -13.71
C GLU A 734 -3.67 -55.28 -12.88
N LYS A 735 -3.32 -55.67 -11.65
CA LYS A 735 -4.25 -56.44 -10.83
C LYS A 735 -5.47 -55.63 -10.44
N ALA A 736 -5.30 -54.31 -10.27
CA ALA A 736 -6.45 -53.46 -10.01
C ALA A 736 -7.42 -53.50 -11.19
N GLN A 737 -6.90 -53.31 -12.39
CA GLN A 737 -7.76 -53.30 -13.56
C GLN A 737 -8.35 -54.67 -13.85
N ALA A 738 -7.67 -55.74 -13.42
CA ALA A 738 -8.24 -57.08 -13.55
C ALA A 738 -9.48 -57.23 -12.66
N LEU A 739 -9.39 -56.76 -11.41
CA LEU A 739 -10.48 -56.91 -10.46
C LEU A 739 -11.55 -55.82 -10.61
N GLY A 740 -11.33 -54.82 -11.46
CA GLY A 740 -12.29 -53.75 -11.58
C GLY A 740 -12.29 -52.77 -10.44
N VAL A 741 -11.10 -52.36 -9.99
CA VAL A 741 -10.95 -51.45 -8.86
C VAL A 741 -10.40 -50.12 -9.38
N SER A 742 -11.18 -49.06 -9.22
CA SER A 742 -10.75 -47.73 -9.63
C SER A 742 -9.53 -47.27 -8.84
N ILE A 743 -8.58 -46.63 -9.53
CA ILE A 743 -7.44 -46.07 -8.82
C ILE A 743 -7.86 -44.87 -7.99
N ASN A 744 -8.91 -44.15 -8.42
CA ASN A 744 -9.46 -43.08 -7.61
C ASN A 744 -9.95 -43.61 -6.27
N ASP A 745 -10.71 -44.70 -6.30
CA ASP A 745 -11.23 -45.30 -5.07
C ASP A 745 -10.10 -45.78 -4.17
N ILE A 746 -9.07 -46.38 -4.76
CA ILE A 746 -7.94 -46.87 -3.98
C ILE A 746 -7.25 -45.71 -3.26
N ASN A 747 -6.84 -44.67 -4.02
CA ASN A 747 -6.08 -43.58 -3.40
C ASN A 747 -6.94 -42.80 -2.42
N THR A 748 -8.23 -42.64 -2.72
CA THR A 748 -9.13 -41.91 -1.82
C THR A 748 -9.33 -42.66 -0.50
N THR A 749 -9.53 -43.98 -0.58
CA THR A 749 -9.66 -44.78 0.62
C THR A 749 -8.38 -44.72 1.45
N LEU A 750 -7.23 -44.91 0.80
CA LEU A 750 -5.96 -44.91 1.50
C LEU A 750 -5.71 -43.57 2.18
N GLY A 751 -5.90 -42.47 1.45
CA GLY A 751 -5.62 -41.16 2.01
C GLY A 751 -6.62 -40.75 3.08
N ALA A 752 -7.91 -41.00 2.83
CA ALA A 752 -8.94 -40.61 3.79
C ALA A 752 -8.78 -41.36 5.11
N ALA A 753 -8.56 -42.67 5.03
CA ALA A 753 -8.42 -43.47 6.25
C ALA A 753 -7.18 -43.07 7.04
N TRP A 754 -6.03 -42.98 6.38
CA TRP A 754 -4.77 -42.82 7.09
C TRP A 754 -4.30 -41.38 7.21
N GLY A 755 -4.85 -40.44 6.43
CA GLY A 755 -4.40 -39.07 6.54
C GLY A 755 -5.48 -38.10 6.94
N GLY A 756 -6.74 -38.55 6.90
CA GLY A 756 -7.89 -37.70 7.14
C GLY A 756 -8.26 -36.90 5.89
N SER A 757 -9.55 -36.58 5.71
CA SER A 757 -9.97 -35.82 4.55
C SER A 757 -11.10 -34.86 4.94
N TYR A 758 -11.03 -33.66 4.37
CA TYR A 758 -11.94 -32.56 4.72
C TYR A 758 -13.11 -32.57 3.73
N VAL A 759 -14.30 -32.94 4.22
CA VAL A 759 -15.44 -33.16 3.35
C VAL A 759 -16.18 -31.86 3.06
N ASN A 760 -16.82 -31.29 4.08
CA ASN A 760 -17.52 -30.02 3.94
C ASN A 760 -17.59 -29.36 5.31
N ASP A 761 -18.41 -28.32 5.42
CA ASP A 761 -18.54 -27.56 6.67
C ASP A 761 -19.90 -27.84 7.30
N PHE A 762 -19.96 -27.56 8.61
CA PHE A 762 -21.20 -27.63 9.37
C PHE A 762 -21.22 -26.44 10.33
N ILE A 763 -22.30 -26.34 11.10
CA ILE A 763 -22.51 -25.22 12.01
C ILE A 763 -22.53 -25.77 13.43
N ASP A 764 -21.56 -25.37 14.23
CA ASP A 764 -21.50 -25.72 15.64
C ASP A 764 -21.78 -24.47 16.47
N ARG A 765 -23.01 -24.34 16.94
CA ARG A 765 -23.40 -23.23 17.79
C ARG A 765 -23.20 -21.91 17.07
N GLY A 766 -23.71 -21.86 15.84
CA GLY A 766 -23.70 -20.64 15.06
C GLY A 766 -22.38 -20.29 14.40
N ARG A 767 -21.43 -21.23 14.33
CA ARG A 767 -20.15 -20.95 13.70
C ARG A 767 -19.80 -22.05 12.70
N VAL A 768 -19.40 -21.65 11.48
CA VAL A 768 -18.97 -22.61 10.48
C VAL A 768 -17.70 -23.30 10.96
N LYS A 769 -17.68 -24.63 10.82
CA LYS A 769 -16.52 -25.42 11.23
C LYS A 769 -16.38 -26.59 10.26
N LYS A 770 -15.23 -27.25 10.32
CA LYS A 770 -14.93 -28.28 9.33
C LYS A 770 -15.45 -29.65 9.76
N VAL A 771 -15.65 -30.51 8.77
CA VAL A 771 -16.00 -31.91 8.97
C VAL A 771 -14.84 -32.73 8.43
N TYR A 772 -14.26 -33.58 9.29
CA TYR A 772 -13.15 -34.42 8.91
C TYR A 772 -13.55 -35.88 8.99
N VAL A 773 -13.14 -36.66 7.99
CA VAL A 773 -13.39 -38.09 7.94
C VAL A 773 -12.04 -38.79 7.94
N MET A 774 -11.85 -39.72 8.86
CA MET A 774 -10.56 -40.38 9.06
C MET A 774 -10.82 -41.69 9.79
N SER A 775 -9.78 -42.52 9.84
CA SER A 775 -9.85 -43.79 10.55
C SER A 775 -9.73 -43.59 12.06
N GLU A 776 -10.48 -44.38 12.82
CA GLU A 776 -10.21 -44.53 14.24
C GLU A 776 -8.77 -45.00 14.44
N ALA A 777 -8.13 -44.50 15.51
CA ALA A 777 -6.70 -44.74 15.70
C ALA A 777 -6.34 -46.22 15.80
N LYS A 778 -7.27 -47.07 16.28
CA LYS A 778 -7.01 -48.50 16.40
C LYS A 778 -6.58 -49.13 15.08
N TYR A 779 -7.02 -48.55 13.95
CA TYR A 779 -6.89 -49.16 12.65
C TYR A 779 -5.85 -48.47 11.75
N ARG A 780 -5.10 -47.49 12.25
CA ARG A 780 -4.08 -46.81 11.46
C ARG A 780 -2.79 -46.63 12.26
N MET A 781 -2.40 -47.68 12.99
CA MET A 781 -1.18 -47.67 13.80
C MET A 781 -0.15 -48.67 13.36
N LEU A 782 -0.56 -49.80 12.79
CA LEU A 782 0.37 -50.86 12.44
C LEU A 782 0.41 -51.06 10.93
N PRO A 783 1.55 -51.45 10.38
CA PRO A 783 1.61 -51.76 8.94
C PRO A 783 0.66 -52.88 8.54
N ASP A 784 0.47 -53.88 9.40
CA ASP A 784 -0.45 -54.99 9.09
C ASP A 784 -1.89 -54.56 8.99
N ASP A 785 -2.23 -53.34 9.40
CA ASP A 785 -3.62 -52.88 9.28
C ASP A 785 -3.95 -52.43 7.87
N ILE A 786 -2.96 -52.35 6.98
CA ILE A 786 -3.19 -51.97 5.60
C ILE A 786 -4.12 -52.96 4.91
N GLY A 787 -3.87 -54.25 5.12
CA GLY A 787 -4.73 -55.29 4.55
C GLY A 787 -6.12 -55.38 5.14
N ASP A 788 -6.38 -54.71 6.27
CA ASP A 788 -7.74 -54.70 6.81
C ASP A 788 -8.69 -53.82 6.02
N TRP A 789 -8.18 -52.91 5.21
CA TRP A 789 -9.02 -51.96 4.49
C TRP A 789 -9.43 -52.52 3.14
N TYR A 790 -10.71 -52.41 2.83
CA TYR A 790 -11.29 -53.03 1.64
C TYR A 790 -11.79 -51.94 0.70
N VAL A 791 -11.84 -52.27 -0.59
CA VAL A 791 -12.36 -51.37 -1.62
C VAL A 791 -13.36 -52.15 -2.47
N ARG A 792 -14.41 -51.47 -2.91
CA ARG A 792 -15.49 -52.11 -3.66
C ARG A 792 -15.23 -51.97 -5.14
N ALA A 793 -15.25 -53.11 -5.85
CA ALA A 793 -14.98 -53.16 -7.28
C ALA A 793 -16.27 -52.94 -8.07
N ALA A 794 -16.15 -53.02 -9.40
CA ALA A 794 -17.30 -52.69 -10.26
C ALA A 794 -18.40 -53.73 -10.17
N ASP A 795 -18.05 -55.00 -9.96
CA ASP A 795 -19.07 -56.04 -9.80
C ASP A 795 -19.57 -56.14 -8.37
N GLY A 796 -19.10 -55.28 -7.47
CA GLY A 796 -19.58 -55.22 -6.11
C GLY A 796 -18.73 -55.92 -5.08
N GLN A 797 -17.79 -56.77 -5.48
CA GLN A 797 -17.01 -57.53 -4.52
C GLN A 797 -16.07 -56.60 -3.74
N MET A 798 -15.71 -57.03 -2.53
CA MET A 798 -14.81 -56.27 -1.68
C MET A 798 -13.39 -56.83 -1.81
N VAL A 799 -12.43 -55.94 -2.03
CA VAL A 799 -11.05 -56.31 -2.34
C VAL A 799 -10.13 -55.65 -1.32
N PRO A 800 -9.34 -56.41 -0.58
CA PRO A 800 -8.38 -55.79 0.35
C PRO A 800 -7.15 -55.29 -0.38
N PHE A 801 -6.45 -54.35 0.29
CA PHE A 801 -5.20 -53.81 -0.24
C PHE A 801 -4.15 -54.90 -0.40
N SER A 802 -4.29 -56.00 0.35
CA SER A 802 -3.41 -57.15 0.18
C SER A 802 -3.48 -57.72 -1.23
N ALA A 803 -4.60 -57.53 -1.94
CA ALA A 803 -4.82 -58.16 -3.23
C ALA A 803 -4.19 -57.40 -4.40
N PHE A 804 -3.89 -56.11 -4.23
CA PHE A 804 -3.40 -55.32 -5.35
C PHE A 804 -2.28 -54.37 -4.93
N SER A 805 -1.58 -54.68 -3.84
CA SER A 805 -0.52 -53.77 -3.40
C SER A 805 0.60 -54.56 -2.75
N SER A 806 1.79 -53.99 -2.82
CA SER A 806 2.97 -54.46 -2.13
C SER A 806 3.53 -53.29 -1.33
N SER A 807 4.41 -53.59 -0.37
CA SER A 807 4.92 -52.53 0.49
C SER A 807 6.34 -52.86 0.90
N ARG A 808 7.02 -51.82 1.39
CA ARG A 808 8.40 -51.97 1.84
C ARG A 808 8.80 -50.68 2.55
N TRP A 809 9.84 -50.79 3.37
CA TRP A 809 10.38 -49.64 4.06
C TRP A 809 11.44 -48.95 3.20
N GLU A 810 11.41 -47.62 3.21
CA GLU A 810 12.38 -46.76 2.57
C GLU A 810 12.84 -45.72 3.58
N TYR A 811 13.81 -44.92 3.17
CA TYR A 811 14.14 -43.71 3.91
C TYR A 811 13.75 -42.50 3.08
N GLY A 812 13.35 -41.42 3.77
CA GLY A 812 12.91 -40.22 3.09
C GLY A 812 13.03 -39.01 3.98
N SER A 813 12.75 -37.89 3.41
CA SER A 813 12.92 -36.66 4.17
C SER A 813 11.60 -36.25 4.81
N PRO A 814 11.61 -35.94 6.11
CA PRO A 814 10.43 -35.33 6.72
C PRO A 814 10.33 -33.84 6.46
N ARG A 815 11.41 -33.21 5.99
CA ARG A 815 11.40 -31.76 5.77
C ARG A 815 12.42 -31.39 4.70
N LEU A 816 11.95 -30.96 3.53
CA LEU A 816 12.79 -30.56 2.41
C LEU A 816 12.86 -29.04 2.29
N GLU A 817 14.08 -28.51 2.25
CA GLU A 817 14.31 -27.07 2.18
C GLU A 817 14.63 -26.63 0.75
N ARG A 818 14.38 -25.34 0.49
CA ARG A 818 14.72 -24.73 -0.77
C ARG A 818 15.14 -23.27 -0.54
N TYR A 819 16.08 -22.81 -1.35
CA TYR A 819 16.61 -21.45 -1.27
C TYR A 819 16.72 -20.88 -2.68
N ASN A 820 16.06 -19.75 -2.92
CA ASN A 820 16.00 -19.11 -4.25
C ASN A 820 15.54 -20.10 -5.33
N GLY A 821 14.55 -20.92 -4.98
CA GLY A 821 13.93 -21.82 -5.91
C GLY A 821 14.60 -23.17 -6.05
N LEU A 822 15.82 -23.34 -5.51
CA LEU A 822 16.61 -24.56 -5.69
C LEU A 822 16.69 -25.35 -4.39
N PRO A 823 16.84 -26.68 -4.48
CA PRO A 823 17.03 -27.49 -3.27
C PRO A 823 18.26 -27.07 -2.47
N SER A 824 18.08 -26.94 -1.15
CA SER A 824 19.13 -26.38 -0.31
C SER A 824 19.10 -27.01 1.08
N MET A 825 20.16 -26.75 1.85
CA MET A 825 20.28 -27.19 3.24
C MET A 825 20.99 -26.12 4.06
N GLU A 826 20.30 -25.60 5.06
CA GLU A 826 20.83 -24.51 5.87
C GLU A 826 21.84 -25.03 6.89
N ILE A 827 22.94 -24.29 7.05
CA ILE A 827 24.04 -24.67 7.93
C ILE A 827 24.36 -23.49 8.83
N LEU A 828 24.31 -23.71 10.14
CA LEU A 828 24.60 -22.69 11.14
C LEU A 828 25.94 -22.94 11.79
N GLY A 829 26.55 -21.86 12.27
CA GLY A 829 27.84 -21.96 12.94
C GLY A 829 28.25 -20.61 13.46
N GLN A 830 29.43 -20.58 14.07
CA GLN A 830 29.97 -19.34 14.59
C GLN A 830 31.49 -19.43 14.61
N ALA A 831 32.12 -18.30 14.95
CA ALA A 831 33.56 -18.21 14.98
C ALA A 831 34.11 -18.66 16.32
N ALA A 832 35.26 -19.34 16.29
CA ALA A 832 35.91 -19.85 17.49
C ALA A 832 36.28 -18.70 18.43
N PRO A 833 36.62 -19.00 19.69
CA PRO A 833 37.01 -17.94 20.62
C PRO A 833 38.21 -17.16 20.11
N GLY A 834 38.07 -15.84 20.05
CA GLY A 834 39.09 -14.95 19.60
C GLY A 834 39.08 -14.64 18.12
N LYS A 835 38.53 -15.54 17.30
CA LYS A 835 38.63 -15.38 15.86
C LYS A 835 37.42 -14.61 15.32
N SER A 836 37.56 -14.11 14.10
CA SER A 836 36.55 -13.25 13.49
C SER A 836 35.46 -14.07 12.84
N THR A 837 34.39 -13.38 12.43
CA THR A 837 33.38 -14.01 11.59
C THR A 837 33.79 -13.99 10.12
N GLY A 838 34.51 -12.95 9.68
CA GLY A 838 35.01 -12.94 8.31
C GLY A 838 36.00 -14.06 8.03
N GLU A 839 36.89 -14.35 8.98
CA GLU A 839 37.78 -15.49 8.83
C GLU A 839 36.99 -16.79 8.76
N ALA A 840 35.95 -16.91 9.59
CA ALA A 840 35.16 -18.14 9.60
C ALA A 840 34.39 -18.32 8.30
N MET A 841 33.80 -17.25 7.78
CA MET A 841 33.08 -17.35 6.51
C MET A 841 34.02 -17.61 5.36
N GLU A 842 35.21 -17.00 5.39
CA GLU A 842 36.21 -17.26 4.36
C GLU A 842 36.62 -18.73 4.35
N LEU A 843 36.74 -19.34 5.54
CA LEU A 843 37.11 -20.75 5.61
C LEU A 843 35.98 -21.64 5.09
N MET A 844 34.74 -21.30 5.40
CA MET A 844 33.61 -22.09 4.90
C MET A 844 33.54 -22.04 3.39
N GLU A 845 33.70 -20.85 2.81
CA GLU A 845 33.80 -20.72 1.35
C GLU A 845 34.95 -21.57 0.82
N GLN A 846 36.06 -21.63 1.55
CA GLN A 846 37.20 -22.43 1.11
C GLN A 846 36.91 -23.91 1.16
N LEU A 847 36.09 -24.36 2.12
CA LEU A 847 35.80 -25.78 2.25
C LEU A 847 34.65 -26.23 1.34
N ALA A 848 33.74 -25.33 0.99
CA ALA A 848 32.71 -25.63 0.00
C ALA A 848 33.28 -25.71 -1.41
N SER A 849 34.48 -25.14 -1.61
CA SER A 849 35.25 -25.31 -2.84
C SER A 849 35.34 -26.77 -3.27
N LYS A 850 35.67 -27.65 -2.33
CA LYS A 850 36.05 -29.03 -2.62
C LYS A 850 34.89 -30.00 -2.55
N LEU A 851 33.65 -29.52 -2.62
CA LEU A 851 32.50 -30.41 -2.62
C LEU A 851 32.22 -30.92 -4.02
N PRO A 852 31.45 -32.00 -4.14
CA PRO A 852 31.24 -32.64 -5.45
C PRO A 852 30.63 -31.70 -6.48
N THR A 853 30.72 -32.12 -7.75
CA THR A 853 30.30 -31.27 -8.85
C THR A 853 28.81 -31.05 -8.79
N GLY A 854 28.39 -29.80 -8.96
CA GLY A 854 27.00 -29.44 -8.94
C GLY A 854 26.52 -28.82 -7.65
N VAL A 855 27.41 -28.58 -6.70
CA VAL A 855 27.04 -28.15 -5.36
C VAL A 855 27.56 -26.73 -5.16
N GLY A 856 26.67 -25.75 -5.25
CA GLY A 856 27.00 -24.39 -4.94
C GLY A 856 26.70 -24.04 -3.49
N TYR A 857 26.91 -22.76 -3.18
CA TYR A 857 26.66 -22.25 -1.84
C TYR A 857 26.22 -20.79 -1.95
N ASP A 858 25.75 -20.24 -0.84
CA ASP A 858 25.30 -18.86 -0.76
C ASP A 858 25.13 -18.52 0.72
N TRP A 859 25.07 -17.22 1.01
CA TRP A 859 24.85 -16.73 2.36
C TRP A 859 23.47 -16.08 2.47
N THR A 860 22.92 -16.07 3.69
CA THR A 860 21.57 -15.56 3.89
C THR A 860 21.42 -15.04 5.31
N GLY A 861 20.33 -14.32 5.52
CA GLY A 861 20.00 -13.84 6.86
C GLY A 861 21.00 -12.79 7.29
N MET A 862 21.63 -13.02 8.44
CA MET A 862 22.58 -12.07 9.03
C MET A 862 23.93 -12.10 8.33
N SER A 863 24.19 -13.09 7.49
CA SER A 863 25.44 -13.15 6.75
C SER A 863 25.35 -12.44 5.40
N TYR A 864 24.16 -12.46 4.78
CA TYR A 864 23.91 -11.65 3.60
C TYR A 864 24.16 -10.17 3.87
N GLN A 865 23.89 -9.71 5.09
CA GLN A 865 23.96 -8.28 5.41
C GLN A 865 25.38 -7.83 5.75
N GLU A 866 26.23 -8.71 6.30
CA GLU A 866 27.61 -8.36 6.60
C GLU A 866 28.48 -8.34 5.34
N ARG A 867 28.06 -9.09 4.31
CA ARG A 867 28.68 -9.02 2.98
C ARG A 867 28.34 -7.73 2.22
N LEU A 868 27.33 -7.00 2.65
CA LEU A 868 26.92 -5.75 2.00
C LEU A 868 27.44 -4.58 2.85
N SER A 869 28.73 -4.27 2.67
CA SER A 869 29.49 -3.17 3.27
C SER A 869 29.44 -3.07 4.80
N GLY A 870 30.62 -3.04 5.42
CA GLY A 870 30.83 -2.71 6.82
C GLY A 870 32.20 -2.08 6.98
N ASN A 871 32.50 -1.63 8.19
CA ASN A 871 33.75 -0.92 8.50
C ASN A 871 33.91 0.32 7.62
N GLN A 872 32.97 1.23 7.82
CA GLN A 872 33.00 2.54 7.21
C GLN A 872 33.32 3.63 8.24
N ALA A 873 33.88 3.25 9.39
CA ALA A 873 34.13 4.21 10.46
C ALA A 873 35.30 5.12 10.17
N PRO A 874 36.49 4.63 9.74
CA PRO A 874 37.60 5.57 9.52
C PRO A 874 37.33 6.60 8.44
N SER A 875 36.58 6.23 7.39
CA SER A 875 36.24 7.16 6.33
C SER A 875 35.47 8.35 6.87
N LEU A 876 34.41 8.09 7.64
CA LEU A 876 33.54 9.18 8.08
C LEU A 876 34.14 9.99 9.21
N TYR A 877 34.83 9.35 10.15
CA TYR A 877 35.44 10.12 11.22
C TYR A 877 36.71 10.84 10.77
N ALA A 878 37.32 10.38 9.67
CA ALA A 878 38.40 11.15 9.06
C ALA A 878 37.89 12.45 8.47
N ILE A 879 36.69 12.43 7.87
CA ILE A 879 36.20 13.69 7.31
C ILE A 879 35.64 14.62 8.40
N SER A 880 35.19 14.03 9.54
CA SER A 880 34.63 14.82 10.62
C SER A 880 35.74 15.57 11.38
N LEU A 881 36.93 14.99 11.40
CA LEU A 881 38.11 15.64 11.96
C LEU A 881 38.61 16.76 11.05
N ILE A 882 38.55 16.54 9.76
CA ILE A 882 38.95 17.61 8.84
C ILE A 882 37.87 18.69 8.84
N VAL A 883 36.59 18.29 8.85
CA VAL A 883 35.54 19.31 8.90
C VAL A 883 35.59 20.03 10.23
N VAL A 884 35.97 19.35 11.31
CA VAL A 884 36.17 20.03 12.58
C VAL A 884 37.32 21.02 12.48
N PHE A 885 38.37 20.65 11.74
CA PHE A 885 39.50 21.58 11.56
C PHE A 885 39.06 22.82 10.80
N LEU A 886 38.27 22.63 9.73
CA LEU A 886 37.88 23.76 8.90
C LEU A 886 37.01 24.75 9.66
N CYS A 887 36.08 24.23 10.47
CA CYS A 887 35.24 25.12 11.28
C CYS A 887 36.06 25.86 12.33
N LEU A 888 37.07 25.19 12.89
CA LEU A 888 37.90 25.83 13.90
C LEU A 888 38.79 26.90 13.28
N ALA A 889 39.34 26.60 12.09
CA ALA A 889 40.14 27.60 11.39
C ALA A 889 39.29 28.80 11.01
N ALA A 890 38.02 28.58 10.66
CA ALA A 890 37.13 29.69 10.36
C ALA A 890 36.86 30.53 11.61
N LEU A 891 36.66 29.87 12.76
CA LEU A 891 36.34 30.59 13.98
C LEU A 891 37.51 31.47 14.43
N TYR A 892 38.73 30.95 14.34
CA TYR A 892 39.90 31.68 14.79
C TYR A 892 40.56 32.51 13.68
N GLU A 893 40.19 32.28 12.42
CA GLU A 893 40.85 32.90 11.28
C GLU A 893 42.35 32.60 11.30
N SER A 894 42.66 31.31 11.31
CA SER A 894 44.02 30.82 11.46
C SER A 894 44.11 29.36 11.05
N TRP A 895 45.15 28.99 10.29
CA TRP A 895 45.35 27.60 9.93
C TRP A 895 46.09 26.82 11.01
N SER A 896 46.73 27.52 11.95
CA SER A 896 47.57 26.89 12.96
C SER A 896 46.89 26.74 14.32
N ILE A 897 46.07 27.72 14.70
CA ILE A 897 45.47 27.71 16.04
C ILE A 897 44.56 26.51 16.29
N PRO A 898 43.72 26.03 15.31
CA PRO A 898 42.88 24.85 15.58
C PRO A 898 43.59 23.61 16.10
N PHE A 899 44.88 23.45 15.80
CA PHE A 899 45.65 22.35 16.37
C PHE A 899 45.73 22.47 17.89
N SER A 900 45.67 23.68 18.43
CA SER A 900 45.67 23.86 19.87
C SER A 900 44.38 23.35 20.52
N VAL A 901 43.34 23.07 19.74
CA VAL A 901 42.09 22.52 20.25
C VAL A 901 41.96 21.04 19.92
N MET A 902 42.39 20.63 18.73
CA MET A 902 42.20 19.25 18.28
C MET A 902 43.06 18.25 19.03
N LEU A 903 44.00 18.69 19.86
CA LEU A 903 44.86 17.79 20.61
C LEU A 903 44.25 17.34 21.93
N VAL A 904 42.97 17.60 22.18
CA VAL A 904 42.38 17.29 23.48
C VAL A 904 41.54 16.02 23.47
N VAL A 905 41.32 15.41 22.32
CA VAL A 905 40.48 14.21 22.32
C VAL A 905 41.17 12.97 22.90
N PRO A 906 42.49 12.78 22.76
CA PRO A 906 43.09 11.66 23.51
C PRO A 906 42.98 11.82 25.02
N LEU A 907 42.94 13.05 25.52
CA LEU A 907 42.82 13.29 26.95
C LEU A 907 41.51 12.76 27.53
N GLY A 908 40.47 12.61 26.72
CA GLY A 908 39.22 12.06 27.20
C GLY A 908 39.02 10.61 26.79
N VAL A 909 39.61 10.21 25.67
CA VAL A 909 39.45 8.84 25.20
C VAL A 909 40.20 7.88 26.12
N ILE A 910 41.29 8.34 26.74
CA ILE A 910 42.10 7.45 27.57
C ILE A 910 41.33 6.98 28.80
N GLY A 911 40.52 7.87 29.40
CA GLY A 911 39.75 7.50 30.56
C GLY A 911 38.53 6.65 30.24
N ALA A 912 37.90 6.89 29.08
CA ALA A 912 36.80 6.03 28.67
C ALA A 912 37.28 4.61 28.44
N LEU A 913 38.47 4.45 27.88
CA LEU A 913 39.03 3.12 27.65
C LEU A 913 39.41 2.45 28.97
N LEU A 914 39.96 3.22 29.91
CA LEU A 914 40.32 2.67 31.21
C LEU A 914 39.09 2.14 31.94
N ALA A 915 38.02 2.95 31.98
CA ALA A 915 36.83 2.57 32.74
C ALA A 915 36.16 1.34 32.15
N ALA A 916 36.20 1.17 30.82
CA ALA A 916 35.56 0.01 30.22
C ALA A 916 36.43 -1.24 30.27
N THR A 917 37.76 -1.08 30.19
CA THR A 917 38.64 -2.25 30.30
C THR A 917 38.61 -2.83 31.71
N PHE A 918 38.66 -1.97 32.73
CA PHE A 918 38.76 -2.45 34.10
C PHE A 918 37.42 -2.99 34.59
N ARG A 919 36.32 -2.46 34.09
CA ARG A 919 35.00 -3.04 34.39
C ARG A 919 34.67 -4.26 33.54
N GLY A 920 35.42 -4.51 32.46
CA GLY A 920 35.12 -5.65 31.64
C GLY A 920 34.03 -5.40 30.61
N LEU A 921 33.83 -4.15 30.24
CA LEU A 921 32.88 -3.81 29.19
C LEU A 921 33.58 -3.85 27.84
N THR A 922 32.80 -3.63 26.78
CA THR A 922 33.34 -3.63 25.43
C THR A 922 33.04 -2.29 24.77
N ASN A 923 33.73 -2.05 23.65
CA ASN A 923 33.50 -0.89 22.79
C ASN A 923 32.29 -1.17 21.91
N ASP A 924 31.10 -0.80 22.41
CA ASP A 924 29.84 -0.93 21.69
C ASP A 924 29.30 0.47 21.36
N VAL A 925 28.08 0.52 20.81
CA VAL A 925 27.53 1.80 20.37
C VAL A 925 27.29 2.75 21.54
N TYR A 926 26.97 2.23 22.72
CA TYR A 926 26.80 3.11 23.88
C TYR A 926 28.13 3.73 24.28
N PHE A 927 29.20 2.95 24.23
CA PHE A 927 30.53 3.48 24.53
C PHE A 927 30.91 4.57 23.51
N GLN A 928 30.52 4.39 22.25
CA GLN A 928 30.98 5.30 21.20
C GLN A 928 30.24 6.63 21.24
N VAL A 929 28.91 6.60 21.38
CA VAL A 929 28.16 7.86 21.46
C VAL A 929 28.43 8.57 22.78
N GLY A 930 28.90 7.85 23.80
CA GLY A 930 29.34 8.50 25.02
C GLY A 930 30.72 9.10 24.87
N LEU A 931 31.56 8.42 24.10
CA LEU A 931 32.90 8.94 23.82
C LEU A 931 32.82 10.23 23.01
N LEU A 932 31.91 10.28 22.04
CA LEU A 932 31.74 11.49 21.24
C LEU A 932 31.26 12.65 22.10
N THR A 933 30.40 12.37 23.08
CA THR A 933 29.90 13.42 23.95
C THR A 933 31.01 14.03 24.78
N THR A 934 31.86 13.20 25.38
CA THR A 934 32.96 13.74 26.19
C THR A 934 33.98 14.47 25.32
N ILE A 935 34.18 14.01 24.09
CA ILE A 935 35.06 14.73 23.16
C ILE A 935 34.49 16.10 22.84
N GLY A 936 33.17 16.17 22.61
CA GLY A 936 32.54 17.46 22.34
C GLY A 936 32.66 18.42 23.52
N LEU A 937 32.48 17.90 24.74
CA LEU A 937 32.54 18.77 25.92
C LEU A 937 33.94 19.31 26.14
N SER A 938 34.96 18.45 26.08
CA SER A 938 36.32 18.92 26.31
C SER A 938 36.80 19.79 25.15
N ALA A 939 36.38 19.49 23.93
CA ALA A 939 36.67 20.39 22.81
C ALA A 939 36.04 21.75 23.05
N LYS A 940 34.80 21.77 23.55
CA LYS A 940 34.12 23.03 23.85
C LYS A 940 34.86 23.82 24.92
N ASN A 941 35.36 23.12 25.94
CA ASN A 941 36.11 23.81 26.99
C ASN A 941 37.41 24.39 26.44
N ALA A 942 38.12 23.62 25.61
CA ALA A 942 39.36 24.11 25.02
C ALA A 942 39.10 25.29 24.10
N ILE A 943 38.00 25.25 23.34
CA ILE A 943 37.68 26.32 22.41
C ILE A 943 37.44 27.64 23.15
N LEU A 944 36.71 27.58 24.27
CA LEU A 944 36.47 28.79 25.04
C LEU A 944 37.75 29.30 25.68
N ILE A 945 38.64 28.40 26.07
CA ILE A 945 39.92 28.80 26.66
C ILE A 945 40.75 29.56 25.64
N VAL A 946 40.94 28.95 24.46
CA VAL A 946 41.74 29.58 23.42
C VAL A 946 41.03 30.80 22.85
N GLU A 947 39.70 30.80 22.87
CA GLU A 947 38.98 31.99 22.42
C GLU A 947 39.31 33.18 23.32
N PHE A 948 39.24 32.99 24.64
CA PHE A 948 39.60 34.09 25.54
C PHE A 948 41.07 34.46 25.42
N ALA A 949 41.95 33.45 25.25
CA ALA A 949 43.38 33.70 25.14
C ALA A 949 43.69 34.55 23.90
N LYS A 950 43.07 34.20 22.76
CA LYS A 950 43.35 34.92 21.52
C LYS A 950 42.81 36.34 21.54
N ASP A 951 41.59 36.54 22.06
CA ASP A 951 41.02 37.88 22.07
C ASP A 951 41.77 38.82 22.99
N LEU A 952 42.27 38.32 24.12
CA LEU A 952 43.07 39.16 24.99
C LEU A 952 44.45 39.45 24.37
N MET A 953 44.97 38.55 23.54
CA MET A 953 46.16 38.85 22.74
C MET A 953 45.87 39.90 21.67
N ASP A 954 44.65 39.90 21.14
CA ASP A 954 44.27 40.76 20.02
C ASP A 954 43.51 42.01 20.47
N LYS A 955 42.47 41.85 21.29
CA LYS A 955 41.65 43.01 21.65
C LYS A 955 42.38 43.90 22.64
N GLU A 956 42.72 43.38 23.82
CA GLU A 956 43.51 44.12 24.80
C GLU A 956 45.00 43.99 24.58
N GLY A 957 45.43 43.24 23.56
CA GLY A 957 46.83 43.12 23.18
C GLY A 957 47.78 42.72 24.28
N LYS A 958 47.50 41.63 24.97
CA LYS A 958 48.36 41.17 26.06
C LYS A 958 49.42 40.19 25.54
N GLY A 959 50.36 39.86 26.41
CA GLY A 959 51.38 38.88 26.09
C GLY A 959 50.80 37.47 26.11
N LEU A 960 51.54 36.53 25.51
CA LEU A 960 50.99 35.18 25.35
C LEU A 960 50.84 34.48 26.69
N ILE A 961 51.89 34.46 27.51
CA ILE A 961 51.83 33.73 28.77
C ILE A 961 50.83 34.39 29.71
N GLU A 962 50.86 35.71 29.81
CA GLU A 962 49.89 36.40 30.66
C GLU A 962 48.46 36.15 30.20
N ALA A 963 48.21 36.33 28.90
CA ALA A 963 46.86 36.22 28.36
C ALA A 963 46.24 34.83 28.58
N THR A 964 47.00 33.75 28.30
CA THR A 964 46.42 32.42 28.48
C THR A 964 46.20 32.07 29.94
N LEU A 965 47.12 32.44 30.82
CA LEU A 965 46.91 32.16 32.24
C LEU A 965 45.77 32.99 32.81
N ASP A 966 45.48 34.15 32.22
CA ASP A 966 44.23 34.84 32.55
C ASP A 966 43.04 34.04 32.04
N ALA A 967 43.15 33.48 30.83
CA ALA A 967 42.04 32.74 30.23
C ALA A 967 41.77 31.45 30.98
N VAL A 968 42.83 30.71 31.35
CA VAL A 968 42.63 29.49 32.12
C VAL A 968 42.02 29.82 33.49
N ARG A 969 42.36 30.99 34.04
CA ARG A 969 41.75 31.43 35.31
C ARG A 969 40.26 31.64 35.13
N MET A 970 39.86 32.39 34.09
CA MET A 970 38.45 32.74 33.92
C MET A 970 37.57 31.53 33.66
N ARG A 971 38.10 30.48 33.02
CA ARG A 971 37.28 29.37 32.57
C ARG A 971 37.34 28.14 33.46
N LEU A 972 38.19 28.15 34.48
CA LEU A 972 38.34 26.93 35.32
C LEU A 972 37.12 26.76 36.21
N ARG A 973 36.55 27.85 36.66
CA ARG A 973 35.31 27.76 37.43
C ARG A 973 34.18 27.15 36.63
N PRO A 974 33.81 27.68 35.46
CA PRO A 974 32.69 27.08 34.72
C PRO A 974 33.00 25.70 34.17
N ILE A 975 34.26 25.38 33.86
CA ILE A 975 34.56 24.04 33.37
C ILE A 975 34.30 23.01 34.48
N LEU A 976 34.75 23.31 35.69
CA LEU A 976 34.53 22.39 36.81
C LEU A 976 33.06 22.33 37.19
N MET A 977 32.31 23.42 36.97
CA MET A 977 30.88 23.44 37.26
C MET A 977 30.13 22.37 36.45
N THR A 978 30.29 22.38 35.13
CA THR A 978 29.58 21.41 34.31
C THR A 978 30.17 20.01 34.47
N SER A 979 31.49 19.92 34.69
CA SER A 979 32.14 18.62 34.69
C SER A 979 31.70 17.77 35.86
N LEU A 980 31.61 18.36 37.05
CA LEU A 980 31.08 17.61 38.19
C LEU A 980 29.57 17.53 38.18
N ALA A 981 28.90 18.48 37.53
CA ALA A 981 27.45 18.34 37.30
C ALA A 981 27.17 17.15 36.40
N PHE A 982 27.93 17.01 35.32
CA PHE A 982 27.72 15.94 34.35
C PHE A 982 28.25 14.60 34.83
N ILE A 983 29.30 14.61 35.65
CA ILE A 983 29.83 13.35 36.19
C ILE A 983 28.92 12.81 37.29
N LEU A 984 28.49 13.69 38.20
CA LEU A 984 27.54 13.25 39.24
C LEU A 984 26.22 12.82 38.62
N GLY A 985 25.78 13.52 37.58
CA GLY A 985 24.49 13.23 36.97
C GLY A 985 24.42 11.88 36.28
N VAL A 986 25.56 11.30 35.92
CA VAL A 986 25.59 10.02 35.21
C VAL A 986 25.93 8.85 36.11
N MET A 987 26.42 9.11 37.33
CA MET A 987 26.65 8.03 38.28
C MET A 987 25.43 7.15 38.56
N PRO A 988 24.19 7.66 38.55
CA PRO A 988 23.03 6.75 38.55
C PRO A 988 23.08 5.68 37.48
N LEU A 989 23.60 5.99 36.30
CA LEU A 989 23.76 4.99 35.25
C LEU A 989 24.95 4.06 35.50
N VAL A 990 25.97 4.57 36.19
CA VAL A 990 27.14 3.74 36.46
C VAL A 990 26.81 2.62 37.43
N ILE A 991 25.99 2.91 38.45
CA ILE A 991 25.70 1.95 39.51
C ILE A 991 24.31 1.36 39.32
N SER A 992 23.83 1.34 38.08
CA SER A 992 22.46 0.92 37.83
C SER A 992 22.30 -0.59 37.97
N THR A 993 21.13 -1.00 38.46
CA THR A 993 20.82 -2.40 38.75
C THR A 993 19.38 -2.66 38.31
N GLY A 994 19.20 -3.49 37.29
CA GLY A 994 17.86 -3.87 36.91
C GLY A 994 17.56 -3.79 35.44
N ALA A 995 16.36 -3.31 35.10
CA ALA A 995 15.92 -3.27 33.70
C ALA A 995 16.82 -2.37 32.88
N GLY A 996 17.38 -2.90 31.80
CA GLY A 996 18.32 -2.15 30.99
C GLY A 996 19.55 -1.69 31.72
N SER A 997 19.94 -2.37 32.80
CA SER A 997 21.13 -1.99 33.55
C SER A 997 22.39 -2.06 32.69
N GLY A 998 22.46 -3.07 31.81
CA GLY A 998 23.65 -3.21 30.98
C GLY A 998 23.81 -2.09 29.98
N ALA A 999 22.70 -1.63 29.41
CA ALA A 999 22.75 -0.45 28.54
C ALA A 999 23.21 0.77 29.31
N GLN A 1000 22.66 0.98 30.50
CA GLN A 1000 23.01 2.16 31.29
C GLN A 1000 24.44 2.09 31.81
N ASN A 1001 24.92 0.88 32.15
CA ASN A 1001 26.31 0.73 32.53
C ASN A 1001 27.24 1.05 31.38
N ALA A 1002 26.87 0.62 30.16
CA ALA A 1002 27.67 0.91 28.98
C ALA A 1002 27.75 2.40 28.72
N VAL A 1003 26.67 3.14 29.01
CA VAL A 1003 26.68 4.59 28.78
C VAL A 1003 27.49 5.30 29.86
N GLY A 1004 27.12 5.09 31.13
CA GLY A 1004 27.69 5.89 32.20
C GLY A 1004 29.15 5.62 32.49
N THR A 1005 29.59 4.37 32.31
CA THR A 1005 30.99 4.04 32.59
C THR A 1005 31.92 4.77 31.63
N GLY A 1006 31.69 4.62 30.32
CA GLY A 1006 32.52 5.28 29.34
C GLY A 1006 32.46 6.78 29.37
N VAL A 1007 31.37 7.36 29.88
CA VAL A 1007 31.25 8.80 29.94
C VAL A 1007 31.92 9.34 31.20
N MET A 1008 31.75 8.64 32.33
CA MET A 1008 32.31 9.12 33.58
C MET A 1008 33.84 9.07 33.56
N GLY A 1009 34.40 7.95 33.09
CA GLY A 1009 35.85 7.84 33.05
C GLY A 1009 36.47 8.85 32.10
N GLY A 1010 35.87 9.03 30.93
CA GLY A 1010 36.38 10.01 29.98
C GLY A 1010 36.25 11.44 30.48
N MET A 1011 35.18 11.72 31.23
CA MET A 1011 34.97 13.09 31.71
C MET A 1011 35.99 13.49 32.78
N VAL A 1012 36.40 12.55 33.63
CA VAL A 1012 37.32 12.87 34.73
C VAL A 1012 38.74 13.06 34.21
N THR A 1013 39.17 12.21 33.29
CA THR A 1013 40.47 12.39 32.65
C THR A 1013 40.48 13.64 31.78
N ALA A 1014 39.36 13.92 31.10
CA ALA A 1014 39.29 15.08 30.22
C ALA A 1014 39.45 16.37 31.02
N THR A 1015 38.76 16.47 32.16
CA THR A 1015 38.79 17.72 32.91
C THR A 1015 40.11 17.86 33.67
N VAL A 1016 40.56 16.81 34.37
CA VAL A 1016 41.77 16.93 35.18
C VAL A 1016 43.04 17.00 34.34
N LEU A 1017 42.94 16.82 33.02
CA LEU A 1017 44.09 16.95 32.15
C LEU A 1017 43.98 18.07 31.13
N ALA A 1018 42.77 18.44 30.71
CA ALA A 1018 42.63 19.57 29.78
C ALA A 1018 42.97 20.88 30.46
N ILE A 1019 42.80 20.95 31.78
CA ILE A 1019 43.14 22.16 32.54
C ILE A 1019 44.63 22.43 32.44
N PHE A 1020 45.44 21.39 32.24
CA PHE A 1020 46.89 21.53 32.21
C PHE A 1020 47.49 21.42 30.82
N PHE A 1021 46.85 20.71 29.90
CA PHE A 1021 47.45 20.47 28.58
C PHE A 1021 47.00 21.47 27.53
N VAL A 1022 45.77 21.98 27.63
CA VAL A 1022 45.32 23.03 26.72
C VAL A 1022 46.21 24.27 26.79
N PRO A 1023 46.68 24.72 27.96
CA PRO A 1023 47.68 25.80 27.96
C PRO A 1023 48.94 25.46 27.19
N VAL A 1024 49.53 24.27 27.38
CA VAL A 1024 50.75 23.95 26.64
C VAL A 1024 50.45 23.83 25.16
N PHE A 1025 49.23 23.37 24.79
CA PHE A 1025 48.87 23.26 23.38
C PHE A 1025 48.91 24.62 22.70
N PHE A 1026 48.21 25.61 23.30
CA PHE A 1026 48.12 26.92 22.68
C PHE A 1026 49.48 27.61 22.61
N VAL A 1027 50.28 27.51 23.69
CA VAL A 1027 51.54 28.24 23.73
C VAL A 1027 52.54 27.66 22.74
N VAL A 1028 52.57 26.34 22.58
CA VAL A 1028 53.55 25.77 21.65
C VAL A 1028 53.09 25.93 20.22
N VAL A 1029 51.77 25.92 19.97
CA VAL A 1029 51.28 25.98 18.60
C VAL A 1029 51.55 27.34 17.99
N ARG A 1030 51.49 28.42 18.77
CA ARG A 1030 51.79 29.74 18.24
C ARG A 1030 53.24 30.15 18.44
N ARG A 1031 53.95 29.48 19.35
CA ARG A 1031 55.40 29.61 19.48
C ARG A 1031 56.16 28.89 18.39
N ARG A 1032 55.46 28.13 17.55
CA ARG A 1032 56.02 27.51 16.36
C ARG A 1032 55.54 28.19 15.08
N PHE A 1033 54.45 28.95 15.14
CA PHE A 1033 53.87 29.60 13.98
C PHE A 1033 53.83 31.12 14.17
N MET B 1 9.64 46.04 8.47
CA MET B 1 9.30 45.51 7.15
C MET B 1 8.40 46.42 6.32
N PRO B 2 7.29 46.93 6.90
CA PRO B 2 6.49 47.92 6.15
C PRO B 2 7.29 49.14 5.73
N ASN B 3 8.27 49.53 6.55
CA ASN B 3 9.25 50.54 6.15
C ASN B 3 9.92 50.15 4.84
N PHE B 4 10.24 48.86 4.68
CA PHE B 4 10.96 48.38 3.51
C PHE B 4 10.15 48.61 2.24
N PHE B 5 8.87 48.24 2.25
CA PHE B 5 8.06 48.29 1.04
C PHE B 5 7.49 49.67 0.75
N ILE B 6 7.57 50.62 1.69
CA ILE B 6 7.13 51.97 1.38
C ILE B 6 8.16 52.67 0.50
N ASP B 7 9.45 52.42 0.73
CA ASP B 7 10.49 52.89 -0.17
C ASP B 7 10.56 52.08 -1.45
N ARG B 8 9.81 50.98 -1.55
CA ARG B 8 9.84 50.09 -2.71
C ARG B 8 8.40 49.70 -3.09
N PRO B 9 7.63 50.65 -3.60
CA PRO B 9 6.24 50.33 -3.99
C PRO B 9 6.12 49.33 -5.13
N ILE B 10 7.09 49.29 -6.05
CA ILE B 10 7.01 48.37 -7.19
C ILE B 10 7.31 46.93 -6.77
N PHE B 11 8.23 46.72 -5.81
CA PHE B 11 8.43 45.39 -5.26
C PHE B 11 7.14 44.85 -4.66
N ALA B 12 6.39 45.70 -3.94
CA ALA B 12 5.13 45.27 -3.34
C ALA B 12 4.11 44.97 -4.42
N TRP B 13 4.09 45.75 -5.50
CA TRP B 13 3.23 45.44 -6.63
C TRP B 13 3.59 44.09 -7.24
N VAL B 14 4.89 43.78 -7.30
CA VAL B 14 5.33 42.48 -7.82
C VAL B 14 4.78 41.36 -6.95
N ILE B 15 4.82 41.55 -5.63
CA ILE B 15 4.33 40.52 -4.72
C ILE B 15 2.83 40.34 -4.86
N ALA B 16 2.09 41.44 -5.03
CA ALA B 16 0.64 41.33 -5.18
C ALA B 16 0.27 40.68 -6.51
N ILE B 17 1.06 40.93 -7.55
CA ILE B 17 0.80 40.30 -8.84
C ILE B 17 1.08 38.81 -8.76
N ILE B 18 2.16 38.42 -8.07
CA ILE B 18 2.46 37.01 -7.86
C ILE B 18 1.30 36.33 -7.13
N ILE B 19 0.74 37.01 -6.13
CA ILE B 19 -0.37 36.42 -5.37
C ILE B 19 -1.61 36.28 -6.23
N MET B 20 -1.82 37.23 -7.16
CA MET B 20 -3.00 37.14 -8.02
C MET B 20 -2.81 36.06 -9.08
N LEU B 21 -1.59 35.94 -9.62
CA LEU B 21 -1.35 34.90 -10.62
C LEU B 21 -1.45 33.52 -9.98
N ALA B 22 -0.90 33.36 -8.78
CA ALA B 22 -1.00 32.07 -8.09
C ALA B 22 -2.46 31.74 -7.79
N GLY B 23 -3.24 32.74 -7.37
CA GLY B 23 -4.64 32.50 -7.04
C GLY B 23 -5.48 32.18 -8.25
N GLY B 24 -5.16 32.80 -9.39
CA GLY B 24 -5.87 32.47 -10.61
C GLY B 24 -5.54 31.07 -11.10
N LEU B 25 -4.26 30.71 -11.11
CA LEU B 25 -3.88 29.35 -11.45
C LEU B 25 -4.46 28.36 -10.46
N ALA B 26 -4.60 28.76 -9.20
CA ALA B 26 -5.21 27.89 -8.20
C ALA B 26 -6.67 27.66 -8.51
N ILE B 27 -7.40 28.70 -8.95
CA ILE B 27 -8.81 28.51 -9.27
C ILE B 27 -8.98 27.66 -10.51
N LEU B 28 -8.00 27.66 -11.42
CA LEU B 28 -8.09 26.84 -12.63
C LEU B 28 -7.82 25.38 -12.32
N LYS B 29 -6.88 25.10 -11.40
CA LYS B 29 -6.47 23.75 -11.06
C LYS B 29 -7.29 23.15 -9.92
N LEU B 30 -8.09 23.95 -9.21
CA LEU B 30 -8.66 23.50 -7.93
C LEU B 30 -9.84 22.57 -8.14
N PRO B 31 -9.95 21.51 -7.34
CA PRO B 31 -11.16 20.67 -7.39
C PRO B 31 -12.34 21.35 -6.73
N VAL B 32 -13.54 20.96 -7.16
CA VAL B 32 -14.79 21.58 -6.71
C VAL B 32 -15.84 20.50 -6.48
N ALA B 33 -16.47 20.54 -5.30
CA ALA B 33 -17.55 19.62 -4.96
C ALA B 33 -18.36 20.24 -3.82
N GLN B 34 -19.54 19.66 -3.57
CA GLN B 34 -20.40 20.19 -2.52
C GLN B 34 -19.74 20.05 -1.15
N TYR B 35 -19.39 18.82 -0.77
CA TYR B 35 -18.69 18.58 0.48
C TYR B 35 -17.34 17.93 0.22
N PRO B 36 -16.36 18.13 1.10
CA PRO B 36 -15.14 17.33 1.03
C PRO B 36 -15.41 15.93 1.57
N THR B 37 -14.43 15.03 1.53
CA THR B 37 -14.65 13.72 2.13
C THR B 37 -14.58 13.85 3.65
N ILE B 38 -15.66 13.49 4.32
CA ILE B 38 -15.74 13.53 5.77
C ILE B 38 -15.92 12.14 6.36
N ALA B 39 -16.65 11.28 5.67
CA ALA B 39 -16.89 9.93 6.16
C ALA B 39 -15.58 9.16 6.22
N PRO B 40 -15.40 8.29 7.22
CA PRO B 40 -14.22 7.44 7.23
C PRO B 40 -14.33 6.41 6.12
N PRO B 41 -13.20 5.94 5.58
CA PRO B 41 -13.24 5.01 4.43
C PRO B 41 -13.98 3.72 4.75
N ALA B 42 -14.92 3.37 3.88
CA ALA B 42 -15.72 2.16 4.00
C ALA B 42 -15.61 1.36 2.72
N VAL B 43 -15.23 0.09 2.83
CA VAL B 43 -15.19 -0.83 1.71
C VAL B 43 -16.30 -1.85 1.91
N THR B 44 -17.09 -2.11 0.87
CA THR B 44 -18.21 -3.04 0.97
C THR B 44 -17.99 -4.21 0.02
N ILE B 45 -18.06 -5.42 0.57
CA ILE B 45 -18.05 -6.65 -0.21
C ILE B 45 -19.48 -7.07 -0.47
N SER B 46 -19.83 -7.29 -1.72
CA SER B 46 -21.18 -7.71 -2.07
C SER B 46 -21.12 -8.99 -2.88
N ALA B 47 -22.05 -9.91 -2.58
CA ALA B 47 -22.14 -11.17 -3.29
C ALA B 47 -23.62 -11.51 -3.48
N SER B 48 -23.88 -12.40 -4.44
CA SER B 48 -25.22 -12.84 -4.75
C SER B 48 -25.28 -14.36 -4.74
N TYR B 49 -26.43 -14.88 -4.34
CA TYR B 49 -26.64 -16.33 -4.27
C TYR B 49 -28.10 -16.58 -4.63
N PRO B 50 -28.38 -16.82 -5.90
CA PRO B 50 -29.78 -16.88 -6.36
C PRO B 50 -30.51 -18.08 -5.78
N GLY B 51 -31.72 -17.82 -5.27
CA GLY B 51 -32.55 -18.83 -4.68
C GLY B 51 -32.36 -19.04 -3.19
N ALA B 52 -31.44 -18.32 -2.56
CA ALA B 52 -31.02 -18.63 -1.20
C ALA B 52 -31.80 -17.82 -0.17
N ASP B 53 -32.07 -18.46 0.97
CA ASP B 53 -32.59 -17.80 2.15
C ASP B 53 -31.46 -17.11 2.91
N ALA B 54 -31.84 -16.38 3.95
CA ALA B 54 -30.87 -15.52 4.63
C ALA B 54 -29.77 -16.34 5.33
N LYS B 55 -30.11 -17.51 5.89
CA LYS B 55 -29.10 -18.24 6.66
C LYS B 55 -28.19 -19.08 5.76
N THR B 56 -28.70 -19.60 4.64
CA THR B 56 -27.81 -20.21 3.65
C THR B 56 -26.77 -19.21 3.18
N VAL B 57 -27.17 -17.95 2.99
CA VAL B 57 -26.21 -16.91 2.65
C VAL B 57 -25.19 -16.76 3.77
N GLN B 58 -25.68 -16.70 5.02
CA GLN B 58 -24.79 -16.45 6.14
C GLN B 58 -23.91 -17.66 6.44
N ASP B 59 -24.49 -18.87 6.32
CA ASP B 59 -23.78 -20.07 6.71
C ASP B 59 -22.79 -20.56 5.66
N THR B 60 -22.91 -20.11 4.41
CA THR B 60 -21.99 -20.51 3.36
C THR B 60 -21.15 -19.38 2.79
N VAL B 61 -21.52 -18.11 3.02
CA VAL B 61 -20.81 -17.00 2.40
C VAL B 61 -20.34 -15.98 3.45
N THR B 62 -21.29 -15.38 4.18
CA THR B 62 -20.94 -14.30 5.11
C THR B 62 -19.92 -14.74 6.15
N GLN B 63 -20.20 -15.84 6.87
CA GLN B 63 -19.27 -16.29 7.91
C GLN B 63 -17.92 -16.69 7.33
N VAL B 64 -17.93 -17.31 6.15
CA VAL B 64 -16.68 -17.75 5.55
C VAL B 64 -15.81 -16.55 5.19
N ILE B 65 -16.40 -15.54 4.53
CA ILE B 65 -15.63 -14.35 4.19
C ILE B 65 -15.20 -13.60 5.44
N GLU B 66 -16.10 -13.44 6.41
CA GLU B 66 -15.76 -12.74 7.64
C GLU B 66 -14.61 -13.41 8.39
N GLN B 67 -14.49 -14.73 8.27
CA GLN B 67 -13.41 -15.40 8.97
C GLN B 67 -12.05 -15.15 8.32
N ASN B 68 -12.01 -14.67 7.07
CA ASN B 68 -10.76 -14.44 6.36
C ASN B 68 -10.40 -12.96 6.29
N MET B 69 -11.02 -12.14 7.11
CA MET B 69 -10.75 -10.70 7.09
C MET B 69 -9.69 -10.31 8.11
N ASN B 70 -8.59 -11.05 8.12
CA ASN B 70 -7.47 -10.79 9.02
C ASN B 70 -6.32 -10.18 8.25
N GLY B 71 -5.34 -9.66 8.99
CA GLY B 71 -4.16 -9.08 8.39
C GLY B 71 -4.35 -7.71 7.78
N ILE B 72 -5.56 -7.19 7.76
CA ILE B 72 -5.88 -5.91 7.16
C ILE B 72 -5.61 -4.81 8.18
N ASP B 73 -5.02 -3.70 7.72
CA ASP B 73 -4.56 -2.65 8.60
C ASP B 73 -5.62 -1.57 8.81
N ASN B 74 -5.62 -1.00 10.03
CA ASN B 74 -6.34 0.26 10.32
C ASN B 74 -7.86 0.08 10.26
N LEU B 75 -8.34 -1.07 10.70
CA LEU B 75 -9.77 -1.37 10.68
C LEU B 75 -10.41 -0.99 12.00
N MET B 76 -11.57 -0.32 11.92
CA MET B 76 -12.32 0.08 13.11
C MET B 76 -13.42 -0.91 13.46
N TYR B 77 -14.19 -1.33 12.47
CA TYR B 77 -15.27 -2.28 12.71
C TYR B 77 -15.78 -2.78 11.37
N MET B 78 -16.46 -3.92 11.43
CA MET B 78 -17.01 -4.59 10.27
C MET B 78 -18.43 -5.01 10.56
N SER B 79 -19.35 -4.66 9.66
CA SER B 79 -20.74 -5.04 9.78
C SER B 79 -21.21 -5.68 8.48
N SER B 80 -22.25 -6.50 8.56
CA SER B 80 -22.66 -7.29 7.41
C SER B 80 -24.13 -7.72 7.51
N ASN B 81 -24.77 -7.86 6.35
CA ASN B 81 -26.17 -8.25 6.24
C ASN B 81 -26.27 -9.45 5.31
N SER B 82 -27.17 -10.38 5.65
CA SER B 82 -27.49 -11.54 4.82
C SER B 82 -29.00 -11.68 4.79
N ASP B 83 -29.62 -11.35 3.66
CA ASP B 83 -31.07 -11.32 3.57
C ASP B 83 -31.56 -12.43 2.67
N SER B 84 -32.88 -12.62 2.68
CA SER B 84 -33.52 -13.69 1.93
C SER B 84 -33.69 -13.39 0.45
N THR B 85 -33.00 -12.38 -0.07
CA THR B 85 -32.91 -12.16 -1.51
C THR B 85 -31.69 -12.85 -2.12
N GLY B 86 -30.92 -13.60 -1.33
CA GLY B 86 -29.66 -14.13 -1.79
C GLY B 86 -28.53 -13.14 -1.77
N THR B 87 -28.69 -12.03 -1.05
CA THR B 87 -27.74 -10.93 -1.07
C THR B 87 -27.00 -10.85 0.27
N VAL B 88 -25.67 -10.73 0.19
CA VAL B 88 -24.84 -10.48 1.36
C VAL B 88 -24.00 -9.25 1.09
N GLN B 89 -23.87 -8.42 2.12
CA GLN B 89 -22.98 -7.27 2.06
C GLN B 89 -22.19 -7.21 3.35
N ILE B 90 -20.90 -6.92 3.24
CA ILE B 90 -19.98 -6.84 4.37
C ILE B 90 -19.24 -5.53 4.21
N THR B 91 -19.50 -4.58 5.11
CA THR B 91 -18.87 -3.27 5.06
C THR B 91 -17.80 -3.17 6.14
N LEU B 92 -16.55 -3.02 5.72
CA LEU B 92 -15.43 -2.80 6.61
C LEU B 92 -15.14 -1.31 6.66
N THR B 93 -15.25 -0.73 7.86
CA THR B 93 -15.04 0.70 8.07
C THR B 93 -13.66 0.91 8.67
N PHE B 94 -12.89 1.81 8.08
CA PHE B 94 -11.50 2.03 8.45
C PHE B 94 -11.34 3.35 9.19
N GLU B 95 -10.17 3.53 9.79
CA GLU B 95 -9.88 4.75 10.52
C GLU B 95 -9.76 5.93 9.56
N SER B 96 -10.26 7.08 9.99
CA SER B 96 -10.06 8.31 9.22
C SER B 96 -8.57 8.59 9.08
N GLY B 97 -8.15 8.90 7.86
CA GLY B 97 -6.77 9.15 7.57
C GLY B 97 -6.05 8.00 6.89
N THR B 98 -6.71 6.86 6.71
CA THR B 98 -6.09 5.69 6.08
C THR B 98 -6.40 5.70 4.60
N ASP B 99 -5.37 5.44 3.79
CA ASP B 99 -5.45 5.33 2.34
C ASP B 99 -6.54 4.35 1.91
N ALA B 100 -7.60 4.87 1.28
CA ALA B 100 -8.69 4.00 0.87
C ALA B 100 -8.30 3.07 -0.27
N ASP B 101 -7.23 3.37 -1.01
CA ASP B 101 -6.75 2.43 -2.02
C ASP B 101 -6.12 1.20 -1.37
N ILE B 102 -5.20 1.42 -0.43
CA ILE B 102 -4.58 0.31 0.29
C ILE B 102 -5.63 -0.46 1.08
N ALA B 103 -6.63 0.24 1.63
CA ALA B 103 -7.66 -0.43 2.41
C ALA B 103 -8.47 -1.39 1.55
N GLN B 104 -8.81 -0.98 0.33
CA GLN B 104 -9.64 -1.81 -0.53
C GLN B 104 -8.86 -2.96 -1.15
N VAL B 105 -7.58 -2.77 -1.46
CA VAL B 105 -6.82 -3.85 -2.10
C VAL B 105 -6.56 -4.97 -1.10
N GLN B 106 -6.29 -4.62 0.15
CA GLN B 106 -6.10 -5.64 1.18
C GLN B 106 -7.36 -6.46 1.38
N VAL B 107 -8.52 -5.79 1.40
CA VAL B 107 -9.79 -6.49 1.59
C VAL B 107 -10.04 -7.48 0.45
N GLN B 108 -9.91 -7.01 -0.79
CA GLN B 108 -10.16 -7.91 -1.91
C GLN B 108 -9.13 -9.02 -2.00
N ASN B 109 -7.89 -8.75 -1.56
CA ASN B 109 -6.86 -9.79 -1.57
C ASN B 109 -7.20 -10.92 -0.60
N LYS B 110 -7.73 -10.57 0.58
CA LYS B 110 -8.18 -11.63 1.49
C LYS B 110 -9.40 -12.35 0.93
N LEU B 111 -10.33 -11.60 0.33
CA LEU B 111 -11.49 -12.21 -0.28
C LEU B 111 -11.09 -13.19 -1.38
N GLN B 112 -10.08 -12.83 -2.17
CA GLN B 112 -9.60 -13.69 -3.25
C GLN B 112 -9.19 -15.05 -2.72
N LEU B 113 -8.39 -15.06 -1.66
CA LEU B 113 -7.96 -16.32 -1.05
C LEU B 113 -9.15 -17.09 -0.46
N ALA B 114 -10.20 -16.39 -0.03
CA ALA B 114 -11.35 -17.07 0.55
C ALA B 114 -12.34 -17.56 -0.51
N MET B 115 -12.22 -17.07 -1.74
CA MET B 115 -13.10 -17.49 -2.83
C MET B 115 -13.22 -19.00 -3.03
N PRO B 116 -12.14 -19.80 -2.98
CA PRO B 116 -12.31 -21.26 -3.12
C PRO B 116 -13.15 -21.89 -2.03
N LEU B 117 -13.37 -21.20 -0.92
CA LEU B 117 -14.17 -21.67 0.21
C LEU B 117 -15.65 -21.37 0.06
N LEU B 118 -16.05 -20.63 -0.98
CA LEU B 118 -17.44 -20.29 -1.18
C LEU B 118 -18.12 -21.36 -2.03
N PRO B 119 -19.45 -21.39 -2.05
CA PRO B 119 -20.16 -22.33 -2.93
C PRO B 119 -19.84 -22.08 -4.39
N GLN B 120 -19.99 -23.13 -5.19
CA GLN B 120 -19.71 -23.00 -6.62
C GLN B 120 -20.69 -22.06 -7.33
N GLU B 121 -21.91 -21.91 -6.81
CA GLU B 121 -22.84 -20.95 -7.41
C GLU B 121 -22.42 -19.52 -7.11
N VAL B 122 -21.93 -19.29 -5.89
CA VAL B 122 -21.51 -17.95 -5.52
C VAL B 122 -20.26 -17.54 -6.29
N GLN B 123 -19.32 -18.47 -6.46
CA GLN B 123 -18.12 -18.19 -7.24
C GLN B 123 -18.48 -17.82 -8.67
N GLN B 124 -19.44 -18.55 -9.25
CA GLN B 124 -19.91 -18.27 -10.59
C GLN B 124 -20.51 -16.87 -10.69
N GLN B 125 -21.34 -16.50 -9.71
CA GLN B 125 -21.94 -15.17 -9.71
C GLN B 125 -20.89 -14.08 -9.59
N GLY B 126 -19.81 -14.35 -8.89
CA GLY B 126 -18.81 -13.31 -8.70
C GLY B 126 -19.08 -12.44 -7.49
N VAL B 127 -18.01 -11.98 -6.87
CA VAL B 127 -18.05 -11.18 -5.66
C VAL B 127 -17.46 -9.81 -5.99
N SER B 128 -18.21 -8.76 -5.68
CA SER B 128 -17.78 -7.38 -5.94
C SER B 128 -17.19 -6.75 -4.69
N VAL B 129 -16.36 -5.72 -4.89
CA VAL B 129 -15.79 -4.93 -3.81
C VAL B 129 -15.73 -3.48 -4.27
N GLU B 130 -16.43 -2.60 -3.57
CA GLU B 130 -16.48 -1.18 -3.88
C GLU B 130 -16.10 -0.37 -2.65
N LYS B 131 -15.83 0.92 -2.88
CA LYS B 131 -15.70 1.89 -1.79
C LYS B 131 -17.08 2.53 -1.59
N SER B 132 -17.72 2.20 -0.48
CA SER B 132 -19.11 2.58 -0.26
C SER B 132 -19.27 3.97 0.35
N SER B 133 -18.20 4.56 0.89
CA SER B 133 -18.28 5.85 1.59
C SER B 133 -18.20 7.04 0.65
N SER B 134 -18.15 6.82 -0.66
CA SER B 134 -18.26 7.89 -1.65
C SER B 134 -19.70 7.95 -2.15
N SER B 135 -20.19 9.16 -2.42
CA SER B 135 -21.58 9.31 -2.79
C SER B 135 -21.71 9.93 -4.18
N PHE B 136 -22.95 9.96 -4.66
CA PHE B 136 -23.24 10.29 -6.05
C PHE B 136 -23.15 11.78 -6.29
N LEU B 137 -22.54 12.15 -7.41
CA LEU B 137 -22.60 13.54 -7.85
C LEU B 137 -24.02 13.93 -8.22
N MET B 138 -24.67 13.13 -9.05
CA MET B 138 -26.06 13.32 -9.43
C MET B 138 -26.65 11.94 -9.70
N VAL B 139 -27.96 11.90 -9.91
CA VAL B 139 -28.65 10.68 -10.34
C VAL B 139 -29.44 11.04 -11.60
N VAL B 140 -29.01 10.51 -12.74
CA VAL B 140 -29.74 10.70 -13.99
C VAL B 140 -30.78 9.60 -14.09
N GLY B 141 -32.06 9.98 -14.09
CA GLY B 141 -33.13 9.04 -14.30
C GLY B 141 -33.46 8.91 -15.77
N VAL B 142 -33.76 7.69 -16.20
CA VAL B 142 -34.11 7.40 -17.58
C VAL B 142 -35.44 6.68 -17.59
N ILE B 143 -36.48 7.35 -18.08
CA ILE B 143 -37.84 6.83 -18.03
C ILE B 143 -38.46 6.84 -19.41
N ASN B 144 -39.53 6.07 -19.56
CA ASN B 144 -40.28 5.95 -20.81
C ASN B 144 -41.72 6.36 -20.57
N THR B 145 -42.25 7.24 -21.42
CA THR B 145 -43.54 7.87 -21.17
C THR B 145 -44.65 7.36 -22.08
N ASP B 146 -44.32 6.90 -23.29
CA ASP B 146 -45.36 6.42 -24.20
C ASP B 146 -45.86 5.02 -23.86
N GLY B 147 -45.38 4.42 -22.77
CA GLY B 147 -45.81 3.11 -22.36
C GLY B 147 -45.50 2.01 -23.36
N THR B 148 -44.27 2.01 -23.89
CA THR B 148 -43.84 1.00 -24.85
C THR B 148 -42.59 0.23 -24.46
N MET B 149 -41.83 0.71 -23.47
CA MET B 149 -40.65 0.02 -22.97
C MET B 149 -40.82 -0.30 -21.50
N THR B 150 -40.62 -1.57 -21.14
CA THR B 150 -40.56 -1.93 -19.74
C THR B 150 -39.22 -1.45 -19.14
N GLN B 151 -39.11 -1.54 -17.81
CA GLN B 151 -37.88 -1.12 -17.15
C GLN B 151 -36.68 -1.96 -17.58
N GLU B 152 -36.91 -3.25 -17.87
CA GLU B 152 -35.84 -4.09 -18.39
C GLU B 152 -35.35 -3.59 -19.75
N ASP B 153 -36.27 -3.07 -20.57
CA ASP B 153 -35.87 -2.52 -21.86
C ASP B 153 -35.09 -1.22 -21.69
N ILE B 154 -35.53 -0.36 -20.77
CA ILE B 154 -34.85 0.93 -20.58
C ILE B 154 -33.44 0.70 -20.06
N SER B 155 -33.29 -0.18 -19.07
CA SER B 155 -31.98 -0.42 -18.49
C SER B 155 -31.06 -1.10 -19.49
N ASP B 156 -31.61 -1.98 -20.35
CA ASP B 156 -30.80 -2.59 -21.39
C ASP B 156 -30.30 -1.56 -22.40
N TYR B 157 -31.18 -0.63 -22.78
CA TYR B 157 -30.77 0.45 -23.68
C TYR B 157 -29.71 1.34 -23.03
N VAL B 158 -29.89 1.67 -21.75
CA VAL B 158 -28.97 2.58 -21.07
C VAL B 158 -27.58 1.96 -20.98
N ALA B 159 -27.51 0.65 -20.74
CA ALA B 159 -26.21 -0.02 -20.71
C ALA B 159 -25.57 -0.05 -22.09
N ALA B 160 -26.37 -0.30 -23.12
CA ALA B 160 -25.82 -0.43 -24.47
C ALA B 160 -25.34 0.90 -25.03
N ASN B 161 -26.17 1.94 -24.91
CA ASN B 161 -25.95 3.17 -25.66
C ASN B 161 -25.69 4.41 -24.81
N MET B 162 -25.83 4.33 -23.48
CA MET B 162 -25.63 5.50 -22.64
C MET B 162 -24.50 5.36 -21.64
N LYS B 163 -24.33 4.18 -21.01
CA LYS B 163 -23.54 4.08 -19.79
C LYS B 163 -22.06 4.37 -20.04
N ASP B 164 -21.48 3.72 -21.06
CA ASP B 164 -20.05 3.81 -21.32
C ASP B 164 -19.67 5.19 -21.86
N ALA B 165 -20.55 5.82 -22.61
CA ALA B 165 -20.36 7.21 -22.97
C ALA B 165 -20.32 8.12 -21.74
N ILE B 166 -21.24 7.88 -20.80
CA ILE B 166 -21.27 8.66 -19.57
C ILE B 166 -20.03 8.43 -18.74
N SER B 167 -19.48 7.21 -18.76
CA SER B 167 -18.26 6.95 -17.98
C SER B 167 -17.04 7.57 -18.64
N ARG B 168 -16.98 7.53 -19.97
CA ARG B 168 -15.85 8.13 -20.67
C ARG B 168 -15.85 9.65 -20.56
N THR B 169 -16.99 10.24 -20.18
CA THR B 169 -17.10 11.68 -19.95
C THR B 169 -16.06 12.15 -18.93
N SER B 170 -15.53 13.35 -19.14
CA SER B 170 -14.48 13.87 -18.28
C SER B 170 -15.03 14.25 -16.90
N GLY B 171 -14.30 13.86 -15.86
CA GLY B 171 -14.69 14.10 -14.49
C GLY B 171 -15.46 12.97 -13.85
N VAL B 172 -16.05 12.08 -14.64
CA VAL B 172 -16.86 10.99 -14.11
C VAL B 172 -15.95 9.92 -13.53
N GLY B 173 -16.26 9.48 -12.32
CA GLY B 173 -15.43 8.50 -11.65
C GLY B 173 -16.01 7.10 -11.64
N ASP B 174 -17.32 7.00 -11.46
CA ASP B 174 -17.98 5.70 -11.52
C ASP B 174 -19.45 5.89 -11.86
N VAL B 175 -20.00 4.98 -12.64
CA VAL B 175 -21.40 5.00 -13.02
C VAL B 175 -22.01 3.66 -12.64
N GLN B 176 -23.17 3.71 -11.98
CA GLN B 176 -23.90 2.52 -11.58
C GLN B 176 -25.26 2.51 -12.26
N LEU B 177 -25.57 1.39 -12.91
CA LEU B 177 -26.85 1.22 -13.57
C LEU B 177 -27.90 0.76 -12.57
N PHE B 178 -29.03 1.47 -12.50
CA PHE B 178 -30.13 1.12 -11.59
C PHE B 178 -31.07 0.11 -12.25
N GLY B 179 -30.51 -1.07 -12.52
CA GLY B 179 -31.27 -2.13 -13.13
C GLY B 179 -30.37 -3.16 -13.78
N SER B 180 -31.03 -4.17 -14.35
CA SER B 180 -30.36 -5.26 -15.01
C SER B 180 -30.61 -5.19 -16.51
N GLN B 181 -29.55 -5.43 -17.30
CA GLN B 181 -29.72 -5.56 -18.72
C GLN B 181 -30.44 -6.87 -19.05
N TYR B 182 -30.62 -7.13 -20.34
CA TYR B 182 -31.37 -8.30 -20.76
C TYR B 182 -30.65 -9.58 -20.31
N ALA B 183 -31.43 -10.64 -20.22
CA ALA B 183 -30.87 -11.97 -19.95
C ALA B 183 -31.73 -12.99 -20.67
N MET B 184 -31.09 -14.03 -21.21
CA MET B 184 -31.82 -15.11 -21.87
C MET B 184 -32.57 -15.90 -20.80
N ARG B 185 -33.88 -15.72 -20.72
CA ARG B 185 -34.71 -16.38 -19.72
C ARG B 185 -35.32 -17.64 -20.31
N ILE B 186 -35.19 -18.74 -19.57
CA ILE B 186 -35.78 -20.03 -19.94
C ILE B 186 -36.81 -20.37 -18.88
N TRP B 187 -38.09 -20.29 -19.25
CA TRP B 187 -39.20 -20.54 -18.32
C TRP B 187 -39.74 -21.95 -18.56
N MET B 188 -39.28 -22.90 -17.76
CA MET B 188 -39.60 -24.30 -17.98
C MET B 188 -41.06 -24.59 -17.66
N ASN B 189 -41.49 -25.81 -17.97
CA ASN B 189 -42.83 -26.30 -17.74
C ASN B 189 -42.76 -27.72 -17.18
N PRO B 190 -43.14 -27.94 -15.92
CA PRO B 190 -42.98 -29.28 -15.33
C PRO B 190 -43.83 -30.34 -15.99
N ASN B 191 -44.97 -29.96 -16.57
CA ASN B 191 -45.82 -30.95 -17.22
C ASN B 191 -45.22 -31.38 -18.55
N GLU B 192 -44.61 -30.46 -19.29
CA GLU B 192 -43.95 -30.83 -20.53
C GLU B 192 -42.68 -31.64 -20.24
N LEU B 193 -41.93 -31.25 -19.21
CA LEU B 193 -40.75 -32.02 -18.83
C LEU B 193 -41.13 -33.45 -18.45
N ASN B 194 -42.21 -33.61 -17.67
CA ASN B 194 -42.64 -34.94 -17.27
C ASN B 194 -43.13 -35.75 -18.47
N LYS B 195 -43.78 -35.07 -19.43
CA LYS B 195 -44.28 -35.73 -20.64
C LYS B 195 -43.16 -36.44 -21.40
N PHE B 196 -41.95 -35.91 -21.35
CA PHE B 196 -40.81 -36.48 -22.05
C PHE B 196 -39.79 -37.13 -21.13
N GLN B 197 -40.11 -37.30 -19.85
CA GLN B 197 -39.19 -37.90 -18.88
C GLN B 197 -37.91 -37.07 -18.75
N LEU B 198 -38.10 -35.78 -18.48
CA LEU B 198 -36.99 -34.84 -18.41
C LEU B 198 -37.06 -34.03 -17.13
N THR B 199 -35.88 -33.63 -16.65
CA THR B 199 -35.72 -32.81 -15.45
C THR B 199 -34.95 -31.54 -15.80
N PRO B 200 -34.92 -30.56 -14.90
CA PRO B 200 -34.07 -29.38 -15.14
C PRO B 200 -32.60 -29.72 -15.22
N VAL B 201 -32.17 -30.86 -14.66
CA VAL B 201 -30.79 -31.29 -14.82
C VAL B 201 -30.47 -31.50 -16.29
N ASP B 202 -31.38 -32.16 -17.03
CA ASP B 202 -31.17 -32.36 -18.46
C ASP B 202 -31.14 -31.03 -19.21
N VAL B 203 -32.01 -30.09 -18.82
CA VAL B 203 -32.05 -28.79 -19.49
C VAL B 203 -30.72 -28.05 -19.29
N ILE B 204 -30.19 -28.10 -18.08
CA ILE B 204 -28.92 -27.42 -17.80
C ILE B 204 -27.78 -28.12 -18.52
N THR B 205 -27.79 -29.46 -18.53
CA THR B 205 -26.73 -30.21 -19.21
C THR B 205 -26.72 -29.91 -20.70
N ALA B 206 -27.90 -29.80 -21.30
CA ALA B 206 -27.97 -29.51 -22.73
C ALA B 206 -27.50 -28.09 -23.01
N ILE B 207 -27.82 -27.14 -22.13
CA ILE B 207 -27.42 -25.75 -22.36
C ILE B 207 -25.91 -25.60 -22.23
N LYS B 208 -25.31 -26.24 -21.22
CA LYS B 208 -23.86 -26.16 -21.05
C LYS B 208 -23.12 -26.81 -22.22
N ALA B 209 -23.76 -27.75 -22.91
CA ALA B 209 -23.15 -28.48 -24.02
C ALA B 209 -23.31 -27.76 -25.35
N GLN B 210 -24.49 -27.18 -25.59
CA GLN B 210 -24.81 -26.58 -26.88
C GLN B 210 -24.60 -25.07 -26.93
N ASN B 211 -24.55 -24.40 -25.79
CA ASN B 211 -24.18 -22.98 -25.76
C ASN B 211 -22.83 -22.86 -25.06
N ALA B 212 -21.82 -23.50 -25.63
CA ALA B 212 -20.46 -23.45 -25.13
C ALA B 212 -19.54 -22.92 -26.22
N GLN B 213 -18.39 -22.42 -25.82
CA GLN B 213 -17.30 -22.15 -26.75
C GLN B 213 -16.26 -23.24 -26.58
N VAL B 214 -15.80 -23.77 -27.71
CA VAL B 214 -14.97 -24.96 -27.73
C VAL B 214 -13.69 -24.61 -28.48
N ALA B 215 -12.55 -24.76 -27.81
CA ALA B 215 -11.25 -24.43 -28.37
C ALA B 215 -10.60 -25.72 -28.87
N ALA B 216 -10.56 -25.88 -30.18
CA ALA B 216 -9.86 -27.02 -30.78
C ALA B 216 -8.36 -26.72 -30.75
N GLY B 217 -7.80 -26.38 -31.90
CA GLY B 217 -6.39 -26.05 -31.98
C GLY B 217 -6.03 -25.41 -33.30
N GLN B 218 -5.07 -25.99 -34.01
CA GLN B 218 -4.61 -25.42 -35.26
C GLN B 218 -4.52 -26.49 -36.33
N LEU B 219 -4.71 -26.05 -37.57
CA LEU B 219 -4.53 -26.90 -38.74
C LEU B 219 -3.13 -26.62 -39.29
N GLY B 220 -2.22 -27.58 -39.12
CA GLY B 220 -0.84 -27.35 -39.48
C GLY B 220 -0.05 -26.56 -38.45
N GLY B 221 -0.31 -26.78 -37.17
CA GLY B 221 0.43 -26.07 -36.14
C GLY B 221 1.77 -26.72 -35.86
N THR B 222 2.60 -26.00 -35.09
CA THR B 222 3.88 -26.53 -34.70
C THR B 222 3.68 -27.66 -33.69
N PRO B 223 4.51 -28.71 -33.73
CA PRO B 223 5.54 -28.92 -34.74
C PRO B 223 4.97 -29.55 -36.03
N PRO B 224 5.22 -28.91 -37.16
CA PRO B 224 4.59 -29.34 -38.41
C PRO B 224 5.33 -30.50 -39.06
N VAL B 225 4.68 -31.12 -40.03
CA VAL B 225 5.36 -31.91 -41.05
C VAL B 225 5.93 -30.92 -42.07
N LYS B 226 7.25 -30.71 -42.06
CA LYS B 226 7.84 -29.66 -42.89
C LYS B 226 7.64 -29.96 -44.36
N GLY B 227 7.31 -28.94 -45.15
CA GLY B 227 6.59 -29.12 -46.40
C GLY B 227 5.20 -28.55 -46.36
N GLN B 228 4.63 -28.41 -45.16
CA GLN B 228 3.28 -27.87 -44.98
C GLN B 228 3.16 -26.44 -45.47
N GLN B 229 2.04 -26.14 -46.12
CA GLN B 229 1.80 -24.85 -46.74
C GLN B 229 0.87 -23.93 -45.97
N LEU B 230 -0.09 -24.48 -45.21
CA LEU B 230 -1.13 -23.66 -44.59
C LEU B 230 -1.18 -23.87 -43.09
N ASN B 231 -1.36 -22.77 -42.35
CA ASN B 231 -1.57 -22.80 -40.91
C ASN B 231 -2.85 -22.02 -40.59
N ALA B 232 -3.78 -22.68 -39.90
CA ALA B 232 -5.10 -22.10 -39.68
C ALA B 232 -5.66 -22.61 -38.37
N SER B 233 -6.35 -21.73 -37.65
CA SER B 233 -7.00 -22.13 -36.41
C SER B 233 -8.20 -23.03 -36.72
N ILE B 234 -8.52 -23.89 -35.76
CA ILE B 234 -9.72 -24.71 -35.79
C ILE B 234 -10.66 -24.19 -34.71
N ILE B 235 -11.86 -23.78 -35.11
CA ILE B 235 -12.89 -23.36 -34.18
C ILE B 235 -14.03 -24.36 -34.24
N ALA B 236 -14.41 -24.92 -33.09
CA ALA B 236 -15.47 -25.92 -33.03
C ALA B 236 -16.81 -25.26 -32.79
N GLN B 237 -17.14 -24.98 -31.54
CA GLN B 237 -18.40 -24.33 -31.19
C GLN B 237 -18.13 -22.95 -30.62
N THR B 238 -19.12 -22.07 -30.77
CA THR B 238 -19.15 -20.80 -30.05
C THR B 238 -20.56 -20.59 -29.52
N ARG B 239 -20.75 -19.47 -28.82
CA ARG B 239 -21.99 -19.24 -28.10
C ARG B 239 -23.15 -19.00 -29.07
N LEU B 240 -24.36 -18.93 -28.51
CA LEU B 240 -25.56 -18.60 -29.27
C LEU B 240 -25.84 -17.11 -29.20
N THR B 241 -26.75 -16.64 -30.05
CA THR B 241 -26.98 -15.20 -30.22
C THR B 241 -28.45 -14.83 -30.29
N SER B 242 -29.37 -15.78 -30.15
CA SER B 242 -30.76 -15.58 -30.51
C SER B 242 -31.63 -16.40 -29.56
N THR B 243 -32.88 -15.98 -29.37
CA THR B 243 -33.79 -16.84 -28.64
C THR B 243 -34.17 -18.06 -29.47
N GLU B 244 -34.20 -17.90 -30.80
CA GLU B 244 -34.65 -18.97 -31.68
C GLU B 244 -33.69 -20.16 -31.62
N GLU B 245 -32.39 -19.88 -31.64
CA GLU B 245 -31.41 -20.94 -31.54
C GLU B 245 -31.45 -21.64 -30.18
N PHE B 246 -31.86 -20.92 -29.12
CA PHE B 246 -32.04 -21.59 -27.85
C PHE B 246 -33.24 -22.52 -27.88
N GLY B 247 -34.29 -22.13 -28.62
CA GLY B 247 -35.45 -22.99 -28.77
C GLY B 247 -35.15 -24.28 -29.51
N LYS B 248 -34.08 -24.32 -30.31
CA LYS B 248 -33.74 -25.48 -31.11
C LYS B 248 -32.70 -26.38 -30.44
N ILE B 249 -32.34 -26.08 -29.19
CA ILE B 249 -31.44 -26.94 -28.44
C ILE B 249 -32.07 -28.32 -28.29
N LEU B 250 -31.36 -29.35 -28.74
CA LEU B 250 -31.87 -30.71 -28.71
C LEU B 250 -31.67 -31.30 -27.32
N LEU B 251 -32.77 -31.70 -26.69
CA LEU B 251 -32.73 -32.32 -25.36
C LEU B 251 -32.73 -33.84 -25.42
N LYS B 252 -33.44 -34.42 -26.39
CA LYS B 252 -33.64 -35.86 -26.42
C LYS B 252 -34.10 -36.26 -27.81
N VAL B 253 -33.52 -37.34 -28.33
CA VAL B 253 -34.00 -37.97 -29.55
C VAL B 253 -34.88 -39.13 -29.12
N ASN B 254 -36.19 -39.02 -29.40
CA ASN B 254 -37.08 -40.15 -29.19
C ASN B 254 -36.59 -41.34 -30.04
N GLN B 255 -37.01 -42.54 -29.64
CA GLN B 255 -36.48 -43.75 -30.26
C GLN B 255 -37.07 -44.00 -31.65
N ASP B 256 -38.09 -43.24 -32.05
CA ASP B 256 -38.60 -43.21 -33.41
C ASP B 256 -38.07 -42.01 -34.20
N GLY B 257 -36.87 -41.53 -33.86
CA GLY B 257 -36.25 -40.45 -34.58
C GLY B 257 -36.87 -39.08 -34.39
N SER B 258 -37.87 -38.96 -33.53
CA SER B 258 -38.50 -37.67 -33.30
C SER B 258 -37.64 -36.84 -32.36
N ARG B 259 -37.73 -35.52 -32.53
CA ARG B 259 -36.88 -34.58 -31.81
C ARG B 259 -37.64 -33.93 -30.67
N VAL B 260 -36.98 -33.79 -29.53
CA VAL B 260 -37.49 -33.07 -28.38
C VAL B 260 -36.56 -31.88 -28.17
N LEU B 261 -37.01 -30.69 -28.53
CA LEU B 261 -36.20 -29.48 -28.42
C LEU B 261 -36.58 -28.69 -27.18
N LEU B 262 -35.69 -27.75 -26.81
CA LEU B 262 -35.91 -26.93 -25.62
C LEU B 262 -37.19 -26.10 -25.72
N ARG B 263 -37.53 -25.64 -26.92
CA ARG B 263 -38.76 -24.86 -27.11
C ARG B 263 -40.00 -25.68 -26.82
N ASP B 264 -39.92 -27.00 -26.89
CA ASP B 264 -41.08 -27.87 -26.66
C ASP B 264 -41.41 -28.06 -25.19
N VAL B 265 -40.55 -27.60 -24.27
CA VAL B 265 -40.78 -27.80 -22.85
C VAL B 265 -40.51 -26.52 -22.08
N ALA B 266 -40.34 -25.41 -22.77
CA ALA B 266 -40.12 -24.14 -22.08
C ALA B 266 -40.40 -22.98 -23.02
N LYS B 267 -40.81 -21.86 -22.42
CA LYS B 267 -40.87 -20.60 -23.14
C LYS B 267 -39.53 -19.88 -23.03
N ILE B 268 -39.16 -19.19 -24.10
CA ILE B 268 -37.83 -18.59 -24.24
C ILE B 268 -37.99 -17.15 -24.71
N GLU B 269 -37.47 -16.20 -23.94
CA GLU B 269 -37.56 -14.81 -24.32
C GLU B 269 -36.49 -14.01 -23.59
N LEU B 270 -36.10 -12.88 -24.17
CA LEU B 270 -35.22 -11.95 -23.48
C LEU B 270 -35.97 -11.34 -22.31
N GLY B 271 -35.36 -11.38 -21.13
CA GLY B 271 -35.95 -10.76 -19.97
C GLY B 271 -34.90 -10.05 -19.14
N GLY B 272 -35.20 -9.85 -17.86
CA GLY B 272 -34.23 -9.28 -16.95
C GLY B 272 -33.45 -10.34 -16.20
N GLU B 273 -32.28 -9.95 -15.69
CA GLU B 273 -31.57 -10.81 -14.75
C GLU B 273 -32.39 -10.98 -13.47
N ASN B 274 -33.09 -9.92 -13.07
CA ASN B 274 -33.70 -9.81 -11.76
C ASN B 274 -35.08 -9.19 -11.92
N TYR B 275 -36.05 -9.71 -11.17
CA TYR B 275 -37.41 -9.21 -11.24
C TYR B 275 -37.94 -8.73 -9.89
N ASP B 276 -37.09 -8.61 -8.88
CA ASP B 276 -37.56 -8.26 -7.55
C ASP B 276 -37.65 -6.75 -7.32
N ILE B 277 -36.99 -5.94 -8.15
CA ILE B 277 -37.11 -4.50 -8.06
C ILE B 277 -38.08 -4.01 -9.14
N ILE B 278 -38.89 -3.01 -8.78
CA ILE B 278 -39.78 -2.33 -9.70
C ILE B 278 -39.62 -0.83 -9.48
N ALA B 279 -39.01 -0.14 -10.44
CA ALA B 279 -38.74 1.28 -10.32
C ALA B 279 -39.67 2.05 -11.25
N GLU B 280 -40.34 3.06 -10.69
CA GLU B 280 -41.24 3.92 -11.43
C GLU B 280 -40.90 5.37 -11.13
N PHE B 281 -41.22 6.24 -12.09
CA PHE B 281 -40.96 7.68 -11.99
C PHE B 281 -42.26 8.40 -12.32
N ASN B 282 -42.99 8.83 -11.30
CA ASN B 282 -44.34 9.38 -11.45
C ASN B 282 -45.27 8.36 -12.13
N GLY B 283 -45.20 7.12 -11.65
CA GLY B 283 -46.05 6.05 -12.16
C GLY B 283 -45.64 5.47 -13.50
N GLN B 284 -44.56 5.97 -14.12
CA GLN B 284 -44.03 5.50 -15.38
C GLN B 284 -42.85 4.56 -15.14
N PRO B 285 -42.58 3.63 -16.07
CA PRO B 285 -41.39 2.79 -15.93
C PRO B 285 -40.11 3.63 -15.93
N ALA B 286 -39.12 3.19 -15.17
CA ALA B 286 -37.95 4.02 -14.94
C ALA B 286 -36.72 3.16 -14.72
N SER B 287 -35.58 3.79 -14.96
CA SER B 287 -34.27 3.32 -14.55
C SER B 287 -33.38 4.55 -14.51
N GLY B 288 -32.07 4.35 -14.34
CA GLY B 288 -31.17 5.48 -14.33
C GLY B 288 -29.78 5.06 -13.96
N LEU B 289 -28.90 6.07 -13.91
CA LEU B 289 -27.52 5.90 -13.52
C LEU B 289 -27.22 6.78 -12.34
N GLY B 290 -26.44 6.22 -11.37
CA GLY B 290 -25.88 7.01 -10.30
C GLY B 290 -24.44 7.31 -10.64
N ILE B 291 -24.12 8.60 -10.71
CA ILE B 291 -22.81 9.06 -11.18
C ILE B 291 -22.02 9.60 -10.00
N LYS B 292 -20.75 9.21 -9.91
CA LYS B 292 -19.85 9.70 -8.88
C LYS B 292 -18.75 10.55 -9.49
N LEU B 293 -18.45 11.68 -8.84
CA LEU B 293 -17.39 12.57 -9.28
C LEU B 293 -16.04 11.93 -9.04
N ALA B 294 -15.14 12.05 -10.01
CA ALA B 294 -13.80 11.49 -9.87
C ALA B 294 -12.95 12.34 -8.91
N THR B 295 -11.76 11.85 -8.60
CA THR B 295 -10.91 12.51 -7.60
C THR B 295 -10.18 13.70 -8.22
N GLY B 296 -10.16 14.82 -7.48
CA GLY B 296 -9.56 16.03 -7.99
C GLY B 296 -10.34 16.69 -9.11
N ALA B 297 -11.61 16.36 -9.25
CA ALA B 297 -12.43 16.78 -10.37
C ALA B 297 -13.22 18.04 -10.04
N ASN B 298 -13.94 18.54 -11.04
CA ASN B 298 -14.79 19.73 -10.92
C ASN B 298 -16.23 19.28 -11.14
N ALA B 299 -17.04 19.39 -10.09
CA ALA B 299 -18.44 18.96 -10.19
C ALA B 299 -19.21 19.83 -11.18
N LEU B 300 -18.88 21.11 -11.26
CA LEU B 300 -19.57 22.00 -12.20
C LEU B 300 -19.28 21.60 -13.63
N ASP B 301 -17.99 21.47 -13.98
CA ASP B 301 -17.63 21.05 -15.33
C ASP B 301 -18.15 19.65 -15.63
N THR B 302 -18.09 18.76 -14.65
CA THR B 302 -18.49 17.38 -14.89
C THR B 302 -20.00 17.27 -15.10
N ALA B 303 -20.78 18.03 -14.33
CA ALA B 303 -22.23 17.98 -14.51
C ALA B 303 -22.64 18.58 -15.85
N ALA B 304 -21.96 19.67 -16.25
CA ALA B 304 -22.23 20.26 -17.56
C ALA B 304 -21.93 19.28 -18.68
N ALA B 305 -20.78 18.59 -18.58
CA ALA B 305 -20.40 17.63 -19.62
C ALA B 305 -21.37 16.46 -19.66
N ILE B 306 -21.87 16.04 -18.50
CA ILE B 306 -22.81 14.93 -18.45
C ILE B 306 -24.12 15.31 -19.14
N ARG B 307 -24.70 16.46 -18.75
CA ARG B 307 -25.90 16.93 -19.43
C ARG B 307 -25.62 17.27 -20.88
N ALA B 308 -24.39 17.67 -21.19
CA ALA B 308 -24.00 17.89 -22.58
C ALA B 308 -24.07 16.59 -23.38
N GLU B 309 -23.44 15.53 -22.88
CA GLU B 309 -23.44 14.27 -23.60
C GLU B 309 -24.84 13.67 -23.64
N LEU B 310 -25.59 13.76 -22.55
CA LEU B 310 -27.00 13.39 -22.59
C LEU B 310 -27.78 14.29 -23.54
N ALA B 311 -27.42 15.59 -23.61
CA ALA B 311 -28.10 16.50 -24.52
C ALA B 311 -27.94 16.08 -25.98
N LYS B 312 -26.77 15.51 -26.33
CA LYS B 312 -26.43 15.13 -27.70
C LYS B 312 -27.27 13.95 -28.15
N MET B 313 -27.21 12.85 -27.41
CA MET B 313 -27.64 11.49 -27.78
C MET B 313 -29.01 11.31 -28.46
N GLU B 314 -29.75 12.40 -28.69
CA GLU B 314 -31.03 12.45 -29.41
C GLU B 314 -31.03 11.86 -30.81
N PRO B 315 -29.92 11.93 -31.62
CA PRO B 315 -29.89 11.22 -32.91
C PRO B 315 -29.98 9.70 -32.82
N PHE B 316 -30.09 9.14 -31.62
CA PHE B 316 -30.22 7.71 -31.40
C PHE B 316 -31.37 7.34 -30.46
N PHE B 317 -32.10 8.32 -29.88
CA PHE B 317 -32.92 8.06 -28.69
C PHE B 317 -34.30 7.50 -29.06
N PRO B 318 -34.76 6.44 -28.40
CA PRO B 318 -36.03 5.82 -28.78
C PRO B 318 -37.23 6.68 -28.41
N SER B 319 -38.40 6.20 -28.86
CA SER B 319 -39.68 6.85 -28.59
C SER B 319 -39.95 6.91 -27.09
N GLY B 320 -40.44 8.05 -26.62
CA GLY B 320 -40.88 8.18 -25.24
C GLY B 320 -39.77 8.21 -24.20
N LEU B 321 -38.52 8.04 -24.61
CA LEU B 321 -37.41 7.95 -23.68
C LEU B 321 -36.97 9.35 -23.27
N LYS B 322 -37.11 9.67 -21.98
CA LYS B 322 -36.81 10.99 -21.47
C LYS B 322 -35.76 10.90 -20.37
N ILE B 323 -34.88 11.87 -20.35
CA ILE B 323 -33.91 12.05 -19.29
C ILE B 323 -34.51 12.94 -18.22
N VAL B 324 -34.33 12.56 -16.95
CA VAL B 324 -34.70 13.39 -15.82
C VAL B 324 -33.58 13.31 -14.80
N TYR B 325 -33.58 14.27 -13.87
CA TYR B 325 -32.48 14.47 -12.94
C TYR B 325 -33.04 14.61 -11.53
N PRO B 326 -33.54 13.51 -10.96
CA PRO B 326 -34.22 13.61 -9.66
C PRO B 326 -33.34 14.07 -8.53
N TYR B 327 -32.02 13.91 -8.64
CA TYR B 327 -31.11 14.25 -7.57
C TYR B 327 -29.83 14.82 -8.18
N ASP B 328 -29.41 15.97 -7.69
CA ASP B 328 -28.23 16.64 -8.20
C ASP B 328 -27.69 17.54 -7.09
N THR B 329 -26.37 17.49 -6.90
CA THR B 329 -25.73 18.24 -5.82
C THR B 329 -25.04 19.51 -6.30
N THR B 330 -24.81 19.67 -7.59
CA THR B 330 -24.11 20.86 -8.06
C THR B 330 -24.84 22.19 -7.91
N PRO B 331 -26.18 22.26 -7.81
CA PRO B 331 -26.79 23.55 -7.46
C PRO B 331 -26.26 24.14 -6.15
N PHE B 332 -26.03 23.30 -5.14
CA PHE B 332 -25.55 23.81 -3.86
C PHE B 332 -24.12 24.31 -3.98
N VAL B 333 -23.29 23.64 -4.79
CA VAL B 333 -21.95 24.15 -5.07
C VAL B 333 -22.03 25.52 -5.70
N LYS B 334 -22.86 25.68 -6.73
CA LYS B 334 -22.95 26.96 -7.43
C LYS B 334 -23.45 28.04 -6.49
N ILE B 335 -24.35 27.70 -5.57
CA ILE B 335 -24.89 28.68 -4.63
C ILE B 335 -23.78 29.18 -3.70
N SER B 336 -22.97 28.26 -3.18
CA SER B 336 -21.95 28.67 -2.22
C SER B 336 -20.82 29.46 -2.88
N ILE B 337 -20.54 29.21 -4.15
CA ILE B 337 -19.55 30.02 -4.86
C ILE B 337 -20.14 31.39 -5.18
N HIS B 338 -21.42 31.43 -5.57
CA HIS B 338 -22.07 32.70 -5.89
C HIS B 338 -22.13 33.61 -4.68
N GLU B 339 -22.36 33.05 -3.50
CA GLU B 339 -22.41 33.87 -2.29
C GLU B 339 -21.04 34.41 -1.91
N VAL B 340 -19.96 33.77 -2.37
CA VAL B 340 -18.64 34.35 -2.14
C VAL B 340 -18.45 35.59 -3.00
N VAL B 341 -18.85 35.53 -4.28
CA VAL B 341 -18.67 36.68 -5.17
C VAL B 341 -19.71 37.76 -4.86
N LYS B 342 -20.91 37.36 -4.46
CA LYS B 342 -21.90 38.35 -4.03
C LYS B 342 -21.43 39.11 -2.80
N THR B 343 -20.83 38.41 -1.84
CA THR B 343 -20.31 39.09 -0.65
C THR B 343 -19.10 39.95 -0.98
N LEU B 344 -18.25 39.51 -1.92
CA LEU B 344 -17.05 40.29 -2.25
C LEU B 344 -17.41 41.62 -2.88
N VAL B 345 -18.25 41.60 -3.92
CA VAL B 345 -18.56 42.87 -4.59
C VAL B 345 -19.46 43.76 -3.76
N GLU B 346 -20.38 43.17 -2.96
CA GLU B 346 -21.16 44.00 -2.05
C GLU B 346 -20.26 44.58 -0.96
N ALA B 347 -19.18 43.88 -0.62
CA ALA B 347 -18.24 44.41 0.36
C ALA B 347 -17.49 45.62 -0.17
N ILE B 348 -17.06 45.58 -1.44
CA ILE B 348 -16.31 46.71 -1.97
C ILE B 348 -17.22 47.90 -2.22
N ILE B 349 -18.48 47.65 -2.60
CA ILE B 349 -19.44 48.75 -2.78
C ILE B 349 -19.68 49.47 -1.46
N LEU B 350 -19.91 48.71 -0.38
CA LEU B 350 -20.22 49.32 0.90
C LEU B 350 -19.01 50.01 1.51
N VAL B 351 -17.83 49.41 1.36
CA VAL B 351 -16.63 50.05 1.89
C VAL B 351 -16.31 51.30 1.08
N PHE B 352 -16.59 51.29 -0.23
CA PHE B 352 -16.47 52.51 -1.02
C PHE B 352 -17.37 53.60 -0.47
N LEU B 353 -18.63 53.27 -0.18
CA LEU B 353 -19.57 54.27 0.33
C LEU B 353 -19.14 54.80 1.68
N VAL B 354 -18.69 53.91 2.57
CA VAL B 354 -18.36 54.33 3.94
C VAL B 354 -17.03 55.08 3.95
N MET B 355 -16.05 54.62 3.17
CA MET B 355 -14.77 55.32 3.10
C MET B 355 -14.96 56.74 2.58
N TYR B 356 -15.83 56.91 1.57
CA TYR B 356 -16.05 58.22 1.00
C TYR B 356 -16.87 59.10 1.95
N LEU B 357 -17.81 58.51 2.68
CA LEU B 357 -18.64 59.29 3.60
C LEU B 357 -17.83 59.87 4.74
N PHE B 358 -16.74 59.21 5.13
CA PHE B 358 -15.91 59.67 6.24
C PHE B 358 -14.67 60.43 5.79
N LEU B 359 -14.09 60.09 4.65
CA LEU B 359 -12.81 60.66 4.25
C LEU B 359 -12.88 61.58 3.04
N GLN B 360 -13.98 61.58 2.29
CA GLN B 360 -14.29 62.61 1.30
C GLN B 360 -13.22 62.73 0.22
N ASN B 361 -12.73 61.59 -0.27
CA ASN B 361 -11.85 61.57 -1.43
C ASN B 361 -11.88 60.19 -2.03
N PHE B 362 -11.71 60.12 -3.35
CA PHE B 362 -11.86 58.85 -4.05
C PHE B 362 -10.60 58.02 -4.00
N ARG B 363 -9.42 58.66 -3.87
CA ARG B 363 -8.17 57.92 -3.91
C ARG B 363 -8.00 57.03 -2.69
N ALA B 364 -8.60 57.40 -1.56
CA ALA B 364 -8.57 56.53 -0.40
C ALA B 364 -9.50 55.33 -0.56
N THR B 365 -10.55 55.45 -1.37
CA THR B 365 -11.46 54.34 -1.60
C THR B 365 -10.90 53.30 -2.56
N LEU B 366 -9.67 53.47 -3.04
CA LEU B 366 -9.04 52.52 -3.95
C LEU B 366 -8.18 51.49 -3.24
N ILE B 367 -7.59 51.86 -2.11
CA ILE B 367 -6.71 50.93 -1.42
C ILE B 367 -7.44 49.70 -0.89
N PRO B 368 -8.63 49.82 -0.27
CA PRO B 368 -9.39 48.59 0.04
C PRO B 368 -9.82 47.81 -1.19
N THR B 369 -10.17 48.52 -2.27
CA THR B 369 -10.64 47.85 -3.48
C THR B 369 -9.57 46.95 -4.08
N ILE B 370 -8.30 47.32 -3.92
CA ILE B 370 -7.20 46.51 -4.42
C ILE B 370 -6.80 45.44 -3.42
N ALA B 371 -6.72 45.78 -2.14
CA ALA B 371 -6.12 44.88 -1.16
C ALA B 371 -6.98 43.65 -0.89
N VAL B 372 -8.30 43.83 -0.81
CA VAL B 372 -9.21 42.75 -0.42
C VAL B 372 -9.22 41.64 -1.45
N PRO B 373 -9.48 41.91 -2.74
CA PRO B 373 -9.46 40.80 -3.72
C PRO B 373 -8.11 40.13 -3.84
N VAL B 374 -7.01 40.82 -3.53
CA VAL B 374 -5.69 40.20 -3.58
C VAL B 374 -5.58 39.05 -2.58
N VAL B 375 -6.02 39.27 -1.33
CA VAL B 375 -5.87 38.23 -0.32
C VAL B 375 -6.95 37.16 -0.48
N LEU B 376 -8.11 37.52 -1.04
CA LEU B 376 -9.11 36.51 -1.33
C LEU B 376 -8.62 35.54 -2.40
N LEU B 377 -7.88 36.05 -3.39
CA LEU B 377 -7.29 35.17 -4.40
C LEU B 377 -6.14 34.36 -3.82
N GLY B 378 -5.37 34.95 -2.92
CA GLY B 378 -4.28 34.22 -2.31
C GLY B 378 -4.74 33.03 -1.49
N THR B 379 -5.93 33.14 -0.87
CA THR B 379 -6.48 32.03 -0.10
C THR B 379 -6.68 30.79 -0.97
N PHE B 380 -7.09 30.98 -2.23
CA PHE B 380 -7.24 29.85 -3.13
C PHE B 380 -5.90 29.18 -3.39
N ALA B 381 -4.83 29.97 -3.52
CA ALA B 381 -3.51 29.40 -3.70
C ALA B 381 -3.10 28.57 -2.48
N VAL B 382 -3.32 29.09 -1.28
CA VAL B 382 -2.94 28.36 -0.08
C VAL B 382 -3.80 27.12 0.10
N LEU B 383 -5.07 27.20 -0.28
CA LEU B 383 -5.94 26.03 -0.25
C LEU B 383 -5.43 24.96 -1.20
N ALA B 384 -5.09 25.36 -2.42
CA ALA B 384 -4.58 24.41 -3.41
C ALA B 384 -3.25 23.82 -2.98
N ALA B 385 -2.38 24.64 -2.38
CA ALA B 385 -1.08 24.18 -1.90
C ALA B 385 -1.22 23.06 -0.86
N PHE B 386 -2.31 23.06 -0.10
CA PHE B 386 -2.49 22.11 0.98
C PHE B 386 -3.46 20.99 0.67
N GLY B 387 -3.99 20.92 -0.55
CA GLY B 387 -4.81 19.79 -0.93
C GLY B 387 -6.30 19.97 -0.75
N PHE B 388 -6.74 21.17 -0.44
CA PHE B 388 -8.15 21.43 -0.21
C PHE B 388 -8.87 21.72 -1.53
N SER B 389 -10.20 21.59 -1.48
CA SER B 389 -11.04 21.81 -2.64
C SER B 389 -12.02 22.95 -2.38
N ILE B 390 -12.56 23.49 -3.46
CA ILE B 390 -13.64 24.45 -3.39
C ILE B 390 -14.92 23.67 -3.04
N ASN B 391 -15.42 23.89 -1.83
CA ASN B 391 -16.62 23.20 -1.36
C ASN B 391 -17.48 24.18 -0.56
N THR B 392 -18.67 23.72 -0.18
CA THR B 392 -19.59 24.57 0.58
C THR B 392 -19.01 24.99 1.92
N LEU B 393 -18.09 24.19 2.47
CA LEU B 393 -17.51 24.50 3.77
C LEU B 393 -16.42 25.56 3.66
N THR B 394 -15.51 25.41 2.69
CA THR B 394 -14.48 26.41 2.50
C THR B 394 -15.06 27.71 1.95
N MET B 395 -16.11 27.61 1.12
CA MET B 395 -16.73 28.82 0.60
C MET B 395 -17.49 29.56 1.69
N PHE B 396 -18.13 28.83 2.60
CA PHE B 396 -18.67 29.44 3.81
C PHE B 396 -17.57 30.12 4.60
N GLY B 397 -16.41 29.46 4.74
CA GLY B 397 -15.30 30.07 5.42
C GLY B 397 -14.77 31.32 4.75
N MET B 398 -14.80 31.36 3.42
CA MET B 398 -14.36 32.56 2.72
C MET B 398 -15.33 33.72 2.94
N VAL B 399 -16.64 33.43 2.93
CA VAL B 399 -17.64 34.46 3.19
C VAL B 399 -17.44 35.07 4.57
N LEU B 400 -17.15 34.24 5.57
CA LEU B 400 -16.89 34.77 6.90
C LEU B 400 -15.57 35.52 6.96
N ALA B 401 -14.58 35.09 6.17
CA ALA B 401 -13.27 35.72 6.20
C ALA B 401 -13.29 37.13 5.62
N ILE B 402 -14.24 37.43 4.72
CA ILE B 402 -14.30 38.73 4.05
C ILE B 402 -14.41 39.86 5.07
N GLY B 403 -15.16 39.63 6.16
CA GLY B 403 -15.37 40.69 7.14
C GLY B 403 -14.09 41.10 7.84
N LEU B 404 -13.20 40.14 8.11
CA LEU B 404 -11.94 40.47 8.75
C LEU B 404 -10.94 41.09 7.79
N LEU B 405 -10.98 40.71 6.52
CA LEU B 405 -10.06 41.29 5.55
C LEU B 405 -10.37 42.76 5.29
N VAL B 406 -11.65 43.13 5.30
CA VAL B 406 -12.00 44.54 5.08
C VAL B 406 -11.62 45.38 6.30
N ASP B 407 -11.70 44.80 7.51
CA ASP B 407 -11.29 45.57 8.69
C ASP B 407 -9.79 45.77 8.69
N ASP B 408 -9.03 44.74 8.31
CA ASP B 408 -7.59 44.91 8.13
C ASP B 408 -7.29 46.03 7.13
N ALA B 409 -8.11 46.14 6.09
CA ALA B 409 -7.91 47.20 5.10
C ALA B 409 -8.25 48.57 5.67
N ILE B 410 -9.40 48.68 6.34
CA ILE B 410 -9.87 49.98 6.82
C ILE B 410 -8.95 50.54 7.89
N VAL B 411 -8.40 49.68 8.74
CA VAL B 411 -7.62 50.12 9.89
C VAL B 411 -6.37 50.86 9.45
N VAL B 412 -5.68 50.33 8.44
CA VAL B 412 -4.38 50.85 8.00
C VAL B 412 -4.54 52.18 7.30
N VAL B 413 -5.55 52.30 6.43
CA VAL B 413 -5.79 53.56 5.72
C VAL B 413 -6.28 54.65 6.69
N GLU B 414 -7.18 54.28 7.60
CA GLU B 414 -7.77 55.28 8.49
C GLU B 414 -6.72 55.86 9.42
N ASN B 415 -5.76 55.03 9.87
CA ASN B 415 -4.81 55.53 10.84
C ASN B 415 -3.77 56.45 10.21
N VAL B 416 -3.46 56.26 8.92
CA VAL B 416 -2.54 57.18 8.25
C VAL B 416 -3.23 58.50 7.96
N GLU B 417 -4.54 58.48 7.67
CA GLU B 417 -5.25 59.74 7.46
C GLU B 417 -5.48 60.47 8.78
N ARG B 418 -5.63 59.74 9.88
CA ARG B 418 -5.72 60.38 11.20
C ARG B 418 -4.39 61.03 11.59
N VAL B 419 -3.28 60.37 11.26
CA VAL B 419 -1.96 60.92 11.58
C VAL B 419 -1.69 62.16 10.73
N MET B 420 -2.18 62.19 9.49
CA MET B 420 -1.99 63.37 8.66
C MET B 420 -2.86 64.52 9.16
N ALA B 421 -4.09 64.23 9.60
CA ALA B 421 -4.98 65.28 10.06
C ALA B 421 -4.62 65.78 11.45
N GLU B 422 -3.98 64.94 12.27
CA GLU B 422 -3.60 65.33 13.62
C GLU B 422 -2.20 65.92 13.70
N GLU B 423 -1.28 65.47 12.85
CA GLU B 423 0.13 65.85 12.94
C GLU B 423 0.65 66.61 11.74
N GLY B 424 -0.08 66.63 10.63
CA GLY B 424 0.35 67.38 9.46
C GLY B 424 1.61 66.84 8.82
N LEU B 425 1.66 65.53 8.57
CA LEU B 425 2.82 64.89 7.97
C LEU B 425 2.52 64.50 6.53
N PRO B 426 3.53 64.49 5.66
CA PRO B 426 3.34 63.98 4.30
C PRO B 426 2.96 62.51 4.32
N PRO B 427 2.38 61.99 3.24
CA PRO B 427 1.92 60.58 3.24
C PRO B 427 3.02 59.56 3.51
N LYS B 428 4.23 59.80 3.02
CA LYS B 428 5.31 58.84 3.23
C LYS B 428 5.74 58.80 4.70
N GLU B 429 6.14 59.95 5.27
CA GLU B 429 6.54 60.02 6.67
C GLU B 429 5.40 59.66 7.60
N ALA B 430 4.15 59.96 7.22
CA ALA B 430 3.00 59.67 8.05
C ALA B 430 2.60 58.20 7.98
N THR B 431 2.85 57.54 6.84
CA THR B 431 2.56 56.11 6.77
C THR B 431 3.57 55.30 7.58
N ARG B 432 4.83 55.75 7.61
CA ARG B 432 5.81 55.15 8.52
C ARG B 432 5.35 55.27 9.96
N LYS B 433 4.98 56.49 10.35
CA LYS B 433 4.28 56.81 11.59
C LYS B 433 3.20 55.79 11.93
N SER B 434 2.29 55.56 11.00
CA SER B 434 1.06 54.85 11.31
C SER B 434 1.22 53.33 11.43
N MET B 435 2.08 52.69 10.62
CA MET B 435 2.27 51.24 10.76
C MET B 435 3.27 50.93 11.86
N GLY B 436 4.16 51.88 12.17
CA GLY B 436 4.93 51.79 13.39
C GLY B 436 4.06 51.73 14.62
N GLN B 437 2.86 52.31 14.54
CA GLN B 437 1.89 52.25 15.62
C GLN B 437 1.14 50.93 15.70
N ILE B 438 1.00 50.20 14.58
CA ILE B 438 0.05 49.09 14.51
C ILE B 438 0.67 47.79 14.03
N GLN B 439 1.96 47.76 13.67
CA GLN B 439 2.53 46.56 13.07
C GLN B 439 2.59 45.41 14.06
N GLY B 440 2.99 45.70 15.31
CA GLY B 440 3.05 44.65 16.31
C GLY B 440 1.68 44.10 16.66
N ALA B 441 0.68 44.97 16.78
CA ALA B 441 -0.68 44.51 17.02
C ALA B 441 -1.18 43.65 15.86
N LEU B 442 -0.79 43.99 14.63
CA LEU B 442 -1.21 43.23 13.47
C LEU B 442 -0.67 41.80 13.53
N VAL B 443 0.63 41.64 13.81
CA VAL B 443 1.20 40.31 13.94
C VAL B 443 0.55 39.55 15.10
N GLY B 444 0.39 40.21 16.25
CA GLY B 444 -0.24 39.56 17.38
C GLY B 444 -1.65 39.10 17.10
N ILE B 445 -2.41 39.88 16.33
CA ILE B 445 -3.76 39.48 15.94
C ILE B 445 -3.71 38.20 15.12
N ALA B 446 -2.68 38.07 14.28
CA ALA B 446 -2.52 36.84 13.50
C ALA B 446 -2.29 35.63 14.39
N MET B 447 -1.44 35.77 15.40
CA MET B 447 -1.20 34.67 16.33
C MET B 447 -2.46 34.34 17.12
N VAL B 448 -3.15 35.38 17.59
CA VAL B 448 -4.36 35.19 18.40
C VAL B 448 -5.43 34.45 17.61
N LEU B 449 -5.62 34.85 16.35
CA LEU B 449 -6.73 34.29 15.58
C LEU B 449 -6.48 32.85 15.15
N SER B 450 -5.22 32.49 14.88
CA SER B 450 -4.95 31.09 14.59
C SER B 450 -5.03 30.24 15.85
N ALA B 451 -4.68 30.80 17.01
CA ALA B 451 -4.92 30.17 18.30
C ALA B 451 -6.39 29.86 18.52
N VAL B 452 -7.28 30.63 17.90
CA VAL B 452 -8.71 30.38 17.98
C VAL B 452 -9.12 29.25 17.05
N PHE B 453 -8.74 29.35 15.77
CA PHE B 453 -9.28 28.50 14.72
C PHE B 453 -8.46 27.23 14.48
N VAL B 454 -7.14 27.32 14.60
CA VAL B 454 -6.29 26.14 14.38
C VAL B 454 -6.64 24.97 15.28
N PRO B 455 -6.77 25.14 16.61
CA PRO B 455 -6.94 23.95 17.48
C PRO B 455 -8.16 23.11 17.18
N MET B 456 -9.23 23.71 16.66
CA MET B 456 -10.42 22.92 16.35
C MET B 456 -10.25 22.07 15.10
N ALA B 457 -9.21 22.32 14.31
CA ALA B 457 -8.92 21.45 13.17
C ALA B 457 -8.46 20.06 13.59
N PHE B 458 -8.11 19.87 14.86
CA PHE B 458 -7.50 18.64 15.34
C PHE B 458 -8.50 17.69 15.99
N PHE B 459 -9.80 17.93 15.82
CA PHE B 459 -10.74 16.85 16.11
C PHE B 459 -10.48 15.68 15.19
N GLY B 460 -10.88 14.50 15.64
CA GLY B 460 -10.73 13.30 14.86
C GLY B 460 -11.99 12.98 14.08
N GLY B 461 -11.83 12.15 13.06
CA GLY B 461 -12.95 11.65 12.27
C GLY B 461 -13.73 12.75 11.56
N SER B 462 -15.06 12.56 11.52
CA SER B 462 -15.92 13.43 10.75
C SER B 462 -15.90 14.85 11.30
N THR B 463 -15.94 14.99 12.63
CA THR B 463 -15.97 16.32 13.23
C THR B 463 -14.74 17.13 12.87
N GLY B 464 -13.56 16.51 12.92
CA GLY B 464 -12.35 17.24 12.56
C GLY B 464 -12.30 17.58 11.08
N ALA B 465 -12.84 16.70 10.23
CA ALA B 465 -12.76 16.96 8.79
C ALA B 465 -13.59 18.16 8.40
N ILE B 466 -14.74 18.35 9.05
CA ILE B 466 -15.57 19.53 8.82
C ILE B 466 -14.89 20.78 9.36
N TYR B 467 -14.35 20.71 10.58
CA TYR B 467 -13.69 21.87 11.17
C TYR B 467 -12.45 22.28 10.39
N ARG B 468 -11.77 21.32 9.76
CA ARG B 468 -10.56 21.63 9.01
C ARG B 468 -10.83 22.59 7.87
N GLN B 469 -12.00 22.47 7.23
CA GLN B 469 -12.33 23.33 6.08
C GLN B 469 -12.42 24.79 6.51
N PHE B 470 -13.20 25.05 7.57
CA PHE B 470 -13.32 26.41 8.07
C PHE B 470 -11.99 26.94 8.58
N SER B 471 -11.22 26.09 9.28
CA SER B 471 -10.01 26.54 9.95
C SER B 471 -8.97 27.03 8.94
N ILE B 472 -8.67 26.21 7.93
CA ILE B 472 -7.63 26.59 6.97
C ILE B 472 -8.08 27.77 6.12
N THR B 473 -9.38 27.83 5.79
CA THR B 473 -9.85 28.94 4.97
C THR B 473 -9.75 30.26 5.72
N ILE B 474 -10.21 30.29 6.97
CA ILE B 474 -10.19 31.54 7.72
C ILE B 474 -8.78 31.90 8.14
N VAL B 475 -8.00 30.92 8.60
CA VAL B 475 -6.64 31.22 9.02
C VAL B 475 -5.77 31.63 7.84
N SER B 476 -5.98 31.03 6.67
CA SER B 476 -5.23 31.43 5.49
C SER B 476 -5.54 32.87 5.11
N ALA B 477 -6.83 33.18 4.96
CA ALA B 477 -7.23 34.53 4.56
C ALA B 477 -6.78 35.56 5.60
N MET B 478 -6.80 35.18 6.87
CA MET B 478 -6.38 36.11 7.91
C MET B 478 -4.88 36.34 7.85
N ALA B 479 -4.09 35.28 7.68
CA ALA B 479 -2.63 35.42 7.70
C ALA B 479 -2.13 36.17 6.48
N LEU B 480 -2.72 35.92 5.31
CA LEU B 480 -2.30 36.65 4.11
C LEU B 480 -2.77 38.10 4.13
N SER B 481 -3.94 38.36 4.72
CA SER B 481 -4.39 39.73 4.89
C SER B 481 -3.43 40.53 5.75
N VAL B 482 -2.87 39.90 6.78
CA VAL B 482 -1.86 40.58 7.59
C VAL B 482 -0.59 40.82 6.77
N LEU B 483 -0.13 39.81 6.04
CA LEU B 483 1.05 39.97 5.20
C LEU B 483 0.83 41.06 4.15
N VAL B 484 -0.38 41.15 3.60
CA VAL B 484 -0.65 42.19 2.63
C VAL B 484 -0.74 43.55 3.31
N ALA B 485 -1.32 43.59 4.52
CA ALA B 485 -1.40 44.83 5.28
C ALA B 485 -0.05 45.32 5.78
N LEU B 486 0.99 44.48 5.74
CA LEU B 486 2.34 44.91 6.08
C LEU B 486 3.23 45.10 4.86
N ILE B 487 2.71 44.81 3.65
CA ILE B 487 3.50 44.89 2.43
C ILE B 487 2.84 45.81 1.42
N LEU B 488 1.60 45.50 1.05
CA LEU B 488 0.93 46.17 -0.06
C LEU B 488 0.30 47.50 0.34
N THR B 489 -0.54 47.50 1.39
CA THR B 489 -1.21 48.72 1.79
C THR B 489 -0.28 49.83 2.29
N PRO B 490 0.84 49.55 2.98
CA PRO B 490 1.80 50.64 3.27
C PRO B 490 2.27 51.39 2.03
N ALA B 491 2.63 50.67 0.97
CA ALA B 491 3.10 51.35 -0.23
C ALA B 491 1.98 52.13 -0.90
N LEU B 492 0.75 51.60 -0.88
CA LEU B 492 -0.35 52.25 -1.59
C LEU B 492 -0.76 53.56 -0.92
N CYS B 493 -0.79 53.60 0.42
CA CYS B 493 -1.07 54.83 1.14
C CYS B 493 0.03 55.86 0.89
N ALA B 494 1.28 55.43 0.96
CA ALA B 494 2.41 56.31 0.74
C ALA B 494 2.49 56.82 -0.69
N THR B 495 1.84 56.14 -1.61
CA THR B 495 1.96 56.45 -3.03
C THR B 495 0.72 57.09 -3.63
N MET B 496 -0.43 57.06 -2.92
CA MET B 496 -1.71 57.38 -3.51
C MET B 496 -2.55 58.39 -2.75
N LEU B 497 -2.22 58.67 -1.48
CA LEU B 497 -3.04 59.54 -0.65
C LEU B 497 -2.56 60.98 -0.75
N LYS B 498 -3.52 61.91 -0.78
CA LYS B 498 -3.20 63.32 -0.79
C LYS B 498 -2.71 63.77 0.59
N PRO B 499 -1.85 64.78 0.65
CA PRO B 499 -1.51 65.40 1.94
C PRO B 499 -2.73 66.06 2.56
N ILE B 500 -2.69 66.21 3.88
CA ILE B 500 -3.75 66.87 4.64
C ILE B 500 -3.12 67.88 5.58
N ALA B 501 -3.70 69.08 5.64
CA ALA B 501 -3.21 70.11 6.54
C ALA B 501 -3.52 69.77 7.98
N LYS B 502 -2.62 70.16 8.89
CA LYS B 502 -2.81 69.91 10.31
C LYS B 502 -4.08 70.59 10.81
N GLY B 503 -4.96 69.81 11.46
CA GLY B 503 -6.21 70.30 11.98
C GLY B 503 -7.37 70.27 11.02
N ASP B 504 -7.13 69.97 9.74
CA ASP B 504 -8.18 69.95 8.74
C ASP B 504 -9.09 68.74 8.94
N HIS B 505 -10.12 68.88 9.75
CA HIS B 505 -11.12 67.84 9.94
C HIS B 505 -12.38 68.10 9.12
N GLY B 506 -12.31 69.00 8.15
CA GLY B 506 -13.44 69.21 7.26
C GLY B 506 -14.64 69.87 7.87
N GLU B 507 -14.47 70.57 9.00
CA GLU B 507 -15.60 71.28 9.60
C GLU B 507 -15.95 72.54 8.81
N GLY B 508 -15.01 73.05 8.01
CA GLY B 508 -15.20 74.27 7.26
C GLY B 508 -15.71 74.11 5.84
N LYS B 509 -15.75 72.88 5.31
CA LYS B 509 -16.33 72.67 4.00
C LYS B 509 -17.85 72.70 4.08
N LYS B 510 -18.50 72.72 2.92
CA LYS B 510 -19.91 73.04 2.84
C LYS B 510 -20.68 71.84 2.31
N GLY B 511 -22.00 72.00 2.20
CA GLY B 511 -22.84 70.93 1.71
C GLY B 511 -23.14 69.91 2.79
N PHE B 512 -23.18 68.64 2.40
CA PHE B 512 -23.53 67.59 3.36
C PHE B 512 -22.31 67.19 4.19
N PHE B 513 -21.14 67.08 3.56
CA PHE B 513 -19.99 66.53 4.27
C PHE B 513 -19.45 67.50 5.32
N GLY B 514 -19.63 68.81 5.11
CA GLY B 514 -19.33 69.75 6.17
C GLY B 514 -20.18 69.52 7.40
N TRP B 515 -21.48 69.28 7.20
CA TRP B 515 -22.36 68.98 8.33
C TRP B 515 -21.98 67.67 9.00
N PHE B 516 -21.65 66.66 8.21
CA PHE B 516 -21.28 65.37 8.76
C PHE B 516 -20.01 65.46 9.59
N ASN B 517 -19.05 66.28 9.13
CA ASN B 517 -17.73 66.29 9.75
C ASN B 517 -17.80 66.83 11.17
N ARG B 518 -18.52 67.91 11.41
CA ARG B 518 -18.62 68.41 12.77
C ARG B 518 -19.75 67.75 13.55
N MET B 519 -20.74 67.13 12.89
CA MET B 519 -21.61 66.22 13.60
C MET B 519 -20.80 65.08 14.20
N PHE B 520 -19.86 64.54 13.43
CA PHE B 520 -19.04 63.43 13.93
C PHE B 520 -18.03 63.90 14.96
N GLU B 521 -17.48 65.10 14.78
CA GLU B 521 -16.58 65.66 15.77
C GLU B 521 -17.31 65.92 17.08
N LYS B 522 -18.54 66.45 16.99
CA LYS B 522 -19.35 66.68 18.18
C LYS B 522 -19.65 65.37 18.89
N SER B 523 -20.05 64.35 18.15
CA SER B 523 -20.28 63.03 18.74
C SER B 523 -19.00 62.43 19.28
N THR B 524 -17.87 62.70 18.63
CA THR B 524 -16.58 62.20 19.12
C THR B 524 -16.28 62.74 20.51
N HIS B 525 -16.51 64.03 20.73
CA HIS B 525 -16.29 64.60 22.05
C HIS B 525 -17.36 64.15 23.04
N HIS B 526 -18.59 63.95 22.58
CA HIS B 526 -19.61 63.31 23.42
C HIS B 526 -19.13 61.95 23.90
N TYR B 527 -18.56 61.16 22.99
CA TYR B 527 -18.14 59.82 23.32
C TYR B 527 -17.01 59.84 24.35
N THR B 528 -16.01 60.71 24.16
CA THR B 528 -14.90 60.77 25.11
C THR B 528 -15.36 61.27 26.47
N ASP B 529 -16.29 62.24 26.50
CA ASP B 529 -16.84 62.72 27.76
C ASP B 529 -17.55 61.60 28.52
N SER B 530 -18.36 60.80 27.79
CA SER B 530 -19.13 59.75 28.46
C SER B 530 -18.24 58.62 28.95
N VAL B 531 -17.21 58.26 28.17
CA VAL B 531 -16.29 57.22 28.63
C VAL B 531 -15.45 57.74 29.78
N GLY B 532 -15.13 59.03 29.76
CA GLY B 532 -14.48 59.63 30.90
C GLY B 532 -15.32 59.54 32.16
N GLY B 533 -16.62 59.76 32.04
CA GLY B 533 -17.50 59.61 33.18
C GLY B 533 -17.65 58.15 33.61
N ILE B 534 -17.70 57.24 32.64
CA ILE B 534 -17.82 55.81 32.95
C ILE B 534 -16.61 55.34 33.76
N LEU B 535 -15.45 55.94 33.53
CA LEU B 535 -14.23 55.54 34.24
C LEU B 535 -14.16 56.07 35.67
N ARG B 536 -15.18 56.80 36.13
CA ARG B 536 -15.30 57.08 37.56
C ARG B 536 -16.21 56.09 38.26
N SER B 537 -17.19 55.53 37.55
CA SER B 537 -18.17 54.62 38.13
C SER B 537 -18.02 53.22 37.57
N THR B 538 -16.81 52.66 37.66
CA THR B 538 -16.53 51.39 37.00
C THR B 538 -17.07 50.18 37.75
N GLY B 539 -17.26 50.30 39.07
CA GLY B 539 -17.93 49.22 39.79
C GLY B 539 -19.34 48.97 39.26
N ARG B 540 -20.04 50.04 38.90
CA ARG B 540 -21.41 49.91 38.39
C ARG B 540 -21.45 49.09 37.10
N TYR B 541 -20.55 49.41 36.16
CA TYR B 541 -20.55 48.71 34.87
C TYR B 541 -19.91 47.33 34.96
N LEU B 542 -19.06 47.09 35.96
CA LEU B 542 -18.62 45.71 36.23
C LEU B 542 -19.80 44.84 36.62
N VAL B 543 -20.73 45.36 37.43
CA VAL B 543 -21.92 44.59 37.77
C VAL B 543 -22.81 44.40 36.56
N LEU B 544 -22.93 45.44 35.72
CA LEU B 544 -23.69 45.31 34.50
C LEU B 544 -23.07 44.30 33.52
N TYR B 545 -21.73 44.18 33.54
CA TYR B 545 -21.06 43.20 32.69
C TYR B 545 -21.48 41.78 33.04
N LEU B 546 -21.56 41.47 34.34
CA LEU B 546 -21.97 40.13 34.76
C LEU B 546 -23.46 39.91 34.53
N ILE B 547 -24.28 40.95 34.66
CA ILE B 547 -25.70 40.85 34.34
C ILE B 547 -25.92 40.48 32.88
N ILE B 548 -25.00 40.87 32.00
CA ILE B 548 -25.16 40.57 30.58
C ILE B 548 -24.46 39.28 30.14
N VAL B 549 -23.43 38.83 30.86
CA VAL B 549 -22.80 37.57 30.49
C VAL B 549 -23.64 36.38 30.94
N VAL B 550 -24.36 36.50 32.07
CA VAL B 550 -25.32 35.45 32.37
C VAL B 550 -26.51 35.57 31.43
N GLY B 551 -26.81 36.78 30.95
CA GLY B 551 -27.83 36.92 29.92
C GLY B 551 -27.41 36.27 28.61
N MET B 552 -26.12 36.33 28.27
CA MET B 552 -25.65 35.64 27.07
C MET B 552 -25.62 34.13 27.27
N ALA B 553 -25.13 33.67 28.43
CA ALA B 553 -25.11 32.24 28.71
C ALA B 553 -26.52 31.65 28.67
N TYR B 554 -27.51 32.43 29.10
CA TYR B 554 -28.89 31.94 29.12
C TYR B 554 -29.42 31.75 27.70
N LEU B 555 -29.38 32.84 26.90
CA LEU B 555 -29.95 32.74 25.56
C LEU B 555 -29.09 31.87 24.65
N PHE B 556 -27.85 31.61 25.04
CA PHE B 556 -27.03 30.62 24.34
C PHE B 556 -27.48 29.20 24.68
N VAL B 557 -27.63 28.87 25.96
CA VAL B 557 -28.05 27.50 26.32
C VAL B 557 -29.46 27.23 25.83
N ARG B 558 -30.30 28.27 25.72
CA ARG B 558 -31.67 28.10 25.27
C ARG B 558 -31.76 27.70 23.80
N LEU B 559 -30.76 28.06 23.00
CA LEU B 559 -30.81 27.79 21.56
C LEU B 559 -30.80 26.29 21.29
N PRO B 560 -31.52 25.84 20.27
CA PRO B 560 -31.40 24.43 19.86
C PRO B 560 -29.97 24.10 19.46
N SER B 561 -29.49 22.95 19.92
CA SER B 561 -28.11 22.52 19.69
C SER B 561 -28.13 21.28 18.81
N SER B 562 -27.63 21.43 17.59
CA SER B 562 -27.54 20.34 16.63
C SER B 562 -26.28 20.57 15.81
N PHE B 563 -25.43 19.56 15.71
CA PHE B 563 -24.14 19.79 15.06
C PHE B 563 -24.29 20.00 13.56
N LEU B 564 -25.07 19.14 12.90
CA LEU B 564 -25.33 19.24 11.47
C LEU B 564 -26.79 18.92 11.21
N PRO B 565 -27.67 19.90 11.40
CA PRO B 565 -29.10 19.67 11.16
C PRO B 565 -29.38 19.29 9.72
N ASP B 566 -30.44 18.50 9.54
CA ASP B 566 -30.86 18.05 8.21
C ASP B 566 -31.74 19.13 7.57
N GLU B 567 -31.08 20.08 6.93
CA GLU B 567 -31.78 21.20 6.32
C GLU B 567 -32.56 20.76 5.09
N ASP B 568 -33.34 21.69 4.53
CA ASP B 568 -34.10 21.43 3.32
C ASP B 568 -33.16 21.35 2.13
N GLN B 569 -33.05 20.16 1.55
CA GLN B 569 -32.20 19.92 0.39
C GLN B 569 -32.98 19.82 -0.91
N GLY B 570 -34.31 19.77 -0.85
CA GLY B 570 -35.12 19.59 -2.03
C GLY B 570 -35.46 18.16 -2.38
N VAL B 571 -34.97 17.20 -1.60
CA VAL B 571 -35.32 15.80 -1.77
C VAL B 571 -35.57 15.22 -0.38
N PHE B 572 -36.54 14.31 -0.29
CA PHE B 572 -36.76 13.54 0.93
C PHE B 572 -37.27 12.17 0.55
N MET B 573 -37.26 11.27 1.51
CA MET B 573 -37.63 9.88 1.30
C MET B 573 -38.87 9.52 2.11
N THR B 574 -39.59 8.51 1.63
CA THR B 574 -40.73 7.96 2.36
C THR B 574 -40.64 6.45 2.32
N MET B 575 -40.54 5.84 3.50
CA MET B 575 -40.31 4.41 3.63
C MET B 575 -41.63 3.66 3.71
N VAL B 576 -41.67 2.47 3.11
CA VAL B 576 -42.89 1.67 3.02
C VAL B 576 -42.58 0.25 3.50
N GLN B 577 -43.40 -0.27 4.41
CA GLN B 577 -43.18 -1.59 4.97
C GLN B 577 -44.53 -2.28 5.10
N LEU B 578 -44.65 -3.45 4.47
CA LEU B 578 -45.86 -4.26 4.55
C LEU B 578 -45.60 -5.50 5.40
N PRO B 579 -46.66 -6.19 5.86
CA PRO B 579 -46.47 -7.30 6.81
C PRO B 579 -45.71 -8.49 6.25
N ALA B 580 -45.55 -9.53 7.07
CA ALA B 580 -44.90 -10.75 6.63
C ALA B 580 -45.75 -11.45 5.57
N GLY B 581 -45.08 -11.94 4.53
CA GLY B 581 -45.75 -12.68 3.47
C GLY B 581 -46.42 -11.84 2.41
N ALA B 582 -46.31 -10.51 2.49
CA ALA B 582 -46.98 -9.64 1.54
C ALA B 582 -46.28 -9.68 0.19
N THR B 583 -47.07 -9.69 -0.88
CA THR B 583 -46.54 -9.87 -2.23
C THR B 583 -46.18 -8.54 -2.88
N GLN B 584 -45.43 -8.63 -3.97
CA GLN B 584 -44.97 -7.45 -4.69
C GLN B 584 -46.14 -6.59 -5.20
N GLU B 585 -47.22 -7.25 -5.65
CA GLU B 585 -48.39 -6.53 -6.11
C GLU B 585 -49.01 -5.68 -5.01
N ARG B 586 -49.07 -6.22 -3.78
CA ARG B 586 -49.63 -5.46 -2.67
C ARG B 586 -48.78 -4.24 -2.34
N THR B 587 -47.46 -4.37 -2.48
CA THR B 587 -46.57 -3.23 -2.25
C THR B 587 -46.76 -2.15 -3.32
N GLN B 588 -46.97 -2.57 -4.57
CA GLN B 588 -47.09 -1.60 -5.66
C GLN B 588 -48.37 -0.76 -5.51
N LYS B 589 -49.47 -1.39 -5.05
CA LYS B 589 -50.69 -0.64 -4.81
C LYS B 589 -50.46 0.46 -3.78
N VAL B 590 -49.70 0.14 -2.73
CA VAL B 590 -49.41 1.12 -1.69
C VAL B 590 -48.56 2.26 -2.26
N LEU B 591 -47.51 1.92 -3.01
CA LEU B 591 -46.68 2.94 -3.62
C LEU B 591 -47.46 3.78 -4.61
N ASN B 592 -48.44 3.18 -5.30
CA ASN B 592 -49.25 3.92 -6.26
C ASN B 592 -50.06 5.01 -5.56
N GLU B 593 -50.68 4.67 -4.42
CA GLU B 593 -51.41 5.69 -3.66
C GLU B 593 -50.48 6.66 -2.96
N VAL B 594 -49.22 6.28 -2.74
CA VAL B 594 -48.26 7.20 -2.12
C VAL B 594 -47.87 8.30 -3.11
N THR B 595 -47.64 7.95 -4.37
CA THR B 595 -47.34 8.99 -5.34
C THR B 595 -48.58 9.78 -5.71
N HIS B 596 -49.76 9.14 -5.68
CA HIS B 596 -50.99 9.88 -5.94
C HIS B 596 -51.22 10.96 -4.89
N TYR B 597 -50.89 10.66 -3.62
CA TYR B 597 -50.94 11.69 -2.58
C TYR B 597 -49.99 12.84 -2.90
N TYR B 598 -48.73 12.52 -3.19
CA TYR B 598 -47.71 13.54 -3.34
C TYR B 598 -47.97 14.43 -4.56
N LEU B 599 -48.48 13.85 -5.65
CA LEU B 599 -48.67 14.61 -6.88
C LEU B 599 -49.99 15.37 -6.94
N THR B 600 -50.88 15.17 -5.97
CA THR B 600 -52.15 15.89 -5.92
C THR B 600 -52.17 16.86 -4.74
N LYS B 601 -52.19 16.34 -3.51
CA LYS B 601 -52.31 17.20 -2.34
C LYS B 601 -51.05 18.02 -2.04
N GLU B 602 -49.93 17.74 -2.73
CA GLU B 602 -48.74 18.57 -2.67
C GLU B 602 -48.26 18.93 -4.07
N LYS B 603 -49.21 18.96 -5.01
CA LYS B 603 -49.10 19.60 -6.33
C LYS B 603 -48.08 20.72 -6.45
N ASN B 604 -48.16 21.78 -5.64
CA ASN B 604 -47.38 22.99 -5.83
C ASN B 604 -45.97 22.91 -5.27
N ASN B 605 -45.59 21.77 -4.68
CA ASN B 605 -44.28 21.54 -4.10
C ASN B 605 -43.54 20.40 -4.76
N VAL B 606 -44.22 19.29 -5.06
CA VAL B 606 -43.57 18.08 -5.52
C VAL B 606 -43.36 18.14 -7.02
N GLU B 607 -42.16 17.78 -7.47
CA GLU B 607 -41.82 17.75 -8.88
C GLU B 607 -41.70 16.35 -9.45
N SER B 608 -41.27 15.38 -8.64
CA SER B 608 -41.09 14.01 -9.09
C SER B 608 -41.23 13.07 -7.90
N VAL B 609 -41.77 11.87 -8.14
CA VAL B 609 -41.81 10.80 -7.14
C VAL B 609 -41.17 9.57 -7.76
N PHE B 610 -39.99 9.20 -7.24
CA PHE B 610 -39.19 8.08 -7.74
C PHE B 610 -39.47 6.89 -6.81
N ALA B 611 -40.44 6.06 -7.20
CA ALA B 611 -40.88 4.94 -6.37
C ALA B 611 -40.07 3.68 -6.68
N VAL B 612 -39.55 3.04 -5.64
CA VAL B 612 -38.72 1.85 -5.76
C VAL B 612 -39.41 0.72 -4.99
N ASN B 613 -39.78 -0.34 -5.70
CA ASN B 613 -40.40 -1.51 -5.09
C ASN B 613 -39.38 -2.62 -4.93
N GLY B 614 -39.30 -3.18 -3.72
CA GLY B 614 -38.40 -4.26 -3.40
C GLY B 614 -37.19 -3.87 -2.58
N PHE B 615 -37.00 -2.58 -2.31
CA PHE B 615 -35.82 -2.07 -1.65
C PHE B 615 -36.27 -1.07 -0.60
N GLY B 616 -35.99 -1.35 0.67
CA GLY B 616 -36.31 -0.46 1.75
C GLY B 616 -35.06 0.15 2.36
N PHE B 617 -35.30 1.18 3.19
CA PHE B 617 -34.24 1.73 4.01
C PHE B 617 -33.65 0.65 4.91
N ALA B 618 -34.49 0.04 5.74
CA ALA B 618 -34.06 -0.89 6.77
C ALA B 618 -33.86 -2.32 6.27
N GLY B 619 -34.05 -2.59 4.97
CA GLY B 619 -33.98 -3.95 4.47
C GLY B 619 -34.86 -4.26 3.27
N ARG B 620 -34.35 -5.09 2.36
CA ARG B 620 -34.97 -5.34 1.06
C ARG B 620 -36.02 -6.45 1.16
N GLY B 621 -36.77 -6.60 0.08
CA GLY B 621 -37.73 -7.68 -0.05
C GLY B 621 -38.96 -7.24 -0.81
N GLN B 622 -39.81 -8.24 -1.11
CA GLN B 622 -41.07 -8.02 -1.82
C GLN B 622 -42.03 -7.14 -1.03
N ASN B 623 -41.90 -7.07 0.30
CA ASN B 623 -42.79 -6.28 1.15
C ASN B 623 -42.15 -4.97 1.59
N THR B 624 -41.11 -4.53 0.90
CA THR B 624 -40.44 -3.27 1.22
C THR B 624 -40.46 -2.34 0.00
N GLY B 625 -40.26 -1.06 0.28
CA GLY B 625 -40.25 -0.05 -0.76
C GLY B 625 -39.82 1.27 -0.18
N ILE B 626 -39.42 2.17 -1.09
CA ILE B 626 -39.05 3.53 -0.71
C ILE B 626 -39.27 4.44 -1.90
N ALA B 627 -39.77 5.64 -1.63
CA ALA B 627 -40.00 6.65 -2.65
C ALA B 627 -39.10 7.84 -2.37
N PHE B 628 -38.35 8.24 -3.39
CA PHE B 628 -37.56 9.47 -3.34
C PHE B 628 -38.37 10.58 -3.98
N VAL B 629 -38.72 11.59 -3.19
CA VAL B 629 -39.53 12.71 -3.65
C VAL B 629 -38.61 13.92 -3.84
N SER B 630 -38.55 14.43 -5.06
CA SER B 630 -37.79 15.63 -5.38
C SER B 630 -38.75 16.79 -5.61
N LEU B 631 -38.41 17.95 -5.04
CA LEU B 631 -39.30 19.10 -5.04
C LEU B 631 -38.76 20.22 -5.91
N LYS B 632 -39.66 21.13 -6.27
CA LYS B 632 -39.26 22.31 -7.02
C LYS B 632 -38.42 23.22 -6.12
N ASP B 633 -37.65 24.11 -6.77
CA ASP B 633 -36.67 24.95 -6.10
C ASP B 633 -37.33 25.80 -5.01
N TRP B 634 -36.49 26.40 -4.16
CA TRP B 634 -36.95 27.15 -3.01
C TRP B 634 -37.78 28.37 -3.39
N ALA B 635 -37.63 28.87 -4.62
CA ALA B 635 -38.38 30.05 -5.05
C ALA B 635 -39.85 29.71 -5.25
N ASP B 636 -40.14 28.72 -6.08
CA ASP B 636 -41.51 28.42 -6.47
C ASP B 636 -42.29 27.62 -5.41
N ARG B 637 -41.79 27.58 -4.17
CA ARG B 637 -42.57 27.13 -3.02
C ARG B 637 -42.13 27.94 -1.81
N PRO B 638 -42.55 29.21 -1.75
CA PRO B 638 -42.16 30.06 -0.62
C PRO B 638 -42.95 29.70 0.63
N GLY B 639 -42.49 30.26 1.76
CA GLY B 639 -43.10 29.99 3.04
C GLY B 639 -42.54 28.75 3.69
N GLU B 640 -42.46 28.75 5.02
CA GLU B 640 -41.90 27.60 5.72
C GLU B 640 -42.85 26.41 5.74
N GLU B 641 -44.14 26.62 5.52
CA GLU B 641 -45.08 25.52 5.44
C GLU B 641 -44.90 24.67 4.18
N ASN B 642 -44.11 25.14 3.21
CA ASN B 642 -43.81 24.40 2.00
C ASN B 642 -42.38 23.86 1.97
N LYS B 643 -41.69 23.89 3.10
CA LYS B 643 -40.39 23.23 3.21
C LYS B 643 -40.59 21.78 3.64
N VAL B 644 -39.50 21.01 3.59
CA VAL B 644 -39.60 19.56 3.81
C VAL B 644 -40.03 19.25 5.25
N GLU B 645 -39.71 20.14 6.19
CA GLU B 645 -40.00 19.88 7.60
C GLU B 645 -41.48 19.68 7.85
N ALA B 646 -42.32 20.50 7.22
CA ALA B 646 -43.77 20.38 7.37
C ALA B 646 -44.39 19.43 6.36
N ILE B 647 -43.82 19.32 5.16
CA ILE B 647 -44.35 18.39 4.16
C ILE B 647 -44.27 16.96 4.68
N THR B 648 -43.16 16.62 5.33
CA THR B 648 -42.98 15.25 5.82
C THR B 648 -44.02 14.91 6.89
N MET B 649 -44.31 15.86 7.78
CA MET B 649 -45.27 15.59 8.85
C MET B 649 -46.69 15.49 8.31
N ARG B 650 -47.07 16.39 7.38
CA ARG B 650 -48.34 16.26 6.70
C ARG B 650 -48.44 14.92 5.98
N ALA B 651 -47.34 14.50 5.35
CA ALA B 651 -47.34 13.22 4.64
C ALA B 651 -47.47 12.05 5.61
N THR B 652 -46.75 12.10 6.73
CA THR B 652 -46.81 11.01 7.70
C THR B 652 -48.20 10.89 8.31
N ARG B 653 -48.81 12.02 8.68
CA ARG B 653 -50.15 11.99 9.26
C ARG B 653 -51.18 11.52 8.25
N ALA B 654 -51.05 11.95 6.99
CA ALA B 654 -51.94 11.45 5.95
C ALA B 654 -51.76 9.96 5.73
N PHE B 655 -50.54 9.47 5.82
CA PHE B 655 -50.25 8.07 5.57
C PHE B 655 -50.52 7.17 6.76
N SER B 656 -50.87 7.74 7.92
CA SER B 656 -51.23 6.91 9.05
C SER B 656 -52.56 6.20 8.84
N GLN B 657 -53.41 6.70 7.94
CA GLN B 657 -54.69 6.06 7.67
C GLN B 657 -54.59 5.00 6.59
N ILE B 658 -53.39 4.62 6.18
CA ILE B 658 -53.23 3.54 5.20
C ILE B 658 -53.36 2.19 5.93
N LYS B 659 -54.39 1.45 5.55
CA LYS B 659 -54.61 0.09 6.02
C LYS B 659 -53.50 -0.85 5.57
N ASP B 660 -53.08 -1.74 6.47
CA ASP B 660 -52.20 -2.87 6.14
C ASP B 660 -50.86 -2.43 5.56
N ALA B 661 -50.34 -1.32 6.07
CA ALA B 661 -49.02 -0.88 5.71
C ALA B 661 -48.54 0.10 6.77
N MET B 662 -47.22 0.28 6.81
CA MET B 662 -46.56 1.20 7.73
C MET B 662 -45.70 2.13 6.89
N VAL B 663 -46.14 3.38 6.73
CA VAL B 663 -45.52 4.35 5.85
C VAL B 663 -44.98 5.50 6.69
N PHE B 664 -43.85 6.06 6.25
CA PHE B 664 -43.21 7.13 7.01
C PHE B 664 -42.36 7.97 6.08
N ALA B 665 -42.62 9.27 6.04
CA ALA B 665 -41.80 10.20 5.29
C ALA B 665 -40.80 10.87 6.22
N PHE B 666 -39.60 11.14 5.70
CA PHE B 666 -38.56 11.75 6.52
C PHE B 666 -37.51 12.36 5.59
N ASN B 667 -36.65 13.19 6.19
CA ASN B 667 -35.65 13.96 5.46
C ASN B 667 -34.35 13.16 5.35
N LEU B 668 -33.79 13.12 4.15
CA LEU B 668 -32.45 12.59 4.01
C LEU B 668 -31.44 13.56 4.61
N PRO B 669 -30.31 13.06 5.10
CA PRO B 669 -29.37 13.93 5.84
C PRO B 669 -28.61 14.88 4.93
N ALA B 670 -27.95 15.84 5.59
CA ALA B 670 -27.14 16.82 4.86
C ALA B 670 -25.95 16.18 4.18
N ILE B 671 -25.32 15.21 4.84
CA ILE B 671 -24.15 14.52 4.31
C ILE B 671 -24.50 13.05 4.27
N VAL B 672 -25.07 12.59 3.15
CA VAL B 672 -25.58 11.22 3.02
C VAL B 672 -24.50 10.17 3.22
N GLU B 673 -23.22 10.53 3.09
CA GLU B 673 -22.15 9.64 3.49
C GLU B 673 -22.22 9.29 4.98
N LEU B 674 -22.70 10.22 5.81
CA LEU B 674 -22.77 9.97 7.24
C LEU B 674 -24.14 9.44 7.69
N GLY B 675 -25.22 10.14 7.32
CA GLY B 675 -26.55 9.71 7.69
C GLY B 675 -27.03 10.22 9.03
N THR B 676 -27.63 11.40 9.02
CA THR B 676 -28.28 12.09 10.13
C THR B 676 -27.31 12.82 11.03
N ALA B 677 -26.60 12.09 11.89
CA ALA B 677 -25.96 12.57 13.11
C ALA B 677 -26.97 12.94 14.18
N THR B 678 -28.27 12.75 13.93
CA THR B 678 -29.33 13.04 14.89
C THR B 678 -29.61 11.76 15.67
N GLY B 679 -29.10 11.69 16.89
CA GLY B 679 -29.38 10.55 17.73
C GLY B 679 -28.22 9.59 17.87
N PHE B 680 -28.49 8.29 17.84
CA PHE B 680 -27.44 7.32 18.08
C PHE B 680 -27.69 6.06 17.26
N ASP B 681 -26.63 5.25 17.12
CA ASP B 681 -26.64 4.00 16.39
C ASP B 681 -26.10 2.90 17.30
N PHE B 682 -26.89 1.88 17.55
CA PHE B 682 -26.64 0.93 18.63
C PHE B 682 -26.61 -0.50 18.09
N GLU B 683 -25.70 -1.30 18.64
CA GLU B 683 -25.49 -2.67 18.19
C GLU B 683 -25.68 -3.62 19.37
N LEU B 684 -26.65 -4.52 19.26
CA LEU B 684 -26.89 -5.57 20.25
C LEU B 684 -26.23 -6.86 19.75
N ILE B 685 -25.41 -7.48 20.60
CA ILE B 685 -24.46 -8.49 20.16
C ILE B 685 -24.62 -9.79 20.94
N ASP B 686 -24.70 -10.90 20.21
CA ASP B 686 -24.64 -12.27 20.72
C ASP B 686 -23.19 -12.60 21.05
N GLN B 687 -22.81 -12.51 22.32
CA GLN B 687 -21.43 -12.73 22.74
C GLN B 687 -21.14 -14.16 23.17
N ALA B 688 -22.12 -15.06 23.16
CA ALA B 688 -21.93 -16.35 23.79
C ALA B 688 -22.70 -17.45 23.07
N GLY B 689 -22.79 -17.35 21.75
CA GLY B 689 -23.45 -18.36 20.93
C GLY B 689 -24.87 -18.66 21.32
N LEU B 690 -25.65 -17.60 21.61
CA LEU B 690 -26.99 -17.76 22.17
C LEU B 690 -28.01 -18.17 21.11
N GLY B 691 -27.91 -17.62 19.92
CA GLY B 691 -28.81 -17.94 18.83
C GLY B 691 -29.71 -16.77 18.49
N HIS B 692 -30.42 -16.93 17.37
CA HIS B 692 -31.25 -15.85 16.85
C HIS B 692 -32.37 -15.49 17.81
N GLU B 693 -33.18 -16.48 18.21
CA GLU B 693 -34.37 -16.20 19.01
C GLU B 693 -34.01 -15.59 20.36
N LYS B 694 -32.95 -16.11 21.00
CA LYS B 694 -32.48 -15.52 22.25
C LYS B 694 -32.09 -14.05 22.06
N LEU B 695 -31.39 -13.74 20.97
CA LEU B 695 -31.03 -12.36 20.71
C LEU B 695 -32.27 -11.50 20.45
N THR B 696 -33.26 -12.06 19.76
CA THR B 696 -34.51 -11.33 19.53
C THR B 696 -35.21 -11.03 20.86
N GLN B 697 -35.25 -12.00 21.77
CA GLN B 697 -35.88 -11.79 23.07
C GLN B 697 -35.20 -10.66 23.84
N ALA B 698 -33.87 -10.65 23.84
CA ALA B 698 -33.12 -9.59 24.52
C ALA B 698 -33.43 -8.22 23.92
N ARG B 699 -33.52 -8.16 22.58
CA ARG B 699 -33.84 -6.90 21.94
C ARG B 699 -35.21 -6.40 22.35
N ASN B 700 -36.18 -7.32 22.46
CA ASN B 700 -37.52 -6.95 22.93
C ASN B 700 -37.48 -6.42 24.35
N GLN B 701 -36.71 -7.07 25.22
CA GLN B 701 -36.55 -6.58 26.59
C GLN B 701 -35.93 -5.19 26.61
N LEU B 702 -34.92 -4.97 25.76
CA LEU B 702 -34.29 -3.65 25.69
C LEU B 702 -35.25 -2.59 25.18
N LEU B 703 -36.03 -2.91 24.14
CA LEU B 703 -36.97 -1.95 23.58
C LEU B 703 -38.07 -1.62 24.58
N ALA B 704 -38.53 -2.61 25.35
CA ALA B 704 -39.57 -2.37 26.35
C ALA B 704 -39.05 -1.44 27.44
N GLU B 705 -37.86 -1.71 27.96
CA GLU B 705 -37.29 -0.84 28.98
C GLU B 705 -37.04 0.57 28.44
N ALA B 706 -36.68 0.69 27.17
CA ALA B 706 -36.46 2.02 26.60
C ALA B 706 -37.76 2.81 26.53
N ALA B 707 -38.84 2.18 26.09
CA ALA B 707 -40.13 2.86 25.98
C ALA B 707 -40.64 3.33 27.35
N LYS B 708 -40.23 2.67 28.43
CA LYS B 708 -40.60 3.09 29.78
C LYS B 708 -39.86 4.34 30.24
N HIS B 709 -39.04 4.97 29.41
CA HIS B 709 -38.29 6.17 29.79
C HIS B 709 -38.46 7.27 28.74
N PRO B 710 -39.70 7.70 28.47
CA PRO B 710 -39.92 8.69 27.40
C PRO B 710 -39.31 10.05 27.70
N ASP B 711 -38.96 10.32 28.96
CA ASP B 711 -38.31 11.58 29.31
C ASP B 711 -36.87 11.66 28.81
N MET B 712 -36.30 10.55 28.36
CA MET B 712 -34.92 10.53 27.92
C MET B 712 -34.73 9.96 26.52
N LEU B 713 -35.51 8.94 26.16
CA LEU B 713 -35.36 8.25 24.88
C LEU B 713 -36.59 8.47 24.02
N THR B 714 -36.38 8.63 22.71
CA THR B 714 -37.43 8.94 21.76
C THR B 714 -37.26 8.06 20.53
N SER B 715 -38.28 7.26 20.21
CA SER B 715 -38.34 6.50 18.96
C SER B 715 -37.20 5.49 18.87
N VAL B 716 -37.08 4.67 19.91
CA VAL B 716 -36.07 3.62 19.93
C VAL B 716 -36.62 2.40 19.20
N ARG B 717 -35.95 1.99 18.13
CA ARG B 717 -36.51 1.01 17.23
C ARG B 717 -35.39 0.20 16.59
N PRO B 718 -35.68 -1.01 16.14
CA PRO B 718 -34.67 -1.79 15.44
C PRO B 718 -34.58 -1.42 13.97
N ASN B 719 -33.34 -1.38 13.46
CA ASN B 719 -33.07 -1.10 12.05
C ASN B 719 -32.94 -2.41 11.27
N GLY B 720 -34.02 -3.20 11.31
CA GLY B 720 -34.01 -4.50 10.69
C GLY B 720 -35.42 -5.00 10.44
N LEU B 721 -35.50 -6.27 10.04
CA LEU B 721 -36.76 -6.89 9.65
C LEU B 721 -37.11 -8.00 10.64
N GLU B 722 -38.41 -8.22 10.83
CA GLU B 722 -38.87 -9.20 11.80
C GLU B 722 -39.06 -10.56 11.13
N ASP B 723 -39.04 -11.61 11.95
CA ASP B 723 -39.13 -12.99 11.44
C ASP B 723 -40.48 -13.21 10.76
N THR B 724 -40.46 -14.05 9.74
CA THR B 724 -41.61 -14.28 8.88
C THR B 724 -41.80 -15.78 8.68
N PRO B 725 -43.01 -16.19 8.30
CA PRO B 725 -43.23 -17.61 8.00
C PRO B 725 -42.42 -18.04 6.80
N GLN B 726 -41.92 -19.27 6.86
CA GLN B 726 -41.23 -19.87 5.72
C GLN B 726 -41.68 -21.31 5.56
N PHE B 727 -41.42 -21.85 4.37
CA PHE B 727 -41.92 -23.16 3.96
C PHE B 727 -40.77 -24.16 4.09
N LYS B 728 -40.84 -25.01 5.11
CA LYS B 728 -39.82 -26.02 5.34
C LYS B 728 -40.21 -27.33 4.66
N ILE B 729 -39.29 -27.89 3.88
CA ILE B 729 -39.55 -29.09 3.09
C ILE B 729 -38.43 -30.10 3.36
N ASP B 730 -38.82 -31.30 3.80
CA ASP B 730 -37.87 -32.34 4.19
C ASP B 730 -37.88 -33.47 3.18
N ILE B 731 -36.71 -33.88 2.72
CA ILE B 731 -36.56 -34.97 1.78
C ILE B 731 -36.30 -36.26 2.55
N ASP B 732 -37.17 -37.26 2.35
CA ASP B 732 -36.98 -38.55 2.99
C ASP B 732 -35.84 -39.29 2.29
N GLN B 733 -34.68 -39.36 2.94
CA GLN B 733 -33.51 -39.99 2.34
C GLN B 733 -33.77 -41.47 2.04
N GLU B 734 -34.52 -42.15 2.91
CA GLU B 734 -34.82 -43.55 2.69
C GLU B 734 -35.71 -43.74 1.47
N LYS B 735 -36.78 -42.95 1.36
CA LYS B 735 -37.66 -43.06 0.21
C LYS B 735 -36.93 -42.69 -1.08
N ALA B 736 -35.99 -41.75 -0.99
CA ALA B 736 -35.22 -41.38 -2.17
C ALA B 736 -34.32 -42.54 -2.61
N GLN B 737 -33.62 -43.15 -1.65
CA GLN B 737 -32.74 -44.27 -1.99
C GLN B 737 -33.52 -45.49 -2.46
N ALA B 738 -34.71 -45.73 -1.91
CA ALA B 738 -35.48 -46.90 -2.30
C ALA B 738 -36.04 -46.77 -3.72
N LEU B 739 -36.31 -45.55 -4.17
CA LEU B 739 -36.84 -45.33 -5.50
C LEU B 739 -35.76 -45.08 -6.55
N GLY B 740 -34.51 -44.99 -6.14
CA GLY B 740 -33.42 -44.78 -7.08
C GLY B 740 -33.28 -43.35 -7.55
N VAL B 741 -33.53 -42.38 -6.66
CA VAL B 741 -33.45 -40.96 -6.98
C VAL B 741 -32.26 -40.37 -6.25
N SER B 742 -31.45 -39.60 -6.96
CA SER B 742 -30.29 -38.97 -6.36
C SER B 742 -30.68 -37.66 -5.68
N ILE B 743 -29.93 -37.33 -4.63
CA ILE B 743 -30.20 -36.10 -3.90
C ILE B 743 -29.83 -34.87 -4.74
N ASN B 744 -28.76 -34.97 -5.53
CA ASN B 744 -28.36 -33.84 -6.36
C ASN B 744 -29.42 -33.52 -7.40
N ASP B 745 -30.03 -34.54 -8.00
CA ASP B 745 -31.11 -34.30 -8.95
C ASP B 745 -32.30 -33.66 -8.28
N ILE B 746 -32.60 -34.07 -7.05
CA ILE B 746 -33.73 -33.49 -6.31
C ILE B 746 -33.46 -32.02 -6.01
N ASN B 747 -32.29 -31.73 -5.43
CA ASN B 747 -31.96 -30.36 -5.07
C ASN B 747 -31.80 -29.48 -6.29
N THR B 748 -31.25 -30.03 -7.39
CA THR B 748 -31.09 -29.22 -8.59
C THR B 748 -32.44 -28.87 -9.21
N THR B 749 -33.35 -29.85 -9.24
CA THR B 749 -34.70 -29.58 -9.74
C THR B 749 -35.40 -28.53 -8.89
N LEU B 750 -35.32 -28.68 -7.56
CA LEU B 750 -35.97 -27.73 -6.66
C LEU B 750 -35.40 -26.33 -6.83
N GLY B 751 -34.07 -26.20 -6.72
CA GLY B 751 -33.46 -24.89 -6.72
C GLY B 751 -33.43 -24.22 -8.07
N ALA B 752 -33.49 -24.99 -9.15
CA ALA B 752 -33.49 -24.41 -10.48
C ALA B 752 -34.89 -23.97 -10.90
N ALA B 753 -35.88 -24.86 -10.75
CA ALA B 753 -37.25 -24.51 -11.07
C ALA B 753 -37.74 -23.34 -10.21
N TRP B 754 -37.55 -23.45 -8.89
CA TRP B 754 -38.13 -22.50 -7.95
C TRP B 754 -37.23 -21.31 -7.66
N GLY B 755 -35.92 -21.52 -7.54
CA GLY B 755 -35.03 -20.41 -7.24
C GLY B 755 -34.45 -19.77 -8.47
N GLY B 756 -34.37 -20.52 -9.56
CA GLY B 756 -33.64 -20.10 -10.73
C GLY B 756 -32.18 -20.53 -10.66
N SER B 757 -31.56 -20.65 -11.83
CA SER B 757 -30.18 -21.09 -11.87
C SER B 757 -29.46 -20.41 -13.04
N TYR B 758 -28.25 -19.95 -12.76
CA TYR B 758 -27.38 -19.35 -13.76
C TYR B 758 -26.55 -20.45 -14.41
N VAL B 759 -26.70 -20.61 -15.73
CA VAL B 759 -26.06 -21.71 -16.46
C VAL B 759 -24.77 -21.26 -17.12
N ASN B 760 -24.88 -20.40 -18.14
CA ASN B 760 -23.70 -19.86 -18.81
C ASN B 760 -24.10 -18.54 -19.48
N ASP B 761 -23.20 -17.98 -20.29
CA ASP B 761 -23.39 -16.71 -20.97
C ASP B 761 -23.65 -16.93 -22.46
N PHE B 762 -24.02 -15.83 -23.11
CA PHE B 762 -24.26 -15.79 -24.55
C PHE B 762 -24.00 -14.36 -25.01
N ILE B 763 -24.07 -14.15 -26.32
CA ILE B 763 -23.72 -12.86 -26.89
C ILE B 763 -24.94 -12.32 -27.62
N ASP B 764 -25.37 -11.11 -27.25
CA ASP B 764 -26.57 -10.47 -27.78
C ASP B 764 -26.16 -9.13 -28.39
N ARG B 765 -26.16 -9.07 -29.73
CA ARG B 765 -25.68 -7.91 -30.47
C ARG B 765 -24.28 -7.48 -30.04
N GLY B 766 -23.41 -8.46 -29.75
CA GLY B 766 -22.04 -8.17 -29.37
C GLY B 766 -21.80 -7.88 -27.91
N ARG B 767 -22.83 -7.93 -27.07
CA ARG B 767 -22.68 -7.72 -25.64
C ARG B 767 -22.95 -9.04 -24.92
N VAL B 768 -22.11 -9.34 -23.92
CA VAL B 768 -22.23 -10.60 -23.20
C VAL B 768 -23.32 -10.46 -22.14
N LYS B 769 -24.24 -11.41 -22.13
CA LYS B 769 -25.37 -11.44 -21.22
C LYS B 769 -25.51 -12.84 -20.64
N LYS B 770 -26.29 -12.94 -19.56
CA LYS B 770 -26.43 -14.18 -18.82
C LYS B 770 -27.62 -15.00 -19.31
N VAL B 771 -27.61 -16.28 -18.93
CA VAL B 771 -28.66 -17.23 -19.29
C VAL B 771 -29.15 -17.89 -18.01
N TYR B 772 -30.42 -17.66 -17.68
CA TYR B 772 -31.05 -18.23 -16.50
C TYR B 772 -32.11 -19.26 -16.91
N VAL B 773 -32.19 -20.34 -16.15
CA VAL B 773 -33.31 -21.27 -16.25
C VAL B 773 -34.13 -21.16 -14.97
N MET B 774 -35.45 -21.25 -15.12
CA MET B 774 -36.37 -21.18 -13.99
C MET B 774 -37.73 -21.65 -14.48
N SER B 775 -38.61 -21.92 -13.53
CA SER B 775 -39.95 -22.33 -13.88
C SER B 775 -40.78 -21.12 -14.31
N GLU B 776 -41.82 -21.38 -15.10
CA GLU B 776 -42.86 -20.37 -15.30
C GLU B 776 -43.45 -19.98 -13.95
N ALA B 777 -43.91 -18.74 -13.85
CA ALA B 777 -44.45 -18.24 -12.60
C ALA B 777 -45.64 -19.07 -12.13
N LYS B 778 -46.48 -19.50 -13.06
CA LYS B 778 -47.69 -20.23 -12.69
C LYS B 778 -47.42 -21.63 -12.14
N TYR B 779 -46.20 -22.15 -12.31
CA TYR B 779 -45.89 -23.48 -11.82
C TYR B 779 -45.02 -23.45 -10.56
N ARG B 780 -44.88 -22.29 -9.93
CA ARG B 780 -43.99 -22.15 -8.78
C ARG B 780 -44.50 -21.09 -7.83
N MET B 781 -45.81 -21.07 -7.59
CA MET B 781 -46.42 -20.07 -6.72
C MET B 781 -46.75 -20.60 -5.33
N LEU B 782 -47.48 -21.71 -5.24
CA LEU B 782 -48.02 -22.20 -3.98
C LEU B 782 -47.58 -23.64 -3.72
N PRO B 783 -47.70 -24.10 -2.47
CA PRO B 783 -47.15 -25.42 -2.09
C PRO B 783 -47.67 -26.61 -2.91
N ASP B 784 -48.92 -26.57 -3.39
CA ASP B 784 -49.41 -27.70 -4.18
C ASP B 784 -48.68 -27.84 -5.51
N ASP B 785 -48.03 -26.77 -5.98
CA ASP B 785 -47.22 -26.84 -7.18
C ASP B 785 -45.98 -27.71 -7.00
N ILE B 786 -45.55 -27.92 -5.76
CA ILE B 786 -44.38 -28.76 -5.49
C ILE B 786 -44.60 -30.18 -6.02
N GLY B 787 -45.82 -30.68 -5.90
CA GLY B 787 -46.13 -32.02 -6.36
C GLY B 787 -46.28 -32.20 -7.86
N ASP B 788 -46.09 -31.13 -8.63
CA ASP B 788 -46.17 -31.19 -10.08
C ASP B 788 -44.81 -31.36 -10.73
N TRP B 789 -43.73 -31.34 -9.95
CA TRP B 789 -42.38 -31.56 -10.46
C TRP B 789 -41.98 -33.01 -10.26
N TYR B 790 -41.51 -33.63 -11.33
CA TYR B 790 -41.06 -35.01 -11.32
C TYR B 790 -39.55 -35.05 -11.49
N VAL B 791 -38.93 -36.09 -10.95
CA VAL B 791 -37.49 -36.29 -11.00
C VAL B 791 -37.24 -37.70 -11.50
N ARG B 792 -36.27 -37.86 -12.40
CA ARG B 792 -35.99 -39.19 -12.95
C ARG B 792 -35.12 -40.00 -12.00
N ALA B 793 -35.47 -41.26 -11.85
CA ALA B 793 -34.72 -42.20 -11.02
C ALA B 793 -33.74 -43.00 -11.89
N ALA B 794 -32.91 -43.79 -11.22
CA ALA B 794 -31.89 -44.56 -11.94
C ALA B 794 -32.52 -45.60 -12.86
N ASP B 795 -33.67 -46.15 -12.49
CA ASP B 795 -34.38 -47.07 -13.37
C ASP B 795 -35.16 -46.36 -14.47
N GLY B 796 -35.04 -45.05 -14.58
CA GLY B 796 -35.68 -44.30 -15.64
C GLY B 796 -37.06 -43.80 -15.32
N GLN B 797 -37.69 -44.30 -14.26
CA GLN B 797 -39.05 -43.89 -13.91
C GLN B 797 -39.06 -42.50 -13.28
N MET B 798 -40.10 -41.73 -13.58
CA MET B 798 -40.22 -40.37 -13.09
C MET B 798 -41.04 -40.33 -11.81
N VAL B 799 -40.46 -39.75 -10.77
CA VAL B 799 -41.08 -39.70 -9.44
C VAL B 799 -41.45 -38.25 -9.12
N PRO B 800 -42.63 -37.99 -8.54
CA PRO B 800 -42.96 -36.63 -8.12
C PRO B 800 -42.48 -36.33 -6.71
N PHE B 801 -42.30 -35.04 -6.44
CA PHE B 801 -41.79 -34.58 -5.14
C PHE B 801 -42.68 -35.05 -3.99
N SER B 802 -43.98 -35.22 -4.25
CA SER B 802 -44.91 -35.64 -3.21
C SER B 802 -44.56 -37.00 -2.63
N ALA B 803 -43.88 -37.86 -3.41
CA ALA B 803 -43.58 -39.21 -2.99
C ALA B 803 -42.42 -39.31 -2.00
N PHE B 804 -41.55 -38.29 -1.96
CA PHE B 804 -40.38 -38.36 -1.09
C PHE B 804 -40.14 -37.07 -0.31
N SER B 805 -41.15 -36.24 -0.11
CA SER B 805 -40.98 -35.01 0.66
C SER B 805 -42.15 -34.84 1.63
N SER B 806 -41.93 -33.98 2.62
CA SER B 806 -42.96 -33.53 3.54
C SER B 806 -42.67 -32.07 3.90
N SER B 807 -43.72 -31.34 4.27
CA SER B 807 -43.60 -29.89 4.44
C SER B 807 -44.35 -29.41 5.68
N ARG B 808 -43.87 -28.29 6.24
CA ARG B 808 -44.49 -27.61 7.37
C ARG B 808 -44.13 -26.13 7.32
N TRP B 809 -44.87 -25.31 8.06
CA TRP B 809 -44.55 -23.91 8.24
C TRP B 809 -43.73 -23.71 9.50
N GLU B 810 -42.72 -22.84 9.42
CA GLU B 810 -41.96 -22.40 10.58
C GLU B 810 -41.62 -20.93 10.40
N TYR B 811 -40.96 -20.35 11.40
CA TYR B 811 -40.57 -18.96 11.35
C TYR B 811 -39.05 -18.86 11.23
N GLY B 812 -38.58 -17.90 10.43
CA GLY B 812 -37.16 -17.66 10.22
C GLY B 812 -36.93 -16.22 9.84
N SER B 813 -35.68 -15.80 9.92
CA SER B 813 -35.41 -14.38 9.75
C SER B 813 -35.08 -14.07 8.29
N PRO B 814 -35.78 -13.13 7.65
CA PRO B 814 -35.41 -12.73 6.29
C PRO B 814 -34.20 -11.82 6.23
N ARG B 815 -33.56 -11.52 7.35
CA ARG B 815 -32.40 -10.64 7.35
C ARG B 815 -31.62 -10.90 8.63
N LEU B 816 -30.40 -11.42 8.50
CA LEU B 816 -29.52 -11.69 9.62
C LEU B 816 -28.38 -10.67 9.59
N GLU B 817 -28.27 -9.89 10.65
CA GLU B 817 -27.21 -8.90 10.79
C GLU B 817 -26.05 -9.52 11.55
N ARG B 818 -24.86 -9.00 11.31
CA ARG B 818 -23.68 -9.38 12.07
C ARG B 818 -22.85 -8.14 12.31
N TYR B 819 -22.22 -8.06 13.50
CA TYR B 819 -21.32 -6.95 13.83
C TYR B 819 -20.02 -7.51 14.37
N ASN B 820 -18.91 -7.16 13.71
CA ASN B 820 -17.56 -7.61 14.09
C ASN B 820 -17.47 -9.12 14.20
N GLY B 821 -18.10 -9.82 13.26
CA GLY B 821 -18.04 -11.25 13.20
C GLY B 821 -19.09 -11.98 14.01
N LEU B 822 -19.77 -11.30 14.94
CA LEU B 822 -20.78 -11.98 15.76
C LEU B 822 -22.18 -11.51 15.39
N PRO B 823 -23.20 -12.34 15.63
CA PRO B 823 -24.58 -11.95 15.30
C PRO B 823 -24.98 -10.71 16.08
N SER B 824 -25.73 -9.83 15.41
CA SER B 824 -26.06 -8.54 15.97
C SER B 824 -27.46 -8.14 15.54
N MET B 825 -27.95 -7.07 16.17
CA MET B 825 -29.17 -6.39 15.77
C MET B 825 -28.99 -4.89 15.98
N GLU B 826 -29.25 -4.11 14.92
CA GLU B 826 -29.00 -2.68 14.94
C GLU B 826 -30.23 -1.96 15.48
N ILE B 827 -30.02 -1.13 16.50
CA ILE B 827 -31.09 -0.35 17.12
C ILE B 827 -30.77 1.12 16.96
N LEU B 828 -31.80 1.91 16.61
CA LEU B 828 -31.67 3.34 16.38
C LEU B 828 -32.54 4.12 17.36
N GLY B 829 -32.18 5.38 17.58
CA GLY B 829 -32.96 6.23 18.47
C GLY B 829 -32.37 7.63 18.53
N GLN B 830 -33.03 8.47 19.34
CA GLN B 830 -32.57 9.83 19.59
C GLN B 830 -32.99 10.22 21.00
N ALA B 831 -32.47 11.35 21.46
CA ALA B 831 -32.73 11.82 22.82
C ALA B 831 -34.02 12.63 22.88
N ALA B 832 -34.64 12.63 24.06
CA ALA B 832 -35.88 13.35 24.29
C ALA B 832 -35.64 14.86 24.22
N PRO B 833 -36.69 15.64 23.96
CA PRO B 833 -36.52 17.09 23.76
C PRO B 833 -35.95 17.76 25.00
N GLY B 834 -34.90 18.56 24.80
CA GLY B 834 -34.18 19.22 25.85
C GLY B 834 -32.95 18.46 26.33
N LYS B 835 -32.97 17.14 26.25
CA LYS B 835 -31.86 16.31 26.70
C LYS B 835 -30.81 16.15 25.60
N SER B 836 -29.58 15.91 26.03
CA SER B 836 -28.47 15.64 25.14
C SER B 836 -28.47 14.17 24.74
N THR B 837 -27.87 13.87 23.58
CA THR B 837 -27.77 12.48 23.15
C THR B 837 -26.74 11.71 23.97
N GLY B 838 -25.83 12.43 24.64
CA GLY B 838 -24.92 11.76 25.56
C GLY B 838 -25.65 11.10 26.71
N GLU B 839 -26.62 11.80 27.30
CA GLU B 839 -27.41 11.22 28.38
C GLU B 839 -28.22 10.03 27.89
N ALA B 840 -28.79 10.14 26.69
CA ALA B 840 -29.55 9.03 26.13
C ALA B 840 -28.69 7.80 25.95
N MET B 841 -27.46 8.00 25.48
CA MET B 841 -26.55 6.87 25.29
C MET B 841 -26.22 6.19 26.61
N GLU B 842 -25.99 6.97 27.67
CA GLU B 842 -25.64 6.35 28.94
C GLU B 842 -26.84 5.70 29.60
N LEU B 843 -28.05 6.18 29.28
CA LEU B 843 -29.24 5.45 29.72
C LEU B 843 -29.34 4.09 29.02
N MET B 844 -29.03 4.06 27.71
CA MET B 844 -29.05 2.83 26.95
C MET B 844 -28.04 1.82 27.47
N GLU B 845 -26.83 2.31 27.80
CA GLU B 845 -25.81 1.43 28.39
C GLU B 845 -26.29 0.86 29.72
N GLN B 846 -27.00 1.66 30.51
CA GLN B 846 -27.57 1.17 31.76
C GLN B 846 -28.60 0.07 31.48
N LEU B 847 -29.58 0.36 30.63
CA LEU B 847 -30.63 -0.62 30.35
C LEU B 847 -30.07 -1.88 29.72
N ALA B 848 -28.96 -1.76 28.98
CA ALA B 848 -28.35 -2.93 28.36
C ALA B 848 -27.59 -3.80 29.35
N SER B 849 -27.17 -3.24 30.49
CA SER B 849 -26.36 -3.99 31.44
C SER B 849 -27.14 -5.16 32.04
N LYS B 850 -28.46 -5.03 32.17
CA LYS B 850 -29.33 -6.05 32.77
C LYS B 850 -30.05 -6.90 31.73
N LEU B 851 -29.55 -6.92 30.50
CA LEU B 851 -29.98 -7.90 29.51
C LEU B 851 -29.48 -9.27 29.95
N PRO B 852 -29.99 -10.35 29.35
CA PRO B 852 -29.57 -11.70 29.77
C PRO B 852 -28.08 -11.93 29.61
N THR B 853 -27.60 -12.98 30.27
CA THR B 853 -26.18 -13.33 30.24
C THR B 853 -25.76 -13.67 28.82
N GLY B 854 -24.58 -13.17 28.44
CA GLY B 854 -24.07 -13.43 27.12
C GLY B 854 -24.60 -12.55 26.03
N VAL B 855 -24.88 -11.28 26.33
CA VAL B 855 -25.41 -10.32 25.36
C VAL B 855 -24.69 -8.99 25.59
N GLY B 856 -23.81 -8.63 24.65
CA GLY B 856 -23.08 -7.39 24.73
C GLY B 856 -23.68 -6.29 23.88
N TYR B 857 -22.97 -5.17 23.82
CA TYR B 857 -23.41 -4.04 23.01
C TYR B 857 -22.18 -3.30 22.52
N ASP B 858 -22.42 -2.39 21.57
CA ASP B 858 -21.38 -1.48 21.11
C ASP B 858 -22.04 -0.32 20.37
N TRP B 859 -21.29 0.75 20.18
CA TRP B 859 -21.72 1.92 19.44
C TRP B 859 -21.02 1.95 18.09
N THR B 860 -21.81 2.04 17.02
CA THR B 860 -21.32 2.10 15.65
C THR B 860 -21.76 3.41 15.02
N GLY B 861 -21.39 3.60 13.75
CA GLY B 861 -21.81 4.79 13.03
C GLY B 861 -21.23 6.06 13.62
N MET B 862 -21.99 7.14 13.52
CA MET B 862 -21.50 8.43 13.98
C MET B 862 -21.64 8.60 15.49
N SER B 863 -22.22 7.63 16.20
CA SER B 863 -22.09 7.59 17.65
C SER B 863 -20.68 7.21 18.07
N TYR B 864 -20.03 6.34 17.30
CA TYR B 864 -18.59 6.13 17.46
C TYR B 864 -17.83 7.46 17.33
N GLN B 865 -18.22 8.26 16.33
CA GLN B 865 -17.55 9.52 16.08
C GLN B 865 -17.78 10.51 17.22
N GLU B 866 -19.02 10.62 17.72
CA GLU B 866 -19.27 11.59 18.77
C GLU B 866 -18.58 11.21 20.07
N ARG B 867 -18.47 9.91 20.35
CA ARG B 867 -17.65 9.47 21.46
C ARG B 867 -16.21 9.97 21.31
N LEU B 868 -15.67 9.89 20.09
CA LEU B 868 -14.31 10.35 19.84
C LEU B 868 -14.19 11.86 20.06
N SER B 869 -15.02 12.64 19.36
CA SER B 869 -14.86 14.09 19.39
C SER B 869 -15.20 14.67 20.75
N GLY B 870 -16.10 14.03 21.50
CA GLY B 870 -16.43 14.53 22.83
C GLY B 870 -15.28 14.41 23.81
N ASN B 871 -14.45 13.38 23.69
CA ASN B 871 -13.30 13.22 24.58
C ASN B 871 -12.14 14.14 24.21
N GLN B 872 -12.23 14.86 23.10
CA GLN B 872 -11.17 15.76 22.65
C GLN B 872 -11.47 17.23 22.91
N ALA B 873 -12.75 17.58 23.01
CA ALA B 873 -13.25 18.94 23.14
C ALA B 873 -12.51 19.76 24.19
N PRO B 874 -12.47 19.33 25.47
CA PRO B 874 -11.92 20.22 26.50
C PRO B 874 -10.44 20.57 26.35
N SER B 875 -9.61 19.60 25.90
CA SER B 875 -8.19 19.86 25.75
C SER B 875 -7.94 20.83 24.59
N LEU B 876 -8.70 20.68 23.52
CA LEU B 876 -8.64 21.59 22.38
C LEU B 876 -9.03 23.01 22.78
N TYR B 877 -10.18 23.17 23.45
CA TYR B 877 -10.58 24.48 23.92
C TYR B 877 -9.61 25.02 24.97
N ALA B 878 -8.96 24.14 25.74
CA ALA B 878 -8.01 24.61 26.74
C ALA B 878 -6.73 25.12 26.10
N ILE B 879 -6.21 24.40 25.10
CA ILE B 879 -5.00 24.84 24.41
C ILE B 879 -5.24 26.15 23.67
N SER B 880 -6.46 26.34 23.16
CA SER B 880 -6.79 27.57 22.43
C SER B 880 -6.63 28.80 23.33
N LEU B 881 -7.21 28.76 24.52
CA LEU B 881 -7.13 29.91 25.41
C LEU B 881 -5.73 30.07 25.99
N ILE B 882 -5.03 28.96 26.25
CA ILE B 882 -3.68 29.03 26.81
C ILE B 882 -2.75 29.76 25.85
N VAL B 883 -2.80 29.40 24.57
CA VAL B 883 -1.88 30.01 23.62
C VAL B 883 -2.34 31.41 23.25
N VAL B 884 -3.65 31.66 23.25
CA VAL B 884 -4.14 33.03 23.08
C VAL B 884 -3.59 33.94 24.18
N PHE B 885 -3.69 33.49 25.43
CA PHE B 885 -3.16 34.26 26.56
C PHE B 885 -1.65 34.47 26.42
N LEU B 886 -0.94 33.45 25.94
CA LEU B 886 0.52 33.54 25.87
C LEU B 886 0.96 34.56 24.82
N CYS B 887 0.31 34.55 23.64
CA CYS B 887 0.69 35.49 22.60
C CYS B 887 0.33 36.92 22.99
N LEU B 888 -0.82 37.11 23.63
CA LEU B 888 -1.19 38.45 24.08
C LEU B 888 -0.23 38.98 25.13
N ALA B 889 0.19 38.11 26.05
CA ALA B 889 1.22 38.50 27.01
C ALA B 889 2.55 38.79 26.32
N ALA B 890 2.83 38.10 25.22
CA ALA B 890 4.03 38.41 24.45
C ALA B 890 3.89 39.77 23.76
N LEU B 891 2.68 40.09 23.29
CA LEU B 891 2.47 41.36 22.59
C LEU B 891 2.60 42.55 23.52
N TYR B 892 2.03 42.46 24.72
CA TYR B 892 1.88 43.60 25.60
C TYR B 892 2.96 43.68 26.68
N GLU B 893 3.81 42.67 26.81
CA GLU B 893 4.84 42.64 27.84
C GLU B 893 4.21 42.73 29.24
N SER B 894 3.29 41.79 29.50
CA SER B 894 2.50 41.80 30.72
C SER B 894 1.75 40.48 30.88
N TRP B 895 1.82 39.89 32.08
CA TRP B 895 1.01 38.71 32.38
C TRP B 895 -0.43 39.07 32.71
N SER B 896 -0.75 40.36 32.78
CA SER B 896 -2.02 40.86 33.31
C SER B 896 -2.92 41.49 32.25
N ILE B 897 -2.35 42.30 31.37
CA ILE B 897 -3.11 43.02 30.34
C ILE B 897 -3.88 42.11 29.37
N PRO B 898 -3.43 40.88 29.07
CA PRO B 898 -4.29 39.98 28.28
C PRO B 898 -5.69 39.79 28.83
N PHE B 899 -5.85 39.83 30.15
CA PHE B 899 -7.17 39.65 30.75
C PHE B 899 -8.13 40.75 30.33
N SER B 900 -7.61 41.95 30.05
CA SER B 900 -8.45 43.06 29.61
C SER B 900 -9.16 42.71 28.31
N VAL B 901 -8.42 42.20 27.32
CA VAL B 901 -9.04 41.84 26.04
C VAL B 901 -9.87 40.57 26.16
N MET B 902 -9.33 39.56 26.87
CA MET B 902 -10.01 38.26 26.94
C MET B 902 -11.37 38.37 27.62
N LEU B 903 -11.57 39.36 28.48
CA LEU B 903 -12.82 39.47 29.21
C LEU B 903 -13.88 40.30 28.50
N VAL B 904 -13.54 40.98 27.41
CA VAL B 904 -14.51 41.87 26.76
C VAL B 904 -15.11 41.24 25.52
N VAL B 905 -14.37 40.34 24.87
CA VAL B 905 -14.80 39.76 23.61
C VAL B 905 -16.12 39.00 23.66
N PRO B 906 -16.60 38.41 24.80
CA PRO B 906 -17.94 37.80 24.77
C PRO B 906 -19.11 38.78 24.65
N LEU B 907 -18.84 40.06 24.40
CA LEU B 907 -19.87 41.08 24.20
C LEU B 907 -20.23 41.26 22.74
N GLY B 908 -19.25 41.14 21.83
CA GLY B 908 -19.58 41.21 20.42
C GLY B 908 -20.32 39.99 19.93
N VAL B 909 -20.20 38.87 20.65
CA VAL B 909 -20.85 37.64 20.23
C VAL B 909 -22.36 37.75 20.37
N ILE B 910 -22.85 38.53 21.34
CA ILE B 910 -24.29 38.58 21.63
C ILE B 910 -25.05 39.44 20.63
N GLY B 911 -24.36 40.13 19.72
CA GLY B 911 -25.03 40.72 18.59
C GLY B 911 -25.61 39.70 17.62
N ALA B 912 -25.11 38.47 17.66
CA ALA B 912 -25.65 37.38 16.86
C ALA B 912 -26.46 36.38 17.68
N LEU B 913 -26.36 36.43 19.01
CA LEU B 913 -27.13 35.50 19.84
C LEU B 913 -28.61 35.84 19.81
N LEU B 914 -28.97 37.13 19.84
CA LEU B 914 -30.36 37.50 19.77
C LEU B 914 -30.92 37.40 18.35
N ALA B 915 -30.05 37.56 17.34
CA ALA B 915 -30.50 37.39 15.96
C ALA B 915 -30.99 35.96 15.71
N ALA B 916 -30.30 34.97 16.28
CA ALA B 916 -30.78 33.60 16.23
C ALA B 916 -32.05 33.42 17.03
N THR B 917 -32.29 34.28 18.02
CA THR B 917 -33.47 34.15 18.86
C THR B 917 -34.72 34.64 18.14
N PHE B 918 -34.61 35.70 17.35
CA PHE B 918 -35.78 36.30 16.72
C PHE B 918 -36.09 35.64 15.38
N ARG B 919 -35.07 35.25 14.63
CA ARG B 919 -35.29 34.53 13.38
C ARG B 919 -35.60 33.05 13.62
N GLY B 920 -35.02 32.47 14.67
CA GLY B 920 -35.26 31.08 15.00
C GLY B 920 -34.19 30.14 14.49
N LEU B 921 -32.93 30.58 14.54
CA LEU B 921 -31.82 29.80 14.01
C LEU B 921 -31.43 28.69 14.98
N THR B 922 -30.61 27.77 14.49
CA THR B 922 -30.13 26.63 15.26
C THR B 922 -28.64 26.80 15.55
N ASN B 923 -28.21 26.31 16.72
CA ASN B 923 -26.80 26.36 17.11
C ASN B 923 -26.11 25.14 16.51
N ASP B 924 -25.42 25.35 15.38
CA ASP B 924 -24.71 24.27 14.72
C ASP B 924 -23.26 24.65 14.46
N VAL B 925 -22.56 23.83 13.68
CA VAL B 925 -21.16 24.12 13.35
C VAL B 925 -21.06 25.43 12.58
N TYR B 926 -22.07 25.75 11.76
CA TYR B 926 -22.03 26.98 10.99
C TYR B 926 -22.20 28.19 11.90
N PHE B 927 -23.18 28.11 12.81
CA PHE B 927 -23.36 29.19 13.79
C PHE B 927 -22.18 29.29 14.73
N GLN B 928 -21.53 28.16 15.06
CA GLN B 928 -20.43 28.20 16.01
C GLN B 928 -19.20 28.86 15.42
N VAL B 929 -18.83 28.49 14.18
CA VAL B 929 -17.69 29.14 13.53
C VAL B 929 -17.98 30.61 13.32
N GLY B 930 -19.24 30.95 13.07
CA GLY B 930 -19.61 32.35 12.97
C GLY B 930 -19.43 33.09 14.28
N LEU B 931 -19.73 32.42 15.40
CA LEU B 931 -19.48 33.03 16.71
C LEU B 931 -17.99 33.30 16.91
N LEU B 932 -17.14 32.34 16.51
CA LEU B 932 -15.70 32.54 16.64
C LEU B 932 -15.22 33.70 15.78
N THR B 933 -15.77 33.85 14.57
CA THR B 933 -15.36 34.95 13.71
C THR B 933 -15.70 36.30 14.33
N THR B 934 -16.88 36.41 14.94
CA THR B 934 -17.25 37.64 15.65
C THR B 934 -16.34 37.86 16.86
N ILE B 935 -16.01 36.78 17.56
CA ILE B 935 -15.13 36.91 18.73
C ILE B 935 -13.76 37.43 18.29
N GLY B 936 -13.24 36.89 17.19
CA GLY B 936 -11.96 37.37 16.69
C GLY B 936 -12.03 38.82 16.21
N LEU B 937 -13.09 39.17 15.49
CA LEU B 937 -13.21 40.53 14.96
C LEU B 937 -13.32 41.55 16.08
N SER B 938 -14.20 41.29 17.07
CA SER B 938 -14.24 42.18 18.22
C SER B 938 -12.96 42.10 19.03
N ALA B 939 -12.26 40.97 19.00
CA ALA B 939 -10.97 40.86 19.67
C ALA B 939 -9.92 41.74 19.00
N LYS B 940 -10.05 41.99 17.70
CA LYS B 940 -9.14 42.91 17.03
C LYS B 940 -9.37 44.35 17.48
N ASN B 941 -10.62 44.71 17.78
CA ASN B 941 -10.92 46.06 18.25
C ASN B 941 -10.22 46.36 19.56
N ALA B 942 -10.39 45.48 20.55
CA ALA B 942 -9.81 45.72 21.87
C ALA B 942 -8.29 45.67 21.84
N ILE B 943 -7.72 44.82 20.98
CA ILE B 943 -6.27 44.69 20.93
C ILE B 943 -5.64 45.99 20.43
N LEU B 944 -6.27 46.64 19.47
CA LEU B 944 -5.75 47.92 18.99
C LEU B 944 -5.91 49.01 20.03
N ILE B 945 -7.08 49.05 20.70
CA ILE B 945 -7.32 50.09 21.70
C ILE B 945 -6.34 49.96 22.85
N VAL B 946 -6.16 48.73 23.35
CA VAL B 946 -5.23 48.51 24.45
C VAL B 946 -3.79 48.74 24.00
N GLU B 947 -3.47 48.41 22.75
CA GLU B 947 -2.12 48.66 22.24
C GLU B 947 -1.81 50.16 22.23
N PHE B 948 -2.74 50.98 21.72
CA PHE B 948 -2.52 52.42 21.72
C PHE B 948 -2.48 52.97 23.13
N ALA B 949 -3.31 52.43 24.02
CA ALA B 949 -3.32 52.89 25.41
C ALA B 949 -1.98 52.64 26.07
N LYS B 950 -1.47 51.41 25.95
CA LYS B 950 -0.19 51.07 26.59
C LYS B 950 0.96 51.84 25.96
N ASP B 951 0.96 52.00 24.64
CA ASP B 951 2.03 52.73 23.98
C ASP B 951 2.09 54.17 24.46
N LEU B 952 0.93 54.81 24.61
CA LEU B 952 0.88 56.19 25.11
C LEU B 952 1.42 56.27 26.53
N MET B 953 1.15 55.25 27.35
CA MET B 953 1.67 55.25 28.72
C MET B 953 3.16 55.01 28.75
N ASP B 954 3.66 54.13 27.88
CA ASP B 954 5.06 53.75 27.88
C ASP B 954 5.93 54.72 27.09
N LYS B 955 5.44 55.19 25.94
CA LYS B 955 6.26 56.04 25.08
C LYS B 955 6.20 57.50 25.50
N GLU B 956 4.99 58.02 25.66
CA GLU B 956 4.79 59.43 25.93
C GLU B 956 4.70 59.75 27.42
N GLY B 957 4.54 58.75 28.28
CA GLY B 957 4.42 58.99 29.70
C GLY B 957 3.11 59.68 30.06
N LYS B 958 2.02 59.21 29.47
CA LYS B 958 0.70 59.79 29.72
C LYS B 958 0.03 59.05 30.86
N GLY B 959 -0.88 59.76 31.54
CA GLY B 959 -1.67 59.12 32.58
C GLY B 959 -2.52 57.99 32.03
N LEU B 960 -2.90 57.09 32.94
CA LEU B 960 -3.67 55.91 32.56
C LEU B 960 -5.00 56.28 31.94
N ILE B 961 -5.78 57.10 32.65
CA ILE B 961 -7.09 57.48 32.13
C ILE B 961 -6.93 58.40 30.93
N GLU B 962 -5.92 59.26 30.94
CA GLU B 962 -5.65 60.12 29.78
C GLU B 962 -5.35 59.30 28.54
N ALA B 963 -4.44 58.33 28.66
CA ALA B 963 -4.07 57.50 27.52
C ALA B 963 -5.24 56.66 27.04
N THR B 964 -6.04 56.12 27.98
CA THR B 964 -7.20 55.33 27.60
C THR B 964 -8.21 56.16 26.82
N LEU B 965 -8.50 57.37 27.30
CA LEU B 965 -9.43 58.25 26.59
C LEU B 965 -8.88 58.65 25.23
N ASP B 966 -7.59 59.01 25.17
CA ASP B 966 -6.96 59.34 23.90
C ASP B 966 -7.01 58.16 22.94
N ALA B 967 -6.86 56.94 23.47
CA ALA B 967 -6.90 55.74 22.63
C ALA B 967 -8.28 55.55 22.00
N VAL B 968 -9.33 55.51 22.83
CA VAL B 968 -10.68 55.29 22.30
C VAL B 968 -11.13 56.45 21.41
N ARG B 969 -10.54 57.63 21.56
CA ARG B 969 -10.83 58.72 20.63
C ARG B 969 -10.20 58.42 19.27
N MET B 970 -8.94 57.99 19.26
CA MET B 970 -8.25 57.71 18.01
C MET B 970 -8.81 56.51 17.28
N ARG B 971 -9.63 55.68 17.93
CA ARG B 971 -10.10 54.43 17.34
C ARG B 971 -11.61 54.38 17.12
N LEU B 972 -12.33 55.48 17.35
CA LEU B 972 -13.78 55.41 17.23
C LEU B 972 -14.24 55.38 15.78
N ARG B 973 -13.67 56.25 14.93
CA ARG B 973 -14.04 56.27 13.52
C ARG B 973 -13.82 54.94 12.81
N PRO B 974 -12.67 54.27 12.94
CA PRO B 974 -12.51 53.01 12.20
C PRO B 974 -13.45 51.92 12.68
N ILE B 975 -13.75 51.89 13.98
CA ILE B 975 -14.67 50.88 14.49
C ILE B 975 -16.07 51.11 13.95
N LEU B 976 -16.52 52.37 13.93
CA LEU B 976 -17.85 52.67 13.44
C LEU B 976 -17.94 52.53 11.93
N MET B 977 -16.83 52.75 11.22
CA MET B 977 -16.82 52.54 9.78
C MET B 977 -17.01 51.07 9.45
N THR B 978 -16.25 50.19 10.10
CA THR B 978 -16.37 48.76 9.85
C THR B 978 -17.76 48.25 10.23
N SER B 979 -18.25 48.66 11.41
CA SER B 979 -19.57 48.22 11.84
C SER B 979 -20.67 48.77 10.94
N LEU B 980 -20.51 50.02 10.47
CA LEU B 980 -21.48 50.59 9.54
C LEU B 980 -21.53 49.78 8.25
N ALA B 981 -20.37 49.30 7.78
CA ALA B 981 -20.34 48.45 6.59
C ALA B 981 -21.12 47.16 6.82
N PHE B 982 -21.04 46.62 8.03
CA PHE B 982 -21.72 45.36 8.33
C PHE B 982 -23.24 45.56 8.44
N ILE B 983 -23.67 46.62 9.13
CA ILE B 983 -25.10 46.84 9.30
C ILE B 983 -25.76 47.15 7.96
N LEU B 984 -25.12 47.98 7.14
CA LEU B 984 -25.66 48.25 5.81
C LEU B 984 -25.61 47.01 4.92
N GLY B 985 -24.68 46.09 5.20
CA GLY B 985 -24.58 44.89 4.38
C GLY B 985 -25.70 43.89 4.64
N VAL B 986 -26.13 43.75 5.90
CA VAL B 986 -27.19 42.81 6.23
C VAL B 986 -28.59 43.43 6.15
N MET B 987 -28.68 44.75 6.08
CA MET B 987 -29.98 45.40 5.90
C MET B 987 -30.75 44.94 4.67
N PRO B 988 -30.14 44.73 3.50
CA PRO B 988 -30.90 44.19 2.36
C PRO B 988 -31.50 42.82 2.62
N LEU B 989 -30.96 42.05 3.56
CA LEU B 989 -31.60 40.81 4.00
C LEU B 989 -32.83 41.08 4.88
N VAL B 990 -33.05 42.34 5.27
CA VAL B 990 -34.25 42.77 5.96
C VAL B 990 -34.87 43.95 5.23
N GLY B 1004 -38.91 42.79 12.12
CA GLY B 1004 -37.62 42.16 12.33
C GLY B 1004 -36.46 43.14 12.30
N THR B 1005 -36.73 44.38 12.74
CA THR B 1005 -35.71 45.42 12.73
C THR B 1005 -34.61 45.17 13.75
N GLY B 1006 -34.94 44.52 14.86
CA GLY B 1006 -34.06 44.33 16.00
C GLY B 1006 -32.79 43.54 15.73
N VAL B 1007 -32.74 42.77 14.63
CA VAL B 1007 -31.52 42.05 14.30
C VAL B 1007 -30.39 43.02 13.99
N MET B 1008 -30.70 44.08 13.22
CA MET B 1008 -29.73 45.15 13.00
C MET B 1008 -29.47 45.94 14.27
N GLY B 1009 -30.52 46.18 15.07
CA GLY B 1009 -30.39 46.87 16.34
C GLY B 1009 -29.59 46.11 17.37
N GLY B 1010 -29.43 44.79 17.20
CA GLY B 1010 -28.56 44.02 18.05
C GLY B 1010 -27.10 44.20 17.67
N MET B 1011 -26.83 44.32 16.37
CA MET B 1011 -25.46 44.53 15.92
C MET B 1011 -24.94 45.88 16.39
N VAL B 1012 -25.82 46.88 16.51
CA VAL B 1012 -25.39 48.22 16.92
C VAL B 1012 -24.90 48.22 18.37
N THR B 1013 -25.63 47.56 19.26
CA THR B 1013 -25.18 47.50 20.65
C THR B 1013 -24.04 46.50 20.85
N ALA B 1014 -23.83 45.59 19.89
CA ALA B 1014 -22.59 44.83 19.89
C ALA B 1014 -21.39 45.75 19.73
N THR B 1015 -21.57 46.86 19.02
CA THR B 1015 -20.51 47.86 18.85
C THR B 1015 -20.48 48.84 20.00
N VAL B 1016 -21.65 49.29 20.48
CA VAL B 1016 -21.66 50.28 21.56
C VAL B 1016 -21.18 49.66 22.86
N LEU B 1017 -21.30 48.34 23.02
CA LEU B 1017 -20.79 47.70 24.22
C LEU B 1017 -19.26 47.66 24.21
N ALA B 1018 -18.66 47.43 23.04
CA ALA B 1018 -17.21 47.39 22.93
C ALA B 1018 -16.59 48.74 23.28
N ILE B 1019 -17.08 49.81 22.65
CA ILE B 1019 -16.47 51.14 22.77
C ILE B 1019 -16.56 51.69 24.20
N PHE B 1020 -17.47 51.17 25.01
CA PHE B 1020 -17.58 51.56 26.41
C PHE B 1020 -16.86 50.61 27.35
N PHE B 1021 -17.03 49.30 27.15
CA PHE B 1021 -16.52 48.33 28.13
C PHE B 1021 -15.04 48.08 27.98
N VAL B 1022 -14.49 48.18 26.77
CA VAL B 1022 -13.06 47.95 26.58
C VAL B 1022 -12.20 48.90 27.39
N PRO B 1023 -12.41 50.22 27.36
CA PRO B 1023 -11.67 51.09 28.28
C PRO B 1023 -11.88 50.75 29.75
N VAL B 1024 -13.07 50.25 30.11
CA VAL B 1024 -13.33 49.88 31.50
C VAL B 1024 -12.38 48.78 31.94
N PHE B 1025 -12.28 47.71 31.13
CA PHE B 1025 -11.47 46.57 31.52
C PHE B 1025 -9.98 46.88 31.50
N PHE B 1026 -9.55 47.76 30.60
CA PHE B 1026 -8.13 48.15 30.59
C PHE B 1026 -7.76 48.87 31.87
N VAL B 1027 -8.64 49.76 32.35
CA VAL B 1027 -8.34 50.52 33.55
C VAL B 1027 -8.49 49.64 34.80
N VAL B 1028 -9.48 48.76 34.82
CA VAL B 1028 -9.70 47.93 36.00
C VAL B 1028 -8.55 46.95 36.18
N VAL B 1029 -8.02 46.41 35.08
CA VAL B 1029 -6.98 45.40 35.17
C VAL B 1029 -5.65 46.03 35.58
N ARG B 1030 -5.28 47.15 34.98
CA ARG B 1030 -3.99 47.75 35.33
C ARG B 1030 -4.02 48.44 36.69
N ARG B 1031 -5.20 48.79 37.21
CA ARG B 1031 -5.26 49.25 38.59
C ARG B 1031 -4.93 48.11 39.54
N ARG B 1032 -5.54 46.94 39.33
CA ARG B 1032 -5.41 45.81 40.25
C ARG B 1032 -4.05 45.13 40.17
N PHE B 1033 -3.22 45.45 39.19
CA PHE B 1033 -1.93 44.78 39.05
C PHE B 1033 -0.80 45.80 38.88
N MET C 1 28.23 41.84 3.46
CA MET C 1 28.80 40.49 3.38
C MET C 1 30.16 40.40 2.68
N PRO C 2 30.30 41.00 1.48
CA PRO C 2 31.61 40.96 0.81
C PRO C 2 32.74 41.56 1.63
N ASN C 3 32.49 42.69 2.31
CA ASN C 3 33.52 43.26 3.17
C ASN C 3 33.78 42.41 4.41
N PHE C 4 32.84 41.56 4.80
CA PHE C 4 33.12 40.63 5.90
C PHE C 4 34.24 39.66 5.52
N PHE C 5 34.25 39.18 4.28
CA PHE C 5 35.20 38.16 3.87
C PHE C 5 36.49 38.71 3.28
N ILE C 6 36.51 39.98 2.85
CA ILE C 6 37.76 40.55 2.34
C ILE C 6 38.84 40.52 3.42
N ASP C 7 38.46 40.87 4.66
CA ASP C 7 39.45 40.88 5.73
C ASP C 7 39.72 39.49 6.29
N ARG C 8 38.84 38.52 6.04
CA ARG C 8 38.91 37.18 6.58
C ARG C 8 38.97 36.17 5.44
N PRO C 9 40.14 35.99 4.83
CA PRO C 9 40.24 35.07 3.69
C PRO C 9 40.06 33.62 4.06
N ILE C 10 40.50 33.22 5.25
CA ILE C 10 40.45 31.81 5.63
C ILE C 10 39.00 31.34 5.80
N PHE C 11 38.14 32.23 6.31
CA PHE C 11 36.72 31.90 6.42
C PHE C 11 36.11 31.58 5.05
N ALA C 12 36.44 32.38 4.04
CA ALA C 12 35.91 32.12 2.70
C ALA C 12 36.42 30.78 2.16
N TRP C 13 37.71 30.50 2.38
CA TRP C 13 38.27 29.22 1.93
C TRP C 13 37.58 28.04 2.60
N VAL C 14 37.21 28.19 3.88
CA VAL C 14 36.56 27.11 4.60
C VAL C 14 35.17 26.85 4.04
N ILE C 15 34.44 27.92 3.69
CA ILE C 15 33.13 27.75 3.08
C ILE C 15 33.24 27.02 1.75
N ALA C 16 34.26 27.36 0.97
CA ALA C 16 34.42 26.75 -0.35
C ALA C 16 34.87 25.29 -0.25
N ILE C 17 35.82 25.01 0.64
CA ILE C 17 36.36 23.66 0.76
C ILE C 17 35.29 22.69 1.26
N ILE C 18 34.45 23.13 2.20
CA ILE C 18 33.38 22.29 2.71
C ILE C 18 32.39 21.97 1.59
N ILE C 19 32.12 22.95 0.72
CA ILE C 19 31.24 22.72 -0.41
C ILE C 19 31.84 21.69 -1.35
N MET C 20 33.15 21.75 -1.57
CA MET C 20 33.80 20.83 -2.50
C MET C 20 33.89 19.43 -1.89
N LEU C 21 34.12 19.33 -0.58
CA LEU C 21 34.11 18.03 0.07
C LEU C 21 32.73 17.38 -0.01
N ALA C 22 31.68 18.17 0.26
CA ALA C 22 30.33 17.64 0.19
C ALA C 22 29.99 17.16 -1.22
N GLY C 23 30.36 17.93 -2.24
CA GLY C 23 30.13 17.50 -3.61
C GLY C 23 30.96 16.27 -3.97
N GLY C 24 32.22 16.24 -3.52
CA GLY C 24 33.07 15.10 -3.82
C GLY C 24 32.55 13.82 -3.21
N LEU C 25 32.06 13.89 -1.96
CA LEU C 25 31.40 12.74 -1.36
C LEU C 25 30.17 12.35 -2.17
N ALA C 26 29.39 13.34 -2.64
CA ALA C 26 28.16 13.05 -3.36
C ALA C 26 28.42 12.30 -4.66
N ILE C 27 29.55 12.57 -5.32
CA ILE C 27 29.83 11.93 -6.60
C ILE C 27 29.99 10.42 -6.45
N LEU C 28 30.48 9.97 -5.29
CA LEU C 28 30.70 8.54 -5.10
C LEU C 28 29.39 7.79 -4.90
N LYS C 29 28.44 8.39 -4.21
CA LYS C 29 27.16 7.73 -3.94
C LYS C 29 26.10 8.04 -5.00
N LEU C 30 26.35 9.01 -5.88
CA LEU C 30 25.34 9.36 -6.88
C LEU C 30 25.21 8.26 -7.93
N PRO C 31 24.00 7.80 -8.23
CA PRO C 31 23.84 6.83 -9.32
C PRO C 31 24.16 7.48 -10.66
N VAL C 32 24.59 6.64 -11.60
CA VAL C 32 24.92 7.07 -12.95
C VAL C 32 23.93 6.44 -13.92
N ALA C 33 23.46 7.24 -14.87
CA ALA C 33 22.50 6.76 -15.85
C ALA C 33 22.58 7.63 -17.09
N GLN C 34 21.85 7.21 -18.12
CA GLN C 34 21.78 7.99 -19.34
C GLN C 34 20.70 9.06 -19.27
N TYR C 35 19.55 8.71 -18.73
CA TYR C 35 18.41 9.60 -18.60
C TYR C 35 17.74 9.35 -17.26
N PRO C 36 16.94 10.28 -16.77
CA PRO C 36 16.04 10.00 -15.65
C PRO C 36 14.85 9.18 -16.18
N THR C 37 13.96 8.78 -15.27
CA THR C 37 12.78 8.06 -15.75
C THR C 37 11.91 9.06 -16.49
N ILE C 38 12.03 9.06 -17.82
CA ILE C 38 11.35 10.00 -18.69
C ILE C 38 9.98 9.48 -19.11
N ALA C 39 9.91 8.19 -19.46
CA ALA C 39 8.68 7.62 -19.98
C ALA C 39 7.59 7.61 -18.91
N PRO C 40 6.33 7.75 -19.32
CA PRO C 40 5.25 7.66 -18.35
C PRO C 40 5.14 6.25 -17.80
N PRO C 41 4.63 6.09 -16.59
CA PRO C 41 4.48 4.76 -16.03
C PRO C 41 3.27 4.04 -16.60
N ALA C 42 3.41 2.72 -16.72
CA ALA C 42 2.38 1.89 -17.32
C ALA C 42 2.05 0.71 -16.41
N VAL C 43 0.81 0.24 -16.52
CA VAL C 43 0.36 -0.97 -15.85
C VAL C 43 -0.41 -1.80 -16.86
N THR C 44 -0.15 -3.11 -16.87
CA THR C 44 -0.77 -4.02 -17.83
C THR C 44 -1.59 -5.07 -17.11
N ILE C 45 -2.78 -5.32 -17.64
CA ILE C 45 -3.67 -6.37 -17.16
C ILE C 45 -3.58 -7.52 -18.16
N SER C 46 -3.17 -8.70 -17.67
CA SER C 46 -3.05 -9.87 -18.52
C SER C 46 -4.03 -10.92 -18.00
N ALA C 47 -4.97 -11.30 -18.85
CA ALA C 47 -5.88 -12.41 -18.58
C ALA C 47 -5.79 -13.40 -19.72
N SER C 48 -6.28 -14.61 -19.47
CA SER C 48 -6.24 -15.64 -20.51
C SER C 48 -7.54 -16.43 -20.52
N TYR C 49 -7.98 -16.75 -21.73
CA TYR C 49 -9.15 -17.55 -22.00
C TYR C 49 -8.72 -18.80 -22.75
N PRO C 50 -9.19 -19.98 -22.35
CA PRO C 50 -8.74 -21.22 -23.01
C PRO C 50 -9.09 -21.31 -24.49
N GLY C 51 -8.13 -20.98 -25.36
CA GLY C 51 -8.21 -21.23 -26.78
C GLY C 51 -9.14 -20.34 -27.58
N ALA C 52 -9.97 -19.51 -26.93
CA ALA C 52 -11.04 -18.79 -27.61
C ALA C 52 -10.49 -17.83 -28.66
N ASP C 53 -11.28 -17.62 -29.72
CA ASP C 53 -10.91 -16.71 -30.78
C ASP C 53 -10.88 -15.27 -30.23
N ALA C 54 -10.25 -14.39 -31.02
CA ALA C 54 -10.07 -13.01 -30.56
C ALA C 54 -11.41 -12.29 -30.38
N LYS C 55 -12.41 -12.63 -31.18
CA LYS C 55 -13.71 -11.99 -31.07
C LYS C 55 -14.37 -12.30 -29.73
N THR C 56 -14.35 -13.57 -29.33
CA THR C 56 -14.94 -13.97 -28.05
C THR C 56 -14.19 -13.32 -26.89
N VAL C 57 -12.86 -13.32 -26.96
CA VAL C 57 -12.06 -12.72 -25.90
C VAL C 57 -12.40 -11.25 -25.72
N GLN C 58 -12.57 -10.52 -26.83
CA GLN C 58 -12.88 -9.10 -26.75
C GLN C 58 -14.25 -8.87 -26.13
N ASP C 59 -15.26 -9.59 -26.63
CA ASP C 59 -16.64 -9.38 -26.21
C ASP C 59 -16.89 -9.85 -24.79
N THR C 60 -16.11 -10.80 -24.28
CA THR C 60 -16.38 -11.38 -22.98
C THR C 60 -15.33 -11.07 -21.92
N VAL C 61 -14.22 -10.42 -22.27
CA VAL C 61 -13.19 -10.12 -21.27
C VAL C 61 -12.69 -8.69 -21.43
N THR C 62 -12.15 -8.36 -22.61
CA THR C 62 -11.52 -7.06 -22.83
C THR C 62 -12.49 -5.92 -22.61
N GLN C 63 -13.68 -5.99 -23.23
CA GLN C 63 -14.66 -4.93 -23.10
C GLN C 63 -15.12 -4.76 -21.65
N VAL C 64 -15.36 -5.89 -20.97
CA VAL C 64 -15.81 -5.84 -19.57
C VAL C 64 -14.76 -5.16 -18.70
N ILE C 65 -13.48 -5.52 -18.88
CA ILE C 65 -12.44 -4.89 -18.07
C ILE C 65 -12.28 -3.43 -18.44
N GLU C 66 -12.46 -3.10 -19.72
CA GLU C 66 -12.23 -1.72 -20.17
C GLU C 66 -13.34 -0.80 -19.68
N GLN C 67 -14.59 -1.26 -19.68
CA GLN C 67 -15.70 -0.41 -19.29
C GLN C 67 -15.64 0.00 -17.82
N ASN C 68 -14.83 -0.68 -17.01
CA ASN C 68 -14.66 -0.33 -15.60
C ASN C 68 -13.31 0.30 -15.30
N MET C 69 -12.49 0.56 -16.33
CA MET C 69 -11.20 1.21 -16.14
C MET C 69 -11.32 2.73 -16.17
N ASN C 70 -12.51 3.25 -15.96
CA ASN C 70 -12.83 4.68 -15.96
C ASN C 70 -12.29 5.37 -14.71
N GLY C 71 -12.27 6.70 -14.76
CA GLY C 71 -12.05 7.56 -13.61
C GLY C 71 -10.91 7.23 -12.68
N ILE C 72 -9.76 6.85 -13.24
CA ILE C 72 -8.58 6.53 -12.44
C ILE C 72 -7.62 7.70 -12.48
N ASP C 73 -6.88 7.88 -11.39
CA ASP C 73 -5.99 9.04 -11.25
C ASP C 73 -4.91 9.02 -12.33
N ASN C 74 -4.79 10.15 -13.03
CA ASN C 74 -3.67 10.40 -13.93
C ASN C 74 -3.61 9.41 -15.11
N LEU C 75 -4.76 8.90 -15.54
CA LEU C 75 -4.80 8.01 -16.68
C LEU C 75 -4.76 8.82 -17.96
N MET C 76 -3.74 8.59 -18.79
CA MET C 76 -3.60 9.30 -20.07
C MET C 76 -4.34 8.59 -21.19
N TYR C 77 -4.08 7.30 -21.38
CA TYR C 77 -4.81 6.54 -22.38
C TYR C 77 -4.75 5.07 -22.03
N MET C 78 -5.47 4.26 -22.81
CA MET C 78 -5.61 2.83 -22.56
C MET C 78 -5.60 2.09 -23.89
N SER C 79 -4.64 1.19 -24.08
CA SER C 79 -4.57 0.33 -25.25
C SER C 79 -4.71 -1.13 -24.85
N SER C 80 -5.17 -1.96 -25.79
CA SER C 80 -5.44 -3.35 -25.52
C SER C 80 -5.45 -4.16 -26.80
N ASN C 81 -5.08 -5.43 -26.70
CA ASN C 81 -5.22 -6.37 -27.81
C ASN C 81 -5.80 -7.69 -27.29
N SER C 82 -6.52 -8.37 -28.18
CA SER C 82 -7.15 -9.65 -27.87
C SER C 82 -6.73 -10.64 -28.93
N ASP C 83 -6.02 -11.70 -28.51
CA ASP C 83 -5.27 -12.57 -29.41
C ASP C 83 -6.05 -13.83 -29.77
N SER C 84 -5.61 -14.48 -30.84
CA SER C 84 -6.15 -15.78 -31.23
C SER C 84 -5.85 -16.86 -30.20
N THR C 85 -4.86 -16.65 -29.33
CA THR C 85 -4.50 -17.58 -28.27
C THR C 85 -5.46 -17.52 -27.08
N GLY C 86 -6.37 -16.55 -27.06
CA GLY C 86 -7.27 -16.36 -25.94
C GLY C 86 -6.76 -15.43 -24.87
N THR C 87 -5.70 -14.66 -25.12
CA THR C 87 -5.06 -13.84 -24.11
C THR C 87 -5.34 -12.36 -24.35
N VAL C 88 -5.46 -11.60 -23.25
CA VAL C 88 -5.68 -10.16 -23.28
C VAL C 88 -4.50 -9.48 -22.64
N GLN C 89 -4.11 -8.34 -23.21
CA GLN C 89 -3.25 -7.38 -22.52
C GLN C 89 -3.92 -6.03 -22.64
N ILE C 90 -4.26 -5.44 -21.50
CA ILE C 90 -4.78 -4.09 -21.43
C ILE C 90 -3.72 -3.25 -20.73
N THR C 91 -3.14 -2.29 -21.45
CA THR C 91 -2.10 -1.45 -20.89
C THR C 91 -2.67 -0.06 -20.62
N LEU C 92 -2.64 0.35 -19.36
CA LEU C 92 -3.06 1.68 -18.94
C LEU C 92 -1.81 2.52 -18.68
N THR C 93 -1.75 3.68 -19.32
CA THR C 93 -0.58 4.56 -19.27
C THR C 93 -0.93 5.81 -18.48
N PHE C 94 -0.01 6.23 -17.61
CA PHE C 94 -0.28 7.25 -16.61
C PHE C 94 0.64 8.45 -16.79
N GLU C 95 0.16 9.60 -16.32
CA GLU C 95 0.92 10.84 -16.45
C GLU C 95 2.23 10.74 -15.67
N SER C 96 3.27 11.33 -16.25
CA SER C 96 4.61 11.22 -15.69
C SER C 96 4.67 11.89 -14.32
N GLY C 97 5.31 11.21 -13.36
CA GLY C 97 5.29 11.61 -11.97
C GLY C 97 4.32 10.84 -11.10
N THR C 98 3.31 10.22 -11.71
CA THR C 98 2.41 9.33 -10.99
C THR C 98 3.17 8.21 -10.31
N ASP C 99 2.78 7.89 -9.07
CA ASP C 99 3.37 6.75 -8.39
C ASP C 99 2.85 5.45 -9.01
N ALA C 100 3.76 4.62 -9.51
CA ALA C 100 3.34 3.43 -10.24
C ALA C 100 2.73 2.39 -9.32
N ASP C 101 3.20 2.28 -8.08
CA ASP C 101 2.64 1.29 -7.16
C ASP C 101 1.20 1.64 -6.79
N ILE C 102 0.93 2.92 -6.54
CA ILE C 102 -0.45 3.33 -6.30
C ILE C 102 -1.29 3.11 -7.54
N ALA C 103 -0.70 3.32 -8.72
CA ALA C 103 -1.41 3.11 -9.97
C ALA C 103 -1.82 1.67 -10.12
N GLN C 104 -0.88 0.73 -9.94
CA GLN C 104 -1.20 -0.68 -9.92
C GLN C 104 -2.31 -0.98 -8.90
N VAL C 105 -2.21 -0.42 -7.68
CA VAL C 105 -3.26 -0.62 -6.68
C VAL C 105 -4.62 -0.19 -7.20
N GLN C 106 -4.71 1.03 -7.77
CA GLN C 106 -6.01 1.52 -8.25
C GLN C 106 -6.54 0.66 -9.40
N VAL C 107 -5.65 0.14 -10.24
CA VAL C 107 -6.11 -0.70 -11.36
C VAL C 107 -6.69 -2.01 -10.84
N GLN C 108 -6.02 -2.64 -9.88
CA GLN C 108 -6.57 -3.85 -9.28
C GLN C 108 -7.92 -3.57 -8.62
N ASN C 109 -8.06 -2.43 -7.96
CA ASN C 109 -9.32 -2.11 -7.30
C ASN C 109 -10.44 -1.93 -8.31
N LYS C 110 -10.15 -1.28 -9.45
CA LYS C 110 -11.16 -1.12 -10.49
C LYS C 110 -11.39 -2.41 -11.26
N LEU C 111 -10.37 -3.26 -11.36
CA LEU C 111 -10.55 -4.55 -12.03
C LEU C 111 -11.51 -5.45 -11.26
N GLN C 112 -11.62 -5.28 -9.95
CA GLN C 112 -12.54 -6.09 -9.14
C GLN C 112 -13.98 -5.88 -9.57
N LEU C 113 -14.31 -4.69 -10.08
CA LEU C 113 -15.68 -4.41 -10.52
C LEU C 113 -16.07 -5.27 -11.71
N ALA C 114 -15.10 -5.70 -12.51
CA ALA C 114 -15.40 -6.55 -13.65
C ALA C 114 -15.03 -7.99 -13.41
N MET C 115 -14.30 -8.29 -12.34
CA MET C 115 -13.95 -9.66 -11.99
C MET C 115 -15.13 -10.61 -11.89
N PRO C 116 -16.28 -10.25 -11.31
CA PRO C 116 -17.43 -11.17 -11.35
C PRO C 116 -17.94 -11.45 -12.75
N LEU C 117 -18.06 -10.41 -13.59
CA LEU C 117 -18.69 -10.51 -14.90
C LEU C 117 -17.89 -11.32 -15.91
N LEU C 118 -16.63 -11.62 -15.63
CA LEU C 118 -15.82 -12.33 -16.61
C LEU C 118 -16.13 -13.83 -16.58
N PRO C 119 -15.78 -14.54 -17.65
CA PRO C 119 -16.22 -15.94 -17.80
C PRO C 119 -15.69 -16.86 -16.71
N GLN C 120 -16.26 -18.06 -16.74
CA GLN C 120 -15.90 -19.21 -15.90
C GLN C 120 -14.39 -19.40 -15.90
N GLU C 121 -13.85 -19.78 -17.06
CA GLU C 121 -12.46 -20.21 -17.16
C GLU C 121 -11.48 -19.12 -16.73
N VAL C 122 -11.81 -17.85 -16.97
CA VAL C 122 -10.79 -16.81 -16.88
C VAL C 122 -10.59 -16.32 -15.45
N GLN C 123 -11.67 -16.18 -14.69
CA GLN C 123 -11.57 -15.67 -13.33
C GLN C 123 -10.72 -16.56 -12.45
N GLN C 124 -10.78 -17.87 -12.68
CA GLN C 124 -9.99 -18.83 -11.91
C GLN C 124 -8.59 -19.00 -12.48
N GLN C 125 -8.43 -18.97 -13.81
CA GLN C 125 -7.11 -19.15 -14.41
C GLN C 125 -6.13 -18.04 -14.03
N GLY C 126 -6.61 -16.88 -13.59
CA GLY C 126 -5.70 -15.87 -13.10
C GLY C 126 -5.60 -14.63 -13.96
N VAL C 127 -5.75 -13.46 -13.34
CA VAL C 127 -5.67 -12.18 -14.04
C VAL C 127 -4.50 -11.42 -13.44
N SER C 128 -3.40 -11.39 -14.19
CA SER C 128 -2.23 -10.64 -13.76
C SER C 128 -2.45 -9.15 -13.90
N VAL C 129 -1.93 -8.40 -12.93
CA VAL C 129 -2.00 -6.93 -12.93
C VAL C 129 -0.70 -6.39 -12.35
N GLU C 130 0.25 -6.07 -13.23
CA GLU C 130 1.55 -5.61 -12.77
C GLU C 130 2.03 -4.44 -13.62
N LYS C 131 2.95 -3.68 -13.03
CA LYS C 131 3.68 -2.66 -13.76
C LYS C 131 4.41 -3.31 -14.93
N SER C 132 4.59 -2.55 -16.00
CA SER C 132 5.03 -3.13 -17.26
C SER C 132 6.05 -2.23 -17.94
N SER C 133 6.91 -2.87 -18.75
CA SER C 133 7.82 -2.21 -19.67
C SER C 133 7.45 -2.64 -21.09
N SER C 134 7.92 -1.87 -22.07
CA SER C 134 7.66 -2.20 -23.46
C SER C 134 8.91 -2.55 -24.26
N SER C 135 10.10 -2.20 -23.76
CA SER C 135 11.35 -2.32 -24.49
C SER C 135 12.27 -3.35 -23.86
N PHE C 136 13.13 -3.95 -24.69
CA PHE C 136 14.17 -4.85 -24.22
C PHE C 136 15.40 -4.06 -23.82
N LEU C 137 15.92 -4.34 -22.64
CA LEU C 137 17.20 -3.77 -22.24
C LEU C 137 18.35 -4.51 -22.90
N MET C 138 18.26 -5.84 -22.97
CA MET C 138 19.27 -6.66 -23.64
C MET C 138 18.65 -7.99 -24.00
N VAL C 139 19.37 -8.73 -24.84
CA VAL C 139 19.04 -10.11 -25.20
C VAL C 139 20.28 -10.94 -24.89
N VAL C 140 20.19 -11.78 -23.86
CA VAL C 140 21.25 -12.73 -23.55
C VAL C 140 21.00 -13.97 -24.40
N GLY C 141 21.99 -14.33 -25.21
CA GLY C 141 21.91 -15.48 -26.08
C GLY C 141 22.73 -16.64 -25.56
N VAL C 142 22.31 -17.85 -25.90
CA VAL C 142 22.99 -19.07 -25.46
C VAL C 142 23.11 -20.00 -26.66
N ILE C 143 24.35 -20.41 -26.98
CA ILE C 143 24.58 -21.39 -28.04
C ILE C 143 25.34 -22.58 -27.46
N ASN C 144 25.57 -23.60 -28.28
CA ASN C 144 26.40 -24.74 -27.92
C ASN C 144 27.53 -24.88 -28.92
N THR C 145 28.76 -24.97 -28.43
CA THR C 145 29.95 -24.98 -29.27
C THR C 145 30.68 -26.33 -29.22
N ASP C 146 29.92 -27.42 -29.28
CA ASP C 146 30.52 -28.75 -29.38
C ASP C 146 29.53 -29.78 -29.89
N GLY C 147 28.30 -29.35 -30.15
CA GLY C 147 27.31 -30.23 -30.75
C GLY C 147 26.88 -31.40 -29.90
N THR C 148 26.98 -31.26 -28.57
CA THR C 148 26.47 -32.26 -27.65
C THR C 148 25.08 -31.93 -27.12
N MET C 149 24.55 -30.75 -27.41
CA MET C 149 23.22 -30.32 -26.99
C MET C 149 22.44 -29.78 -28.19
N THR C 150 21.21 -30.25 -28.36
CA THR C 150 20.40 -29.75 -29.46
C THR C 150 19.88 -28.35 -29.14
N GLN C 151 19.00 -27.87 -30.01
CA GLN C 151 18.42 -26.56 -29.79
C GLN C 151 17.38 -26.61 -28.69
N GLU C 152 16.63 -27.71 -28.61
CA GLU C 152 15.70 -27.92 -27.50
C GLU C 152 16.43 -28.03 -26.17
N ASP C 153 17.55 -28.73 -26.18
CA ASP C 153 18.35 -28.95 -24.96
C ASP C 153 18.78 -27.60 -24.38
N ILE C 154 19.16 -26.64 -25.22
CA ILE C 154 19.59 -25.33 -24.74
C ILE C 154 18.39 -24.55 -24.19
N SER C 155 17.27 -24.57 -24.91
CA SER C 155 16.08 -23.86 -24.44
C SER C 155 15.60 -24.42 -23.11
N ASP C 156 15.69 -25.74 -22.94
CA ASP C 156 15.30 -26.33 -21.67
C ASP C 156 16.28 -25.96 -20.56
N TYR C 157 17.59 -26.03 -20.86
CA TYR C 157 18.56 -25.64 -19.83
C TYR C 157 18.39 -24.19 -19.42
N VAL C 158 18.02 -23.32 -20.34
CA VAL C 158 17.87 -21.92 -19.97
C VAL C 158 16.59 -21.73 -19.19
N ALA C 159 15.50 -22.36 -19.63
CA ALA C 159 14.23 -22.19 -18.94
C ALA C 159 14.24 -22.80 -17.54
N ALA C 160 14.95 -23.91 -17.35
CA ALA C 160 14.94 -24.59 -16.06
C ALA C 160 16.03 -24.13 -15.10
N ASN C 161 17.16 -23.63 -15.60
CA ASN C 161 18.30 -23.33 -14.74
C ASN C 161 18.80 -21.90 -14.84
N MET C 162 18.25 -21.07 -15.70
CA MET C 162 18.70 -19.69 -15.81
C MET C 162 17.57 -18.68 -15.66
N LYS C 163 16.41 -18.96 -16.25
CA LYS C 163 15.36 -17.96 -16.40
C LYS C 163 14.81 -17.51 -15.04
N ASP C 164 14.58 -18.46 -14.13
CA ASP C 164 14.00 -18.10 -12.84
C ASP C 164 14.93 -17.19 -12.04
N ALA C 165 16.22 -17.53 -11.98
CA ALA C 165 17.20 -16.67 -11.32
C ALA C 165 17.26 -15.28 -11.97
N ILE C 166 17.33 -15.22 -13.29
CA ILE C 166 17.40 -13.93 -13.98
C ILE C 166 16.14 -13.13 -13.72
N SER C 167 14.98 -13.78 -13.77
CA SER C 167 13.72 -13.07 -13.55
C SER C 167 13.56 -12.57 -12.12
N ARG C 168 14.34 -13.11 -11.18
CA ARG C 168 14.38 -12.59 -9.82
C ARG C 168 15.62 -11.75 -9.55
N THR C 169 16.40 -11.43 -10.58
CA THR C 169 17.57 -10.58 -10.43
C THR C 169 17.17 -9.11 -10.31
N SER C 170 18.00 -8.34 -9.62
CA SER C 170 17.62 -6.99 -9.21
C SER C 170 17.53 -6.05 -10.40
N GLY C 171 16.34 -5.48 -10.63
CA GLY C 171 16.12 -4.57 -11.73
C GLY C 171 15.37 -5.17 -12.90
N VAL C 172 15.33 -6.50 -12.98
CA VAL C 172 14.66 -7.19 -14.08
C VAL C 172 13.16 -7.14 -13.86
N GLY C 173 12.45 -6.53 -14.80
CA GLY C 173 11.00 -6.48 -14.75
C GLY C 173 10.32 -7.67 -15.39
N ASP C 174 10.88 -8.20 -16.47
CA ASP C 174 10.25 -9.29 -17.21
C ASP C 174 11.29 -9.99 -18.08
N VAL C 175 11.08 -11.27 -18.34
CA VAL C 175 12.02 -12.09 -19.08
C VAL C 175 11.26 -12.93 -20.09
N GLN C 176 11.49 -12.68 -21.38
CA GLN C 176 10.94 -13.52 -22.44
C GLN C 176 11.94 -14.61 -22.78
N LEU C 177 11.46 -15.85 -22.82
CA LEU C 177 12.26 -16.98 -23.26
C LEU C 177 12.00 -17.21 -24.74
N PHE C 178 13.05 -17.12 -25.56
CA PHE C 178 12.96 -17.39 -26.99
C PHE C 178 13.13 -18.89 -27.22
N GLY C 179 12.15 -19.64 -26.73
CA GLY C 179 12.22 -21.09 -26.77
C GLY C 179 11.21 -21.67 -25.78
N SER C 180 11.46 -22.93 -25.41
CA SER C 180 10.58 -23.67 -24.51
C SER C 180 11.41 -24.44 -23.50
N GLN C 181 10.80 -24.76 -22.38
CA GLN C 181 11.42 -25.79 -21.57
C GLN C 181 10.78 -27.12 -21.95
N TYR C 182 11.49 -28.20 -21.62
CA TYR C 182 11.02 -29.53 -21.97
C TYR C 182 9.68 -29.83 -21.31
N ALA C 183 8.92 -30.71 -21.94
CA ALA C 183 7.73 -31.28 -21.32
C ALA C 183 7.67 -32.73 -21.74
N MET C 184 6.84 -33.50 -21.04
CA MET C 184 6.57 -34.87 -21.46
C MET C 184 5.58 -34.79 -22.62
N ARG C 185 6.05 -35.13 -23.81
CA ARG C 185 5.21 -35.11 -25.00
C ARG C 185 4.72 -36.53 -25.28
N ILE C 186 3.41 -36.67 -25.38
CA ILE C 186 2.77 -37.94 -25.74
C ILE C 186 2.18 -37.71 -27.13
N TRP C 187 2.87 -38.18 -28.17
CA TRP C 187 2.42 -38.02 -29.55
C TRP C 187 1.53 -39.21 -29.90
N MET C 188 0.23 -38.96 -30.03
CA MET C 188 -0.75 -40.03 -30.19
C MET C 188 -0.87 -40.44 -31.65
N ASN C 189 -1.01 -41.76 -31.87
CA ASN C 189 -1.25 -42.32 -33.19
C ASN C 189 -2.69 -42.79 -33.26
N PRO C 190 -3.57 -42.11 -34.01
CA PRO C 190 -4.98 -42.56 -34.04
C PRO C 190 -5.16 -43.89 -34.74
N ASN C 191 -4.32 -44.23 -35.72
CA ASN C 191 -4.43 -45.53 -36.37
C ASN C 191 -4.18 -46.64 -35.38
N GLU C 192 -3.02 -46.59 -34.71
CA GLU C 192 -2.67 -47.58 -33.69
C GLU C 192 -3.59 -47.49 -32.47
N LEU C 193 -4.29 -46.37 -32.29
CA LEU C 193 -5.19 -46.19 -31.16
C LEU C 193 -6.54 -46.85 -31.42
N ASN C 194 -7.14 -46.59 -32.59
CA ASN C 194 -8.42 -47.21 -32.95
C ASN C 194 -8.32 -48.72 -33.04
N LYS C 195 -7.12 -49.24 -33.31
CA LYS C 195 -6.89 -50.68 -33.31
C LYS C 195 -7.28 -51.33 -31.98
N PHE C 196 -7.08 -50.61 -30.87
CA PHE C 196 -7.40 -51.12 -29.55
C PHE C 196 -8.67 -50.48 -28.98
N GLN C 197 -9.44 -49.77 -29.80
CA GLN C 197 -10.68 -49.11 -29.40
C GLN C 197 -10.42 -48.14 -28.24
N LEU C 198 -9.51 -47.22 -28.47
CA LEU C 198 -9.13 -46.23 -27.47
C LEU C 198 -9.25 -44.83 -28.05
N THR C 199 -9.75 -43.91 -27.23
CA THR C 199 -9.81 -42.50 -27.55
C THR C 199 -8.68 -41.76 -26.87
N PRO C 200 -8.45 -40.49 -27.22
CA PRO C 200 -7.56 -39.66 -26.41
C PRO C 200 -8.09 -39.43 -25.00
N VAL C 201 -9.41 -39.58 -24.78
CA VAL C 201 -9.95 -39.47 -23.43
C VAL C 201 -9.35 -40.57 -22.54
N ASP C 202 -9.15 -41.76 -23.10
CA ASP C 202 -8.58 -42.86 -22.32
C ASP C 202 -7.12 -42.58 -21.97
N VAL C 203 -6.36 -42.01 -22.90
CA VAL C 203 -4.96 -41.68 -22.62
C VAL C 203 -4.88 -40.64 -21.52
N ILE C 204 -5.76 -39.64 -21.57
CA ILE C 204 -5.76 -38.58 -20.55
C ILE C 204 -6.07 -39.15 -19.18
N THR C 205 -7.16 -39.91 -19.06
CA THR C 205 -7.55 -40.45 -17.76
C THR C 205 -6.50 -41.43 -17.22
N ALA C 206 -5.88 -42.21 -18.11
CA ALA C 206 -4.81 -43.11 -17.69
C ALA C 206 -3.60 -42.35 -17.17
N ILE C 207 -3.23 -41.26 -17.85
CA ILE C 207 -2.09 -40.46 -17.39
C ILE C 207 -2.38 -39.85 -16.02
N LYS C 208 -3.59 -39.32 -15.85
CA LYS C 208 -3.97 -38.75 -14.56
C LYS C 208 -3.94 -39.80 -13.47
N ALA C 209 -4.39 -41.02 -13.79
CA ALA C 209 -4.44 -42.09 -12.79
C ALA C 209 -3.03 -42.56 -12.41
N GLN C 210 -2.14 -42.68 -13.40
CA GLN C 210 -0.85 -43.34 -13.18
C GLN C 210 0.34 -42.38 -13.16
N ASN C 211 0.13 -41.08 -13.36
CA ASN C 211 1.12 -40.07 -13.04
C ASN C 211 0.55 -39.18 -11.93
N ALA C 212 0.46 -39.73 -10.74
CA ALA C 212 -0.18 -39.07 -9.61
C ALA C 212 0.79 -38.94 -8.45
N GLN C 213 0.68 -37.84 -7.72
CA GLN C 213 1.34 -37.68 -6.43
C GLN C 213 0.26 -37.75 -5.36
N VAL C 214 0.24 -38.85 -4.62
CA VAL C 214 -0.84 -39.15 -3.69
C VAL C 214 -0.39 -38.87 -2.26
N ALA C 215 -1.23 -38.15 -1.51
CA ALA C 215 -1.05 -38.00 -0.07
C ALA C 215 -1.74 -39.15 0.62
N ALA C 216 -0.97 -40.00 1.30
CA ALA C 216 -1.47 -41.27 1.80
C ALA C 216 -1.54 -41.37 3.32
N GLY C 217 -1.23 -40.30 4.04
CA GLY C 217 -1.29 -40.32 5.49
C GLY C 217 -0.02 -40.85 6.11
N GLN C 218 -0.11 -41.25 7.38
CA GLN C 218 1.05 -41.82 8.06
C GLN C 218 0.61 -42.95 8.98
N LEU C 219 1.60 -43.62 9.56
CA LEU C 219 1.42 -44.60 10.63
C LEU C 219 1.70 -43.93 11.95
N GLY C 220 0.82 -44.14 12.94
CA GLY C 220 1.02 -43.51 14.22
C GLY C 220 0.74 -42.03 14.23
N GLY C 221 -0.09 -41.54 13.30
CA GLY C 221 -0.41 -40.14 13.25
C GLY C 221 -1.24 -39.70 14.43
N THR C 222 -1.45 -38.39 14.51
CA THR C 222 -2.26 -37.91 15.62
C THR C 222 -3.73 -37.84 15.23
N PRO C 223 -4.67 -38.18 16.12
CA PRO C 223 -4.47 -38.63 17.49
C PRO C 223 -4.06 -40.09 17.58
N PRO C 224 -2.95 -40.34 18.26
CA PRO C 224 -2.41 -41.70 18.33
C PRO C 224 -3.18 -42.53 19.35
N VAL C 225 -2.89 -43.83 19.33
CA VAL C 225 -3.12 -44.72 20.45
C VAL C 225 -1.89 -44.62 21.34
N LYS C 226 -2.08 -44.14 22.57
CA LYS C 226 -0.93 -43.96 23.45
C LYS C 226 -0.28 -45.30 23.74
N GLY C 227 1.05 -45.33 23.69
CA GLY C 227 1.80 -46.56 23.60
C GLY C 227 2.43 -46.77 22.23
N GLN C 228 1.99 -46.01 21.23
CA GLN C 228 2.52 -46.13 19.88
C GLN C 228 4.01 -45.82 19.85
N GLN C 229 4.78 -46.72 19.27
CA GLN C 229 6.21 -46.52 19.13
C GLN C 229 6.61 -45.97 17.76
N LEU C 230 5.82 -46.24 16.72
CA LEU C 230 6.17 -45.93 15.35
C LEU C 230 5.37 -44.74 14.82
N ASN C 231 6.08 -43.75 14.27
CA ASN C 231 5.47 -42.66 13.52
C ASN C 231 6.20 -42.56 12.19
N ALA C 232 5.49 -42.84 11.09
CA ALA C 232 6.17 -42.94 9.81
C ALA C 232 5.23 -42.54 8.68
N SER C 233 5.74 -41.75 7.73
CA SER C 233 4.92 -41.35 6.59
C SER C 233 4.60 -42.54 5.71
N ILE C 234 3.41 -42.50 5.09
CA ILE C 234 3.00 -43.48 4.10
C ILE C 234 3.22 -42.87 2.72
N ILE C 235 4.11 -43.47 1.93
CA ILE C 235 4.37 -43.03 0.57
C ILE C 235 3.64 -43.96 -0.38
N ALA C 236 2.66 -43.43 -1.10
CA ALA C 236 1.98 -44.16 -2.16
C ALA C 236 2.55 -43.71 -3.50
N GLN C 237 1.74 -43.41 -4.53
CA GLN C 237 2.29 -43.07 -5.82
C GLN C 237 3.01 -41.73 -5.78
N THR C 238 3.99 -41.61 -6.68
CA THR C 238 4.70 -40.37 -6.93
C THR C 238 4.61 -40.02 -8.42
N ARG C 239 5.00 -38.79 -8.73
CA ARG C 239 5.14 -38.36 -10.12
C ARG C 239 6.22 -39.19 -10.82
N LEU C 240 5.90 -39.63 -12.05
CA LEU C 240 6.89 -40.26 -12.91
C LEU C 240 7.93 -39.24 -13.37
N THR C 241 9.12 -39.75 -13.71
CA THR C 241 10.27 -38.88 -13.94
C THR C 241 10.98 -39.12 -15.26
N SER C 242 10.48 -40.03 -16.09
CA SER C 242 11.23 -40.45 -17.27
C SER C 242 10.25 -40.83 -18.38
N THR C 243 10.79 -40.91 -19.59
CA THR C 243 10.00 -41.38 -20.72
C THR C 243 9.68 -42.86 -20.58
N GLU C 244 10.64 -43.65 -20.07
CA GLU C 244 10.42 -45.09 -19.89
C GLU C 244 9.22 -45.36 -18.98
N GLU C 245 9.11 -44.61 -17.89
CA GLU C 245 7.99 -44.81 -16.97
C GLU C 245 6.67 -44.42 -17.63
N PHE C 246 6.65 -43.31 -18.37
CA PHE C 246 5.43 -42.93 -19.06
C PHE C 246 5.02 -43.96 -20.09
N GLY C 247 6.01 -44.57 -20.76
CA GLY C 247 5.70 -45.56 -21.79
C GLY C 247 5.08 -46.83 -21.25
N LYS C 248 5.42 -47.23 -20.02
CA LYS C 248 4.89 -48.45 -19.42
C LYS C 248 3.54 -48.24 -18.72
N ILE C 249 2.88 -47.11 -18.98
CA ILE C 249 1.56 -46.86 -18.43
C ILE C 249 0.56 -47.84 -19.06
N LEU C 250 -0.12 -48.60 -18.22
CA LEU C 250 -1.05 -49.62 -18.70
C LEU C 250 -2.36 -48.96 -19.10
N LEU C 251 -2.72 -49.04 -20.39
CA LEU C 251 -3.95 -48.44 -20.88
C LEU C 251 -5.14 -49.37 -20.72
N LYS C 252 -4.98 -50.65 -21.08
CA LYS C 252 -6.04 -51.62 -20.92
C LYS C 252 -5.43 -53.02 -20.90
N VAL C 253 -6.22 -53.99 -20.44
CA VAL C 253 -5.85 -55.40 -20.44
C VAL C 253 -6.89 -56.16 -21.27
N ASN C 254 -6.42 -57.04 -22.13
CA ASN C 254 -7.29 -57.78 -23.02
C ASN C 254 -7.73 -59.10 -22.38
N GLN C 255 -8.80 -59.67 -22.95
CA GLN C 255 -9.23 -61.03 -22.61
C GLN C 255 -8.09 -62.03 -22.77
N ASP C 256 -7.24 -61.81 -23.78
CA ASP C 256 -6.07 -62.64 -24.06
C ASP C 256 -5.16 -62.80 -22.84
N GLY C 257 -4.89 -61.72 -22.12
CA GLY C 257 -3.79 -61.65 -21.17
C GLY C 257 -2.68 -60.72 -21.64
N SER C 258 -2.82 -60.16 -22.83
CA SER C 258 -1.88 -59.17 -23.31
C SER C 258 -2.20 -57.81 -22.69
N ARG C 259 -1.16 -56.98 -22.59
CA ARG C 259 -1.25 -55.66 -21.98
C ARG C 259 -0.88 -54.61 -23.01
N VAL C 260 -1.74 -53.62 -23.19
CA VAL C 260 -1.48 -52.53 -24.12
C VAL C 260 -0.96 -51.33 -23.33
N LEU C 261 0.33 -51.03 -23.51
CA LEU C 261 1.00 -49.93 -22.84
C LEU C 261 0.80 -48.62 -23.62
N LEU C 262 1.18 -47.51 -22.98
CA LEU C 262 1.10 -46.22 -23.65
C LEU C 262 2.10 -46.12 -24.80
N ARG C 263 3.28 -46.74 -24.64
CA ARG C 263 4.28 -46.75 -25.71
C ARG C 263 3.83 -47.51 -26.94
N ASP C 264 2.75 -48.28 -26.85
CA ASP C 264 2.24 -49.04 -27.98
C ASP C 264 1.31 -48.24 -28.88
N VAL C 265 0.80 -47.09 -28.44
CA VAL C 265 -0.10 -46.31 -29.28
C VAL C 265 0.33 -44.86 -29.37
N ALA C 266 1.53 -44.55 -28.86
CA ALA C 266 2.04 -43.19 -28.94
C ALA C 266 3.55 -43.24 -28.81
N LYS C 267 4.18 -42.13 -29.19
CA LYS C 267 5.61 -41.93 -29.00
C LYS C 267 5.85 -41.00 -27.82
N ILE C 268 6.82 -41.36 -26.98
CA ILE C 268 7.10 -40.67 -25.73
C ILE C 268 8.48 -40.04 -25.83
N GLU C 269 8.55 -38.73 -25.61
CA GLU C 269 9.83 -38.02 -25.67
C GLU C 269 9.72 -36.68 -24.96
N LEU C 270 10.85 -36.21 -24.45
CA LEU C 270 10.93 -34.84 -23.96
C LEU C 270 10.93 -33.88 -25.14
N GLY C 271 9.99 -32.93 -25.14
CA GLY C 271 9.95 -31.89 -26.13
C GLY C 271 9.42 -30.60 -25.52
N GLY C 272 9.38 -29.55 -26.32
CA GLY C 272 8.99 -28.25 -25.81
C GLY C 272 7.53 -28.21 -25.40
N GLU C 273 7.23 -27.26 -24.51
CA GLU C 273 5.83 -26.94 -24.21
C GLU C 273 5.13 -26.46 -25.48
N ASN C 274 5.77 -25.57 -26.23
CA ASN C 274 5.28 -25.13 -27.53
C ASN C 274 6.47 -25.04 -28.48
N TYR C 275 6.21 -25.30 -29.76
CA TYR C 275 7.25 -25.31 -30.79
C TYR C 275 7.18 -24.10 -31.71
N ASP C 276 6.60 -22.98 -31.24
CA ASP C 276 6.39 -21.87 -32.15
C ASP C 276 7.64 -21.01 -32.29
N ILE C 277 8.36 -20.76 -31.20
CA ILE C 277 9.44 -19.78 -31.17
C ILE C 277 10.76 -20.51 -31.38
N ILE C 278 11.54 -20.06 -32.37
CA ILE C 278 12.76 -20.74 -32.79
C ILE C 278 13.79 -19.67 -33.15
N ALA C 279 14.91 -19.66 -32.43
CA ALA C 279 15.88 -18.58 -32.50
C ALA C 279 17.20 -19.04 -33.08
N GLU C 280 17.88 -18.12 -33.77
CA GLU C 280 19.19 -18.37 -34.35
C GLU C 280 20.13 -17.22 -34.05
N PHE C 281 21.41 -17.54 -33.85
CA PHE C 281 22.46 -16.55 -33.59
C PHE C 281 23.49 -16.67 -34.70
N ASN C 282 23.53 -15.67 -35.58
CA ASN C 282 24.43 -15.67 -36.74
C ASN C 282 24.25 -16.92 -37.59
N GLY C 283 23.00 -17.38 -37.73
CA GLY C 283 22.71 -18.58 -38.48
C GLY C 283 22.84 -19.87 -37.69
N GLN C 284 23.38 -19.82 -36.48
CA GLN C 284 23.57 -20.99 -35.63
C GLN C 284 22.38 -21.13 -34.69
N PRO C 285 21.90 -22.36 -34.50
CA PRO C 285 20.80 -22.59 -33.55
C PRO C 285 21.16 -22.11 -32.15
N ALA C 286 20.19 -21.46 -31.52
CA ALA C 286 20.44 -20.79 -30.23
C ALA C 286 19.15 -20.72 -29.43
N SER C 287 19.30 -20.29 -28.19
CA SER C 287 18.18 -19.86 -27.35
C SER C 287 18.60 -18.55 -26.67
N GLY C 288 17.66 -17.91 -26.00
CA GLY C 288 18.05 -16.66 -25.34
C GLY C 288 16.97 -16.16 -24.41
N LEU C 289 17.34 -15.15 -23.63
CA LEU C 289 16.42 -14.45 -22.74
C LEU C 289 16.32 -13.00 -23.21
N GLY C 290 15.08 -12.55 -23.44
CA GLY C 290 14.84 -11.14 -23.72
C GLY C 290 14.50 -10.42 -22.42
N ILE C 291 15.45 -9.67 -21.89
CA ILE C 291 15.31 -9.07 -20.56
C ILE C 291 14.79 -7.65 -20.69
N LYS C 292 13.84 -7.29 -19.82
CA LYS C 292 13.27 -5.96 -19.79
C LYS C 292 13.60 -5.28 -18.48
N LEU C 293 13.80 -3.97 -18.54
CA LEU C 293 14.10 -3.19 -17.35
C LEU C 293 12.83 -2.88 -16.57
N ALA C 294 12.91 -2.98 -15.25
CA ALA C 294 11.76 -2.68 -14.42
C ALA C 294 11.63 -1.16 -14.21
N THR C 295 10.38 -0.72 -14.05
CA THR C 295 10.02 0.69 -13.90
C THR C 295 10.87 1.38 -12.83
N GLY C 296 11.66 2.37 -13.26
CA GLY C 296 12.45 3.12 -12.31
C GLY C 296 13.76 2.50 -11.89
N ALA C 297 14.17 1.40 -12.49
CA ALA C 297 15.46 0.80 -12.18
C ALA C 297 16.56 1.43 -13.01
N ASN C 298 17.76 1.45 -12.45
CA ASN C 298 18.94 1.93 -13.15
C ASN C 298 19.43 0.85 -14.11
N ALA C 299 19.55 1.21 -15.39
CA ALA C 299 19.89 0.23 -16.41
C ALA C 299 21.31 -0.30 -16.22
N LEU C 300 22.26 0.59 -15.91
CA LEU C 300 23.64 0.16 -15.66
C LEU C 300 23.71 -0.84 -14.51
N ASP C 301 23.01 -0.55 -13.41
CA ASP C 301 23.02 -1.45 -12.28
C ASP C 301 22.37 -2.79 -12.62
N THR C 302 21.23 -2.74 -13.32
CA THR C 302 20.55 -3.98 -13.70
C THR C 302 21.42 -4.83 -14.61
N ALA C 303 22.12 -4.19 -15.56
CA ALA C 303 23.02 -4.93 -16.44
C ALA C 303 24.17 -5.56 -15.66
N ALA C 304 24.73 -4.82 -14.70
CA ALA C 304 25.82 -5.36 -13.89
C ALA C 304 25.34 -6.54 -13.05
N ALA C 305 24.11 -6.44 -12.52
CA ALA C 305 23.55 -7.54 -11.75
C ALA C 305 23.37 -8.78 -12.61
N ILE C 306 22.89 -8.61 -13.84
CA ILE C 306 22.70 -9.74 -14.74
C ILE C 306 24.03 -10.39 -15.08
N ARG C 307 25.08 -9.58 -15.27
CA ARG C 307 26.41 -10.12 -15.50
C ARG C 307 26.86 -10.96 -14.31
N ALA C 308 26.77 -10.39 -13.11
CA ALA C 308 27.21 -11.09 -11.90
C ALA C 308 26.40 -12.36 -11.68
N GLU C 309 25.09 -12.31 -12.00
CA GLU C 309 24.24 -13.47 -11.83
C GLU C 309 24.52 -14.55 -12.87
N LEU C 310 24.87 -14.16 -14.09
CA LEU C 310 25.30 -15.13 -15.08
C LEU C 310 26.68 -15.67 -14.78
N ALA C 311 27.50 -14.93 -14.03
CA ALA C 311 28.83 -15.41 -13.71
C ALA C 311 28.79 -16.58 -12.73
N LYS C 312 27.84 -16.55 -11.79
CA LYS C 312 27.72 -17.65 -10.84
C LYS C 312 27.01 -18.87 -11.43
N MET C 313 26.39 -18.74 -12.59
CA MET C 313 25.76 -19.89 -13.23
C MET C 313 26.70 -20.68 -14.13
N GLU C 314 27.73 -20.04 -14.67
CA GLU C 314 28.62 -20.69 -15.63
C GLU C 314 29.38 -21.90 -15.10
N PRO C 315 29.82 -21.94 -13.83
CA PRO C 315 30.48 -23.16 -13.34
C PRO C 315 29.63 -24.41 -13.41
N PHE C 316 28.30 -24.28 -13.54
CA PHE C 316 27.40 -25.43 -13.63
C PHE C 316 26.83 -25.62 -15.04
N PHE C 317 27.36 -24.94 -16.04
CA PHE C 317 26.94 -25.17 -17.40
C PHE C 317 27.38 -26.56 -17.85
N PRO C 318 26.60 -27.23 -18.70
CA PRO C 318 27.08 -28.47 -19.31
C PRO C 318 28.21 -28.18 -20.30
N SER C 319 28.77 -29.27 -20.84
CA SER C 319 29.88 -29.15 -21.78
C SER C 319 29.45 -28.40 -23.03
N GLY C 320 30.15 -27.30 -23.33
CA GLY C 320 29.96 -26.58 -24.57
C GLY C 320 28.98 -25.43 -24.52
N LEU C 321 28.29 -25.22 -23.42
CA LEU C 321 27.36 -24.10 -23.34
C LEU C 321 28.12 -22.78 -23.25
N LYS C 322 27.69 -21.81 -24.06
CA LYS C 322 28.33 -20.50 -24.11
C LYS C 322 27.30 -19.38 -24.16
N ILE C 323 27.56 -18.32 -23.39
CA ILE C 323 26.70 -17.14 -23.40
C ILE C 323 27.26 -16.15 -24.41
N VAL C 324 26.35 -15.53 -25.16
CA VAL C 324 26.70 -14.45 -26.08
C VAL C 324 25.67 -13.35 -25.93
N TYR C 325 26.07 -12.13 -26.30
CA TYR C 325 25.29 -10.92 -26.05
C TYR C 325 25.02 -10.24 -27.37
N PRO C 326 24.01 -10.70 -28.10
CA PRO C 326 23.73 -10.16 -29.44
C PRO C 326 22.99 -8.84 -29.46
N TYR C 327 22.59 -8.28 -28.32
CA TYR C 327 21.78 -7.07 -28.34
C TYR C 327 21.80 -6.46 -26.95
N ASP C 328 22.29 -5.23 -26.85
CA ASP C 328 22.48 -4.60 -25.55
C ASP C 328 22.50 -3.08 -25.73
N THR C 329 21.70 -2.38 -24.94
CA THR C 329 21.62 -0.93 -25.01
C THR C 329 22.60 -0.24 -24.06
N THR C 330 23.24 -0.97 -23.15
CA THR C 330 24.13 -0.37 -22.16
C THR C 330 25.50 0.05 -22.70
N PRO C 331 26.09 -0.62 -23.71
CA PRO C 331 27.32 -0.06 -24.31
C PRO C 331 27.16 1.35 -24.85
N PHE C 332 25.96 1.70 -25.34
CA PHE C 332 25.71 3.08 -25.75
C PHE C 332 25.60 4.00 -24.55
N VAL C 333 24.94 3.52 -23.48
CA VAL C 333 24.82 4.29 -22.24
C VAL C 333 26.20 4.71 -21.73
N LYS C 334 27.13 3.74 -21.65
CA LYS C 334 28.48 4.05 -21.15
C LYS C 334 29.19 5.03 -22.09
N ILE C 335 29.19 4.74 -23.39
CA ILE C 335 30.00 5.53 -24.31
C ILE C 335 29.49 6.97 -24.40
N SER C 336 28.17 7.18 -24.29
CA SER C 336 27.64 8.55 -24.38
C SER C 336 27.81 9.31 -23.07
N ILE C 337 27.79 8.63 -21.93
CA ILE C 337 28.19 9.28 -20.69
C ILE C 337 29.66 9.68 -20.75
N HIS C 338 30.50 8.80 -21.31
CA HIS C 338 31.92 9.13 -21.45
C HIS C 338 32.13 10.36 -22.32
N GLU C 339 31.33 10.50 -23.39
CA GLU C 339 31.57 11.55 -24.37
C GLU C 339 31.05 12.90 -23.87
N VAL C 340 30.01 12.90 -23.06
CA VAL C 340 29.54 14.17 -22.49
C VAL C 340 30.38 14.57 -21.28
N VAL C 341 30.99 13.60 -20.59
CA VAL C 341 32.02 13.99 -19.63
C VAL C 341 33.23 14.56 -20.36
N LYS C 342 33.57 13.98 -21.52
CA LYS C 342 34.64 14.53 -22.32
C LYS C 342 34.30 15.94 -22.82
N THR C 343 33.04 16.17 -23.16
CA THR C 343 32.60 17.51 -23.55
C THR C 343 32.72 18.49 -22.39
N LEU C 344 32.37 18.07 -21.18
CA LEU C 344 32.46 18.96 -20.03
C LEU C 344 33.91 19.33 -19.73
N VAL C 345 34.82 18.36 -19.81
CA VAL C 345 36.23 18.65 -19.57
C VAL C 345 36.77 19.59 -20.64
N GLU C 346 36.32 19.41 -21.89
CA GLU C 346 36.74 20.31 -22.96
C GLU C 346 36.22 21.72 -22.71
N ALA C 347 34.97 21.84 -22.27
CA ALA C 347 34.37 23.16 -22.06
C ALA C 347 35.08 23.91 -20.93
N ILE C 348 35.50 23.20 -19.87
CA ILE C 348 36.25 23.83 -18.80
C ILE C 348 37.57 24.37 -19.33
N ILE C 349 38.26 23.58 -20.16
CA ILE C 349 39.53 24.01 -20.73
C ILE C 349 39.35 25.23 -21.62
N LEU C 350 38.28 25.24 -22.43
CA LEU C 350 38.02 26.37 -23.32
C LEU C 350 37.74 27.65 -22.53
N VAL C 351 36.91 27.54 -21.49
CA VAL C 351 36.55 28.71 -20.71
C VAL C 351 37.73 29.22 -19.89
N PHE C 352 38.59 28.31 -19.42
CA PHE C 352 39.85 28.74 -18.83
C PHE C 352 40.68 29.53 -19.83
N LEU C 353 40.71 29.09 -21.09
CA LEU C 353 41.56 29.74 -22.08
C LEU C 353 41.07 31.14 -22.43
N VAL C 354 39.75 31.35 -22.52
CA VAL C 354 39.21 32.66 -22.89
C VAL C 354 39.35 33.65 -21.73
N MET C 355 39.24 33.16 -20.52
CA MET C 355 39.52 33.98 -19.35
C MET C 355 41.00 34.38 -19.29
N TYR C 356 41.91 33.45 -19.60
CA TYR C 356 43.32 33.79 -19.70
C TYR C 356 43.59 34.75 -20.86
N LEU C 357 42.74 34.76 -21.88
CA LEU C 357 42.93 35.67 -23.01
C LEU C 357 42.77 37.13 -22.58
N PHE C 358 41.88 37.39 -21.63
CA PHE C 358 41.54 38.76 -21.26
C PHE C 358 42.28 39.24 -20.01
N LEU C 359 42.53 38.36 -19.05
CA LEU C 359 43.20 38.75 -17.82
C LEU C 359 44.69 38.45 -17.85
N GLN C 360 45.11 37.45 -18.62
CA GLN C 360 46.51 37.29 -19.01
C GLN C 360 47.44 36.92 -17.85
N ASN C 361 47.38 37.66 -16.74
CA ASN C 361 48.12 37.26 -15.56
C ASN C 361 47.60 35.93 -15.04
N PHE C 362 48.52 35.17 -14.42
CA PHE C 362 48.21 33.82 -13.98
C PHE C 362 47.22 33.84 -12.81
N ARG C 363 47.50 34.69 -11.81
CA ARG C 363 46.66 34.71 -10.61
C ARG C 363 45.31 35.37 -10.88
N ALA C 364 45.29 36.38 -11.74
CA ALA C 364 44.03 37.05 -12.07
C ALA C 364 43.06 36.10 -12.75
N THR C 365 43.57 35.21 -13.62
CA THR C 365 42.69 34.27 -14.30
C THR C 365 42.33 33.07 -13.44
N LEU C 366 43.27 32.59 -12.60
CA LEU C 366 42.97 31.45 -11.73
C LEU C 366 41.87 31.81 -10.74
N ILE C 367 41.77 33.09 -10.37
CA ILE C 367 40.77 33.51 -9.38
C ILE C 367 39.34 33.15 -9.82
N PRO C 368 38.90 33.45 -11.05
CA PRO C 368 37.59 32.92 -11.46
C PRO C 368 37.57 31.41 -11.68
N THR C 369 38.72 30.79 -11.97
CA THR C 369 38.71 29.34 -12.23
C THR C 369 38.36 28.56 -10.98
N ILE C 370 38.73 29.07 -9.80
CA ILE C 370 38.38 28.43 -8.53
C ILE C 370 36.88 28.33 -8.34
N ALA C 371 36.12 29.21 -9.00
CA ALA C 371 34.66 29.14 -8.95
C ALA C 371 34.11 27.90 -9.63
N VAL C 372 34.84 27.32 -10.56
CA VAL C 372 34.37 26.16 -11.33
C VAL C 372 34.27 24.92 -10.46
N PRO C 373 35.32 24.53 -9.72
CA PRO C 373 35.15 23.37 -8.82
C PRO C 373 34.09 23.55 -7.77
N VAL C 374 34.05 24.71 -7.10
CA VAL C 374 33.13 24.84 -5.97
C VAL C 374 31.69 24.86 -6.44
N VAL C 375 31.40 25.44 -7.61
CA VAL C 375 30.02 25.54 -8.06
C VAL C 375 29.50 24.19 -8.54
N LEU C 376 30.34 23.43 -9.24
CA LEU C 376 29.92 22.15 -9.78
C LEU C 376 29.85 21.07 -8.70
N LEU C 377 30.84 21.01 -7.80
CA LEU C 377 30.76 20.07 -6.69
C LEU C 377 29.55 20.38 -5.81
N GLY C 378 29.31 21.67 -5.52
CA GLY C 378 28.11 22.06 -4.81
C GLY C 378 26.85 21.64 -5.54
N THR C 379 26.88 21.74 -6.87
CA THR C 379 25.72 21.34 -7.66
C THR C 379 25.53 19.83 -7.63
N PHE C 380 26.62 19.06 -7.60
CA PHE C 380 26.50 17.62 -7.37
C PHE C 380 25.86 17.35 -6.01
N ALA C 381 26.26 18.11 -4.99
CA ALA C 381 25.68 17.95 -3.67
C ALA C 381 24.18 18.22 -3.68
N VAL C 382 23.75 19.28 -4.38
CA VAL C 382 22.32 19.59 -4.46
C VAL C 382 21.58 18.51 -5.22
N LEU C 383 22.21 17.95 -6.26
CA LEU C 383 21.59 16.85 -6.99
C LEU C 383 21.38 15.65 -6.09
N ALA C 384 22.39 15.32 -5.27
CA ALA C 384 22.25 14.22 -4.32
C ALA C 384 21.18 14.53 -3.29
N ALA C 385 21.14 15.78 -2.79
CA ALA C 385 20.17 16.15 -1.78
C ALA C 385 18.75 16.02 -2.27
N PHE C 386 18.52 16.33 -3.54
CA PHE C 386 17.18 16.30 -4.12
C PHE C 386 16.88 14.98 -4.82
N GLY C 387 17.81 14.04 -4.84
CA GLY C 387 17.57 12.72 -5.40
C GLY C 387 17.71 12.61 -6.91
N PHE C 388 18.59 13.40 -7.51
CA PHE C 388 18.86 13.34 -8.93
C PHE C 388 20.11 12.50 -9.19
N SER C 389 20.15 11.90 -10.38
CA SER C 389 21.28 11.09 -10.78
C SER C 389 22.16 11.84 -11.78
N ILE C 390 23.44 11.49 -11.79
CA ILE C 390 24.35 11.93 -12.86
C ILE C 390 23.91 11.27 -14.15
N ASN C 391 23.28 12.04 -15.04
CA ASN C 391 22.84 11.58 -16.34
C ASN C 391 23.22 12.63 -17.38
N THR C 392 22.97 12.31 -18.65
CA THR C 392 23.38 13.19 -19.73
C THR C 392 22.67 14.54 -19.67
N LEU C 393 21.51 14.63 -19.04
CA LEU C 393 20.77 15.89 -19.00
C LEU C 393 21.33 16.83 -17.95
N THR C 394 21.57 16.34 -16.72
CA THR C 394 22.23 17.16 -15.72
C THR C 394 23.66 17.50 -16.14
N MET C 395 24.30 16.61 -16.90
CA MET C 395 25.60 16.92 -17.49
C MET C 395 25.49 18.06 -18.51
N PHE C 396 24.50 17.98 -19.40
CA PHE C 396 24.24 19.06 -20.35
C PHE C 396 24.03 20.39 -19.63
N GLY C 397 23.31 20.35 -18.50
CA GLY C 397 23.11 21.56 -17.73
C GLY C 397 24.42 22.14 -17.22
N MET C 398 25.35 21.26 -16.79
CA MET C 398 26.64 21.73 -16.32
C MET C 398 27.49 22.25 -17.47
N VAL C 399 27.40 21.62 -18.64
CA VAL C 399 28.06 22.18 -19.81
C VAL C 399 27.50 23.56 -20.14
N LEU C 400 26.18 23.73 -20.10
CA LEU C 400 25.59 25.03 -20.38
C LEU C 400 25.97 26.06 -19.33
N ALA C 401 26.36 25.61 -18.15
CA ALA C 401 26.58 26.50 -17.00
C ALA C 401 28.03 26.91 -16.80
N ILE C 402 28.98 26.23 -17.47
CA ILE C 402 30.39 26.58 -17.28
C ILE C 402 30.65 28.02 -17.72
N GLY C 403 30.04 28.43 -18.83
CA GLY C 403 30.20 29.79 -19.32
C GLY C 403 29.36 30.81 -18.60
N LEU C 404 28.47 30.38 -17.70
CA LEU C 404 27.64 31.31 -16.95
C LEU C 404 28.02 31.42 -15.48
N LEU C 405 28.56 30.35 -14.88
CA LEU C 405 28.86 30.38 -13.46
C LEU C 405 30.13 31.18 -13.14
N VAL C 406 30.99 31.45 -14.12
CA VAL C 406 32.14 32.30 -13.89
C VAL C 406 31.82 33.77 -14.13
N ASP C 407 30.61 34.08 -14.61
CA ASP C 407 30.26 35.45 -15.03
C ASP C 407 30.32 36.42 -13.87
N ASP C 408 29.75 36.06 -12.72
CA ASP C 408 29.79 36.96 -11.57
C ASP C 408 31.22 37.14 -11.07
N ALA C 409 31.98 36.05 -11.00
CA ALA C 409 33.37 36.15 -10.53
C ALA C 409 34.24 36.95 -11.52
N ILE C 410 34.01 36.80 -12.82
CA ILE C 410 34.78 37.59 -13.79
C ILE C 410 34.39 39.06 -13.70
N VAL C 411 33.10 39.35 -13.52
CA VAL C 411 32.66 40.73 -13.32
C VAL C 411 33.42 41.39 -12.18
N VAL C 412 33.59 40.64 -11.08
CA VAL C 412 34.20 41.20 -9.89
C VAL C 412 35.68 41.53 -10.14
N VAL C 413 36.43 40.58 -10.71
CA VAL C 413 37.86 40.79 -10.81
C VAL C 413 38.20 41.74 -11.96
N GLU C 414 37.47 41.66 -13.08
CA GLU C 414 37.66 42.61 -14.16
C GLU C 414 37.42 44.04 -13.68
N ASN C 415 36.47 44.20 -12.76
CA ASN C 415 36.16 45.53 -12.25
C ASN C 415 37.24 46.03 -11.30
N VAL C 416 37.80 45.13 -10.49
CA VAL C 416 38.88 45.54 -9.59
C VAL C 416 40.13 45.91 -10.39
N GLU C 417 40.42 45.14 -11.44
CA GLU C 417 41.55 45.50 -12.30
C GLU C 417 41.33 46.84 -12.99
N ARG C 418 40.07 47.17 -13.30
CA ARG C 418 39.77 48.45 -13.92
C ARG C 418 39.95 49.60 -12.93
N VAL C 419 39.45 49.43 -11.70
CA VAL C 419 39.58 50.47 -10.70
C VAL C 419 41.04 50.67 -10.30
N MET C 420 41.80 49.57 -10.22
CA MET C 420 43.23 49.68 -9.97
C MET C 420 43.93 50.45 -11.09
N ALA C 421 43.48 50.24 -12.33
CA ALA C 421 44.09 50.94 -13.45
C ALA C 421 43.70 52.42 -13.47
N GLU C 422 42.47 52.74 -13.05
CA GLU C 422 42.02 54.12 -13.10
C GLU C 422 42.53 54.94 -11.92
N GLU C 423 42.46 54.39 -10.70
CA GLU C 423 42.77 55.14 -9.48
C GLU C 423 44.13 54.82 -8.88
N GLY C 424 44.60 53.58 -9.02
CA GLY C 424 45.90 53.20 -8.51
C GLY C 424 45.94 52.73 -7.08
N LEU C 425 44.81 52.34 -6.48
CA LEU C 425 44.83 51.89 -5.10
C LEU C 425 45.35 50.45 -5.01
N PRO C 426 45.65 49.99 -3.80
CA PRO C 426 46.05 48.60 -3.61
C PRO C 426 44.86 47.68 -3.78
N PRO C 427 45.09 46.37 -3.85
CA PRO C 427 43.98 45.44 -4.14
C PRO C 427 42.87 45.45 -3.11
N LYS C 428 43.20 45.51 -1.82
CA LYS C 428 42.18 45.45 -0.78
C LYS C 428 41.21 46.62 -0.89
N GLU C 429 41.73 47.85 -0.95
CA GLU C 429 40.87 49.02 -1.08
C GLU C 429 40.11 49.01 -2.40
N ALA C 430 40.77 48.57 -3.48
CA ALA C 430 40.10 48.55 -4.77
C ALA C 430 39.00 47.50 -4.82
N THR C 431 39.16 46.42 -4.05
CA THR C 431 38.13 45.39 -4.03
C THR C 431 36.90 45.83 -3.24
N ARG C 432 37.11 46.52 -2.11
CA ARG C 432 35.98 47.11 -1.40
C ARG C 432 35.25 48.12 -2.28
N LYS C 433 36.01 48.95 -2.99
CA LYS C 433 35.43 49.90 -3.92
C LYS C 433 34.64 49.17 -5.00
N SER C 434 35.24 48.14 -5.61
CA SER C 434 34.60 47.47 -6.73
C SER C 434 33.34 46.71 -6.29
N MET C 435 33.42 46.02 -5.15
CA MET C 435 32.26 45.32 -4.63
C MET C 435 31.11 46.26 -4.29
N GLY C 436 31.41 47.54 -4.05
CA GLY C 436 30.36 48.48 -3.70
C GLY C 436 29.47 48.85 -4.87
N GLN C 437 29.97 48.75 -6.09
CA GLN C 437 29.25 49.26 -7.25
C GLN C 437 28.76 48.19 -8.21
N ILE C 438 28.94 46.91 -7.91
CA ILE C 438 28.56 45.85 -8.84
C ILE C 438 27.67 44.78 -8.21
N GLN C 439 27.30 44.94 -6.93
CA GLN C 439 26.48 43.92 -6.27
C GLN C 439 25.12 43.79 -6.96
N GLY C 440 24.52 44.91 -7.35
CA GLY C 440 23.27 44.85 -8.10
C GLY C 440 23.43 44.10 -9.41
N ALA C 441 24.59 44.27 -10.07
CA ALA C 441 24.86 43.54 -11.30
C ALA C 441 24.98 42.05 -11.03
N LEU C 442 25.69 41.68 -9.97
CA LEU C 442 25.99 40.27 -9.72
C LEU C 442 24.72 39.49 -9.38
N VAL C 443 23.90 39.99 -8.46
CA VAL C 443 22.69 39.26 -8.13
C VAL C 443 21.67 39.39 -9.24
N GLY C 444 21.69 40.50 -9.97
CA GLY C 444 20.85 40.59 -11.16
C GLY C 444 21.17 39.51 -12.17
N ILE C 445 22.46 39.26 -12.42
CA ILE C 445 22.87 38.23 -13.37
C ILE C 445 22.40 36.85 -12.91
N ALA C 446 22.73 36.50 -11.65
CA ALA C 446 22.39 35.19 -11.15
C ALA C 446 20.88 35.02 -11.02
N MET C 447 20.14 36.11 -10.85
CA MET C 447 18.69 35.98 -10.74
C MET C 447 18.04 35.72 -12.10
N VAL C 448 18.38 36.52 -13.12
CA VAL C 448 17.76 36.31 -14.43
C VAL C 448 18.18 34.97 -15.02
N LEU C 449 19.40 34.53 -14.74
CA LEU C 449 19.86 33.25 -15.26
C LEU C 449 19.25 32.06 -14.52
N SER C 450 18.55 32.28 -13.41
CA SER C 450 17.90 31.20 -12.69
C SER C 450 16.38 31.27 -12.76
N ALA C 451 15.80 32.48 -12.74
CA ALA C 451 14.36 32.63 -12.81
C ALA C 451 13.79 32.06 -14.11
N VAL C 452 14.58 32.09 -15.19
CA VAL C 452 14.15 31.55 -16.47
C VAL C 452 13.85 30.06 -16.37
N PHE C 453 14.54 29.35 -15.48
CA PHE C 453 14.49 27.89 -15.46
C PHE C 453 13.52 27.32 -14.45
N VAL C 454 12.87 28.14 -13.63
CA VAL C 454 12.01 27.58 -12.58
C VAL C 454 10.57 27.37 -13.03
N PRO C 455 9.95 28.21 -13.87
CA PRO C 455 8.62 27.83 -14.38
C PRO C 455 8.64 26.55 -15.21
N MET C 456 9.75 26.27 -15.92
CA MET C 456 9.80 25.08 -16.77
C MET C 456 9.74 23.80 -15.96
N ALA C 457 10.21 23.83 -14.71
CA ALA C 457 10.24 22.62 -13.89
C ALA C 457 8.85 22.18 -13.45
N PHE C 458 7.84 23.03 -13.60
CA PHE C 458 6.49 22.73 -13.14
C PHE C 458 5.56 22.22 -14.22
N PHE C 459 6.05 22.05 -15.45
CA PHE C 459 5.22 21.52 -16.52
C PHE C 459 5.22 19.99 -16.51
N GLY C 460 4.26 19.41 -17.23
CA GLY C 460 4.00 17.99 -17.17
C GLY C 460 4.64 17.21 -18.32
N GLY C 461 4.48 15.89 -18.23
CA GLY C 461 4.95 15.00 -19.28
C GLY C 461 6.44 14.77 -19.23
N SER C 462 6.91 13.98 -20.21
CA SER C 462 8.32 13.63 -20.30
C SER C 462 9.19 14.87 -20.50
N THR C 463 8.67 15.88 -21.19
CA THR C 463 9.42 17.11 -21.38
C THR C 463 9.66 17.79 -20.04
N GLY C 464 8.63 17.85 -19.19
CA GLY C 464 8.81 18.39 -17.85
C GLY C 464 9.85 17.61 -17.06
N ALA C 465 9.86 16.28 -17.21
CA ALA C 465 10.92 15.49 -16.60
C ALA C 465 12.28 15.83 -17.17
N ILE C 466 12.33 16.15 -18.47
CA ILE C 466 13.58 16.61 -19.07
C ILE C 466 13.93 18.01 -18.57
N TYR C 467 12.92 18.89 -18.47
CA TYR C 467 13.15 20.26 -18.05
C TYR C 467 13.77 20.33 -16.65
N ARG C 468 13.30 19.49 -15.74
CA ARG C 468 13.72 19.56 -14.34
C ARG C 468 15.20 19.28 -14.17
N GLN C 469 15.78 18.45 -15.04
CA GLN C 469 17.21 18.18 -14.97
C GLN C 469 18.01 19.46 -15.23
N PHE C 470 17.62 20.22 -16.26
CA PHE C 470 18.25 21.51 -16.50
C PHE C 470 17.94 22.49 -15.37
N SER C 471 16.68 22.49 -14.89
CA SER C 471 16.24 23.42 -13.85
C SER C 471 17.12 23.36 -12.62
N ILE C 472 17.33 22.17 -12.07
CA ILE C 472 18.03 22.07 -10.79
C ILE C 472 19.53 22.25 -10.97
N THR C 473 20.09 21.79 -12.09
CA THR C 473 21.52 21.97 -12.31
C THR C 473 21.85 23.45 -12.50
N ILE C 474 21.14 24.13 -13.40
CA ILE C 474 21.47 25.51 -13.72
C ILE C 474 21.19 26.41 -12.53
N VAL C 475 20.02 26.26 -11.91
CA VAL C 475 19.62 27.15 -10.83
C VAL C 475 20.56 27.01 -9.64
N SER C 476 20.95 25.78 -9.30
CA SER C 476 21.93 25.59 -8.24
C SER C 476 23.26 26.23 -8.61
N ALA C 477 23.70 26.04 -9.86
CA ALA C 477 24.97 26.61 -10.29
C ALA C 477 24.94 28.14 -10.25
N MET C 478 23.82 28.74 -10.65
CA MET C 478 23.70 30.19 -10.64
C MET C 478 23.60 30.74 -9.22
N ALA C 479 22.87 30.05 -8.35
CA ALA C 479 22.82 30.45 -6.95
C ALA C 479 24.20 30.39 -6.32
N LEU C 480 24.91 29.28 -6.54
CA LEU C 480 26.25 29.12 -5.96
C LEU C 480 27.23 30.12 -6.55
N SER C 481 27.05 30.53 -7.81
CA SER C 481 28.00 31.45 -8.42
C SER C 481 27.98 32.82 -7.74
N VAL C 482 26.78 33.33 -7.42
CA VAL C 482 26.70 34.64 -6.79
C VAL C 482 27.23 34.58 -5.36
N LEU C 483 27.07 33.43 -4.69
CA LEU C 483 27.61 33.30 -3.34
C LEU C 483 29.14 33.23 -3.35
N VAL C 484 29.71 32.60 -4.38
CA VAL C 484 31.17 32.58 -4.49
C VAL C 484 31.71 33.95 -4.85
N ALA C 485 30.94 34.74 -5.60
CA ALA C 485 31.38 36.08 -5.96
C ALA C 485 31.22 37.07 -4.81
N LEU C 486 30.26 36.85 -3.91
CA LEU C 486 30.11 37.71 -2.75
C LEU C 486 30.93 37.24 -1.56
N ILE C 487 31.45 36.02 -1.59
CA ILE C 487 32.15 35.45 -0.44
C ILE C 487 33.61 35.18 -0.76
N LEU C 488 33.86 34.37 -1.78
CA LEU C 488 35.22 33.87 -2.03
C LEU C 488 36.00 34.76 -3.00
N THR C 489 35.38 35.17 -4.11
CA THR C 489 36.07 36.03 -5.08
C THR C 489 36.62 37.32 -4.49
N PRO C 490 35.91 38.09 -3.65
CA PRO C 490 36.51 39.32 -3.10
C PRO C 490 37.71 39.02 -2.21
N ALA C 491 37.61 37.96 -1.40
CA ALA C 491 38.75 37.56 -0.57
C ALA C 491 39.95 37.21 -1.45
N LEU C 492 39.70 36.58 -2.59
CA LEU C 492 40.79 36.22 -3.48
C LEU C 492 41.43 37.46 -4.10
N CYS C 493 40.60 38.41 -4.56
CA CYS C 493 41.14 39.62 -5.17
C CYS C 493 41.95 40.43 -4.16
N ALA C 494 41.50 40.45 -2.91
CA ALA C 494 42.25 41.16 -1.88
C ALA C 494 43.46 40.39 -1.37
N THR C 495 43.59 39.11 -1.72
CA THR C 495 44.69 38.30 -1.22
C THR C 495 45.82 38.14 -2.24
N MET C 496 45.49 37.62 -3.42
CA MET C 496 46.46 37.05 -4.35
C MET C 496 46.34 37.70 -5.72
N LEU C 497 46.19 39.01 -5.73
CA LEU C 497 46.20 39.83 -6.94
C LEU C 497 47.38 40.80 -6.81
N LYS C 498 48.41 40.59 -7.63
CA LYS C 498 49.61 41.43 -7.58
C LYS C 498 49.31 42.76 -8.27
N PRO C 499 49.56 43.90 -7.61
CA PRO C 499 48.78 45.12 -7.89
C PRO C 499 49.07 45.70 -9.27
N ILE C 500 48.24 46.69 -9.62
CA ILE C 500 48.28 47.35 -10.92
C ILE C 500 48.64 48.81 -10.72
N ALA C 501 49.60 49.29 -11.51
CA ALA C 501 49.94 50.70 -11.52
C ALA C 501 48.83 51.50 -12.21
N LYS C 502 48.64 52.74 -11.74
CA LYS C 502 47.62 53.60 -12.31
C LYS C 502 47.93 53.91 -13.77
N GLY C 503 46.91 53.82 -14.62
CA GLY C 503 47.09 54.08 -16.04
C GLY C 503 47.73 52.96 -16.83
N ASP C 504 47.74 51.74 -16.29
CA ASP C 504 48.29 50.58 -16.97
C ASP C 504 47.11 49.78 -17.53
N HIS C 505 46.94 49.85 -18.85
CA HIS C 505 45.93 49.05 -19.54
C HIS C 505 46.56 47.92 -20.35
N GLY C 506 47.80 47.56 -20.04
CA GLY C 506 48.50 46.48 -20.71
C GLY C 506 48.97 46.79 -22.12
N GLU C 507 48.75 48.01 -22.63
CA GLU C 507 49.08 48.32 -24.01
C GLU C 507 50.59 48.31 -24.26
N GLY C 508 51.41 48.40 -23.22
CA GLY C 508 52.84 48.30 -23.40
C GLY C 508 53.36 46.91 -23.07
N LYS C 509 52.58 45.88 -23.39
CA LYS C 509 52.92 44.54 -22.95
C LYS C 509 53.82 43.83 -23.95
N LYS C 510 54.29 42.63 -23.56
CA LYS C 510 55.45 42.04 -24.21
C LYS C 510 55.07 40.84 -25.07
N GLY C 511 54.17 41.04 -26.02
CA GLY C 511 53.82 39.93 -26.92
C GLY C 511 52.44 40.13 -27.51
N PHE C 512 51.72 39.01 -27.63
CA PHE C 512 50.38 39.04 -28.19
C PHE C 512 49.42 39.80 -27.30
N PHE C 513 49.64 39.72 -25.98
CA PHE C 513 48.77 40.40 -25.03
C PHE C 513 48.77 41.91 -25.28
N GLY C 514 49.93 42.47 -25.64
CA GLY C 514 49.99 43.90 -25.96
C GLY C 514 49.17 44.25 -27.18
N TRP C 515 49.22 43.40 -28.21
CA TRP C 515 48.42 43.65 -29.40
C TRP C 515 46.93 43.62 -29.09
N PHE C 516 46.47 42.57 -28.38
CA PHE C 516 45.05 42.41 -28.14
C PHE C 516 44.52 43.50 -27.22
N ASN C 517 45.33 43.95 -26.26
CA ASN C 517 44.87 44.99 -25.35
C ASN C 517 44.74 46.32 -26.08
N ARG C 518 45.72 46.68 -26.91
CA ARG C 518 45.58 47.89 -27.72
C ARG C 518 44.43 47.76 -28.70
N MET C 519 44.27 46.57 -29.30
CA MET C 519 43.13 46.34 -30.19
C MET C 519 41.81 46.55 -29.46
N PHE C 520 41.66 45.95 -28.27
CA PHE C 520 40.39 46.07 -27.55
C PHE C 520 40.08 47.52 -27.20
N GLU C 521 41.04 48.22 -26.60
CA GLU C 521 40.81 49.60 -26.19
C GLU C 521 40.51 50.52 -27.38
N LYS C 522 41.09 50.24 -28.55
CA LYS C 522 40.77 51.06 -29.72
C LYS C 522 39.31 50.88 -30.13
N SER C 523 38.84 49.63 -30.13
CA SER C 523 37.49 49.36 -30.56
C SER C 523 36.42 49.67 -29.52
N THR C 524 36.76 49.77 -28.23
CA THR C 524 35.76 50.25 -27.27
C THR C 524 35.45 51.73 -27.50
N HIS C 525 36.47 52.54 -27.77
CA HIS C 525 36.24 53.94 -28.07
C HIS C 525 35.63 54.14 -29.45
N HIS C 526 35.81 53.17 -30.36
CA HIS C 526 35.01 53.15 -31.57
C HIS C 526 33.56 52.76 -31.25
N TYR C 527 33.38 51.79 -30.36
CA TYR C 527 32.04 51.33 -29.99
C TYR C 527 31.25 52.44 -29.32
N THR C 528 31.85 53.13 -28.35
CA THR C 528 31.14 54.20 -27.65
C THR C 528 30.87 55.38 -28.57
N ASP C 529 31.83 55.73 -29.44
CA ASP C 529 31.59 56.76 -30.44
C ASP C 529 30.41 56.40 -31.34
N SER C 530 30.29 55.11 -31.67
CA SER C 530 29.25 54.67 -32.61
C SER C 530 27.86 54.78 -32.00
N VAL C 531 27.69 54.29 -30.77
CA VAL C 531 26.39 54.41 -30.11
C VAL C 531 26.09 55.87 -29.79
N GLY C 532 27.13 56.68 -29.58
CA GLY C 532 26.93 58.12 -29.49
C GLY C 532 26.24 58.68 -30.72
N GLY C 533 26.63 58.23 -31.91
CA GLY C 533 25.84 58.50 -33.09
C GLY C 533 24.53 57.75 -33.16
N ILE C 534 24.49 56.50 -32.70
CA ILE C 534 23.21 55.77 -32.72
C ILE C 534 22.21 56.37 -31.71
N LEU C 535 22.72 56.92 -30.60
CA LEU C 535 21.83 57.48 -29.65
C LEU C 535 21.43 58.89 -30.04
N ARG C 536 22.15 59.49 -30.97
CA ARG C 536 21.69 60.68 -31.66
C ARG C 536 20.95 60.34 -32.96
N SER C 537 20.86 59.05 -33.32
CA SER C 537 20.06 58.70 -34.48
C SER C 537 19.22 57.48 -34.05
N THR C 538 18.12 57.69 -33.31
CA THR C 538 17.39 56.54 -32.78
C THR C 538 16.28 56.01 -33.68
N GLY C 539 15.61 56.88 -34.42
CA GLY C 539 14.49 56.43 -35.23
C GLY C 539 14.85 55.40 -36.27
N ARG C 540 16.06 55.48 -36.83
CA ARG C 540 16.47 54.47 -37.79
C ARG C 540 16.45 53.07 -37.20
N TYR C 541 16.83 52.92 -35.94
CA TYR C 541 17.08 51.60 -35.40
C TYR C 541 15.84 50.99 -34.79
N LEU C 542 14.83 51.82 -34.52
CA LEU C 542 13.53 51.31 -34.09
C LEU C 542 12.82 50.59 -35.24
N VAL C 543 12.80 51.19 -36.43
CA VAL C 543 12.24 50.46 -37.56
C VAL C 543 13.14 49.29 -37.93
N LEU C 544 14.46 49.47 -37.85
CA LEU C 544 15.39 48.35 -38.10
C LEU C 544 15.17 47.22 -37.10
N TYR C 545 14.67 47.54 -35.90
CA TYR C 545 14.42 46.53 -34.86
C TYR C 545 13.15 45.75 -35.14
N LEU C 546 12.10 46.45 -35.59
CA LEU C 546 10.87 45.77 -36.01
C LEU C 546 11.09 44.86 -37.21
N ILE C 547 12.02 45.21 -38.10
CA ILE C 547 12.38 44.26 -39.16
C ILE C 547 12.97 42.98 -38.57
N ILE C 548 13.74 43.11 -37.48
CA ILE C 548 14.33 41.93 -36.84
C ILE C 548 13.25 41.09 -36.18
N VAL C 549 12.22 41.72 -35.64
CA VAL C 549 11.17 40.99 -34.94
C VAL C 549 10.30 40.21 -35.93
N VAL C 550 9.92 40.84 -37.05
CA VAL C 550 9.16 40.11 -38.07
C VAL C 550 10.01 38.99 -38.66
N GLY C 551 11.30 39.24 -38.86
CA GLY C 551 12.19 38.18 -39.31
C GLY C 551 12.25 37.03 -38.33
N MET C 552 12.25 37.34 -37.03
CA MET C 552 12.24 36.30 -36.01
C MET C 552 10.97 35.47 -36.08
N ALA C 553 9.82 36.12 -36.33
CA ALA C 553 8.56 35.39 -36.42
C ALA C 553 8.50 34.52 -37.66
N TYR C 554 9.08 34.98 -38.77
CA TYR C 554 9.12 34.15 -39.97
C TYR C 554 9.94 32.89 -39.73
N LEU C 555 11.15 33.05 -39.17
CA LEU C 555 12.04 31.91 -38.95
C LEU C 555 11.40 30.90 -38.00
N PHE C 556 10.79 31.40 -36.92
CA PHE C 556 10.18 30.52 -35.93
C PHE C 556 9.01 29.74 -36.51
N VAL C 557 8.18 30.40 -37.33
CA VAL C 557 7.03 29.73 -37.91
C VAL C 557 7.48 28.73 -38.97
N ARG C 558 8.54 29.05 -39.71
CA ARG C 558 9.02 28.18 -40.77
C ARG C 558 9.85 27.01 -40.25
N LEU C 559 10.32 27.08 -39.01
CA LEU C 559 11.17 26.03 -38.47
C LEU C 559 10.36 24.79 -38.15
N PRO C 560 10.65 23.65 -38.74
CA PRO C 560 9.91 22.42 -38.42
C PRO C 560 10.17 21.97 -36.99
N SER C 561 9.27 21.14 -36.48
CA SER C 561 9.30 20.70 -35.08
C SER C 561 9.59 19.21 -34.97
N SER C 562 10.08 18.83 -33.79
CA SER C 562 10.35 17.43 -33.48
C SER C 562 10.26 17.26 -31.97
N PHE C 563 10.59 16.05 -31.49
CA PHE C 563 10.63 15.77 -30.07
C PHE C 563 12.08 15.66 -29.60
N LEU C 564 12.78 14.60 -29.99
CA LEU C 564 14.15 14.36 -29.57
C LEU C 564 14.94 13.76 -30.72
N PRO C 565 16.20 14.11 -30.87
CA PRO C 565 17.00 13.57 -31.97
C PRO C 565 17.29 12.09 -31.80
N ASP C 566 17.29 11.37 -32.92
CA ASP C 566 17.69 9.97 -32.92
C ASP C 566 19.19 9.84 -32.77
N GLU C 567 19.64 8.67 -32.33
CA GLU C 567 21.04 8.41 -32.10
C GLU C 567 21.44 7.06 -32.69
N ASP C 568 22.75 6.84 -32.81
CA ASP C 568 23.32 5.55 -33.18
C ASP C 568 23.66 4.80 -31.89
N GLN C 569 22.74 3.95 -31.43
CA GLN C 569 22.95 3.21 -30.19
C GLN C 569 23.59 1.84 -30.40
N GLY C 570 24.21 1.61 -31.56
CA GLY C 570 24.92 0.38 -31.84
C GLY C 570 24.06 -0.84 -32.06
N VAL C 571 22.74 -0.70 -31.99
CA VAL C 571 21.80 -1.79 -32.23
C VAL C 571 20.60 -1.24 -33.00
N PHE C 572 19.89 -2.14 -33.65
CA PHE C 572 18.62 -1.82 -34.29
C PHE C 572 17.88 -3.13 -34.52
N MET C 573 16.68 -3.03 -35.09
CA MET C 573 15.82 -4.20 -35.20
C MET C 573 15.18 -4.26 -36.58
N THR C 574 14.70 -5.45 -36.92
CA THR C 574 14.04 -5.72 -38.18
C THR C 574 12.83 -6.59 -37.88
N MET C 575 11.67 -6.18 -38.40
CA MET C 575 10.45 -6.96 -38.23
C MET C 575 10.10 -7.64 -39.54
N VAL C 576 9.47 -8.81 -39.43
CA VAL C 576 9.12 -9.65 -40.56
C VAL C 576 7.68 -10.10 -40.39
N GLN C 577 6.84 -9.81 -41.38
CA GLN C 577 5.44 -10.22 -41.34
C GLN C 577 5.06 -10.79 -42.70
N LEU C 578 4.60 -12.03 -42.70
CA LEU C 578 4.13 -12.74 -43.89
C LEU C 578 2.61 -12.75 -43.97
N PRO C 579 2.04 -13.13 -45.12
CA PRO C 579 0.58 -13.17 -45.26
C PRO C 579 -0.08 -14.10 -44.26
N ALA C 580 -1.38 -13.91 -44.07
CA ALA C 580 -2.11 -14.77 -43.16
C ALA C 580 -2.12 -16.20 -43.68
N GLY C 581 -1.98 -17.16 -42.77
CA GLY C 581 -1.93 -18.56 -43.13
C GLY C 581 -0.55 -19.09 -43.47
N ALA C 582 0.50 -18.28 -43.30
CA ALA C 582 1.84 -18.67 -43.71
C ALA C 582 2.55 -19.42 -42.58
N THR C 583 3.28 -20.46 -42.98
CA THR C 583 3.93 -21.37 -42.05
C THR C 583 5.26 -20.80 -41.58
N GLN C 584 5.75 -21.34 -40.45
CA GLN C 584 7.05 -20.90 -39.94
C GLN C 584 8.19 -21.24 -40.88
N GLU C 585 8.00 -22.24 -41.77
CA GLU C 585 9.01 -22.55 -42.78
C GLU C 585 9.18 -21.40 -43.76
N ARG C 586 8.07 -20.85 -44.25
CA ARG C 586 8.18 -19.70 -45.15
C ARG C 586 8.72 -18.48 -44.41
N THR C 587 8.37 -18.33 -43.12
CA THR C 587 8.96 -17.25 -42.32
C THR C 587 10.47 -17.43 -42.24
N GLN C 588 10.92 -18.68 -42.08
CA GLN C 588 12.34 -18.95 -41.95
C GLN C 588 13.09 -18.68 -43.24
N LYS C 589 12.42 -18.85 -44.39
CA LYS C 589 13.01 -18.44 -45.66
C LYS C 589 13.28 -16.94 -45.67
N VAL C 590 12.30 -16.15 -45.21
CA VAL C 590 12.44 -14.70 -45.22
C VAL C 590 13.49 -14.26 -44.22
N LEU C 591 13.49 -14.87 -43.02
CA LEU C 591 14.50 -14.54 -42.02
C LEU C 591 15.90 -14.90 -42.50
N ASN C 592 16.03 -15.94 -43.33
CA ASN C 592 17.32 -16.28 -43.93
C ASN C 592 17.77 -15.20 -44.91
N GLU C 593 16.85 -14.70 -45.73
CA GLU C 593 17.18 -13.58 -46.61
C GLU C 593 17.62 -12.36 -45.81
N VAL C 594 16.96 -12.12 -44.67
CA VAL C 594 17.30 -10.94 -43.87
C VAL C 594 18.67 -11.12 -43.22
N THR C 595 18.90 -12.29 -42.61
CA THR C 595 20.20 -12.55 -41.98
C THR C 595 21.33 -12.53 -43.00
N HIS C 596 21.08 -13.14 -44.17
CA HIS C 596 22.08 -13.15 -45.23
C HIS C 596 22.47 -11.74 -45.64
N TYR C 597 21.48 -10.84 -45.71
CA TYR C 597 21.79 -9.45 -46.06
C TYR C 597 22.75 -8.84 -45.05
N TYR C 598 22.51 -9.08 -43.75
CA TYR C 598 23.35 -8.47 -42.73
C TYR C 598 24.71 -9.11 -42.65
N LEU C 599 24.85 -10.37 -43.08
CA LEU C 599 26.12 -11.06 -42.98
C LEU C 599 26.97 -10.96 -44.24
N THR C 600 26.37 -10.60 -45.38
CA THR C 600 27.12 -10.47 -46.63
C THR C 600 27.34 -9.02 -47.02
N LYS C 601 26.26 -8.25 -47.22
CA LYS C 601 26.42 -6.86 -47.66
C LYS C 601 26.97 -5.98 -46.55
N GLU C 602 26.42 -6.09 -45.34
CA GLU C 602 26.79 -5.20 -44.26
C GLU C 602 27.80 -5.82 -43.30
N LYS C 603 28.67 -6.70 -43.79
CA LYS C 603 29.57 -7.39 -42.88
C LYS C 603 30.67 -6.48 -42.32
N ASN C 604 30.89 -5.31 -42.88
CA ASN C 604 31.82 -4.36 -42.29
C ASN C 604 31.21 -3.59 -41.11
N ASN C 605 29.90 -3.69 -40.90
CA ASN C 605 29.21 -2.93 -39.87
C ASN C 605 28.44 -3.78 -38.87
N VAL C 606 27.94 -4.94 -39.28
CA VAL C 606 27.11 -5.77 -38.44
C VAL C 606 28.00 -6.77 -37.71
N GLU C 607 27.90 -6.79 -36.37
CA GLU C 607 28.67 -7.73 -35.58
C GLU C 607 27.93 -9.04 -35.35
N SER C 608 26.68 -8.98 -34.92
CA SER C 608 25.90 -10.18 -34.66
C SER C 608 24.45 -9.96 -35.05
N VAL C 609 23.77 -11.07 -35.36
CA VAL C 609 22.37 -11.07 -35.75
C VAL C 609 21.66 -12.16 -34.96
N PHE C 610 20.65 -11.79 -34.18
CA PHE C 610 19.82 -12.73 -33.44
C PHE C 610 18.43 -12.74 -34.05
N ALA C 611 18.08 -13.82 -34.74
CA ALA C 611 16.81 -13.94 -35.44
C ALA C 611 15.89 -14.89 -34.71
N VAL C 612 14.62 -14.49 -34.60
CA VAL C 612 13.60 -15.26 -33.88
C VAL C 612 12.40 -15.44 -34.80
N ASN C 613 12.01 -16.68 -35.02
CA ASN C 613 10.87 -17.05 -35.85
C ASN C 613 9.70 -17.41 -34.94
N GLY C 614 8.57 -16.72 -35.13
CA GLY C 614 7.39 -16.93 -34.32
C GLY C 614 7.15 -15.88 -33.25
N PHE C 615 7.87 -14.76 -33.30
CA PHE C 615 7.79 -13.73 -32.29
C PHE C 615 7.88 -12.39 -32.99
N GLY C 616 7.15 -11.41 -32.45
CA GLY C 616 7.18 -10.06 -32.97
C GLY C 616 6.50 -9.14 -31.98
N PHE C 617 6.51 -7.85 -32.31
CA PHE C 617 5.85 -6.86 -31.46
C PHE C 617 4.44 -6.52 -31.92
N ALA C 618 4.04 -7.00 -33.10
CA ALA C 618 2.68 -6.84 -33.60
C ALA C 618 1.81 -8.04 -33.28
N GLY C 619 2.19 -8.85 -32.31
CA GLY C 619 1.59 -10.14 -32.10
C GLY C 619 2.47 -11.25 -32.66
N ARG C 620 2.24 -12.47 -32.17
CA ARG C 620 3.04 -13.62 -32.56
C ARG C 620 2.21 -14.62 -33.37
N GLY C 621 2.94 -15.41 -34.15
CA GLY C 621 2.33 -16.41 -35.00
C GLY C 621 3.39 -16.95 -35.94
N GLN C 622 3.00 -18.01 -36.66
CA GLN C 622 3.95 -18.62 -37.58
C GLN C 622 4.36 -17.68 -38.72
N ASN C 623 3.57 -16.65 -39.02
CA ASN C 623 3.88 -15.71 -40.09
C ASN C 623 4.61 -14.47 -39.60
N THR C 624 5.25 -14.52 -38.43
CA THR C 624 5.90 -13.35 -37.88
C THR C 624 7.31 -13.71 -37.41
N GLY C 625 8.17 -12.71 -37.39
CA GLY C 625 9.51 -12.89 -36.86
C GLY C 625 10.22 -11.56 -36.75
N ILE C 626 11.29 -11.55 -35.98
CA ILE C 626 12.03 -10.33 -35.69
C ILE C 626 13.52 -10.69 -35.61
N ALA C 627 14.36 -9.72 -35.97
CA ALA C 627 15.80 -9.88 -35.89
C ALA C 627 16.39 -8.71 -35.09
N PHE C 628 17.19 -9.02 -34.08
CA PHE C 628 17.94 -8.01 -33.34
C PHE C 628 19.35 -7.96 -33.93
N VAL C 629 19.79 -6.75 -34.28
CA VAL C 629 21.06 -6.57 -34.98
C VAL C 629 21.99 -5.72 -34.12
N SER C 630 23.25 -6.16 -34.04
CA SER C 630 24.28 -5.46 -33.28
C SER C 630 25.38 -5.01 -34.22
N LEU C 631 25.78 -3.75 -34.11
CA LEU C 631 26.84 -3.22 -34.94
C LEU C 631 28.20 -3.35 -34.24
N LYS C 632 29.26 -3.18 -35.03
CA LYS C 632 30.60 -3.09 -34.49
C LYS C 632 30.76 -1.75 -33.76
N ASP C 633 31.92 -1.55 -33.12
CA ASP C 633 32.12 -0.35 -32.32
C ASP C 633 32.04 0.90 -33.20
N TRP C 634 31.61 2.00 -32.57
CA TRP C 634 31.44 3.25 -33.30
C TRP C 634 32.74 3.68 -33.98
N ALA C 635 33.87 3.47 -33.32
CA ALA C 635 35.15 3.90 -33.88
C ALA C 635 35.49 3.15 -35.17
N ASP C 636 34.99 1.94 -35.33
CA ASP C 636 35.29 1.13 -36.49
C ASP C 636 34.27 1.31 -37.62
N ARG C 637 33.29 2.19 -37.44
CA ARG C 637 32.25 2.47 -38.43
C ARG C 637 32.26 3.95 -38.78
N PRO C 638 33.36 4.45 -39.35
CA PRO C 638 33.43 5.88 -39.66
C PRO C 638 32.67 6.22 -40.93
N GLY C 639 32.10 7.43 -40.94
CA GLY C 639 31.31 7.89 -42.05
C GLY C 639 29.83 7.76 -41.75
N GLU C 640 29.02 8.71 -42.23
CA GLU C 640 27.60 8.65 -41.90
C GLU C 640 26.87 7.60 -42.73
N GLU C 641 27.48 7.11 -43.81
CA GLU C 641 26.95 5.96 -44.52
C GLU C 641 27.13 4.66 -43.75
N ASN C 642 27.98 4.65 -42.72
CA ASN C 642 28.17 3.49 -41.87
C ASN C 642 27.41 3.60 -40.56
N LYS C 643 26.41 4.48 -40.48
CA LYS C 643 25.61 4.69 -39.30
C LYS C 643 24.23 4.07 -39.49
N VAL C 644 23.47 4.00 -38.39
CA VAL C 644 22.25 3.20 -38.35
C VAL C 644 21.22 3.67 -39.38
N GLU C 645 21.03 4.99 -39.50
CA GLU C 645 19.99 5.50 -40.40
C GLU C 645 20.27 5.10 -41.85
N ALA C 646 21.53 5.16 -42.27
CA ALA C 646 21.85 4.75 -43.64
C ALA C 646 21.83 3.23 -43.78
N ILE C 647 22.31 2.51 -42.77
CA ILE C 647 22.30 1.05 -42.80
C ILE C 647 20.88 0.52 -42.89
N THR C 648 19.96 1.08 -42.10
CA THR C 648 18.57 0.62 -42.14
C THR C 648 17.83 1.12 -43.36
N MET C 649 18.17 2.31 -43.86
CA MET C 649 17.58 2.75 -45.12
C MET C 649 17.97 1.82 -46.27
N ARG C 650 19.27 1.46 -46.33
CA ARG C 650 19.72 0.50 -47.34
C ARG C 650 19.04 -0.85 -47.15
N ALA C 651 18.96 -1.32 -45.91
CA ALA C 651 18.39 -2.63 -45.67
C ALA C 651 16.92 -2.68 -46.03
N THR C 652 16.17 -1.64 -45.64
CA THR C 652 14.73 -1.64 -45.93
C THR C 652 14.48 -1.55 -47.43
N ARG C 653 15.24 -0.71 -48.13
CA ARG C 653 15.13 -0.65 -49.59
C ARG C 653 15.48 -1.98 -50.22
N ALA C 654 16.42 -2.74 -49.63
CA ALA C 654 16.78 -4.03 -50.19
C ALA C 654 15.68 -5.05 -49.96
N PHE C 655 15.12 -5.09 -48.74
CA PHE C 655 14.05 -6.02 -48.40
C PHE C 655 12.75 -5.68 -49.10
N SER C 656 12.73 -4.59 -49.85
CA SER C 656 11.52 -4.23 -50.62
C SER C 656 11.29 -5.27 -51.70
N GLN C 657 12.35 -5.92 -52.13
CA GLN C 657 12.23 -6.87 -53.23
C GLN C 657 11.72 -8.24 -52.81
N ILE C 658 11.79 -8.58 -51.52
CA ILE C 658 11.25 -9.84 -51.02
C ILE C 658 9.74 -9.87 -51.24
N LYS C 659 9.28 -10.83 -52.04
CA LYS C 659 7.86 -10.89 -52.39
C LYS C 659 7.06 -11.65 -51.34
N ASP C 660 5.84 -11.16 -51.09
CA ASP C 660 4.92 -11.78 -50.14
C ASP C 660 5.50 -11.78 -48.72
N ALA C 661 6.06 -10.63 -48.33
CA ALA C 661 6.56 -10.47 -46.97
C ALA C 661 6.77 -8.98 -46.72
N MET C 662 6.14 -8.47 -45.66
CA MET C 662 6.36 -7.11 -45.20
C MET C 662 7.58 -7.12 -44.28
N VAL C 663 8.71 -6.58 -44.77
CA VAL C 663 9.98 -6.61 -44.03
C VAL C 663 10.48 -5.17 -43.89
N PHE C 664 10.62 -4.71 -42.65
CA PHE C 664 11.01 -3.34 -42.36
C PHE C 664 12.17 -3.35 -41.36
N ALA C 665 13.13 -2.44 -41.58
CA ALA C 665 14.31 -2.31 -40.73
C ALA C 665 14.37 -0.88 -40.19
N PHE C 666 14.30 -0.73 -38.87
CA PHE C 666 14.09 0.56 -38.25
C PHE C 666 15.08 0.79 -37.11
N ASN C 667 15.40 2.06 -36.88
CA ASN C 667 16.23 2.49 -35.77
C ASN C 667 15.40 2.62 -34.50
N LEU C 668 16.08 2.54 -33.35
CA LEU C 668 15.44 2.83 -32.07
C LEU C 668 15.26 4.33 -31.88
N PRO C 669 14.19 4.73 -31.19
CA PRO C 669 14.05 6.14 -30.80
C PRO C 669 15.08 6.51 -29.74
N ALA C 670 15.26 7.83 -29.58
CA ALA C 670 16.29 8.37 -28.68
C ALA C 670 16.16 7.84 -27.26
N ILE C 671 14.95 7.82 -26.72
CA ILE C 671 14.66 7.15 -25.46
C ILE C 671 13.74 5.97 -25.76
N VAL C 672 14.22 4.76 -25.50
CA VAL C 672 13.59 3.58 -26.10
C VAL C 672 12.43 3.02 -25.31
N GLU C 673 12.18 3.52 -24.10
CA GLU C 673 11.07 3.02 -23.30
C GLU C 673 9.74 3.65 -23.69
N LEU C 674 9.74 4.64 -24.60
CA LEU C 674 8.52 5.19 -25.18
C LEU C 674 7.95 4.29 -26.28
N GLY C 675 8.76 4.04 -27.31
CA GLY C 675 8.34 3.19 -28.39
C GLY C 675 9.47 2.31 -28.88
N THR C 676 9.08 1.23 -29.56
CA THR C 676 10.08 0.31 -30.08
C THR C 676 10.78 0.86 -31.30
N ALA C 677 10.07 1.61 -32.14
CA ALA C 677 10.60 2.10 -33.40
C ALA C 677 10.55 3.62 -33.47
N THR C 678 11.48 4.19 -34.21
CA THR C 678 11.55 5.62 -34.43
C THR C 678 10.41 6.08 -35.33
N GLY C 679 10.18 7.38 -35.35
CA GLY C 679 9.15 7.96 -36.19
C GLY C 679 7.93 8.37 -35.38
N PHE C 680 6.74 8.01 -35.86
CA PHE C 680 5.50 8.38 -35.22
C PHE C 680 4.68 7.13 -34.87
N ASP C 681 3.61 7.36 -34.12
CA ASP C 681 2.79 6.30 -33.56
C ASP C 681 1.33 6.76 -33.58
N PHE C 682 0.56 6.20 -34.51
CA PHE C 682 -0.73 6.72 -34.91
C PHE C 682 -1.82 5.69 -34.61
N GLU C 683 -2.95 6.14 -34.11
CA GLU C 683 -4.07 5.24 -33.82
C GLU C 683 -5.26 5.63 -34.68
N LEU C 684 -5.82 4.63 -35.37
CA LEU C 684 -7.03 4.79 -36.18
C LEU C 684 -8.21 4.24 -35.40
N ILE C 685 -9.14 5.11 -35.02
CA ILE C 685 -10.22 4.77 -34.10
C ILE C 685 -11.55 4.67 -34.84
N ASP C 686 -12.33 3.65 -34.50
CA ASP C 686 -13.71 3.52 -34.96
C ASP C 686 -14.61 4.16 -33.90
N GLN C 687 -15.08 5.37 -34.17
CA GLN C 687 -15.87 6.13 -33.23
C GLN C 687 -17.36 6.10 -33.57
N ALA C 688 -17.80 5.15 -34.40
CA ALA C 688 -19.17 5.19 -34.90
C ALA C 688 -19.77 3.79 -35.07
N GLY C 689 -19.25 2.80 -34.37
CA GLY C 689 -19.75 1.44 -34.51
C GLY C 689 -19.72 0.89 -35.92
N LEU C 690 -18.68 1.22 -36.68
CA LEU C 690 -18.62 0.80 -38.08
C LEU C 690 -18.31 -0.68 -38.21
N GLY C 691 -17.29 -1.15 -37.49
CA GLY C 691 -16.94 -2.56 -37.50
C GLY C 691 -15.53 -2.80 -38.03
N HIS C 692 -15.12 -4.06 -37.91
CA HIS C 692 -13.74 -4.42 -38.26
C HIS C 692 -13.49 -4.31 -39.76
N GLU C 693 -14.43 -4.78 -40.60
CA GLU C 693 -14.25 -4.69 -42.05
C GLU C 693 -14.09 -3.24 -42.50
N LYS C 694 -15.00 -2.36 -42.06
CA LYS C 694 -14.91 -0.96 -42.50
C LYS C 694 -13.67 -0.28 -41.94
N LEU C 695 -13.21 -0.68 -40.75
CA LEU C 695 -12.02 -0.06 -40.18
C LEU C 695 -10.74 -0.47 -40.91
N THR C 696 -10.63 -1.73 -41.36
CA THR C 696 -9.45 -2.11 -42.13
C THR C 696 -9.48 -1.50 -43.53
N GLN C 697 -10.68 -1.32 -44.10
CA GLN C 697 -10.78 -0.62 -45.38
C GLN C 697 -10.33 0.82 -45.24
N ALA C 698 -10.73 1.48 -44.15
CA ALA C 698 -10.23 2.83 -43.88
C ALA C 698 -8.74 2.81 -43.64
N ARG C 699 -8.25 1.81 -42.89
CA ARG C 699 -6.81 1.61 -42.71
C ARG C 699 -6.10 1.52 -44.05
N ASN C 700 -6.62 0.68 -44.95
CA ASN C 700 -6.00 0.51 -46.25
C ASN C 700 -6.02 1.80 -47.06
N GLN C 701 -7.14 2.54 -47.00
CA GLN C 701 -7.20 3.82 -47.71
C GLN C 701 -6.15 4.80 -47.20
N LEU C 702 -5.96 4.86 -45.88
CA LEU C 702 -4.93 5.73 -45.33
C LEU C 702 -3.55 5.29 -45.77
N LEU C 703 -3.29 3.98 -45.80
CA LEU C 703 -1.98 3.49 -46.20
C LEU C 703 -1.68 3.79 -47.67
N ALA C 704 -2.67 3.65 -48.55
CA ALA C 704 -2.44 3.94 -49.96
C ALA C 704 -2.20 5.43 -50.18
N GLU C 705 -2.98 6.30 -49.52
CA GLU C 705 -2.74 7.74 -49.63
C GLU C 705 -1.38 8.12 -49.06
N ALA C 706 -0.94 7.45 -48.00
CA ALA C 706 0.39 7.72 -47.46
C ALA C 706 1.47 7.35 -48.45
N ALA C 707 1.34 6.18 -49.09
CA ALA C 707 2.33 5.70 -50.04
C ALA C 707 2.45 6.62 -51.26
N LYS C 708 1.42 7.41 -51.55
CA LYS C 708 1.46 8.42 -52.59
C LYS C 708 2.25 9.66 -52.21
N HIS C 709 2.79 9.74 -50.99
CA HIS C 709 3.56 10.90 -50.53
C HIS C 709 4.95 10.49 -50.05
N PRO C 710 5.80 9.99 -50.96
CA PRO C 710 7.14 9.55 -50.54
C PRO C 710 8.11 10.68 -50.22
N ASP C 711 7.78 11.93 -50.55
CA ASP C 711 8.59 13.06 -50.13
C ASP C 711 8.46 13.35 -48.64
N MET C 712 7.38 12.89 -48.00
CA MET C 712 7.10 13.19 -46.60
C MET C 712 7.16 11.95 -45.71
N LEU C 713 6.51 10.86 -46.09
CA LEU C 713 6.36 9.70 -45.23
C LEU C 713 7.06 8.50 -45.85
N THR C 714 7.75 7.73 -45.00
CA THR C 714 8.44 6.52 -45.41
C THR C 714 8.15 5.39 -44.42
N SER C 715 8.08 4.17 -44.95
CA SER C 715 7.95 2.95 -44.15
C SER C 715 6.70 2.99 -43.27
N VAL C 716 5.59 3.38 -43.89
CA VAL C 716 4.30 3.44 -43.20
C VAL C 716 3.65 2.07 -43.28
N ARG C 717 3.46 1.44 -42.13
CA ARG C 717 2.94 0.07 -42.09
C ARG C 717 2.04 -0.11 -40.88
N PRO C 718 1.09 -1.03 -40.97
CA PRO C 718 0.31 -1.41 -39.78
C PRO C 718 1.20 -2.08 -38.75
N ASN C 719 0.86 -1.89 -37.48
CA ASN C 719 1.50 -2.66 -36.40
C ASN C 719 0.47 -3.62 -35.82
N GLY C 720 0.19 -4.67 -36.58
CA GLY C 720 -0.76 -5.69 -36.17
C GLY C 720 -0.84 -6.79 -37.20
N LEU C 721 -1.83 -7.65 -37.02
CA LEU C 721 -1.99 -8.85 -37.85
C LEU C 721 -3.20 -8.69 -38.75
N GLU C 722 -3.07 -9.19 -39.98
CA GLU C 722 -4.19 -9.19 -40.91
C GLU C 722 -5.04 -10.44 -40.72
N ASP C 723 -6.22 -10.43 -41.36
CA ASP C 723 -7.23 -11.45 -41.10
C ASP C 723 -6.75 -12.81 -41.55
N THR C 724 -6.96 -13.82 -40.70
CA THR C 724 -6.47 -15.17 -40.90
C THR C 724 -7.58 -16.12 -41.29
N PRO C 725 -7.29 -17.14 -42.09
CA PRO C 725 -8.30 -18.17 -42.38
C PRO C 725 -8.56 -19.04 -41.17
N GLN C 726 -9.84 -19.32 -40.93
CA GLN C 726 -10.26 -20.18 -39.83
C GLN C 726 -11.07 -21.34 -40.37
N PHE C 727 -10.94 -22.48 -39.70
CA PHE C 727 -11.49 -23.76 -40.16
C PHE C 727 -12.54 -24.19 -39.13
N LYS C 728 -13.80 -23.91 -39.44
CA LYS C 728 -14.90 -24.11 -38.49
C LYS C 728 -15.47 -25.51 -38.64
N ILE C 729 -15.61 -26.20 -37.52
CA ILE C 729 -16.18 -27.56 -37.47
C ILE C 729 -17.53 -27.48 -36.79
N ASP C 730 -18.58 -27.89 -37.51
CA ASP C 730 -19.95 -27.83 -37.00
C ASP C 730 -20.37 -29.24 -36.58
N ILE C 731 -20.58 -29.43 -35.28
CA ILE C 731 -21.08 -30.70 -34.77
C ILE C 731 -22.58 -30.76 -34.98
N ASP C 732 -23.07 -31.90 -35.48
CA ASP C 732 -24.50 -32.14 -35.61
C ASP C 732 -25.00 -32.83 -34.34
N GLN C 733 -25.78 -32.10 -33.54
CA GLN C 733 -26.22 -32.62 -32.25
C GLN C 733 -27.15 -33.82 -32.40
N GLU C 734 -27.97 -33.85 -33.45
CA GLU C 734 -28.90 -34.96 -33.62
C GLU C 734 -28.17 -36.24 -34.01
N LYS C 735 -27.22 -36.15 -34.96
CA LYS C 735 -26.48 -37.33 -35.37
C LYS C 735 -25.58 -37.83 -34.24
N ALA C 736 -24.98 -36.90 -33.50
CA ALA C 736 -24.13 -37.27 -32.37
C ALA C 736 -24.93 -37.99 -31.30
N GLN C 737 -26.02 -37.37 -30.84
CA GLN C 737 -26.84 -37.99 -29.80
C GLN C 737 -27.48 -39.28 -30.29
N ALA C 738 -27.85 -39.34 -31.57
CA ALA C 738 -28.46 -40.55 -32.12
C ALA C 738 -27.48 -41.71 -32.12
N LEU C 739 -26.19 -41.44 -32.29
CA LEU C 739 -25.18 -42.50 -32.26
C LEU C 739 -24.80 -42.85 -30.83
N GLY C 740 -24.65 -41.85 -29.96
CA GLY C 740 -24.34 -42.10 -28.58
C GLY C 740 -23.00 -41.54 -28.15
N VAL C 741 -22.53 -40.49 -28.83
CA VAL C 741 -21.24 -39.89 -28.54
C VAL C 741 -21.46 -38.59 -27.79
N SER C 742 -20.72 -38.41 -26.70
CA SER C 742 -20.85 -37.23 -25.87
C SER C 742 -20.12 -36.05 -26.48
N ILE C 743 -20.72 -34.86 -26.34
CA ILE C 743 -20.11 -33.66 -26.91
C ILE C 743 -18.82 -33.30 -26.17
N ASN C 744 -18.70 -33.69 -24.90
CA ASN C 744 -17.47 -33.44 -24.16
C ASN C 744 -16.33 -34.32 -24.66
N ASP C 745 -16.63 -35.59 -24.97
CA ASP C 745 -15.63 -36.48 -25.55
C ASP C 745 -15.26 -36.02 -26.96
N ILE C 746 -16.23 -35.54 -27.72
CA ILE C 746 -15.96 -35.03 -29.06
C ILE C 746 -14.98 -33.86 -29.00
N ASN C 747 -15.21 -32.94 -28.06
CA ASN C 747 -14.36 -31.76 -28.01
C ASN C 747 -13.03 -32.04 -27.34
N THR C 748 -13.01 -32.93 -26.34
CA THR C 748 -11.74 -33.33 -25.74
C THR C 748 -10.85 -34.03 -26.76
N THR C 749 -11.42 -34.95 -27.55
CA THR C 749 -10.65 -35.59 -28.60
C THR C 749 -10.18 -34.58 -29.65
N LEU C 750 -11.09 -33.72 -30.11
CA LEU C 750 -10.75 -32.76 -31.15
C LEU C 750 -9.69 -31.77 -30.67
N GLY C 751 -9.78 -31.34 -29.42
CA GLY C 751 -8.85 -30.35 -28.92
C GLY C 751 -7.52 -30.95 -28.54
N ALA C 752 -7.56 -32.14 -27.94
CA ALA C 752 -6.33 -32.81 -27.55
C ALA C 752 -5.50 -33.17 -28.77
N ALA C 753 -6.15 -33.65 -29.83
CA ALA C 753 -5.40 -34.10 -31.01
C ALA C 753 -4.80 -32.93 -31.78
N TRP C 754 -5.55 -31.85 -31.94
CA TRP C 754 -5.17 -30.78 -32.85
C TRP C 754 -4.60 -29.55 -32.16
N GLY C 755 -4.88 -29.35 -30.87
CA GLY C 755 -4.35 -28.20 -30.18
C GLY C 755 -3.40 -28.59 -29.07
N GLY C 756 -3.48 -29.84 -28.61
CA GLY C 756 -2.77 -30.28 -27.44
C GLY C 756 -3.61 -30.14 -26.18
N SER C 757 -3.08 -30.66 -25.09
CA SER C 757 -3.81 -30.64 -23.81
C SER C 757 -2.83 -30.79 -22.67
N TYR C 758 -2.78 -29.79 -21.79
CA TYR C 758 -2.03 -29.84 -20.54
C TYR C 758 -2.75 -30.74 -19.55
N VAL C 759 -2.16 -31.90 -19.25
CA VAL C 759 -2.83 -32.95 -18.49
C VAL C 759 -2.53 -32.81 -17.01
N ASN C 760 -1.28 -33.04 -16.63
CA ASN C 760 -0.81 -32.83 -15.26
C ASN C 760 0.67 -32.46 -15.32
N ASP C 761 1.33 -32.49 -14.16
CA ASP C 761 2.75 -32.18 -14.04
C ASP C 761 3.55 -33.46 -13.83
N PHE C 762 4.86 -33.33 -13.92
CA PHE C 762 5.79 -34.41 -13.60
C PHE C 762 7.12 -33.79 -13.18
N ILE C 763 8.04 -34.64 -12.74
CA ILE C 763 9.30 -34.19 -12.17
C ILE C 763 10.42 -34.67 -13.08
N ASP C 764 11.02 -33.74 -13.81
CA ASP C 764 12.18 -34.03 -14.64
C ASP C 764 13.42 -33.49 -13.93
N ARG C 765 14.23 -34.41 -13.39
CA ARG C 765 15.52 -34.10 -12.78
C ARG C 765 15.37 -33.04 -11.68
N GLY C 766 14.40 -33.29 -10.79
CA GLY C 766 14.19 -32.46 -9.62
C GLY C 766 13.38 -31.21 -9.84
N ARG C 767 12.68 -31.10 -10.97
CA ARG C 767 11.98 -29.87 -11.33
C ARG C 767 10.62 -30.22 -11.92
N VAL C 768 9.60 -29.47 -11.50
CA VAL C 768 8.24 -29.75 -11.93
C VAL C 768 8.03 -29.15 -13.32
N LYS C 769 7.58 -29.99 -14.25
CA LYS C 769 7.38 -29.59 -15.65
C LYS C 769 6.08 -30.21 -16.15
N LYS C 770 5.62 -29.72 -17.31
CA LYS C 770 4.28 -30.07 -17.78
C LYS C 770 4.26 -31.38 -18.56
N VAL C 771 3.05 -31.85 -18.85
CA VAL C 771 2.82 -33.08 -19.62
C VAL C 771 1.75 -32.77 -20.65
N TYR C 772 2.13 -32.87 -21.93
CA TYR C 772 1.21 -32.57 -23.02
C TYR C 772 0.85 -33.84 -23.75
N VAL C 773 -0.40 -33.92 -24.21
CA VAL C 773 -0.86 -34.99 -25.07
C VAL C 773 -1.37 -34.35 -26.36
N MET C 774 -0.94 -34.89 -27.50
CA MET C 774 -1.26 -34.28 -28.78
C MET C 774 -1.11 -35.34 -29.86
N SER C 775 -1.75 -35.10 -30.99
CA SER C 775 -1.53 -36.00 -32.11
C SER C 775 -0.15 -35.81 -32.69
N GLU C 776 0.40 -36.89 -33.22
CA GLU C 776 1.64 -36.70 -33.95
C GLU C 776 1.35 -35.99 -35.26
N ALA C 777 2.35 -35.26 -35.73
CA ALA C 777 2.20 -34.23 -36.76
C ALA C 777 1.44 -34.71 -38.00
N LYS C 778 1.81 -35.88 -38.54
CA LYS C 778 1.25 -36.34 -39.80
C LYS C 778 -0.27 -36.54 -39.76
N TYR C 779 -0.88 -36.59 -38.57
CA TYR C 779 -2.32 -36.80 -38.45
C TYR C 779 -3.10 -35.53 -38.13
N ARG C 780 -2.46 -34.37 -38.09
CA ARG C 780 -3.15 -33.10 -37.84
C ARG C 780 -2.66 -32.02 -38.80
N MET C 781 -2.49 -32.37 -40.08
CA MET C 781 -2.00 -31.45 -41.09
C MET C 781 -3.02 -31.08 -42.15
N LEU C 782 -3.90 -32.01 -42.54
CA LEU C 782 -4.84 -31.79 -43.62
C LEU C 782 -6.28 -31.81 -43.13
N PRO C 783 -7.15 -30.97 -43.71
CA PRO C 783 -8.55 -30.91 -43.23
C PRO C 783 -9.30 -32.24 -43.31
N ASP C 784 -9.02 -33.08 -44.31
CA ASP C 784 -9.69 -34.38 -44.38
C ASP C 784 -9.30 -35.31 -43.24
N ASP C 785 -8.24 -34.99 -42.51
CA ASP C 785 -7.81 -35.80 -41.36
C ASP C 785 -8.76 -35.69 -40.18
N ILE C 786 -9.71 -34.76 -40.20
CA ILE C 786 -10.67 -34.62 -39.10
C ILE C 786 -11.48 -35.89 -38.93
N GLY C 787 -12.11 -36.36 -40.01
CA GLY C 787 -12.92 -37.56 -39.94
C GLY C 787 -12.17 -38.84 -39.63
N ASP C 788 -10.84 -38.83 -39.70
CA ASP C 788 -10.04 -40.00 -39.36
C ASP C 788 -9.94 -40.22 -37.85
N TRP C 789 -10.46 -39.31 -37.04
CA TRP C 789 -10.46 -39.45 -35.60
C TRP C 789 -11.78 -40.06 -35.15
N TYR C 790 -11.69 -41.00 -34.21
CA TYR C 790 -12.83 -41.76 -33.72
C TYR C 790 -13.03 -41.53 -32.23
N VAL C 791 -14.30 -41.39 -31.83
CA VAL C 791 -14.71 -41.32 -30.43
C VAL C 791 -15.60 -42.51 -30.15
N ARG C 792 -15.51 -43.05 -28.94
CA ARG C 792 -16.29 -44.23 -28.58
C ARG C 792 -17.64 -43.79 -28.02
N ALA C 793 -18.72 -44.39 -28.55
CA ALA C 793 -20.05 -44.13 -28.07
C ALA C 793 -20.32 -44.92 -26.79
N ALA C 794 -21.50 -44.72 -26.20
CA ALA C 794 -21.85 -45.40 -24.96
C ALA C 794 -22.06 -46.90 -25.18
N ASP C 795 -22.47 -47.30 -26.38
CA ASP C 795 -22.58 -48.73 -26.66
C ASP C 795 -21.20 -49.37 -26.79
N GLY C 796 -20.25 -48.63 -27.36
CA GLY C 796 -18.89 -49.12 -27.48
C GLY C 796 -18.31 -49.02 -28.87
N GLN C 797 -19.14 -48.72 -29.85
CA GLN C 797 -18.68 -48.66 -31.23
C GLN C 797 -17.87 -47.39 -31.47
N MET C 798 -16.69 -47.53 -32.08
CA MET C 798 -15.90 -46.38 -32.47
C MET C 798 -16.58 -45.65 -33.62
N VAL C 799 -16.76 -44.34 -33.47
CA VAL C 799 -17.51 -43.53 -34.42
C VAL C 799 -16.60 -42.39 -34.88
N PRO C 800 -16.37 -42.23 -36.17
CA PRO C 800 -15.51 -41.14 -36.66
C PRO C 800 -16.28 -39.83 -36.72
N PHE C 801 -15.48 -38.74 -36.75
CA PHE C 801 -16.05 -37.40 -36.93
C PHE C 801 -16.80 -37.26 -38.24
N SER C 802 -16.50 -38.12 -39.23
CA SER C 802 -17.27 -38.16 -40.47
C SER C 802 -18.75 -38.39 -40.22
N ALA C 803 -19.11 -39.08 -39.14
CA ALA C 803 -20.48 -39.49 -38.88
C ALA C 803 -21.34 -38.38 -38.26
N PHE C 804 -20.74 -37.31 -37.75
CA PHE C 804 -21.56 -36.31 -37.07
C PHE C 804 -21.02 -34.88 -37.19
N SER C 805 -20.16 -34.58 -38.15
CA SER C 805 -19.58 -33.25 -38.25
C SER C 805 -19.53 -32.82 -39.72
N SER C 806 -19.41 -31.51 -39.90
CA SER C 806 -19.19 -30.91 -41.20
C SER C 806 -18.19 -29.77 -41.01
N SER C 807 -17.54 -29.39 -42.10
CA SER C 807 -16.50 -28.37 -42.05
C SER C 807 -16.85 -27.23 -43.00
N ARG C 808 -16.28 -26.05 -42.73
CA ARG C 808 -16.39 -24.92 -43.64
C ARG C 808 -15.29 -23.93 -43.30
N TRP C 809 -14.97 -23.08 -44.27
CA TRP C 809 -13.92 -22.08 -44.11
C TRP C 809 -14.52 -20.71 -43.83
N GLU C 810 -13.83 -19.96 -42.97
CA GLU C 810 -14.20 -18.59 -42.68
C GLU C 810 -12.92 -17.83 -42.33
N TYR C 811 -13.02 -16.51 -42.35
CA TYR C 811 -11.89 -15.66 -42.01
C TYR C 811 -12.26 -14.83 -40.78
N GLY C 812 -11.26 -14.54 -39.96
CA GLY C 812 -11.46 -13.78 -38.74
C GLY C 812 -10.15 -13.15 -38.31
N SER C 813 -10.25 -12.20 -37.39
CA SER C 813 -9.05 -11.51 -36.97
C SER C 813 -8.32 -12.33 -35.91
N PRO C 814 -6.99 -12.48 -36.01
CA PRO C 814 -6.23 -13.11 -34.93
C PRO C 814 -5.81 -12.15 -33.83
N ARG C 815 -5.94 -10.85 -34.04
CA ARG C 815 -5.52 -9.85 -33.05
C ARG C 815 -6.37 -8.60 -33.23
N LEU C 816 -7.23 -8.31 -32.26
CA LEU C 816 -8.07 -7.12 -32.29
C LEU C 816 -7.50 -6.06 -31.36
N GLU C 817 -7.32 -4.87 -31.88
CA GLU C 817 -6.75 -3.76 -31.13
C GLU C 817 -7.87 -2.84 -30.65
N ARG C 818 -7.73 -2.34 -29.42
CA ARG C 818 -8.61 -1.28 -28.95
C ARG C 818 -7.75 -0.17 -28.35
N TYR C 819 -8.22 1.06 -28.53
CA TYR C 819 -7.55 2.23 -27.99
C TYR C 819 -8.62 3.12 -27.36
N ASN C 820 -8.41 3.49 -26.09
CA ASN C 820 -9.36 4.27 -25.30
C ASN C 820 -10.78 3.69 -25.36
N GLY C 821 -10.87 2.36 -25.35
CA GLY C 821 -12.14 1.69 -25.29
C GLY C 821 -12.79 1.40 -26.62
N LEU C 822 -12.35 2.04 -27.70
CA LEU C 822 -12.96 1.75 -28.99
C LEU C 822 -12.01 0.95 -29.88
N PRO C 823 -12.53 0.30 -30.92
CA PRO C 823 -11.66 -0.46 -31.83
C PRO C 823 -10.67 0.46 -32.53
N SER C 824 -9.48 -0.08 -32.79
CA SER C 824 -8.40 0.75 -33.33
C SER C 824 -7.50 -0.09 -34.22
N MET C 825 -6.61 0.60 -34.93
CA MET C 825 -5.52 -0.02 -35.68
C MET C 825 -4.30 0.90 -35.58
N GLU C 826 -3.28 0.44 -34.88
CA GLU C 826 -2.04 1.19 -34.78
C GLU C 826 -1.32 1.18 -36.12
N ILE C 827 -0.83 2.36 -36.51
CA ILE C 827 -0.05 2.55 -37.72
C ILE C 827 1.23 3.29 -37.33
N LEU C 828 2.37 2.74 -37.75
CA LEU C 828 3.66 3.36 -37.50
C LEU C 828 4.29 3.81 -38.82
N GLY C 829 5.15 4.80 -38.72
CA GLY C 829 5.83 5.29 -39.91
C GLY C 829 6.90 6.28 -39.54
N GLN C 830 7.64 6.73 -40.56
CA GLN C 830 8.74 7.66 -40.37
C GLN C 830 8.57 8.85 -41.31
N ALA C 831 9.29 9.92 -40.99
CA ALA C 831 9.38 11.08 -41.88
C ALA C 831 10.50 10.86 -42.89
N ALA C 832 10.23 11.22 -44.14
CA ALA C 832 11.21 11.05 -45.21
C ALA C 832 12.47 11.86 -44.90
N PRO C 833 13.58 11.50 -45.54
CA PRO C 833 14.86 12.19 -45.26
C PRO C 833 14.77 13.67 -45.57
N GLY C 834 15.26 14.49 -44.63
CA GLY C 834 15.20 15.93 -44.75
C GLY C 834 13.99 16.57 -44.09
N LYS C 835 12.93 15.81 -43.86
CA LYS C 835 11.78 16.31 -43.13
C LYS C 835 11.84 15.85 -41.67
N SER C 836 11.04 16.52 -40.85
CA SER C 836 10.92 16.24 -39.43
C SER C 836 9.61 15.51 -39.13
N THR C 837 9.55 14.89 -37.95
CA THR C 837 8.35 14.14 -37.58
C THR C 837 7.16 15.06 -37.40
N GLY C 838 7.40 16.33 -37.06
CA GLY C 838 6.29 17.29 -37.00
C GLY C 838 5.57 17.41 -38.34
N GLU C 839 6.34 17.59 -39.42
CA GLU C 839 5.74 17.67 -40.75
C GLU C 839 5.07 16.36 -41.15
N ALA C 840 5.66 15.22 -40.76
CA ALA C 840 5.03 13.94 -41.05
C ALA C 840 3.68 13.81 -40.34
N MET C 841 3.62 14.21 -39.07
CA MET C 841 2.37 14.15 -38.31
C MET C 841 1.33 15.09 -38.92
N GLU C 842 1.77 16.27 -39.33
CA GLU C 842 0.92 17.21 -40.05
C GLU C 842 0.25 16.54 -41.25
N LEU C 843 1.06 15.94 -42.13
CA LEU C 843 0.51 15.31 -43.32
C LEU C 843 -0.36 14.11 -42.98
N MET C 844 -0.04 13.38 -41.91
CA MET C 844 -0.87 12.26 -41.50
C MET C 844 -2.26 12.73 -41.07
N GLU C 845 -2.32 13.84 -40.34
CA GLU C 845 -3.61 14.41 -39.94
C GLU C 845 -4.42 14.85 -41.16
N GLN C 846 -3.77 15.47 -42.15
CA GLN C 846 -4.47 15.86 -43.37
C GLN C 846 -5.02 14.64 -44.09
N LEU C 847 -4.20 13.59 -44.24
CA LEU C 847 -4.66 12.38 -44.91
C LEU C 847 -5.79 11.71 -44.14
N ALA C 848 -5.76 11.75 -42.81
CA ALA C 848 -6.81 11.11 -42.03
C ALA C 848 -8.10 11.91 -42.11
N SER C 849 -8.02 13.22 -42.34
CA SER C 849 -9.21 14.04 -42.51
C SER C 849 -10.05 13.61 -43.73
N LYS C 850 -9.45 12.94 -44.70
CA LYS C 850 -10.14 12.52 -45.90
C LYS C 850 -10.76 11.12 -45.77
N LEU C 851 -10.74 10.54 -44.57
CA LEU C 851 -11.25 9.19 -44.34
C LEU C 851 -12.75 9.23 -44.10
N PRO C 852 -13.43 8.07 -44.17
CA PRO C 852 -14.88 8.04 -43.96
C PRO C 852 -15.30 8.59 -42.60
N THR C 853 -16.55 9.07 -42.53
CA THR C 853 -17.07 9.61 -41.28
C THR C 853 -17.36 8.49 -40.27
N GLY C 854 -16.98 8.71 -39.02
CA GLY C 854 -16.95 7.64 -38.05
C GLY C 854 -15.57 7.10 -37.78
N VAL C 855 -14.56 7.55 -38.52
CA VAL C 855 -13.19 7.08 -38.36
C VAL C 855 -12.32 8.25 -37.92
N GLY C 856 -11.93 8.25 -36.65
CA GLY C 856 -11.05 9.26 -36.11
C GLY C 856 -9.64 8.76 -35.91
N TYR C 857 -8.84 9.57 -35.22
CA TYR C 857 -7.44 9.26 -34.99
C TYR C 857 -7.00 9.86 -33.67
N ASP C 858 -5.90 9.33 -33.15
CA ASP C 858 -5.22 9.93 -32.01
C ASP C 858 -3.74 9.61 -32.13
N TRP C 859 -2.93 10.39 -31.41
CA TRP C 859 -1.50 10.16 -31.33
C TRP C 859 -1.17 9.58 -29.96
N THR C 860 -0.41 8.49 -29.95
CA THR C 860 -0.06 7.82 -28.71
C THR C 860 1.45 7.68 -28.62
N GLY C 861 1.90 7.26 -27.43
CA GLY C 861 3.31 6.95 -27.22
C GLY C 861 4.24 8.11 -27.50
N MET C 862 5.22 7.84 -28.36
CA MET C 862 6.29 8.79 -28.63
C MET C 862 5.76 10.10 -29.21
N SER C 863 4.69 10.03 -30.00
CA SER C 863 4.12 11.22 -30.63
C SER C 863 3.17 11.97 -29.72
N TYR C 864 2.55 11.29 -28.75
CA TYR C 864 1.77 11.99 -27.73
C TYR C 864 2.65 13.00 -26.99
N GLN C 865 3.84 12.57 -26.58
CA GLN C 865 4.77 13.47 -25.91
C GLN C 865 5.17 14.61 -26.83
N GLU C 866 5.38 14.31 -28.11
CA GLU C 866 5.79 15.33 -29.07
C GLU C 866 4.72 16.41 -29.20
N ARG C 867 3.46 16.01 -29.39
CA ARG C 867 2.38 16.98 -29.50
C ARG C 867 2.21 17.77 -28.20
N LEU C 868 2.41 17.12 -27.05
CA LEU C 868 2.26 17.83 -25.78
C LEU C 868 3.25 18.97 -25.65
N SER C 869 4.54 18.69 -25.92
CA SER C 869 5.55 19.72 -25.73
C SER C 869 5.42 20.83 -26.77
N GLY C 870 4.90 20.52 -27.94
CA GLY C 870 4.59 21.57 -28.89
C GLY C 870 3.46 22.45 -28.41
N ASN C 871 2.44 21.84 -27.81
CA ASN C 871 1.27 22.59 -27.36
C ASN C 871 1.58 23.46 -26.15
N GLN C 872 2.50 23.04 -25.29
CA GLN C 872 2.78 23.80 -24.08
C GLN C 872 3.96 24.75 -24.23
N ALA C 873 4.69 24.68 -25.35
CA ALA C 873 5.80 25.61 -25.62
C ALA C 873 5.42 27.08 -25.54
N PRO C 874 4.29 27.53 -26.11
CA PRO C 874 3.95 28.97 -25.98
C PRO C 874 3.70 29.41 -24.55
N SER C 875 2.94 28.64 -23.77
CA SER C 875 2.68 29.01 -22.38
C SER C 875 3.99 29.09 -21.60
N LEU C 876 4.92 28.17 -21.88
CA LEU C 876 6.18 28.14 -21.15
C LEU C 876 7.02 29.39 -21.43
N TYR C 877 7.07 29.83 -22.70
CA TYR C 877 7.81 31.04 -23.03
C TYR C 877 7.15 32.28 -22.39
N ALA C 878 5.82 32.30 -22.36
CA ALA C 878 5.12 33.45 -21.80
C ALA C 878 5.39 33.61 -20.31
N ILE C 879 5.21 32.53 -19.53
CA ILE C 879 5.31 32.66 -18.08
C ILE C 879 6.74 32.91 -17.65
N SER C 880 7.73 32.39 -18.37
CA SER C 880 9.12 32.68 -18.03
C SER C 880 9.48 34.13 -18.36
N LEU C 881 8.91 34.68 -19.43
CA LEU C 881 9.09 36.11 -19.70
C LEU C 881 8.49 36.96 -18.59
N ILE C 882 7.30 36.57 -18.12
CA ILE C 882 6.66 37.31 -17.04
C ILE C 882 7.48 37.23 -15.76
N VAL C 883 8.03 36.05 -15.46
CA VAL C 883 8.75 35.87 -14.21
C VAL C 883 10.04 36.70 -14.19
N VAL C 884 10.80 36.66 -15.29
CA VAL C 884 12.02 37.45 -15.32
C VAL C 884 11.70 38.94 -15.38
N PHE C 885 10.55 39.31 -15.96
CA PHE C 885 10.11 40.71 -15.91
C PHE C 885 9.87 41.16 -14.47
N LEU C 886 9.08 40.39 -13.72
CA LEU C 886 8.74 40.79 -12.37
C LEU C 886 9.95 40.78 -11.45
N CYS C 887 10.83 39.79 -11.61
CA CYS C 887 12.04 39.72 -10.79
C CYS C 887 12.91 40.96 -10.96
N LEU C 888 13.07 41.43 -12.19
CA LEU C 888 13.89 42.61 -12.42
C LEU C 888 13.25 43.85 -11.82
N ALA C 889 11.95 44.02 -12.04
CA ALA C 889 11.23 45.16 -11.48
C ALA C 889 11.32 45.19 -9.96
N ALA C 890 11.30 44.02 -9.33
CA ALA C 890 11.41 43.96 -7.88
C ALA C 890 12.84 44.15 -7.40
N LEU C 891 13.84 43.71 -8.18
CA LEU C 891 15.22 43.79 -7.71
C LEU C 891 15.76 45.21 -7.79
N TYR C 892 15.37 45.96 -8.83
CA TYR C 892 15.87 47.31 -9.04
C TYR C 892 14.84 48.39 -8.74
N GLU C 893 13.60 48.01 -8.42
CA GLU C 893 12.52 48.94 -8.11
C GLU C 893 12.32 49.93 -9.27
N SER C 894 11.85 49.37 -10.38
CA SER C 894 11.72 50.16 -11.60
C SER C 894 10.78 49.47 -12.57
N TRP C 895 10.10 50.28 -13.37
CA TRP C 895 9.40 49.79 -14.55
C TRP C 895 10.19 50.08 -15.82
N SER C 896 11.35 50.73 -15.73
CA SER C 896 12.10 51.09 -16.93
C SER C 896 13.12 50.04 -17.31
N ILE C 897 13.82 49.48 -16.33
CA ILE C 897 14.78 48.41 -16.58
C ILE C 897 14.10 47.15 -17.10
N PRO C 898 12.98 46.70 -16.52
CA PRO C 898 12.30 45.51 -17.08
C PRO C 898 11.88 45.67 -18.54
N PHE C 899 11.23 46.78 -18.89
CA PHE C 899 10.82 46.98 -20.27
C PHE C 899 12.03 47.11 -21.19
N SER C 900 13.13 47.67 -20.69
CA SER C 900 14.34 47.79 -21.49
C SER C 900 14.91 46.43 -21.85
N VAL C 901 15.07 45.55 -20.86
CA VAL C 901 15.68 44.26 -21.12
C VAL C 901 14.72 43.31 -21.81
N MET C 902 13.41 43.51 -21.66
CA MET C 902 12.46 42.69 -22.41
C MET C 902 12.51 42.97 -23.90
N LEU C 903 13.19 44.04 -24.33
CA LEU C 903 13.39 44.33 -25.74
C LEU C 903 14.61 43.62 -26.33
N VAL C 904 15.54 43.14 -25.51
CA VAL C 904 16.72 42.45 -26.06
C VAL C 904 16.45 40.97 -26.31
N VAL C 905 15.26 40.47 -26.00
CA VAL C 905 14.93 39.06 -26.15
C VAL C 905 14.89 38.62 -27.61
N PRO C 906 14.15 39.29 -28.51
CA PRO C 906 14.16 38.87 -29.92
C PRO C 906 15.54 38.90 -30.56
N LEU C 907 16.43 39.76 -30.06
CA LEU C 907 17.80 39.81 -30.57
C LEU C 907 18.54 38.51 -30.30
N GLY C 908 18.25 37.87 -29.17
CA GLY C 908 18.78 36.55 -28.89
C GLY C 908 18.03 35.46 -29.62
N VAL C 909 16.70 35.61 -29.69
CA VAL C 909 15.86 34.57 -30.29
C VAL C 909 16.18 34.42 -31.77
N ILE C 910 16.41 35.54 -32.47
CA ILE C 910 16.70 35.44 -33.91
C ILE C 910 18.02 34.73 -34.17
N GLY C 911 19.02 34.87 -33.29
CA GLY C 911 20.27 34.15 -33.50
C GLY C 911 20.10 32.65 -33.35
N ALA C 912 19.35 32.23 -32.33
CA ALA C 912 19.10 30.81 -32.14
C ALA C 912 18.31 30.23 -33.31
N LEU C 913 17.36 30.99 -33.85
CA LEU C 913 16.57 30.48 -34.96
C LEU C 913 17.39 30.41 -36.25
N LEU C 914 18.25 31.39 -36.49
CA LEU C 914 19.12 31.33 -37.66
C LEU C 914 20.11 30.18 -37.55
N ALA C 915 20.68 29.97 -36.36
CA ALA C 915 21.64 28.89 -36.16
C ALA C 915 21.00 27.54 -36.41
N ALA C 916 19.80 27.32 -35.88
CA ALA C 916 19.11 26.06 -36.12
C ALA C 916 18.71 25.93 -37.58
N THR C 917 18.15 27.00 -38.17
CA THR C 917 17.70 26.92 -39.55
C THR C 917 18.86 26.68 -40.51
N PHE C 918 20.06 27.10 -40.14
CA PHE C 918 21.20 26.95 -41.02
C PHE C 918 21.98 25.66 -40.79
N ARG C 919 21.86 25.03 -39.62
CA ARG C 919 22.43 23.70 -39.46
C ARG C 919 21.42 22.60 -39.74
N GLY C 920 20.16 22.95 -40.03
CA GLY C 920 19.16 21.96 -40.36
C GLY C 920 18.55 21.24 -39.17
N LEU C 921 18.59 21.83 -37.99
CA LEU C 921 17.99 21.23 -36.82
C LEU C 921 16.50 21.59 -36.76
N THR C 922 15.81 21.09 -35.73
CA THR C 922 14.39 21.34 -35.59
C THR C 922 14.11 22.07 -34.28
N ASN C 923 12.83 22.43 -34.11
CA ASN C 923 12.30 22.94 -32.84
C ASN C 923 11.95 21.73 -31.98
N ASP C 924 12.95 21.20 -31.28
CA ASP C 924 12.74 20.06 -30.40
C ASP C 924 12.82 20.51 -28.93
N VAL C 925 12.85 19.52 -28.04
CA VAL C 925 12.94 19.81 -26.61
C VAL C 925 14.23 20.56 -26.29
N TYR C 926 15.34 20.13 -26.90
CA TYR C 926 16.61 20.78 -26.62
C TYR C 926 16.62 22.21 -27.15
N PHE C 927 15.92 22.46 -28.26
CA PHE C 927 15.79 23.83 -28.74
C PHE C 927 14.92 24.66 -27.82
N GLN C 928 13.87 24.07 -27.26
CA GLN C 928 13.04 24.79 -26.29
C GLN C 928 13.84 25.16 -25.05
N VAL C 929 14.68 24.23 -24.58
CA VAL C 929 15.61 24.53 -23.49
C VAL C 929 16.57 25.64 -23.91
N GLY C 930 16.96 25.64 -25.19
CA GLY C 930 17.85 26.67 -25.69
C GLY C 930 17.20 28.05 -25.72
N LEU C 931 15.93 28.12 -26.15
CA LEU C 931 15.26 29.42 -26.24
C LEU C 931 15.08 30.04 -24.87
N LEU C 932 14.70 29.24 -23.87
CA LEU C 932 14.62 29.73 -22.50
C LEU C 932 15.97 30.25 -22.03
N THR C 933 17.03 29.46 -22.25
CA THR C 933 18.38 29.89 -21.89
C THR C 933 18.76 31.20 -22.58
N THR C 934 18.34 31.37 -23.83
CA THR C 934 18.68 32.58 -24.54
C THR C 934 17.96 33.81 -23.98
N ILE C 935 16.77 33.63 -23.40
CA ILE C 935 16.10 34.75 -22.73
C ILE C 935 16.98 35.31 -21.64
N GLY C 936 17.46 34.44 -20.74
CA GLY C 936 18.37 34.89 -19.70
C GLY C 936 19.71 35.36 -20.22
N LEU C 937 20.20 34.77 -21.31
CA LEU C 937 21.46 35.24 -21.90
C LEU C 937 21.32 36.67 -22.41
N SER C 938 20.22 36.94 -23.13
CA SER C 938 19.98 38.28 -23.63
C SER C 938 19.84 39.27 -22.48
N ALA C 939 19.08 38.88 -21.45
CA ALA C 939 18.87 39.76 -20.31
C ALA C 939 20.15 39.98 -19.50
N LYS C 940 21.06 39.00 -19.51
CA LYS C 940 22.33 39.15 -18.82
C LYS C 940 23.12 40.33 -19.39
N ASN C 941 23.32 40.36 -20.71
CA ASN C 941 24.08 41.44 -21.31
C ASN C 941 23.37 42.78 -21.17
N ALA C 942 22.03 42.78 -21.28
CA ALA C 942 21.26 44.00 -21.12
C ALA C 942 21.38 44.55 -19.70
N ILE C 943 21.45 43.67 -18.71
CA ILE C 943 21.53 44.12 -17.32
C ILE C 943 22.88 44.77 -17.04
N LEU C 944 23.95 44.24 -17.63
CA LEU C 944 25.27 44.84 -17.42
C LEU C 944 25.34 46.26 -17.95
N ILE C 945 24.55 46.57 -18.99
CA ILE C 945 24.52 47.93 -19.51
C ILE C 945 23.58 48.81 -18.70
N VAL C 946 22.33 48.37 -18.54
CA VAL C 946 21.29 49.25 -18.02
C VAL C 946 21.51 49.54 -16.54
N GLU C 947 21.76 48.49 -15.74
CA GLU C 947 21.89 48.65 -14.30
C GLU C 947 23.00 49.63 -13.93
N PHE C 948 24.18 49.45 -14.53
CA PHE C 948 25.30 50.34 -14.27
C PHE C 948 25.06 51.74 -14.82
N ALA C 949 24.16 51.88 -15.80
CA ALA C 949 23.78 53.22 -16.26
C ALA C 949 22.91 53.92 -15.24
N LYS C 950 21.82 53.27 -14.80
CA LYS C 950 20.94 53.87 -13.81
C LYS C 950 21.66 54.05 -12.48
N ASP C 951 22.63 53.19 -12.19
CA ASP C 951 23.50 53.40 -11.04
C ASP C 951 24.23 54.73 -11.13
N LEU C 952 24.56 55.16 -12.34
CA LEU C 952 25.26 56.43 -12.53
C LEU C 952 24.31 57.62 -12.53
N MET C 953 23.11 57.45 -13.10
CA MET C 953 22.13 58.52 -13.08
C MET C 953 21.66 58.84 -11.66
N ASP C 954 21.66 57.84 -10.78
CA ASP C 954 21.13 58.01 -9.43
C ASP C 954 22.21 58.20 -8.37
N LYS C 955 23.39 57.61 -8.57
CA LYS C 955 24.50 57.82 -7.65
C LYS C 955 25.41 58.97 -8.06
N GLU C 956 25.23 59.52 -9.27
CA GLU C 956 26.12 60.56 -9.77
C GLU C 956 25.42 61.78 -10.34
N GLY C 957 24.10 61.74 -10.52
CA GLY C 957 23.39 62.89 -11.09
C GLY C 957 23.83 63.28 -12.47
N LYS C 958 24.10 62.30 -13.34
CA LYS C 958 24.59 62.54 -14.68
C LYS C 958 23.45 62.48 -15.69
N GLY C 959 23.71 63.02 -16.88
CA GLY C 959 22.73 62.96 -17.95
C GLY C 959 22.45 61.52 -18.38
N LEU C 960 21.32 61.36 -19.07
CA LEU C 960 20.95 60.05 -19.58
C LEU C 960 21.95 59.56 -20.62
N ILE C 961 22.40 60.46 -21.51
CA ILE C 961 23.36 60.07 -22.54
C ILE C 961 24.74 59.83 -21.95
N GLU C 962 25.19 60.71 -21.05
CA GLU C 962 26.51 60.55 -20.44
C GLU C 962 26.58 59.27 -19.62
N ALA C 963 25.49 58.93 -18.93
CA ALA C 963 25.47 57.70 -18.14
C ALA C 963 25.44 56.47 -19.05
N THR C 964 24.67 56.53 -20.14
CA THR C 964 24.61 55.40 -21.07
C THR C 964 25.97 55.13 -21.68
N LEU C 965 26.66 56.19 -22.15
CA LEU C 965 27.94 55.99 -22.81
C LEU C 965 29.03 55.63 -21.82
N ASP C 966 28.98 56.19 -20.61
CA ASP C 966 29.91 55.79 -19.58
C ASP C 966 29.71 54.32 -19.20
N ALA C 967 28.47 53.83 -19.30
CA ALA C 967 28.17 52.44 -18.95
C ALA C 967 28.60 51.48 -20.06
N VAL C 968 28.32 51.82 -21.32
CA VAL C 968 28.69 50.93 -22.42
C VAL C 968 30.21 50.78 -22.49
N ARG C 969 30.94 51.86 -22.24
CA ARG C 969 32.40 51.81 -22.27
C ARG C 969 32.94 50.90 -21.17
N MET C 970 32.42 51.06 -19.95
CA MET C 970 32.97 50.30 -18.83
C MET C 970 32.55 48.83 -18.88
N ARG C 971 31.41 48.54 -19.49
CA ARG C 971 30.81 47.21 -19.41
C ARG C 971 31.00 46.34 -20.65
N LEU C 972 31.59 46.87 -21.72
CA LEU C 972 31.71 46.07 -22.94
C LEU C 972 32.72 44.94 -22.77
N ARG C 973 33.85 45.18 -22.11
CA ARG C 973 34.79 44.08 -21.90
C ARG C 973 34.22 42.99 -21.01
N PRO C 974 33.57 43.33 -19.88
CA PRO C 974 32.86 42.28 -19.13
C PRO C 974 31.81 41.58 -19.96
N ILE C 975 31.10 42.33 -20.82
CA ILE C 975 30.04 41.72 -21.62
C ILE C 975 30.62 40.71 -22.60
N LEU C 976 31.79 41.01 -23.16
CA LEU C 976 32.32 40.13 -24.21
C LEU C 976 33.09 38.94 -23.65
N MET C 977 33.85 39.11 -22.56
CA MET C 977 34.61 38.01 -21.97
C MET C 977 33.69 37.04 -21.22
N THR C 978 32.52 37.50 -20.79
CA THR C 978 31.53 36.56 -20.26
C THR C 978 30.76 35.85 -21.37
N SER C 979 30.54 36.52 -22.50
CA SER C 979 29.79 35.91 -23.58
C SER C 979 30.64 34.93 -24.35
N LEU C 980 31.88 35.30 -24.67
CA LEU C 980 32.76 34.35 -25.34
C LEU C 980 33.14 33.18 -24.44
N ALA C 981 33.04 33.35 -23.11
CA ALA C 981 33.11 32.20 -22.22
C ALA C 981 32.00 31.21 -22.55
N PHE C 982 30.76 31.69 -22.64
CA PHE C 982 29.64 30.81 -22.93
C PHE C 982 29.66 30.33 -24.38
N ILE C 983 30.11 31.17 -25.32
CA ILE C 983 30.11 30.76 -26.72
C ILE C 983 31.08 29.61 -26.95
N LEU C 984 32.32 29.75 -26.46
CA LEU C 984 33.28 28.66 -26.58
C LEU C 984 32.97 27.52 -25.62
N GLY C 985 32.22 27.77 -24.55
CA GLY C 985 31.84 26.70 -23.64
C GLY C 985 30.93 25.68 -24.30
N VAL C 986 29.90 26.15 -24.99
CA VAL C 986 28.93 25.26 -25.65
C VAL C 986 29.40 24.77 -27.00
N MET C 987 30.59 25.14 -27.42
CA MET C 987 31.03 24.77 -28.76
C MET C 987 31.47 23.30 -28.88
N PRO C 988 32.00 22.66 -27.83
CA PRO C 988 32.14 21.20 -27.94
C PRO C 988 30.82 20.49 -28.17
N LEU C 989 29.71 21.07 -27.70
CA LEU C 989 28.40 20.48 -27.97
C LEU C 989 28.02 20.55 -29.44
N VAL C 990 28.46 21.58 -30.17
CA VAL C 990 28.04 21.73 -31.55
C VAL C 990 28.97 20.99 -32.52
N ILE C 991 30.23 20.83 -32.16
CA ILE C 991 31.20 20.15 -33.03
C ILE C 991 31.38 18.70 -32.63
N SER C 992 30.48 18.17 -31.81
CA SER C 992 30.59 16.79 -31.37
C SER C 992 30.18 15.85 -32.49
N THR C 993 30.84 14.69 -32.55
CA THR C 993 30.55 13.68 -33.57
C THR C 993 30.46 12.25 -33.02
N GLY C 994 30.85 12.01 -31.77
CA GLY C 994 30.76 10.69 -31.18
C GLY C 994 29.32 10.29 -30.92
N ALA C 995 29.16 9.14 -30.26
CA ALA C 995 27.83 8.65 -29.90
C ALA C 995 27.12 9.66 -28.99
N GLY C 996 25.82 9.85 -29.24
CA GLY C 996 25.08 10.89 -28.55
C GLY C 996 25.27 12.28 -29.12
N SER C 997 25.93 12.40 -30.27
CA SER C 997 26.15 13.72 -30.85
C SER C 997 24.86 14.41 -31.27
N GLY C 998 23.80 13.67 -31.57
CA GLY C 998 22.55 14.31 -31.96
C GLY C 998 21.97 15.18 -30.85
N ALA C 999 22.03 14.70 -29.62
CA ALA C 999 21.53 15.50 -28.51
C ALA C 999 22.47 16.66 -28.21
N GLN C 1000 23.78 16.43 -28.23
CA GLN C 1000 24.74 17.48 -27.92
C GLN C 1000 24.60 18.64 -28.90
N ASN C 1001 24.52 18.32 -30.19
CA ASN C 1001 24.40 19.34 -31.22
C ASN C 1001 23.11 20.14 -31.06
N ALA C 1002 22.04 19.48 -30.62
CA ALA C 1002 20.75 20.16 -30.51
C ALA C 1002 20.74 21.19 -29.38
N VAL C 1003 21.49 20.95 -28.30
CA VAL C 1003 21.54 21.94 -27.22
C VAL C 1003 22.52 23.06 -27.56
N GLY C 1004 23.69 22.71 -28.09
CA GLY C 1004 24.73 23.71 -28.29
C GLY C 1004 24.39 24.71 -29.37
N THR C 1005 23.87 24.22 -30.51
CA THR C 1005 23.72 25.09 -31.67
C THR C 1005 22.68 26.18 -31.45
N GLY C 1006 21.56 25.83 -30.81
CA GLY C 1006 20.59 26.83 -30.42
C GLY C 1006 21.16 27.92 -29.55
N VAL C 1007 21.73 27.57 -28.38
CA VAL C 1007 22.06 28.61 -27.40
C VAL C 1007 23.25 29.49 -27.84
N MET C 1008 24.21 28.95 -28.61
CA MET C 1008 25.36 29.74 -29.00
C MET C 1008 25.01 30.62 -30.21
N GLY C 1009 24.10 30.13 -31.03
CA GLY C 1009 23.47 31.01 -32.02
C GLY C 1009 22.72 32.16 -31.38
N GLY C 1010 22.01 31.90 -30.28
CA GLY C 1010 21.33 32.98 -29.57
C GLY C 1010 22.31 33.93 -28.89
N MET C 1011 23.39 33.39 -28.33
CA MET C 1011 24.35 34.24 -27.63
C MET C 1011 25.06 35.19 -28.58
N VAL C 1012 25.32 34.75 -29.81
CA VAL C 1012 26.05 35.57 -30.78
C VAL C 1012 25.29 36.85 -31.08
N THR C 1013 24.07 36.72 -31.55
CA THR C 1013 23.25 37.89 -31.84
C THR C 1013 22.82 38.62 -30.58
N ALA C 1014 22.78 37.94 -29.43
CA ALA C 1014 22.40 38.58 -28.18
C ALA C 1014 23.54 39.34 -27.52
N THR C 1015 24.72 39.36 -28.11
CA THR C 1015 25.75 40.31 -27.69
C THR C 1015 26.30 41.14 -28.84
N VAL C 1016 26.30 40.64 -30.07
CA VAL C 1016 26.64 41.49 -31.22
C VAL C 1016 25.57 42.56 -31.40
N LEU C 1017 24.32 42.13 -31.55
CA LEU C 1017 23.23 43.08 -31.76
C LEU C 1017 22.85 43.81 -30.48
N ALA C 1018 23.00 43.17 -29.32
CA ALA C 1018 22.49 43.74 -28.09
C ALA C 1018 23.28 44.97 -27.65
N ILE C 1019 24.60 44.97 -27.88
CA ILE C 1019 25.41 46.10 -27.43
C ILE C 1019 25.11 47.36 -28.22
N PHE C 1020 24.45 47.24 -29.37
CA PHE C 1020 23.99 48.41 -30.10
C PHE C 1020 22.54 48.75 -29.81
N PHE C 1021 21.67 47.76 -29.66
CA PHE C 1021 20.23 48.03 -29.60
C PHE C 1021 19.72 48.35 -28.19
N VAL C 1022 20.33 47.82 -27.14
CA VAL C 1022 19.82 48.09 -25.80
C VAL C 1022 20.16 49.49 -25.29
N PRO C 1023 21.28 50.13 -25.68
CA PRO C 1023 21.41 51.56 -25.34
C PRO C 1023 20.29 52.40 -25.93
N VAL C 1024 19.81 52.04 -27.12
CA VAL C 1024 18.64 52.70 -27.69
C VAL C 1024 17.41 52.46 -26.83
N PHE C 1025 17.24 51.23 -26.33
CA PHE C 1025 16.06 50.90 -25.53
C PHE C 1025 16.02 51.69 -24.23
N PHE C 1026 17.14 51.73 -23.52
CA PHE C 1026 17.19 52.39 -22.21
C PHE C 1026 16.95 53.88 -22.32
N VAL C 1027 17.24 54.50 -23.46
CA VAL C 1027 17.00 55.94 -23.58
C VAL C 1027 15.60 56.22 -24.12
N VAL C 1028 15.12 55.42 -25.08
CA VAL C 1028 13.80 55.65 -25.65
C VAL C 1028 12.73 55.48 -24.58
N VAL C 1029 12.80 54.38 -23.82
CA VAL C 1029 11.78 54.11 -22.82
C VAL C 1029 11.83 55.13 -21.69
N ARG C 1030 13.04 55.57 -21.31
CA ARG C 1030 13.16 56.51 -20.21
C ARG C 1030 12.61 57.89 -20.56
N ARG C 1031 12.55 58.23 -21.84
CA ARG C 1031 12.01 59.52 -22.22
C ARG C 1031 10.48 59.53 -22.12
N ARG C 1032 9.82 58.53 -22.73
CA ARG C 1032 8.36 58.40 -22.61
C ARG C 1032 7.95 58.12 -21.16
N ASP D 13 -59.58 -4.93 10.99
CA ASP D 13 -58.37 -4.25 11.42
C ASP D 13 -57.79 -4.89 12.69
N LEU D 14 -58.69 -5.40 13.56
CA LEU D 14 -58.31 -5.81 14.92
C LEU D 14 -57.82 -7.26 14.97
N GLY D 15 -58.31 -8.10 14.05
CA GLY D 15 -57.81 -9.46 13.97
C GLY D 15 -56.36 -9.53 13.55
N LYS D 16 -55.88 -8.52 12.82
CA LYS D 16 -54.46 -8.45 12.44
C LYS D 16 -53.57 -8.00 13.60
N LYS D 17 -54.08 -7.13 14.48
CA LYS D 17 -53.33 -6.71 15.66
C LYS D 17 -53.41 -7.76 16.76
N LEU D 18 -54.50 -8.53 16.79
CA LEU D 18 -54.56 -9.67 17.69
C LEU D 18 -53.52 -10.72 17.32
N LEU D 19 -53.30 -10.94 16.02
CA LEU D 19 -52.25 -11.85 15.60
C LEU D 19 -50.88 -11.36 16.04
N GLU D 20 -50.61 -10.06 15.89
CA GLU D 20 -49.32 -9.53 16.33
C GLU D 20 -49.19 -9.58 17.84
N ALA D 21 -50.29 -9.34 18.56
CA ALA D 21 -50.25 -9.44 20.02
C ALA D 21 -50.03 -10.87 20.46
N ALA D 22 -50.55 -11.84 19.72
CA ALA D 22 -50.37 -13.25 20.10
C ALA D 22 -48.90 -13.65 20.02
N ARG D 23 -48.19 -13.20 18.98
CA ARG D 23 -46.80 -13.62 18.84
C ARG D 23 -45.89 -12.84 19.80
N ALA D 24 -46.09 -11.54 19.92
CA ALA D 24 -45.26 -10.75 20.83
C ALA D 24 -45.55 -11.05 22.30
N GLY D 25 -46.64 -11.74 22.60
CA GLY D 25 -46.95 -12.10 23.97
C GLY D 25 -47.45 -10.95 24.81
N ARG D 26 -47.96 -9.89 24.19
CA ARG D 26 -48.51 -8.77 24.92
C ARG D 26 -49.80 -9.19 25.60
N ASP D 27 -49.69 -9.75 26.81
CA ASP D 27 -50.85 -10.30 27.51
C ASP D 27 -51.91 -9.23 27.75
N ASP D 28 -51.48 -8.02 28.12
CA ASP D 28 -52.41 -6.93 28.40
C ASP D 28 -53.24 -6.58 27.17
N GLU D 29 -52.60 -6.48 26.00
CA GLU D 29 -53.29 -6.06 24.79
C GLU D 29 -54.27 -7.12 24.31
N VAL D 30 -53.99 -8.40 24.58
CA VAL D 30 -54.91 -9.45 24.19
C VAL D 30 -56.25 -9.30 24.91
N ARG D 31 -56.20 -8.91 26.19
CA ARG D 31 -57.44 -8.77 26.94
C ARG D 31 -58.26 -7.58 26.46
N ILE D 32 -57.59 -6.49 26.07
CA ILE D 32 -58.32 -5.34 25.55
C ILE D 32 -59.02 -5.71 24.25
N LEU D 33 -58.27 -6.32 23.32
CA LEU D 33 -58.89 -6.66 22.03
C LEU D 33 -59.95 -7.75 22.19
N MET D 34 -59.79 -8.65 23.14
CA MET D 34 -60.85 -9.61 23.43
C MET D 34 -62.12 -8.88 23.89
N ALA D 35 -61.96 -7.81 24.66
CA ALA D 35 -63.11 -7.03 25.10
C ALA D 35 -63.73 -6.25 23.95
N ASN D 36 -62.89 -5.65 23.11
CA ASN D 36 -63.36 -4.84 21.99
C ASN D 36 -63.76 -5.68 20.78
N GLY D 37 -63.68 -7.00 20.88
CA GLY D 37 -64.33 -7.85 19.90
C GLY D 37 -63.50 -8.32 18.73
N ALA D 38 -62.19 -8.47 18.90
CA ALA D 38 -61.33 -8.95 17.82
C ALA D 38 -61.71 -10.37 17.42
N ASP D 39 -61.28 -10.76 16.23
CA ASP D 39 -61.65 -12.04 15.64
C ASP D 39 -60.67 -13.11 16.10
N VAL D 40 -61.13 -14.00 17.00
CA VAL D 40 -60.28 -15.08 17.47
C VAL D 40 -59.98 -16.08 16.35
N ASN D 41 -60.76 -16.08 15.27
CA ASN D 41 -60.53 -16.94 14.12
C ASN D 41 -59.77 -16.20 13.01
N ALA D 42 -59.09 -15.11 13.33
CA ALA D 42 -58.30 -14.41 12.32
C ALA D 42 -57.19 -15.31 11.80
N ALA D 43 -57.09 -15.40 10.49
CA ALA D 43 -56.07 -16.21 9.83
C ALA D 43 -55.11 -15.31 9.08
N ASP D 44 -53.82 -15.60 9.18
CA ASP D 44 -52.83 -14.94 8.34
C ASP D 44 -52.77 -15.65 6.99
N VAL D 45 -51.80 -15.25 6.15
CA VAL D 45 -51.80 -15.79 4.80
C VAL D 45 -51.33 -17.24 4.75
N VAL D 46 -50.69 -17.74 5.82
CA VAL D 46 -50.39 -19.17 5.90
C VAL D 46 -51.47 -19.95 6.64
N GLY D 47 -52.44 -19.27 7.26
CA GLY D 47 -53.54 -19.92 7.91
C GLY D 47 -53.44 -20.08 9.42
N TRP D 48 -52.61 -19.28 10.08
CA TRP D 48 -52.35 -19.43 11.52
C TRP D 48 -53.24 -18.48 12.30
N THR D 49 -54.01 -19.02 13.23
CA THR D 49 -54.80 -18.23 14.16
C THR D 49 -53.92 -17.71 15.28
N PRO D 50 -54.45 -16.82 16.13
CA PRO D 50 -53.70 -16.43 17.32
C PRO D 50 -53.33 -17.60 18.22
N LEU D 51 -54.19 -18.62 18.29
CA LEU D 51 -53.88 -19.82 19.07
C LEU D 51 -52.65 -20.53 18.52
N HIS D 52 -52.49 -20.57 17.20
CA HIS D 52 -51.28 -21.11 16.59
C HIS D 52 -50.04 -20.38 17.08
N LEU D 53 -50.04 -19.04 16.95
CA LEU D 53 -48.87 -18.25 17.32
C LEU D 53 -48.56 -18.35 18.80
N ALA D 54 -49.58 -18.33 19.66
CA ALA D 54 -49.33 -18.44 21.09
C ALA D 54 -48.81 -19.83 21.45
N ALA D 55 -49.33 -20.87 20.79
CA ALA D 55 -48.81 -22.22 21.03
C ALA D 55 -47.40 -22.37 20.49
N TYR D 56 -47.07 -21.63 19.43
CA TYR D 56 -45.75 -21.77 18.82
C TYR D 56 -44.67 -21.11 19.66
N TRP D 57 -44.95 -19.93 20.20
CA TRP D 57 -43.92 -19.17 20.91
C TRP D 57 -44.02 -19.27 22.42
N GLY D 58 -44.96 -20.08 22.95
CA GLY D 58 -45.02 -20.35 24.37
C GLY D 58 -45.61 -19.26 25.24
N HIS D 59 -46.84 -18.85 24.95
CA HIS D 59 -47.56 -17.87 25.76
C HIS D 59 -48.82 -18.56 26.28
N LEU D 60 -48.73 -19.10 27.49
CA LEU D 60 -49.80 -19.95 28.00
C LEU D 60 -51.02 -19.14 28.40
N GLU D 61 -50.81 -17.94 28.98
CA GLU D 61 -51.93 -17.11 29.40
C GLU D 61 -52.77 -16.69 28.21
N ILE D 62 -52.14 -16.45 27.07
CA ILE D 62 -52.90 -16.04 25.90
C ILE D 62 -53.67 -17.23 25.30
N VAL D 63 -53.09 -18.44 25.33
CA VAL D 63 -53.83 -19.61 24.87
C VAL D 63 -55.07 -19.84 25.71
N GLU D 64 -54.94 -19.64 27.03
CA GLU D 64 -56.09 -19.77 27.92
C GLU D 64 -57.16 -18.73 27.61
N VAL D 65 -56.74 -17.48 27.35
CA VAL D 65 -57.67 -16.39 27.10
C VAL D 65 -58.40 -16.60 25.78
N LEU D 66 -57.66 -16.97 24.73
CA LEU D 66 -58.29 -17.18 23.43
C LEU D 66 -59.27 -18.35 23.47
N LEU D 67 -58.93 -19.40 24.23
CA LEU D 67 -59.83 -20.55 24.33
C LEU D 67 -61.12 -20.17 25.05
N LYS D 68 -61.02 -19.41 26.14
CA LYS D 68 -62.22 -18.89 26.80
C LYS D 68 -63.05 -18.05 25.84
N ASN D 69 -62.39 -17.32 24.93
CA ASN D 69 -63.05 -16.48 23.95
C ASN D 69 -63.42 -17.25 22.68
N GLY D 70 -63.51 -18.58 22.74
CA GLY D 70 -64.08 -19.34 21.66
C GLY D 70 -63.16 -19.64 20.51
N ALA D 71 -61.84 -19.49 20.69
CA ALA D 71 -60.90 -19.79 19.63
C ALA D 71 -60.95 -21.28 19.28
N ASP D 72 -60.91 -21.58 17.98
CA ASP D 72 -60.95 -22.97 17.53
C ASP D 72 -59.70 -23.69 18.00
N VAL D 73 -59.89 -24.74 18.80
CA VAL D 73 -58.77 -25.51 19.30
C VAL D 73 -58.19 -26.42 18.22
N ASN D 74 -59.03 -26.86 17.27
CA ASN D 74 -58.61 -27.75 16.19
C ASN D 74 -58.56 -27.04 14.85
N ALA D 75 -58.28 -25.74 14.88
CA ALA D 75 -57.97 -25.00 13.66
C ALA D 75 -56.67 -25.55 13.02
N TYR D 76 -56.56 -25.36 11.70
CA TYR D 76 -55.41 -25.88 10.99
C TYR D 76 -54.96 -24.93 9.90
N ASP D 77 -53.69 -25.04 9.52
CA ASP D 77 -53.06 -24.09 8.61
C ASP D 77 -53.24 -24.54 7.16
N THR D 78 -52.44 -23.94 6.26
CA THR D 78 -52.49 -24.32 4.85
C THR D 78 -52.08 -25.76 4.63
N LEU D 79 -51.23 -26.30 5.52
CA LEU D 79 -50.75 -27.66 5.38
C LEU D 79 -51.27 -28.64 6.43
N GLY D 80 -52.16 -28.20 7.32
CA GLY D 80 -52.87 -29.11 8.19
C GLY D 80 -52.38 -29.18 9.63
N SER D 81 -51.37 -28.41 10.00
CA SER D 81 -50.90 -28.39 11.38
C SER D 81 -51.89 -27.61 12.25
N THR D 82 -52.18 -28.14 13.42
CA THR D 82 -53.04 -27.53 14.43
C THR D 82 -52.20 -27.13 15.64
N PRO D 83 -52.72 -26.23 16.52
CA PRO D 83 -51.89 -25.72 17.63
C PRO D 83 -51.32 -26.79 18.54
N LEU D 84 -51.98 -27.94 18.65
CA LEU D 84 -51.40 -29.06 19.38
C LEU D 84 -50.10 -29.53 18.72
N HIS D 85 -50.06 -29.54 17.37
CA HIS D 85 -48.83 -29.88 16.66
C HIS D 85 -47.70 -28.94 17.05
N LEU D 86 -47.96 -27.64 17.04
CA LEU D 86 -46.88 -26.69 17.33
C LEU D 86 -46.50 -26.71 18.79
N ALA D 87 -47.46 -26.95 19.69
CA ALA D 87 -47.09 -27.03 21.10
C ALA D 87 -46.30 -28.28 21.39
N ALA D 88 -46.70 -29.41 20.80
CA ALA D 88 -46.05 -30.70 21.05
C ALA D 88 -44.70 -30.81 20.37
N HIS D 89 -44.35 -29.86 19.51
CA HIS D 89 -43.12 -29.91 18.74
C HIS D 89 -41.97 -29.18 19.41
N PHE D 90 -42.26 -28.01 19.99
CA PHE D 90 -41.27 -27.11 20.54
C PHE D 90 -41.29 -27.11 22.06
N GLY D 91 -41.92 -28.12 22.67
CA GLY D 91 -41.71 -28.44 24.06
C GLY D 91 -42.50 -27.63 25.07
N HIS D 92 -43.67 -27.12 24.69
CA HIS D 92 -44.48 -26.31 25.60
C HIS D 92 -45.45 -27.23 26.33
N LEU D 93 -44.96 -27.81 27.44
CA LEU D 93 -45.68 -28.89 28.12
C LEU D 93 -47.04 -28.41 28.66
N GLU D 94 -47.08 -27.22 29.23
CA GLU D 94 -48.31 -26.75 29.85
C GLU D 94 -49.35 -26.28 28.83
N ILE D 95 -48.89 -25.84 27.65
CA ILE D 95 -49.84 -25.49 26.59
C ILE D 95 -50.45 -26.75 26.00
N VAL D 96 -49.68 -27.83 25.92
CA VAL D 96 -50.21 -29.10 25.45
C VAL D 96 -51.31 -29.59 26.38
N GLU D 97 -51.11 -29.47 27.70
CA GLU D 97 -52.14 -29.88 28.65
C GLU D 97 -53.40 -29.03 28.50
N VAL D 98 -53.22 -27.71 28.38
CA VAL D 98 -54.38 -26.81 28.21
C VAL D 98 -55.17 -27.17 26.97
N LEU D 99 -54.48 -27.31 25.83
CA LEU D 99 -55.16 -27.62 24.58
C LEU D 99 -55.89 -28.95 24.65
N LEU D 100 -55.28 -29.95 25.30
CA LEU D 100 -55.90 -31.27 25.35
C LEU D 100 -57.14 -31.27 26.23
N LYS D 101 -57.09 -30.57 27.37
CA LYS D 101 -58.26 -30.46 28.24
C LYS D 101 -59.39 -29.69 27.57
N ASN D 102 -59.06 -28.73 26.72
CA ASN D 102 -60.06 -27.96 25.97
C ASN D 102 -60.46 -28.62 24.67
N GLY D 103 -60.29 -29.94 24.56
CA GLY D 103 -60.86 -30.69 23.45
C GLY D 103 -60.07 -30.62 22.16
N ALA D 104 -58.76 -30.85 22.23
CA ALA D 104 -57.94 -30.91 21.04
C ALA D 104 -57.83 -32.35 20.54
N ASP D 105 -57.82 -32.51 19.22
CA ASP D 105 -57.69 -33.83 18.61
C ASP D 105 -56.26 -34.33 18.83
N VAL D 106 -56.13 -35.37 19.65
CA VAL D 106 -54.80 -35.91 19.95
C VAL D 106 -54.26 -36.78 18.82
N ASN D 107 -55.12 -37.33 17.97
CA ASN D 107 -54.71 -38.16 16.85
C ASN D 107 -54.75 -37.41 15.52
N ALA D 108 -54.50 -36.10 15.56
CA ALA D 108 -54.58 -35.29 14.35
C ALA D 108 -53.41 -35.58 13.42
N LYS D 109 -53.67 -35.49 12.12
CA LYS D 109 -52.68 -35.71 11.09
C LYS D 109 -52.65 -34.51 10.18
N ASP D 110 -51.47 -33.88 10.04
CA ASP D 110 -51.29 -32.84 9.03
C ASP D 110 -51.36 -33.49 7.64
N ASP D 111 -51.08 -32.70 6.60
CA ASP D 111 -51.11 -33.25 5.24
C ASP D 111 -50.04 -34.31 5.03
N ASN D 112 -49.00 -34.32 5.85
CA ASN D 112 -47.95 -35.34 5.78
C ASN D 112 -48.31 -36.60 6.55
N GLY D 113 -49.45 -36.63 7.23
CA GLY D 113 -49.77 -37.75 8.11
C GLY D 113 -49.04 -37.73 9.42
N ILE D 114 -48.40 -36.62 9.77
CA ILE D 114 -47.67 -36.48 11.03
C ILE D 114 -48.65 -36.10 12.14
N THR D 115 -48.53 -36.77 13.28
CA THR D 115 -49.31 -36.49 14.47
C THR D 115 -48.48 -35.69 15.46
N PRO D 116 -49.11 -35.13 16.51
CA PRO D 116 -48.32 -34.49 17.57
C PRO D 116 -47.43 -35.46 18.32
N LEU D 117 -47.77 -36.75 18.32
CA LEU D 117 -46.91 -37.76 18.93
C LEU D 117 -45.57 -37.84 18.20
N HIS D 118 -45.62 -37.87 16.86
CA HIS D 118 -44.39 -37.87 16.05
C HIS D 118 -43.50 -36.68 16.40
N LEU D 119 -44.08 -35.48 16.46
CA LEU D 119 -43.29 -34.29 16.70
C LEU D 119 -42.68 -34.29 18.11
N ALA D 120 -43.46 -34.70 19.11
CA ALA D 120 -42.92 -34.74 20.46
C ALA D 120 -41.82 -35.79 20.57
N ALA D 121 -42.00 -36.93 19.90
CA ALA D 121 -40.96 -37.96 19.94
C ALA D 121 -39.70 -37.53 19.22
N ASN D 122 -39.82 -36.71 18.17
CA ASN D 122 -38.66 -36.44 17.32
C ASN D 122 -37.65 -35.56 18.03
N ARG D 123 -38.09 -34.43 18.60
CA ARG D 123 -37.19 -33.61 19.40
C ARG D 123 -37.14 -34.04 20.86
N GLY D 124 -37.83 -35.14 21.20
CA GLY D 124 -37.53 -35.92 22.39
C GLY D 124 -38.10 -35.47 23.71
N HIS D 125 -39.32 -34.94 23.70
CA HIS D 125 -39.96 -34.44 24.92
C HIS D 125 -40.69 -35.60 25.59
N LEU D 126 -40.01 -36.25 26.54
CA LEU D 126 -40.53 -37.46 27.17
C LEU D 126 -41.83 -37.18 27.91
N GLU D 127 -41.85 -36.10 28.71
CA GLU D 127 -43.02 -35.74 29.49
C GLU D 127 -44.23 -35.44 28.61
N ILE D 128 -44.01 -34.73 27.50
CA ILE D 128 -45.12 -34.40 26.59
C ILE D 128 -45.70 -35.66 25.97
N VAL D 129 -44.84 -36.62 25.62
CA VAL D 129 -45.36 -37.86 25.05
C VAL D 129 -46.15 -38.64 26.09
N GLU D 130 -45.76 -38.56 27.36
CA GLU D 130 -46.56 -39.16 28.43
C GLU D 130 -47.96 -38.56 28.45
N VAL D 131 -48.06 -37.25 28.28
CA VAL D 131 -49.35 -36.58 28.38
C VAL D 131 -50.23 -36.94 27.19
N LEU D 132 -49.66 -36.96 25.98
CA LEU D 132 -50.45 -37.33 24.81
C LEU D 132 -50.90 -38.78 24.87
N LEU D 133 -50.07 -39.65 25.44
CA LEU D 133 -50.49 -41.04 25.58
C LEU D 133 -51.62 -41.17 26.59
N LYS D 134 -51.59 -40.35 27.65
CA LYS D 134 -52.65 -40.35 28.64
C LYS D 134 -53.98 -39.99 28.00
N TYR D 135 -54.02 -38.91 27.20
CA TYR D 135 -55.25 -38.49 26.52
C TYR D 135 -55.59 -39.35 25.30
N GLY D 136 -54.88 -40.44 25.01
CA GLY D 136 -55.33 -41.38 24.02
C GLY D 136 -54.62 -41.27 22.67
N ALA D 137 -53.32 -41.03 22.69
CA ALA D 137 -52.58 -40.95 21.44
C ALA D 137 -52.43 -42.34 20.83
N ASP D 138 -52.47 -42.38 19.49
CA ASP D 138 -52.35 -43.63 18.75
C ASP D 138 -50.87 -43.89 18.51
N VAL D 139 -50.35 -44.96 19.13
CA VAL D 139 -48.91 -45.22 19.09
C VAL D 139 -48.48 -45.76 17.73
N ASN D 140 -49.35 -46.50 17.05
CA ASN D 140 -49.02 -47.07 15.75
C ASN D 140 -49.41 -46.16 14.59
N ALA D 141 -49.65 -44.87 14.86
CA ALA D 141 -49.98 -43.93 13.80
C ALA D 141 -48.82 -43.77 12.83
N GLN D 142 -49.03 -44.18 11.58
CA GLN D 142 -48.03 -44.05 10.55
C GLN D 142 -48.22 -42.75 9.78
N ASP D 143 -47.11 -42.15 9.37
CA ASP D 143 -47.14 -40.96 8.53
C ASP D 143 -47.23 -41.40 7.06
N LYS D 144 -46.92 -40.50 6.13
CA LYS D 144 -46.96 -40.88 4.72
C LYS D 144 -45.88 -41.91 4.37
N PHE D 145 -44.81 -42.00 5.16
CA PHE D 145 -43.75 -42.95 4.93
C PHE D 145 -43.90 -44.21 5.78
N GLY D 146 -45.04 -44.37 6.46
CA GLY D 146 -45.26 -45.54 7.28
C GLY D 146 -44.45 -45.63 8.54
N LYS D 147 -43.80 -44.55 8.95
CA LYS D 147 -43.02 -44.51 10.19
C LYS D 147 -43.92 -44.12 11.36
N THR D 148 -43.60 -44.67 12.52
CA THR D 148 -44.32 -44.38 13.75
C THR D 148 -43.42 -43.68 14.75
N ALA D 149 -43.98 -43.33 15.91
CA ALA D 149 -43.20 -42.69 16.96
C ALA D 149 -42.11 -43.61 17.49
N PHE D 150 -42.32 -44.93 17.41
CA PHE D 150 -41.29 -45.86 17.84
C PHE D 150 -40.12 -45.89 16.86
N ASP D 151 -40.41 -45.81 15.56
CA ASP D 151 -39.34 -45.78 14.57
C ASP D 151 -38.48 -44.53 14.73
N ILE D 152 -39.12 -43.38 15.03
CA ILE D 152 -38.36 -42.18 15.31
C ILE D 152 -37.51 -42.37 16.57
N SER D 153 -38.03 -43.10 17.56
CA SER D 153 -37.29 -43.29 18.80
C SER D 153 -36.01 -44.10 18.56
N ILE D 154 -36.13 -45.25 17.89
CA ILE D 154 -34.94 -46.07 17.70
C ILE D 154 -34.00 -45.44 16.67
N ASN D 155 -34.54 -44.68 15.71
CA ASN D 155 -33.68 -43.97 14.76
C ASN D 155 -32.88 -42.88 15.47
N ASN D 156 -33.53 -42.11 16.34
CA ASN D 156 -32.81 -41.05 17.04
C ASN D 156 -31.84 -41.59 18.09
N GLY D 157 -31.89 -42.87 18.40
CA GLY D 157 -31.04 -43.40 19.45
C GLY D 157 -31.47 -43.02 20.85
N ASN D 158 -32.77 -42.85 21.06
CA ASN D 158 -33.34 -42.51 22.36
C ASN D 158 -34.22 -43.68 22.79
N GLU D 159 -33.63 -44.63 23.51
CA GLU D 159 -34.38 -45.77 24.03
C GLU D 159 -34.90 -45.53 25.43
N ASP D 160 -34.56 -44.40 26.05
CA ASP D 160 -35.37 -43.88 27.15
C ASP D 160 -36.81 -43.67 26.70
N LEU D 161 -36.98 -43.11 25.50
CA LEU D 161 -38.30 -42.87 24.95
C LEU D 161 -38.92 -44.15 24.41
N ALA D 162 -38.12 -44.99 23.75
CA ALA D 162 -38.66 -46.23 23.18
C ALA D 162 -39.23 -47.16 24.25
N GLU D 163 -38.64 -47.17 25.45
CA GLU D 163 -39.16 -47.99 26.53
C GLU D 163 -40.37 -47.33 27.19
N ILE D 164 -40.51 -46.02 27.05
CA ILE D 164 -41.78 -45.37 27.39
C ILE D 164 -42.89 -45.88 26.47
N LEU D 165 -42.61 -45.94 25.17
CA LEU D 165 -43.63 -46.29 24.18
C LEU D 165 -43.99 -47.77 24.21
N GLN D 166 -43.28 -48.58 24.99
CA GLN D 166 -43.69 -49.96 25.24
C GLN D 166 -43.46 -50.33 26.70
N LEU E 14 22.29 -47.87 24.87
CA LEU E 14 23.23 -49.00 24.90
C LEU E 14 23.46 -49.53 23.50
N GLY E 15 22.53 -50.36 22.97
CA GLY E 15 22.83 -51.11 21.76
C GLY E 15 22.32 -50.49 20.48
N LYS E 16 21.46 -49.48 20.58
CA LYS E 16 21.01 -48.76 19.39
C LYS E 16 22.07 -47.82 18.84
N LYS E 17 23.11 -47.50 19.63
CA LYS E 17 24.22 -46.71 19.11
C LYS E 17 24.91 -47.41 17.94
N LEU E 18 24.91 -48.74 17.94
CA LEU E 18 25.52 -49.50 16.85
C LEU E 18 24.83 -49.21 15.53
N LEU E 19 23.49 -49.23 15.54
CA LEU E 19 22.74 -48.95 14.32
C LEU E 19 22.98 -47.52 13.86
N GLU E 20 22.92 -46.56 14.77
CA GLU E 20 23.28 -45.19 14.40
C GLU E 20 24.70 -45.11 13.84
N ALA E 21 25.62 -45.94 14.36
CA ALA E 21 26.97 -45.92 13.82
C ALA E 21 27.06 -46.64 12.48
N ALA E 22 26.38 -47.78 12.36
CA ALA E 22 26.37 -48.54 11.12
C ALA E 22 25.68 -47.78 9.99
N ARG E 23 24.78 -46.86 10.32
CA ARG E 23 24.08 -46.11 9.29
C ARG E 23 24.94 -44.96 8.77
N ALA E 24 25.48 -44.14 9.68
CA ALA E 24 26.25 -42.96 9.32
C ALA E 24 27.67 -43.26 8.88
N GLY E 25 27.99 -44.52 8.59
CA GLY E 25 29.30 -44.88 8.07
C GLY E 25 30.44 -44.61 9.03
N ARG E 26 30.21 -44.73 10.33
CA ARG E 26 31.25 -44.52 11.33
C ARG E 26 31.84 -45.88 11.69
N ASP E 27 32.74 -46.36 10.82
CA ASP E 27 33.39 -47.65 11.03
C ASP E 27 34.21 -47.65 12.32
N ASP E 28 34.87 -46.53 12.62
CA ASP E 28 35.71 -46.40 13.81
C ASP E 28 34.95 -46.74 15.09
N GLU E 29 33.66 -46.39 15.13
CA GLU E 29 32.83 -46.70 16.29
C GLU E 29 32.35 -48.14 16.28
N VAL E 30 32.02 -48.66 15.09
CA VAL E 30 31.44 -50.00 14.98
C VAL E 30 32.42 -51.04 15.53
N ARG E 31 33.68 -50.97 15.10
CA ARG E 31 34.72 -51.84 15.67
C ARG E 31 34.83 -51.67 17.19
N ILE E 32 34.64 -50.44 17.67
CA ILE E 32 34.65 -50.20 19.10
C ILE E 32 33.48 -50.89 19.77
N LEU E 33 32.28 -50.76 19.20
CA LEU E 33 31.07 -51.21 19.88
C LEU E 33 30.96 -52.74 19.95
N MET E 34 31.65 -53.48 19.07
CA MET E 34 31.64 -54.93 19.15
C MET E 34 32.78 -55.43 20.05
N ALA E 35 33.84 -54.65 20.14
CA ALA E 35 34.86 -54.90 21.14
C ALA E 35 34.29 -54.81 22.55
N ASN E 36 33.44 -53.80 22.78
CA ASN E 36 32.68 -53.66 24.01
C ASN E 36 31.35 -54.41 23.97
N GLY E 37 31.16 -55.29 22.99
CA GLY E 37 30.13 -56.30 23.03
C GLY E 37 28.68 -55.84 22.93
N ALA E 38 28.39 -54.95 21.99
CA ALA E 38 27.02 -54.58 21.72
C ALA E 38 26.35 -55.63 20.84
N ASP E 39 25.03 -55.78 21.00
CA ASP E 39 24.27 -56.78 20.26
C ASP E 39 24.39 -56.54 18.77
N VAL E 40 25.08 -57.45 18.07
CA VAL E 40 25.35 -57.26 16.64
C VAL E 40 24.09 -57.31 15.81
N ASN E 41 23.00 -57.87 16.34
CA ASN E 41 21.73 -57.97 15.63
C ASN E 41 20.63 -57.19 16.35
N ALA E 42 20.99 -56.02 16.86
CA ALA E 42 20.00 -55.09 17.36
C ALA E 42 19.09 -54.63 16.23
N ALA E 43 17.84 -54.31 16.58
CA ALA E 43 16.83 -53.90 15.61
C ALA E 43 16.17 -52.61 16.06
N ASP E 44 15.57 -51.90 15.12
CA ASP E 44 14.83 -50.67 15.39
C ASP E 44 13.33 -50.94 15.22
N VAL E 45 12.54 -49.87 15.13
CA VAL E 45 11.09 -50.04 15.11
C VAL E 45 10.64 -50.73 13.84
N VAL E 46 11.41 -50.60 12.76
CA VAL E 46 11.06 -51.29 11.51
C VAL E 46 11.75 -52.63 11.41
N GLY E 47 12.62 -52.96 12.37
CA GLY E 47 13.26 -54.26 12.38
C GLY E 47 14.50 -54.35 11.54
N TRP E 48 15.21 -53.25 11.36
CA TRP E 48 16.44 -53.24 10.59
C TRP E 48 17.62 -53.42 11.54
N THR E 49 18.45 -54.41 11.24
CA THR E 49 19.70 -54.57 11.95
C THR E 49 20.75 -53.66 11.34
N PRO E 50 21.94 -53.56 11.94
CA PRO E 50 23.00 -52.76 11.32
C PRO E 50 23.40 -53.27 9.94
N LEU E 51 23.25 -54.57 9.68
CA LEU E 51 23.50 -55.10 8.34
C LEU E 51 22.52 -54.53 7.33
N HIS E 52 21.24 -54.40 7.71
CA HIS E 52 20.25 -53.74 6.86
C HIS E 52 20.69 -52.31 6.53
N LEU E 53 21.08 -51.54 7.55
CA LEU E 53 21.39 -50.13 7.34
C LEU E 53 22.67 -49.97 6.52
N ALA E 54 23.69 -50.78 6.81
CA ALA E 54 24.93 -50.70 6.05
C ALA E 54 24.71 -51.11 4.59
N ALA E 55 23.84 -52.10 4.37
CA ALA E 55 23.49 -52.49 3.01
C ALA E 55 22.67 -51.42 2.31
N TYR E 56 21.81 -50.71 3.04
CA TYR E 56 20.92 -49.76 2.38
C TYR E 56 21.68 -48.53 1.87
N TRP E 57 22.52 -47.91 2.70
CA TRP E 57 23.27 -46.75 2.26
C TRP E 57 24.65 -47.07 1.69
N GLY E 58 25.05 -48.34 1.70
CA GLY E 58 26.17 -48.79 0.91
C GLY E 58 27.54 -48.68 1.56
N HIS E 59 27.62 -48.99 2.85
CA HIS E 59 28.89 -48.96 3.57
C HIS E 59 29.47 -50.37 3.57
N LEU E 60 30.21 -50.70 2.50
CA LEU E 60 30.67 -52.07 2.30
C LEU E 60 31.63 -52.52 3.41
N GLU E 61 32.44 -51.60 3.93
CA GLU E 61 33.48 -51.99 4.86
C GLU E 61 32.91 -52.32 6.24
N ILE E 62 31.81 -51.68 6.63
CA ILE E 62 31.16 -52.09 7.89
C ILE E 62 30.30 -53.33 7.68
N VAL E 63 29.79 -53.52 6.46
CA VAL E 63 29.07 -54.75 6.14
C VAL E 63 29.96 -55.96 6.39
N GLU E 64 31.26 -55.82 6.11
CA GLU E 64 32.21 -56.91 6.37
C GLU E 64 32.52 -57.04 7.85
N VAL E 65 32.70 -55.91 8.56
CA VAL E 65 33.01 -55.99 9.99
C VAL E 65 31.83 -56.57 10.77
N LEU E 66 30.59 -56.30 10.32
CA LEU E 66 29.43 -56.82 11.01
C LEU E 66 29.32 -58.33 10.85
N LEU E 67 29.50 -58.82 9.62
CA LEU E 67 29.44 -60.26 9.38
C LEU E 67 30.55 -61.00 10.12
N LYS E 68 31.67 -60.31 10.39
CA LYS E 68 32.83 -60.92 11.03
C LYS E 68 32.58 -61.26 12.49
N ASN E 69 31.62 -60.62 13.14
CA ASN E 69 31.42 -60.77 14.58
C ASN E 69 30.12 -61.50 14.92
N GLY E 70 29.57 -62.27 13.99
CA GLY E 70 28.44 -63.13 14.26
C GLY E 70 27.09 -62.63 13.78
N ALA E 71 27.05 -61.61 12.92
CA ALA E 71 25.79 -61.01 12.50
C ALA E 71 24.96 -61.99 11.67
N ASP E 72 23.65 -61.94 11.87
CA ASP E 72 22.72 -62.77 11.10
C ASP E 72 22.67 -62.25 9.68
N VAL E 73 23.23 -63.01 8.73
CA VAL E 73 23.30 -62.55 7.35
C VAL E 73 21.93 -62.53 6.70
N ASN E 74 20.97 -63.32 7.20
CA ASN E 74 19.63 -63.36 6.66
C ASN E 74 18.59 -62.87 7.66
N ALA E 75 18.98 -61.87 8.46
CA ALA E 75 18.03 -61.14 9.29
C ALA E 75 17.00 -60.46 8.39
N TYR E 76 15.83 -60.18 8.95
CA TYR E 76 14.70 -59.75 8.14
C TYR E 76 13.75 -58.90 8.96
N ASP E 77 13.18 -57.86 8.33
CA ASP E 77 12.49 -56.81 9.04
C ASP E 77 11.01 -57.17 9.23
N THR E 78 10.18 -56.18 9.56
CA THR E 78 8.76 -56.38 9.80
C THR E 78 7.98 -56.76 8.55
N LEU E 79 8.58 -56.67 7.36
CA LEU E 79 7.91 -57.05 6.12
C LEU E 79 8.67 -58.10 5.34
N GLY E 80 9.76 -58.63 5.88
CA GLY E 80 10.41 -59.78 5.30
C GLY E 80 11.56 -59.50 4.35
N SER E 81 12.01 -58.25 4.28
CA SER E 81 13.16 -57.89 3.46
C SER E 81 14.46 -58.14 4.23
N THR E 82 15.45 -58.67 3.55
CA THR E 82 16.77 -58.93 4.10
C THR E 82 17.78 -57.90 3.61
N PRO E 83 19.00 -57.90 4.16
CA PRO E 83 20.02 -56.97 3.68
C PRO E 83 20.40 -57.17 2.21
N LEU E 84 20.18 -58.38 1.67
CA LEU E 84 20.48 -58.60 0.25
C LEU E 84 19.41 -58.03 -0.65
N HIS E 85 18.16 -57.97 -0.19
CA HIS E 85 17.14 -57.20 -0.89
C HIS E 85 17.57 -55.75 -1.06
N LEU E 86 18.03 -55.12 0.03
CA LEU E 86 18.41 -53.72 -0.02
C LEU E 86 19.65 -53.51 -0.87
N ALA E 87 20.59 -54.46 -0.83
CA ALA E 87 21.81 -54.32 -1.63
C ALA E 87 21.51 -54.53 -3.11
N ALA E 88 20.77 -55.58 -3.45
CA ALA E 88 20.48 -55.86 -4.85
C ALA E 88 19.51 -54.88 -5.47
N HIS E 89 18.83 -54.07 -4.67
CA HIS E 89 17.84 -53.13 -5.15
C HIS E 89 18.43 -51.77 -5.49
N PHE E 90 19.39 -51.31 -4.69
CA PHE E 90 19.98 -49.99 -4.87
C PHE E 90 21.37 -50.06 -5.52
N GLY E 91 21.74 -51.20 -6.08
CA GLY E 91 22.89 -51.27 -6.96
C GLY E 91 24.23 -51.44 -6.28
N HIS E 92 24.26 -51.97 -5.05
CA HIS E 92 25.51 -52.13 -4.32
C HIS E 92 26.08 -53.52 -4.59
N LEU E 93 26.67 -53.65 -5.79
CA LEU E 93 27.11 -54.96 -6.27
C LEU E 93 28.19 -55.55 -5.37
N GLU E 94 29.14 -54.72 -4.92
CA GLU E 94 30.21 -55.20 -4.07
C GLU E 94 29.68 -55.76 -2.76
N ILE E 95 28.51 -55.29 -2.31
CA ILE E 95 27.88 -55.81 -1.11
C ILE E 95 27.05 -57.06 -1.39
N VAL E 96 26.40 -57.13 -2.56
CA VAL E 96 25.67 -58.33 -2.96
C VAL E 96 26.60 -59.54 -2.98
N GLU E 97 27.80 -59.35 -3.52
CA GLU E 97 28.78 -60.44 -3.56
C GLU E 97 29.14 -60.90 -2.15
N VAL E 98 29.46 -59.95 -1.26
CA VAL E 98 29.89 -60.29 0.10
C VAL E 98 28.80 -61.03 0.86
N LEU E 99 27.55 -60.61 0.70
CA LEU E 99 26.44 -61.28 1.37
C LEU E 99 26.28 -62.70 0.87
N LEU E 100 26.38 -62.91 -0.44
CA LEU E 100 26.23 -64.24 -1.01
C LEU E 100 27.33 -65.17 -0.53
N LYS E 101 28.57 -64.66 -0.46
CA LYS E 101 29.69 -65.48 0.01
C LYS E 101 29.50 -65.91 1.45
N ASN E 102 28.90 -65.05 2.28
CA ASN E 102 28.66 -65.35 3.68
C ASN E 102 27.36 -66.12 3.91
N GLY E 103 26.78 -66.68 2.86
CA GLY E 103 25.65 -67.58 2.98
C GLY E 103 24.29 -66.95 2.89
N ALA E 104 24.19 -65.70 2.41
CA ALA E 104 22.91 -65.04 2.30
C ALA E 104 22.00 -65.79 1.33
N ASP E 105 20.76 -66.03 1.77
CA ASP E 105 19.76 -66.73 0.96
C ASP E 105 19.48 -65.97 -0.33
N VAL E 106 20.00 -66.50 -1.44
CA VAL E 106 19.86 -65.82 -2.72
C VAL E 106 18.42 -65.85 -3.23
N ASN E 107 17.59 -66.75 -2.69
CA ASN E 107 16.21 -66.88 -3.13
C ASN E 107 15.22 -66.48 -2.03
N ALA E 108 15.61 -65.55 -1.18
CA ALA E 108 14.76 -65.13 -0.08
C ALA E 108 13.57 -64.32 -0.59
N LYS E 109 12.41 -64.51 0.04
CA LYS E 109 11.19 -63.79 -0.29
C LYS E 109 10.77 -62.90 0.87
N ASP E 110 10.00 -61.86 0.56
CA ASP E 110 9.42 -60.99 1.56
C ASP E 110 7.91 -61.20 1.59
N ASP E 111 7.21 -60.34 2.35
CA ASP E 111 5.77 -60.49 2.51
C ASP E 111 5.03 -60.34 1.18
N ASN E 112 5.64 -59.63 0.23
CA ASN E 112 5.07 -59.48 -1.11
C ASN E 112 5.50 -60.60 -2.06
N GLY E 113 6.39 -61.49 -1.63
CA GLY E 113 6.86 -62.55 -2.49
C GLY E 113 7.93 -62.13 -3.48
N ILE E 114 8.61 -61.03 -3.22
CA ILE E 114 9.61 -60.48 -4.13
C ILE E 114 10.99 -60.89 -3.64
N THR E 115 11.84 -61.30 -4.56
CA THR E 115 13.22 -61.71 -4.30
C THR E 115 14.19 -60.62 -4.75
N PRO E 116 15.47 -60.76 -4.40
CA PRO E 116 16.47 -59.80 -4.91
C PRO E 116 16.64 -59.87 -6.42
N LEU E 117 16.27 -60.99 -7.05
CA LEU E 117 16.23 -61.06 -8.51
C LEU E 117 15.24 -60.05 -9.07
N HIS E 118 14.03 -60.00 -8.50
CA HIS E 118 13.03 -59.02 -8.94
C HIS E 118 13.55 -57.60 -8.78
N LEU E 119 14.11 -57.29 -7.60
CA LEU E 119 14.55 -55.92 -7.30
C LEU E 119 15.66 -55.50 -8.24
N ALA E 120 16.68 -56.35 -8.41
CA ALA E 120 17.78 -56.02 -9.30
C ALA E 120 17.31 -55.89 -10.74
N ALA E 121 16.28 -56.64 -11.13
CA ALA E 121 15.80 -56.58 -12.50
C ALA E 121 15.05 -55.29 -12.79
N ASN E 122 14.29 -54.80 -11.81
CA ASN E 122 13.44 -53.63 -12.07
C ASN E 122 14.26 -52.34 -12.11
N ARG E 123 15.29 -52.23 -11.27
CA ARG E 123 16.16 -51.06 -11.33
C ARG E 123 17.26 -51.22 -12.38
N GLY E 124 17.32 -52.35 -13.07
CA GLY E 124 18.25 -52.54 -14.16
C GLY E 124 19.70 -52.65 -13.74
N HIS E 125 19.98 -53.49 -12.75
CA HIS E 125 21.33 -53.73 -12.25
C HIS E 125 21.77 -55.11 -12.76
N LEU E 126 22.31 -55.13 -13.99
CA LEU E 126 22.60 -56.39 -14.65
C LEU E 126 23.89 -57.04 -14.16
N GLU E 127 24.81 -56.27 -13.55
CA GLU E 127 25.96 -56.88 -12.90
C GLU E 127 25.59 -57.57 -11.59
N ILE E 128 24.47 -57.19 -10.97
CA ILE E 128 24.02 -57.88 -9.77
C ILE E 128 23.06 -59.01 -10.11
N VAL E 129 22.25 -58.86 -11.16
CA VAL E 129 21.55 -60.03 -11.73
C VAL E 129 22.58 -61.08 -12.13
N GLU E 130 23.68 -60.62 -12.73
CA GLU E 130 24.89 -61.39 -12.94
C GLU E 130 25.29 -62.22 -11.72
N VAL E 131 25.55 -61.53 -10.61
CA VAL E 131 26.11 -62.22 -9.44
C VAL E 131 25.05 -63.09 -8.77
N LEU E 132 23.79 -62.64 -8.74
CA LEU E 132 22.75 -63.44 -8.10
C LEU E 132 22.51 -64.74 -8.84
N LEU E 133 22.61 -64.71 -10.18
CA LEU E 133 22.40 -65.92 -10.95
C LEU E 133 23.50 -66.94 -10.72
N LYS E 134 24.75 -66.48 -10.60
CA LYS E 134 25.88 -67.38 -10.39
C LYS E 134 25.72 -68.14 -9.08
N TYR E 135 25.18 -67.49 -8.04
CA TYR E 135 24.91 -68.17 -6.79
C TYR E 135 23.56 -68.89 -6.79
N GLY E 136 23.01 -69.15 -7.97
CA GLY E 136 21.91 -70.08 -8.13
C GLY E 136 20.54 -69.53 -7.77
N ALA E 137 20.12 -68.48 -8.45
CA ALA E 137 18.81 -67.89 -8.22
C ALA E 137 17.78 -68.49 -9.16
N ASP E 138 16.59 -68.79 -8.60
CA ASP E 138 15.49 -69.33 -9.39
C ASP E 138 14.95 -68.23 -10.29
N VAL E 139 15.09 -68.40 -11.61
CA VAL E 139 14.60 -67.40 -12.55
C VAL E 139 13.10 -67.49 -12.78
N ASN E 140 12.45 -68.56 -12.34
CA ASN E 140 11.01 -68.69 -12.46
C ASN E 140 10.27 -68.33 -11.17
N ALA E 141 10.96 -67.73 -10.21
CA ALA E 141 10.30 -67.27 -8.99
C ALA E 141 9.27 -66.20 -9.31
N GLN E 142 8.06 -66.39 -8.83
CA GLN E 142 6.99 -65.43 -8.99
C GLN E 142 6.72 -64.68 -7.69
N ASP E 143 6.25 -63.45 -7.81
CA ASP E 143 5.83 -62.67 -6.65
C ASP E 143 4.35 -62.93 -6.40
N LYS E 144 3.72 -62.10 -5.55
CA LYS E 144 2.31 -62.30 -5.23
C LYS E 144 1.39 -62.09 -6.42
N PHE E 145 1.87 -61.46 -7.49
CA PHE E 145 1.08 -61.27 -8.70
C PHE E 145 1.45 -62.24 -9.80
N GLY E 146 2.31 -63.22 -9.51
CA GLY E 146 2.66 -64.23 -10.48
C GLY E 146 3.52 -63.70 -11.61
N LYS E 147 4.63 -63.05 -11.27
CA LYS E 147 5.48 -62.41 -12.26
C LYS E 147 6.94 -62.63 -11.90
N THR E 148 7.75 -62.99 -12.90
CA THR E 148 9.15 -63.30 -12.74
C THR E 148 10.00 -62.08 -13.07
N ALA E 149 11.32 -62.23 -12.96
CA ALA E 149 12.22 -61.16 -13.38
C ALA E 149 12.13 -60.93 -14.89
N PHE E 150 11.93 -62.00 -15.66
CA PHE E 150 11.76 -61.85 -17.11
C PHE E 150 10.53 -61.02 -17.43
N ASP E 151 9.43 -61.23 -16.68
CA ASP E 151 8.25 -60.38 -16.84
C ASP E 151 8.59 -58.92 -16.57
N ILE E 152 9.47 -58.65 -15.60
CA ILE E 152 9.76 -57.28 -15.21
C ILE E 152 10.47 -56.53 -16.35
N SER E 153 11.48 -57.18 -16.95
CA SER E 153 12.33 -56.54 -17.97
C SER E 153 11.63 -56.44 -19.32
N ILE E 154 10.72 -57.37 -19.63
CA ILE E 154 9.91 -57.24 -20.84
C ILE E 154 9.03 -55.99 -20.77
N ASN E 155 8.36 -55.79 -19.63
CA ASN E 155 7.53 -54.60 -19.50
C ASN E 155 8.38 -53.35 -19.32
N ASN E 156 9.53 -53.47 -18.65
CA ASN E 156 10.44 -52.34 -18.57
C ASN E 156 11.05 -52.04 -19.93
N GLY E 157 11.18 -53.06 -20.79
CA GLY E 157 11.82 -52.90 -22.06
C GLY E 157 13.32 -53.14 -22.07
N ASN E 158 13.89 -53.63 -20.98
CA ASN E 158 15.34 -53.82 -20.89
C ASN E 158 15.71 -55.06 -21.70
N GLU E 159 16.19 -54.83 -22.92
CA GLU E 159 16.47 -55.96 -23.81
C GLU E 159 17.65 -56.79 -23.36
N ASP E 160 18.70 -56.15 -22.81
CA ASP E 160 19.92 -56.88 -22.51
C ASP E 160 19.83 -57.63 -21.18
N LEU E 161 18.80 -57.35 -20.38
CA LEU E 161 18.52 -58.21 -19.22
C LEU E 161 17.68 -59.42 -19.58
N ALA E 162 16.68 -59.25 -20.46
CA ALA E 162 15.96 -60.41 -20.99
C ALA E 162 16.92 -61.31 -21.77
N GLU E 163 17.94 -60.71 -22.39
CA GLU E 163 19.08 -61.45 -22.91
C GLU E 163 19.64 -62.41 -21.87
N ILE E 164 19.88 -61.92 -20.65
CA ILE E 164 20.61 -62.71 -19.66
C ILE E 164 19.73 -63.78 -19.02
N LEU E 165 18.42 -63.56 -18.95
CA LEU E 165 17.53 -64.51 -18.28
C LEU E 165 16.79 -65.39 -19.28
C1B LMT F . -1.62 9.05 26.27
C2B LMT F . -1.95 9.93 27.48
C3B LMT F . -3.44 10.22 27.57
C4B LMT F . -4.15 8.88 27.72
C5B LMT F . -3.54 7.87 26.75
C6B LMT F . -4.58 6.91 26.18
O1B LMT F . -0.83 7.90 26.60
O2B LMT F . -1.65 9.25 28.70
O3B LMT F . -3.90 10.93 26.41
O4' LMT F . -3.95 8.40 29.06
O5B LMT F . -2.85 8.58 25.71
O6B LMT F . -4.52 5.69 26.94
C1' LMT F . 3.31 8.01 27.52
C2' LMT F . 2.27 8.46 28.55
C3' LMT F . 0.94 7.82 28.26
C4' LMT F . 0.56 8.19 26.83
C5' LMT F . 1.54 7.34 26.03
C6' LMT F . 1.23 7.19 24.54
O1' LMT F . 4.38 8.95 27.54
O2' LMT F . 2.67 8.09 29.87
O3' LMT F . 0.00 8.23 29.24
O5' LMT F . 2.82 7.94 26.17
O6' LMT F . 2.21 6.32 23.97
C1 LMT F . 5.34 8.58 26.58
C2 LMT F . 6.26 7.56 27.23
C3 LMT F . 7.71 7.96 27.03
C4 LMT F . 7.89 9.41 27.46
C5 LMT F . 9.31 9.63 27.95
C6 LMT F . 9.34 10.74 28.99
C7 LMT F . 9.60 12.10 28.34
C8 LMT F . 9.57 13.20 29.40
C9 LMT F . 10.97 13.72 29.72
C10 LMT F . 10.88 14.99 30.56
C11 LMT F . 12.10 15.88 30.35
C12 LMT F . 12.07 17.04 31.32
C1 EDO G . -13.86 -22.23 6.60
O1 EDO G . -13.43 -23.34 5.79
C2 EDO G . -14.48 -22.76 7.89
O2 EDO G . -13.51 -23.51 8.63
C1B LMT H . 8.51 47.90 20.40
C2B LMT H . 7.49 48.98 20.75
C3B LMT H . 7.21 49.71 19.45
C4B LMT H . 8.48 50.42 19.04
C5B LMT H . 9.62 49.41 18.87
C6B LMT H . 10.94 50.16 18.63
O1B LMT H . 7.95 47.15 19.32
O2B LMT H . 6.28 48.41 21.27
O3B LMT H . 6.10 50.62 19.59
O4' LMT H . 8.29 51.12 17.80
O5B LMT H . 9.73 48.54 20.01
O6B LMT H . 12.02 49.46 19.25
C1' LMT H . 6.19 43.47 19.18
C2' LMT H . 6.89 43.72 20.51
C3' LMT H . 7.30 45.19 20.65
C4' LMT H . 8.01 45.73 19.39
C5' LMT H . 7.35 45.22 18.11
C6' LMT H . 8.20 45.60 16.91
O1' LMT H . 5.75 42.12 19.08
O2' LMT H . 6.04 43.35 21.61
O3' LMT H . 8.16 45.29 21.79
O5' LMT H . 7.11 43.80 18.14
O6' LMT H . 8.29 47.02 16.86
C1 LMT H . 5.28 41.79 17.77
C2 LMT H . 4.17 40.74 17.88
C3 LMT H . 4.51 39.65 18.88
C4 LMT H . 3.46 38.55 18.89
C5 LMT H . 4.02 37.27 19.54
C6 LMT H . 3.08 36.09 19.39
C7 LMT H . 3.73 34.82 19.93
C8 LMT H . 4.28 33.94 18.80
C9 LMT H . 5.53 33.19 19.25
C10 LMT H . 5.88 32.05 18.31
C11 LMT H . 7.32 31.57 18.53
C12 LMT H . 7.54 30.18 17.98
C1 EDO I . -3.27 -22.75 5.81
O1 EDO I . -4.22 -21.68 5.61
C2 EDO I . -2.05 -22.20 6.53
O2 EDO I . -1.16 -23.28 6.83
C1 GOL J . 8.51 -37.74 11.12
O1 GOL J . 8.43 -36.34 11.23
C2 GOL J . 7.58 -38.18 9.97
O2 GOL J . 7.64 -39.55 9.77
C3 GOL J . 6.15 -37.72 10.36
O3 GOL J . 6.16 -36.34 10.47
C1 EDO K . 55.43 37.33 21.83
O1 EDO K . 54.05 37.39 21.41
C2 EDO K . 55.49 36.71 23.22
O2 EDO K . 55.62 37.76 24.19
H11 EDO K . 55.86 38.33 21.83
H12 EDO K . 56.00 36.72 21.11
HO1 EDO K . 53.96 38.00 20.66
H21 EDO K . 56.35 36.04 23.28
H22 EDO K . 54.59 36.13 23.40
HO2 EDO K . 54.75 38.14 24.37
C1 D10 L . 23.81 21.03 10.14
C2 D10 L . 23.19 19.65 10.25
C3 D10 L . 21.68 19.66 10.10
C4 D10 L . 21.05 18.28 10.15
C5 D10 L . 20.75 17.75 11.53
C6 D10 L . 19.37 18.06 12.07
C7 D10 L . 19.15 19.52 12.40
C8 D10 L . 17.90 19.85 13.19
C9 D10 L . 17.88 21.33 13.48
C10 D10 L . 16.81 21.84 14.40
H11 D10 L . 23.47 21.60 10.84
H12 D10 L . 23.60 21.41 9.26
H13 D10 L . 24.78 20.95 10.22
H21 D10 L . 23.57 19.07 9.55
H22 D10 L . 23.42 19.27 11.12
H31 D10 L . 21.31 20.21 10.83
H32 D10 L . 21.45 20.09 9.25
H41 D10 L . 21.64 17.66 9.69
H42 D10 L . 20.21 18.32 9.65
H51 D10 L . 21.42 18.10 12.16
H52 D10 L . 20.86 16.77 11.51
H61 D10 L . 19.22 17.54 12.90
H62 D10 L . 18.70 17.78 11.42
H71 D10 L . 19.92 19.85 12.91
H72 D10 L . 19.11 20.02 11.55
H81 D10 L . 17.89 19.33 14.03
H82 D10 L . 17.10 19.59 12.69
H91 D10 L . 17.80 21.80 12.63
H92 D10 L . 18.75 21.56 13.87
H101 D10 L . 16.90 22.80 14.52
H102 D10 L . 16.89 21.41 15.27
H103 D10 L . 15.94 21.65 14.02
C1 EDO M . 34.70 28.91 59.34
O1 EDO M . 34.21 27.58 59.53
C2 EDO M . 33.53 29.87 59.16
O2 EDO M . 32.75 29.94 60.37
H11 EDO M . 35.35 28.95 58.47
H12 EDO M . 35.29 29.21 60.21
HO1 EDO M . 34.95 26.97 59.60
H21 EDO M . 32.90 29.52 58.34
H22 EDO M . 33.90 30.87 58.90
HO2 EDO M . 31.92 30.40 60.19
C1 EDO N . 15.23 -43.07 29.88
O1 EDO N . 14.19 -42.88 28.90
C2 EDO N . 15.24 -41.89 30.86
O2 EDO N . 13.90 -41.59 31.28
H11 EDO N . 16.20 -43.15 29.40
H12 EDO N . 15.05 -43.99 30.43
HO1 EDO N . 14.21 -43.63 28.28
H21 EDO N . 15.68 -41.01 30.39
H22 EDO N . 15.84 -42.14 31.74
HO2 EDO N . 13.62 -42.22 31.96
C1 EDO O . 59.93 25.35 37.09
O1 EDO O . 59.79 23.96 37.40
C2 EDO O . 59.10 26.18 38.08
O2 EDO O . 59.35 27.57 37.79
H11 EDO O . 60.98 25.65 37.14
H12 EDO O . 59.57 25.53 36.08
HO1 EDO O . 60.26 23.43 36.74
H21 EDO O . 59.39 25.95 39.10
H22 EDO O . 58.04 25.97 37.97
HO2 EDO O . 58.88 27.83 36.99
C1B LMT P . 34.25 37.33 14.67
C2B LMT P . 35.60 38.01 14.48
C3B LMT P . 35.41 39.52 14.64
C4B LMT P . 34.02 39.90 14.15
C5B LMT P . 32.97 39.29 15.06
C6B LMT P . 31.69 39.00 14.29
O1B LMT P . 34.44 35.96 15.05
O2B LMT P . 36.57 37.54 15.42
O3B LMT P . 36.41 40.24 13.90
O4' LMT P . 33.87 41.33 14.12
O5B LMT P . 33.48 38.07 15.62
O6B LMT P . 31.14 40.21 13.75
C1' LMT P . 31.24 33.52 13.61
C2' LMT P . 30.85 34.86 14.24
C3' LMT P . 31.99 35.76 14.71
C4' LMT P . 33.35 35.06 14.80
C5' LMT P . 33.57 34.30 13.51
C6' LMT P . 34.99 33.75 13.39
O1' LMT P . 30.63 32.46 14.35
O2' LMT P . 30.07 35.59 13.28
O3' LMT P . 31.66 36.32 16.00
O5' LMT P . 32.65 33.20 13.52
O6' LMT P . 35.93 34.78 13.72
C1 LMT P . 30.72 31.24 13.63
C2 LMT P . 31.92 30.44 14.15
C3 LMT P . 32.78 29.96 12.99
C4 LMT P . 32.38 28.55 12.60
C5 LMT P . 31.43 28.52 11.42
C6 LMT P . 32.06 27.67 10.32
C7 LMT P . 31.00 26.91 9.52
C8 LMT P . 30.71 27.60 8.20
C9 LMT P . 30.31 26.58 7.13
C10 LMT P . 29.42 27.23 6.08
C11 LMT P . 29.57 26.51 4.74
C12 LMT P . 28.27 26.47 3.97
C1B LMT Q . -7.53 13.37 25.54
C2B LMT Q . -7.40 13.12 27.05
C3B LMT Q . -8.42 12.16 27.71
C4B LMT Q . -9.14 11.22 26.73
C5B LMT Q . -8.38 11.19 25.42
C6B LMT Q . -8.94 10.19 24.43
O1B LMT Q . -6.27 13.21 24.88
O2B LMT Q . -6.07 12.66 27.33
O3B LMT Q . -9.40 12.92 28.43
O4' LMT Q . -9.23 9.90 27.28
O5B LMT Q . -8.48 12.51 24.90
O6B LMT Q . -7.96 9.94 23.41
C1' LMT Q . -4.66 15.68 21.84
C2' LMT Q . -4.29 15.95 23.29
C3' LMT Q . -4.58 14.78 24.22
C4' LMT Q . -5.99 14.28 23.97
C5' LMT Q . -6.05 13.86 22.50
C6' LMT Q . -7.30 13.08 22.14
O1' LMT Q . -4.62 16.91 21.11
O2' LMT Q . -2.88 16.24 23.34
O3' LMT Q . -4.44 15.17 25.59
O5' LMT Q . -5.95 15.05 21.71
O6' LMT Q . -7.07 12.29 20.97
C1 LMT Q . -3.68 16.85 20.03
C2 LMT Q . -3.83 18.09 19.15
C3 LMT Q . -2.80 19.18 19.43
C4 LMT Q . -3.28 20.52 18.87
C5 LMT Q . -2.17 21.57 18.78
C6 LMT Q . -2.75 22.92 18.35
C7 LMT Q . -1.67 23.96 18.10
C8 LMT Q . -2.29 25.35 18.04
C9 LMT Q . -1.29 26.42 17.61
C10 LMT Q . -1.98 27.76 17.42
C11 LMT Q . -1.31 28.63 16.36
C12 LMT Q . -0.05 29.29 16.87
C1 FUA R . 3.82 14.29 29.51
C2 FUA R . 3.34 15.58 28.85
C3 FUA R . 2.88 16.58 29.90
C4 FUA R . 4.01 16.88 30.87
C5 FUA R . 4.46 15.58 31.54
C6 FUA R . 5.50 15.78 32.65
C7 FUA R . 6.07 14.49 33.22
C8 FUA R . 5.40 13.21 32.71
C9 FUA R . 5.41 13.24 31.17
C10 FUA R . 4.93 14.56 30.52
C11 FUA R . 4.85 11.96 30.51
C12 FUA R . 5.70 10.81 31.00
C13 FUA R . 5.51 10.75 32.51
C14 FUA R . 6.18 11.96 33.11
C15 FUA R . 6.22 11.67 34.61
C16 FUA R . 6.46 10.16 34.71
C17 FUA R . 6.07 9.62 33.35
C18 FUA R . 3.62 17.93 31.90
C19 FUA R . 6.12 15.15 29.76
C20 FUA R . 4.03 13.02 33.39
C21 FUA R . 7.60 12.07 32.57
C22 FUA R . 6.23 8.32 33.03
C23 FUA R . 5.84 7.72 31.69
C24 FUA R . 6.57 6.42 31.39
C25 FUA R . 5.91 5.85 30.16
C26 FUA R . 6.43 4.83 29.46
C27 FUA R . 5.69 4.34 28.25
C28 FUA R . 7.71 4.19 29.89
C29 FUA R . 6.78 7.39 34.00
C31 FUA R . 8.12 9.76 36.44
C32 FUA R . 7.29 10.46 37.49
O1 FUA R . 3.47 11.69 30.83
O2 FUA R . 7.85 9.94 35.03
O3 FUA R . 9.05 9.03 36.75
O4 FUA R . 6.01 6.60 34.58
O5 FUA R . 8.02 7.39 34.19
O6 FUA R . 1.77 16.03 30.61
C1 EDO S . -3.31 -19.21 -35.95
O1 EDO S . -3.94 -18.70 -37.14
C2 EDO S . -1.94 -18.56 -35.77
O2 EDO S . -2.14 -17.15 -35.51
C1 GOL T . -23.57 2.36 -3.94
O1 GOL T . -22.81 3.43 -3.46
C2 GOL T . -24.88 2.37 -3.13
O2 GOL T . -25.41 1.10 -2.94
C3 GOL T . -24.52 3.06 -1.79
O3 GOL T . -24.19 4.38 -2.11
C1 EDO U . -40.60 -4.65 16.90
O1 EDO U . -40.48 -3.46 16.12
C2 EDO U . -40.69 -4.27 18.37
O2 EDO U . -41.16 -5.37 19.14
C1 PGE V . -34.89 4.73 10.19
O1 PGE V . -35.94 3.93 10.74
C2 PGE V . -35.48 5.99 9.61
O2 PGE V . -34.62 7.08 9.93
C3 PGE V . -35.30 8.27 10.28
C4 PGE V . -34.36 9.21 11.00
O4 PGE V . -33.65 8.12 14.91
C6 PGE V . -32.56 8.56 14.14
C5 PGE V . -33.06 9.40 12.97
O3 PGE V . -34.08 8.71 12.29
C1 EDO W . -36.23 -26.12 -36.81
O1 EDO W . -36.64 -27.46 -36.51
C2 EDO W . -37.44 -25.34 -37.35
O2 EDO W . -37.07 -23.97 -37.51
H11 EDO W . -35.85 -25.63 -35.91
H12 EDO W . -35.44 -26.12 -37.56
HO1 EDO W . -36.24 -27.74 -35.68
H21 EDO W . -38.27 -25.43 -36.64
H22 EDO W . -37.76 -25.77 -38.30
HO2 EDO W . -37.88 -23.42 -37.53
C1 EDO X . -17.85 -5.85 19.35
O1 EDO X . -17.25 -4.59 19.04
C2 EDO X . -17.24 -6.39 20.65
O2 EDO X . -17.55 -7.77 20.84
H11 EDO X . -17.68 -6.56 18.54
H12 EDO X . -18.93 -5.73 19.46
HO1 EDO X . -17.86 -4.05 18.51
H21 EDO X . -16.15 -6.25 20.62
H22 EDO X . -17.62 -5.80 21.50
HO2 EDO X . -18.47 -7.93 20.58
C1 D10 Y . 12.93 43.53 5.91
C2 D10 Y . 12.67 43.14 4.49
C3 D10 Y . 11.71 41.98 4.36
C4 D10 Y . 11.42 41.59 2.93
C5 D10 Y . 10.51 40.38 2.79
C6 D10 Y . 10.22 40.06 1.34
C7 D10 Y . 9.40 38.81 1.11
C8 D10 Y . 7.99 38.88 1.59
C9 D10 Y . 7.19 37.67 1.14
C10 D10 Y . 5.79 37.60 1.65
H11 D10 Y . 13.55 44.27 5.95
H12 D10 Y . 13.32 42.77 6.40
H13 D10 Y . 12.10 43.78 6.35
H21 D10 Y . 13.51 42.91 4.05
H22 D10 Y . 12.29 43.92 4.01
H31 D10 Y . 10.86 42.22 4.79
H32 D10 Y . 12.08 41.21 4.83
H41 D10 Y . 12.27 41.38 2.49
H42 D10 Y . 11.00 42.34 2.48
H51 D10 Y . 9.67 40.55 3.24
H52 D10 Y . 10.93 39.60 3.20
H61 D10 Y . 9.74 40.81 0.94
H62 D10 Y . 11.07 39.96 0.87
H71 D10 Y . 9.41 38.62 0.15
H72 D10 Y . 9.85 38.06 1.56
H81 D10 Y . 7.97 38.94 2.57
H82 D10 Y . 7.55 39.69 1.24
H91 D10 Y . 7.69 36.87 1.44
H92 D10 Y . 7.17 37.66 0.16
H101 D10 Y . 5.36 36.79 1.33
H102 D10 Y . 5.29 38.38 1.34
H103 D10 Y . 5.79 37.59 2.63
C1 8K6 Z . -22.64 26.06 -17.62
C2 8K6 Z . -21.13 26.06 -17.52
C3 8K6 Z . -20.59 25.92 -16.11
C4 8K6 Z . -19.10 26.17 -16.00
C5 8K6 Z . -18.54 26.06 -14.59
C6 8K6 Z . -17.26 26.84 -14.39
C7 8K6 Z . -16.37 26.26 -13.31
C8 8K6 Z . -15.46 27.27 -12.62
C9 8K6 Z . -14.56 26.67 -11.56
C10 8K6 Z . -13.94 27.68 -10.62
C11 8K6 Z . -14.93 28.47 -9.80
C12 8K6 Z . -14.32 29.21 -8.62
C13 8K6 Z . -14.85 30.62 -8.42
C14 8K6 Z . -14.02 31.44 -7.44
C15 8K6 Z . -14.34 32.93 -7.45
C16 8K6 Z . -13.38 33.76 -6.64
C17 8K6 Z . -13.64 35.26 -6.70
C18 8K6 Z . -12.57 36.08 -6.00
S SO4 AA . -12.49 -5.49 15.19
O1 SO4 AA . -12.97 -5.33 13.82
O2 SO4 AA . -13.32 -4.71 16.10
O3 SO4 AA . -12.55 -6.90 15.57
O4 SO4 AA . -11.11 -5.01 15.28
S SO4 BA . -10.83 16.61 0.13
O1 SO4 BA . -10.28 17.14 -1.11
O2 SO4 BA . -10.68 17.60 1.19
O3 SO4 BA . -12.25 16.29 -0.08
O4 SO4 BA . -10.12 15.40 0.50
S SO4 CA . -9.82 62.84 -5.21
O1 SO4 CA . -9.67 64.23 -5.66
O2 SO4 CA . -11.23 62.59 -4.87
O3 SO4 CA . -9.39 61.94 -6.27
O4 SO4 CA . -9.00 62.62 -4.02
S SO4 DA . -29.19 -19.64 15.29
O1 SO4 DA . -28.38 -18.43 15.33
O2 SO4 DA . -30.31 -19.53 16.23
O3 SO4 DA . -29.70 -19.81 13.93
O4 SO4 DA . -28.34 -20.78 15.64
C1 FUA EA . -14.26 34.83 29.84
C2 FUA EA . -14.74 35.17 31.25
C3 FUA EA . -16.26 35.17 31.33
C4 FUA EA . -16.87 33.89 30.77
C5 FUA EA . -16.31 33.52 29.40
C6 FUA EA . -16.93 32.23 28.87
C7 FUA EA . -16.28 31.68 27.60
C8 FUA EA . -15.18 32.56 27.02
C9 FUA EA . -14.18 32.97 28.11
C10 FUA EA . -14.78 33.47 29.43
C11 FUA EA . -12.99 33.80 27.59
C12 FUA EA . -12.27 32.99 26.52
C13 FUA EA . -13.28 32.63 25.42
C14 FUA EA . -14.38 31.76 26.01
C15 FUA EA . -15.14 31.21 24.81
C16 FUA EA . -14.08 31.00 23.73
C17 FUA EA . -12.89 31.83 24.19
C18 FUA EA . -18.39 33.98 30.70
C19 FUA EA . -14.36 32.49 30.53
C20 FUA EA . -15.82 33.71 26.22
C21 FUA EA . -13.75 30.58 26.75
C22 FUA EA . -11.71 31.81 23.53
C23 FUA EA . -10.50 32.64 23.92
C24 FUA EA . -10.84 34.04 23.41
C25 FUA EA . -9.75 35.04 23.67
C26 FUA EA . -9.51 35.99 22.74
C27 FUA EA . -10.34 36.02 21.48
C28 FUA EA . -8.45 37.02 22.95
C29 FUA EA . -11.53 30.98 22.34
C31 FUA EA . -14.46 29.12 22.38
C32 FUA EA . -15.66 28.23 22.45
O1 FUA EA . -13.36 35.08 27.05
O2 FUA EA . -13.82 29.60 23.59
O3 FUA EA . -14.00 29.48 21.31
O4 FUA EA . -11.97 31.38 21.24
O5 FUA EA . -10.91 29.91 22.46
O6 FUA EA . -16.80 36.31 30.64
C1 FUA FA . -14.37 31.42 -13.48
C2 FUA FA . -13.13 31.39 -14.40
C3 FUA FA . -11.84 31.79 -13.69
C4 FUA FA . -12.00 33.15 -12.99
C5 FUA FA . -13.44 33.65 -13.15
C6 FUA FA . -13.72 35.05 -12.59
C7 FUA FA . -15.12 35.55 -12.97
C8 FUA FA . -16.19 34.45 -13.03
C9 FUA FA . -15.74 33.22 -12.20
C10 FUA FA . -14.36 32.62 -12.53
C11 FUA FA . -16.82 32.15 -12.00
C12 FUA FA . -17.97 32.84 -11.28
C13 FUA FA . -18.52 33.85 -12.29
C14 FUA FA . -17.49 34.98 -12.44
C15 FUA FA . -18.28 36.04 -13.21
C16 FUA FA . -19.73 35.97 -12.69
C17 FUA FA . -19.81 34.59 -12.06
C18 FUA FA . -10.96 34.16 -13.45
C19 FUA FA . -13.82 32.18 -11.18
C20 FUA FA . -16.40 34.08 -14.50
C21 FUA FA . -17.19 35.52 -11.04
C22 FUA FA . -20.95 34.12 -11.44
C23 FUA FA . -21.06 32.76 -10.79
C24 FUA FA . -21.47 31.62 -11.72
C25 FUA FA . -20.69 30.37 -11.36
C26 FUA FA . -20.81 29.70 -10.19
C27 FUA FA . -21.69 30.16 -9.07
C28 FUA FA . -19.97 28.47 -9.99
C29 FUA FA . -22.16 34.92 -11.29
C31 FUA FA . -21.12 37.85 -11.97
C32 FUA FA . -21.56 38.23 -13.36
O1 FUA FA . -17.30 31.57 -13.22
O2 FUA FA . -19.93 37.02 -11.76
O3 FUA FA . -21.74 38.22 -10.99
O4 FUA FA . -22.42 35.38 -10.15
O5 FUA FA . -22.93 35.08 -12.26
O6 FUA FA . -10.74 31.84 -14.61
C1 FUA GA . -22.88 36.18 9.46
C2 FUA GA . -22.32 35.43 10.68
C3 FUA GA . -22.19 36.33 11.90
C4 FUA GA . -21.22 37.47 11.61
C5 FUA GA . -21.08 37.74 10.12
C6 FUA GA . -20.41 39.08 9.86
C7 FUA GA . -20.00 39.23 8.40
C8 FUA GA . -20.96 38.58 7.40
C9 FUA GA . -22.34 38.22 8.00
C10 FUA GA . -22.43 37.64 9.42
C11 FUA GA . -23.35 37.53 7.07
C12 FUA GA . -23.67 38.60 6.05
C13 FUA GA . -22.34 38.96 5.36
C14 FUA GA . -21.37 39.60 6.36
C15 FUA GA . -20.27 40.18 5.49
C16 FUA GA . -21.03 40.74 4.29
C17 FUA GA . -22.32 39.95 4.22
C18 FUA GA . -19.82 37.24 12.17
C19 FUA GA . -23.47 38.57 10.05
C20 FUA GA . -20.22 37.44 6.71
C21 FUA GA . -22.05 40.74 7.09
C22 FUA GA . -23.26 40.13 3.25
C23 FUA GA . -24.57 39.36 3.13
C24 FUA GA . -24.52 38.18 2.16
C25 FUA GA . -24.27 36.89 2.89
C26 FUA GA . -25.06 35.81 2.74
C27 FUA GA . -24.76 34.55 3.49
C28 FUA GA . -26.25 35.87 1.82
C29 FUA GA . -23.06 41.13 2.19
C31 FUA GA . -20.10 42.96 4.13
C32 FUA GA . -20.21 43.79 2.88
O1 FUA GA . -22.90 36.32 6.45
O2 FUA GA . -21.24 42.14 4.51
O3 FUA GA . -19.09 42.97 4.81
O4 FUA GA . -22.82 42.33 2.44
O5 FUA GA . -23.20 40.73 1.02
O6 FUA GA . -21.80 35.58 13.07
C1 EDO HA . -34.85 -14.96 -5.47
O1 EDO HA . -34.31 -14.44 -6.69
C2 EDO HA . -36.01 -15.88 -5.82
O2 EDO HA . -36.81 -15.28 -6.86
H11 EDO HA . -35.20 -14.13 -4.84
H12 EDO HA . -34.08 -15.50 -4.92
HO1 EDO HA . -33.42 -14.80 -6.83
H21 EDO HA . -36.63 -16.05 -4.94
H22 EDO HA . -35.63 -16.85 -6.16
HO2 EDO HA . -37.27 -15.98 -7.36
C1 EDO IA . -19.77 -19.26 -18.95
O1 EDO IA . -18.54 -20.01 -18.99
C2 EDO IA . -19.75 -18.27 -17.79
O2 EDO IA . -19.89 -18.97 -16.55
C1B LMT JA . 33.99 4.10 -6.53
C2B LMT JA . 33.19 3.66 -5.28
C3B LMT JA . 33.73 4.19 -3.96
C4B LMT JA . 35.23 3.96 -3.91
C5B LMT JA . 35.86 4.72 -5.08
C6B LMT JA . 37.38 4.66 -5.00
O1B LMT JA . 33.50 5.34 -7.05
O2B LMT JA . 31.82 4.07 -5.43
O3B LMT JA . 33.10 3.51 -2.88
O4' LMT JA . 35.77 4.42 -2.65
O5B LMT JA . 35.41 4.14 -6.30
O6B LMT JA . 37.84 4.94 -3.68
C1' LMT JA . 31.37 6.90 -10.08
C2' LMT JA . 30.65 5.73 -9.45
C3' LMT JA . 31.35 5.41 -8.13
C4' LMT JA . 32.86 5.18 -8.33
C5' LMT JA . 33.50 6.14 -9.35
C6' LMT JA . 34.79 5.53 -9.91
O1' LMT JA . 30.70 7.42 -11.23
O2' LMT JA . 29.26 6.03 -9.21
O3' LMT JA . 30.76 4.25 -7.53
O5' LMT JA . 32.66 6.44 -10.47
O6' LMT JA . 34.63 5.29 -11.32
C1 LMT JA . 31.06 8.80 -11.42
C2 LMT JA . 31.51 9.04 -12.85
C3 LMT JA . 30.55 9.94 -13.62
C4 LMT JA . 30.57 11.37 -13.10
C5 LMT JA . 31.80 12.13 -13.58
C6 LMT JA . 31.64 13.63 -13.40
C7 LMT JA . 32.88 14.37 -13.89
C8 LMT JA . 32.76 15.87 -13.61
C9 LMT JA . 34.11 16.58 -13.63
C10 LMT JA . 33.97 17.99 -13.04
C11 LMT JA . 35.19 18.40 -12.22
C12 LMT JA . 34.87 19.59 -11.34
C1 PTY KA . 7.32 55.41 -12.31
C2 PTY KA . 11.11 54.80 -9.19
C3 PTY KA . 11.77 55.03 -10.54
O4 PTY KA . 6.30 54.87 -11.47
C5 PTY KA . 8.80 54.83 -14.23
C6 PTY KA . 7.41 54.61 -13.60
O7 PTY KA . 6.40 55.06 -14.49
C8 PTY KA . 6.00 54.00 -15.39
O10 PTY KA . 6.73 53.72 -16.33
C11 PTY KA . 4.70 53.27 -15.16
C12 PTY KA . 4.82 51.88 -15.79
C13 PTY KA . 4.06 50.83 -14.97
C14 PTY KA . 3.25 49.93 -15.89
C15 PTY KA . 2.55 48.82 -15.12
C16 PTY KA . 3.19 47.47 -15.43
C17 PTY KA . 2.20 46.33 -15.22
C18 PTY KA . 2.88 45.00 -15.54
C19 PTY KA . 2.01 43.80 -15.17
C20 PTY KA . 2.85 42.52 -15.15
C21 PTY KA . 2.00 41.29 -14.86
C22 PTY KA . 1.18 40.89 -16.07
C23 PTY KA . 0.30 39.67 -15.79
C24 PTY KA . -0.49 39.26 -17.03
C25 PTY KA . -1.11 37.87 -16.87
C26 PTY KA . -1.73 37.40 -18.19
C27 PTY KA . -1.85 35.88 -18.25
C28 PTY KA . -0.50 35.22 -18.49
C29 PTY KA . -0.65 33.81 -19.03
C30 PTY KA . 6.16 55.36 -10.11
C31 PTY KA . 6.50 54.44 -8.95
O30 PTY KA . 5.76 56.50 -9.91
C32 PTY KA . 5.51 54.60 -7.80
C33 PTY KA . 4.13 54.09 -8.20
C34 PTY KA . 4.24 52.84 -9.06
C35 PTY KA . 3.63 53.07 -10.44
C36 PTY KA . 2.22 52.48 -10.52
C37 PTY KA . 2.24 50.96 -10.47
C38 PTY KA . 1.03 50.38 -11.20
C39 PTY KA . 1.06 48.85 -11.19
C40 PTY KA . -0.25 48.28 -11.72
C41 PTY KA . -0.24 46.76 -11.65
C42 PTY KA . -1.65 46.20 -11.83
C43 PTY KA . -1.67 44.69 -11.60
C44 PTY KA . -1.55 43.94 -12.90
P1 PTY KA . 11.16 54.57 -13.09
O11 PTY KA . 11.19 54.16 -11.52
O12 PTY KA . 12.28 53.82 -13.78
O13 PTY KA . 11.10 56.08 -13.19
O14 PTY KA . 9.76 53.97 -13.62
N1 PTY KA . 12.03 55.13 -8.11
C1 EDO LA . -9.53 6.89 -21.37
O1 EDO LA . -9.07 8.22 -21.62
C2 EDO LA . -10.97 6.75 -21.87
O2 EDO LA . -11.47 5.43 -21.57
C1B LMT MA . 12.89 13.37 -1.87
C2B LMT MA . 12.02 13.01 -3.09
C3B LMT MA . 11.95 14.11 -4.15
C4B LMT MA . 11.80 15.50 -3.51
C5B LMT MA . 12.78 15.69 -2.37
C6B LMT MA . 12.64 17.07 -1.75
O1B LMT MA . 14.29 13.28 -2.16
O2B LMT MA . 12.52 11.82 -3.71
O3B LMT MA . 10.81 13.87 -4.98
O4' LMT MA . 12.03 16.51 -4.50
O5B LMT MA . 12.57 14.68 -1.38
O6B LMT MA . 13.75 17.34 -0.89
C1' LMT MA . 17.35 10.62 -1.28
C2' LMT MA . 16.13 10.03 -1.99
C3' LMT MA . 15.25 11.12 -2.55
C4' LMT MA . 14.92 12.18 -1.50
C5' LMT MA . 16.16 12.64 -0.74
C6' LMT MA . 15.80 13.48 0.49
O1' LMT MA . 18.10 9.55 -0.70
O2' LMT MA . 16.58 9.18 -3.06
O3' LMT MA . 14.05 10.52 -3.04
O5' LMT MA . 16.92 11.53 -0.26
O6' LMT MA . 14.87 14.52 0.15
C1 LMT MA . 19.24 10.05 0.00
C2 LMT MA . 20.49 9.43 -0.59
C3 LMT MA . 21.73 10.13 -0.04
C4 LMT MA . 21.35 11.49 0.53
C5 LMT MA . 22.51 12.10 1.31
C6 LMT MA . 23.52 12.77 0.38
C7 LMT MA . 24.94 12.30 0.66
C8 LMT MA . 25.94 13.43 0.45
C9 LMT MA . 25.27 14.78 0.75
C10 LMT MA . 26.24 15.77 1.37
C11 LMT MA . 27.53 15.08 1.80
C12 LMT MA . 28.15 15.76 2.99
C1B LMT NA . 27.56 59.09 -37.49
C2B LMT NA . 28.09 60.37 -36.87
C3B LMT NA . 27.02 60.97 -35.97
C4B LMT NA . 25.76 61.23 -36.79
C5B LMT NA . 25.32 59.97 -37.53
C6B LMT NA . 24.17 60.26 -38.48
O1B LMT NA . 27.22 58.16 -36.46
O2B LMT NA . 29.29 60.11 -36.12
O3B LMT NA . 27.49 62.18 -35.38
O4' LMT NA . 24.72 61.68 -35.93
O5B LMT NA . 26.41 59.39 -38.27
O6B LMT NA . 23.51 61.47 -38.10
C1' LMT NA . 27.60 54.03 -36.10
C2' LMT NA . 28.79 54.78 -36.68
C3' LMT NA . 28.68 56.24 -36.26
C4' LMT NA . 27.38 56.79 -36.83
C5' LMT NA . 26.23 55.96 -36.28
C6' LMT NA . 24.86 56.48 -36.72
O1' LMT NA . 27.70 52.64 -36.39
O2' LMT NA . 30.04 54.23 -36.24
O3' LMT NA . 29.82 56.96 -36.73
O5' LMT NA . 26.40 54.57 -36.63
O6' LMT NA . 24.56 56.09 -38.06
C1 LMT NA . 26.47 51.94 -36.19
C2 LMT NA . 26.77 50.46 -35.94
C3 LMT NA . 25.57 49.59 -36.29
C4 LMT NA . 25.70 49.04 -37.70
C5 LMT NA . 24.32 48.80 -38.31
C6 LMT NA . 24.39 47.86 -39.51
C7 LMT NA . 23.05 47.15 -39.68
C8 LMT NA . 22.74 46.25 -38.48
C9 LMT NA . 21.30 45.74 -38.55
C10 LMT NA . 21.22 44.22 -38.37
C11 LMT NA . 19.81 43.72 -38.65
C12 LMT NA . 19.69 42.24 -38.42
C1 PTY OA . 0.36 22.97 -13.78
C2 PTY OA . -3.34 24.23 -16.82
C3 PTY OA . -2.86 23.21 -17.85
O4 PTY OA . -0.19 21.70 -13.46
C5 PTY OA . 0.46 21.86 -16.08
C6 PTY OA . 0.55 23.17 -15.29
O7 PTY OA . 1.83 23.76 -15.49
C8 PTY OA . 1.82 25.19 -15.23
O10 PTY OA . 1.21 25.93 -15.98
C11 PTY OA . 2.58 25.71 -14.04
C12 PTY OA . 2.67 27.24 -14.13
C13 PTY OA . 4.10 27.70 -13.88
C14 PTY OA . 4.39 27.96 -12.39
C15 PTY OA . 5.74 28.64 -12.24
C16 PTY OA . 5.96 29.17 -10.83
C17 PTY OA . 7.19 30.05 -10.76
C18 PTY OA . 7.09 31.05 -9.62
C19 PTY OA . 8.45 31.66 -9.28
C20 PTY OA . 8.33 33.14 -8.92
C21 PTY OA . 9.66 33.67 -8.39
C22 PTY OA . 10.84 33.25 -9.26
C23 PTY OA . 11.93 32.57 -8.44
C24 PTY OA . 13.32 33.15 -8.71
C25 PTY OA . 13.85 33.90 -7.50
C26 PTY OA . 13.61 33.14 -6.19
C27 PTY OA . 14.89 32.50 -5.66
C28 PTY OA . 14.94 30.99 -5.89
C29 PTY OA . 16.28 30.39 -5.52
C30 PTY OA . 0.71 20.61 -13.09
C31 PTY OA . 1.83 20.83 -12.10
O30 PTY OA . 0.56 19.52 -13.60
C32 PTY OA . 1.37 21.67 -10.93
C33 PTY OA . 2.47 21.71 -9.89
C34 PTY OA . 2.43 23.02 -9.09
C35 PTY OA . 1.44 23.99 -9.72
C36 PTY OA . 2.12 25.32 -10.03
C37 PTY OA . 2.76 25.92 -8.78
C38 PTY OA . 2.51 27.43 -8.72
C39 PTY OA . 3.38 28.10 -7.67
C40 PTY OA . 3.09 29.59 -7.61
C41 PTY OA . 4.25 30.33 -6.94
C42 PTY OA . 3.76 31.17 -5.78
C43 PTY OA . 4.78 31.14 -4.65
C44 PTY OA . 6.17 31.35 -5.19
P1 PTY OA . -0.31 22.75 -18.40
O11 PTY OA . -1.60 22.67 -17.43
O12 PTY OA . -0.52 21.85 -19.59
O13 PTY OA . 0.03 24.21 -18.57
O14 PTY OA . 0.81 22.10 -17.43
N1 PTY OA . -3.45 25.53 -17.47
C1 D12 PA . 12.81 13.51 -9.76
C2 D12 PA . 11.31 13.70 -9.74
C3 D12 PA . 10.93 15.17 -9.82
C4 D12 PA . 11.35 15.91 -8.57
C5 D12 PA . 10.80 17.34 -8.59
C6 D12 PA . 11.69 18.22 -7.73
C7 D12 PA . 11.64 19.66 -8.23
C8 D12 PA . 12.98 20.13 -8.77
C9 D12 PA . 12.97 21.65 -8.87
C10 D12 PA . 14.28 22.27 -9.39
C11 D12 PA . 14.45 23.74 -9.02
C12 D12 PA . 13.16 24.54 -9.09
H11 D12 PA . 13.20 13.76 -8.81
H12 D12 PA . 13.24 14.13 -10.49
H13 D12 PA . 13.04 12.50 -9.97
H21 D12 PA . 10.90 13.26 -8.83
H22 D12 PA . 10.87 13.16 -10.59
H31 D12 PA . 11.40 15.62 -10.69
H32 D12 PA . 9.84 15.25 -9.94
H41 D12 PA . 10.97 15.39 -7.69
H42 D12 PA . 12.43 15.93 -8.50
H51 D12 PA . 10.80 17.71 -9.62
H52 D12 PA . 9.78 17.35 -8.22
H61 D12 PA . 11.35 18.18 -6.70
H62 D12 PA . 12.72 17.86 -7.76
H71 D12 PA . 10.88 19.73 -9.02
H72 D12 PA . 11.32 20.31 -7.41
H81 D12 PA . 13.79 19.81 -8.10
H82 D12 PA . 13.16 19.69 -9.76
H91 D12 PA . 12.16 21.94 -9.53
H92 D12 PA . 12.78 22.06 -7.88
H101 D12 PA . 15.12 21.69 -8.99
H102 D12 PA . 14.30 22.17 -10.48
H111 D12 PA . 14.83 23.79 -8.00
H112 D12 PA . 15.17 24.19 -9.69
H121 D12 PA . 13.39 25.57 -9.02
H122 D12 PA . 12.67 24.35 -10.01
H123 D12 PA . 12.52 24.27 -8.29
C1 HEX QA . 21.99 26.17 -2.88
C2 HEX QA . 21.22 26.10 -4.18
C3 HEX QA . 19.80 25.62 -4.03
C4 HEX QA . 19.13 25.58 -5.38
C5 HEX QA . 17.63 25.65 -5.39
C6 HEX QA . 16.97 24.29 -5.26
H11 HEX QA . 22.86 25.75 -3.00
H12 HEX QA . 21.50 25.69 -2.18
H13 HEX QA . 22.10 27.10 -2.62
H21 HEX QA . 21.70 25.50 -4.79
H22 HEX QA . 21.21 27.00 -4.58
H31 HEX QA . 19.30 26.21 -3.43
H32 HEX QA . 19.79 24.72 -3.63
H41 HEX QA . 19.40 24.74 -5.83
H42 HEX QA . 19.48 26.32 -5.91
H51 HEX QA . 17.35 26.06 -6.24
H52 HEX QA . 17.34 26.23 -4.65
H61 HEX QA . 17.65 23.60 -5.31
H62 HEX QA . 16.32 24.18 -5.97
H63 HEX QA . 16.52 24.25 -4.40
S SO4 RA . -17.41 -6.39 -35.77
O1 SO4 RA . -16.87 -5.97 -37.06
O2 SO4 RA . -18.42 -5.43 -35.34
O3 SO4 RA . -18.02 -7.71 -35.90
O4 SO4 RA . -16.36 -6.43 -34.76
C1 EDO SA . -48.69 -12.57 10.74
O1 EDO SA . -48.30 -13.41 9.65
C2 EDO SA . -47.69 -12.74 11.88
O2 EDO SA . -48.01 -11.79 12.90
C1 EDO TA . -41.02 -12.37 19.28
O1 EDO TA . -41.92 -13.06 18.40
C2 EDO TA . -40.81 -13.18 20.56
O2 EDO TA . -42.02 -13.32 21.31
#